data_7LJU
#
_entry.id   7LJU
#
_cell.length_a   82.060
_cell.length_b   158.940
_cell.length_c   163.210
_cell.angle_alpha   90.000
_cell.angle_beta   96.030
_cell.angle_gamma   90.000
#
_symmetry.space_group_name_H-M   'P 1 21 1'
#
loop_
_entity.id
_entity.type
_entity.pdbx_description
1 polymer 'Dihydropyrimidine dehydrogenase [NADP(+)]'
2 non-polymer 'IRON/SULFUR CLUSTER'
3 non-polymer 'FLAVIN-ADENINE DINUCLEOTIDE'
4 non-polymer 5-ethynylpyrimidine-2,4(1H,3H)-dione
5 non-polymer 'NADP NICOTINAMIDE-ADENINE-DINUCLEOTIDE PHOSPHATE'
6 non-polymer 1-DEOXY-1-(7,8-DIMETHYL-2,4-DIOXO-3,4-DIHYDRO-2H-BENZO[G]PTERIDIN-1-ID-10(5H)-YL)-5-O-PHOSPHONATO-D-RIBITOL
7 water water
#
_entity_poly.entity_id   1
_entity_poly.type   'polypeptide(L)'
_entity_poly.pdbx_seq_one_letter_code
;MAPVLSKDVADIESILALNPRTQSHAALHSTLAKKLDKKHWKRNPDKNCFHCEKLENNFDDIKHTTLGERGALREAMRCL
KCADAPCQKSCPTHLDIKSFITSISNKNYYGAAKMIFSDNPLGLTCGMVCPTSDLCVGGCNLYATEEGSINIGGLQQFAS
EVFKAMNIPQIRNPCLPSQEKMPEAYSAKIALLGAGPASISCASFLARLGYSDITIFEKQEYVGGLSTSEIPQFRLPYDV
VNFEIELMKDLGVKIICGKSLSENEITLNTLKEEGYKAAFIGIGLPEPKTDDIFQGLTQDQGFYTSKDFLPLVAKSSKAG
MCACHSPLPSIRGAVIVLGAGDTAFDCATSALRCGARRVFLVFRKGFVNIRAVPEEVELAKEEKCEFLPFLSPRKVIVKG
GRIVAVQFVRTEQDETGKWNEDEDQIVHLKADVVISAFGSVLRDPKVKEALSPIKFNRWDLPEVDPETMQTSEPWVFAGG
DIVGMANTTVESVNDGKQASWYIHKYIQAQYGASVSAKPELPLFYTPVDLVDISVEMAGLKFINPFGLASAAPTTSSSMI
RRAFEAGWGFALTKTFSLDKDIVTNVSPRIVRGTTSGPMYGPGQSSFLNIELISEKTAAYWCQSVTELKADFPDNIVIAS
IMCSYNKNDWMELSRKAEASGADALELNLSCPHGMGERGMGLACGQDPELVRNICRWVRQAVQIPFFAKLTPNVTDIVSI
ARAAKEGGADGVTATNTVSGLMGLKADGTPWPAVGAGKRTTYGGVSGTAIRPIALRAVTTIARALPGFPILATGGIDSAE
SGLQFLHSGASVLQVCSAVQNQDFTVIQDYCTGLKALLYLKSIEELQGWDGQSPGTESHQKGKPVPRIAELMGKKLPNFG
PYLEQRKKIIAEEKMRLKEQNAAFPPLERKPFIPKKPIPAIKDVIGKALQYLGTFGELSNIEQVVAVIDEEMCINCGKCY
MTCNDSGYQAIQFDPETHLPTVTDTCTGCTLCLSVCPIIDCIRMVSRTTPYEPKRGLPLAVNPVC
;
_entity_poly.pdbx_strand_id   A,C,D,B
#
loop_
_chem_comp.id
_chem_comp.type
_chem_comp.name
_chem_comp.formula
FAD non-polymer 'FLAVIN-ADENINE DINUCLEOTIDE' 'C27 H33 N9 O15 P2'
FNR non-polymer 1-DEOXY-1-(7,8-DIMETHYL-2,4-DIOXO-3,4-DIHYDRO-2H-BENZO[G]PTERIDIN-1-ID-10(5H)-YL)-5-O-PHOSPHONATO-D-RIBITOL 'C17 H23 N4 O9 P'
NAP non-polymer 'NADP NICOTINAMIDE-ADENINE-DINUCLEOTIDE PHOSPHATE' 'C21 H28 N7 O17 P3'
SF4 non-polymer 'IRON/SULFUR CLUSTER' 'Fe4 S4'
Y3G non-polymer 5-ethynylpyrimidine-2,4(1H,3H)-dione 'C6 H4 N2 O2'
#
# COMPACT_ATOMS: atom_id res chain seq x y z
N ALA A 2 11.60 18.33 52.45
CA ALA A 2 11.61 16.99 51.87
C ALA A 2 11.94 15.92 52.92
N PRO A 3 11.24 14.80 52.88
CA PRO A 3 11.62 13.67 53.72
C PRO A 3 12.72 12.83 53.08
N VAL A 4 12.86 11.56 53.46
CA VAL A 4 13.88 10.71 52.86
C VAL A 4 13.26 10.14 51.58
N LEU A 5 13.67 10.70 50.43
CA LEU A 5 13.08 10.31 49.15
C LEU A 5 13.43 8.89 48.76
N SER A 6 14.61 8.42 49.15
CA SER A 6 15.10 7.11 48.75
C SER A 6 14.68 6.00 49.71
N LYS A 7 13.66 6.22 50.53
CA LYS A 7 13.07 5.18 51.38
C LYS A 7 11.61 4.99 51.02
N ASP A 8 11.15 3.75 51.06
CA ASP A 8 9.73 3.44 50.89
C ASP A 8 8.94 3.92 52.11
N VAL A 9 7.81 4.59 51.87
CA VAL A 9 6.88 4.94 52.95
C VAL A 9 6.22 3.67 53.47
N ALA A 10 5.56 3.77 54.63
CA ALA A 10 4.96 2.61 55.28
C ALA A 10 4.02 1.83 54.36
N ASP A 11 3.20 2.54 53.59
CA ASP A 11 2.25 1.89 52.68
C ASP A 11 2.96 0.99 51.67
N ILE A 12 4.09 1.45 51.15
CA ILE A 12 4.83 0.71 50.14
C ILE A 12 5.61 -0.43 50.78
N GLU A 13 6.20 -0.18 51.95
CA GLU A 13 6.84 -1.24 52.71
C GLU A 13 5.88 -2.39 52.95
N SER A 14 4.64 -2.08 53.27
CA SER A 14 3.62 -3.10 53.44
C SER A 14 3.34 -3.84 52.13
N ILE A 15 3.22 -3.11 51.03
CA ILE A 15 3.00 -3.75 49.72
C ILE A 15 4.16 -4.72 49.43
N LEU A 16 5.38 -4.35 49.81
CA LEU A 16 6.55 -5.16 49.54
C LEU A 16 6.77 -6.32 50.51
N ALA A 17 5.78 -6.62 51.37
CA ALA A 17 6.01 -7.57 52.47
C ALA A 17 6.46 -8.93 51.98
N LEU A 18 5.89 -9.44 50.87
CA LEU A 18 6.23 -10.75 50.33
C LEU A 18 7.32 -10.69 49.25
N ASN A 19 7.91 -9.54 49.02
CA ASN A 19 8.95 -9.44 48.00
C ASN A 19 10.18 -10.23 48.44
N PRO A 20 10.82 -10.98 47.55
CA PRO A 20 12.00 -11.77 47.95
C PRO A 20 13.12 -10.87 48.46
N ARG A 21 13.79 -11.35 49.50
CA ARG A 21 14.91 -10.64 50.11
C ARG A 21 16.01 -11.65 50.37
N THR A 22 17.25 -11.18 50.36
CA THR A 22 18.38 -12.08 50.55
C THR A 22 18.48 -12.41 52.03
N GLN A 23 18.72 -13.68 52.35
CA GLN A 23 18.82 -14.10 53.74
C GLN A 23 20.27 -14.24 54.16
N SER A 24 20.53 -13.89 55.42
CA SER A 24 21.84 -14.04 56.03
C SER A 24 21.89 -15.18 57.03
N HIS A 25 20.77 -15.86 57.28
CA HIS A 25 20.67 -16.84 58.33
C HIS A 25 19.73 -17.96 57.90
N ALA A 26 19.87 -19.12 58.54
CA ALA A 26 18.96 -20.23 58.29
C ALA A 26 17.66 -20.04 59.08
N ALA A 27 16.56 -20.51 58.51
CA ALA A 27 15.22 -20.22 59.04
C ALA A 27 14.74 -21.30 60.00
N LEU A 28 14.16 -20.88 61.12
CA LEU A 28 13.67 -21.80 62.14
C LEU A 28 12.16 -21.98 62.00
N HIS A 29 11.72 -23.21 61.79
CA HIS A 29 10.30 -23.56 61.68
C HIS A 29 10.15 -24.96 62.23
N SER A 30 9.29 -25.15 63.23
CA SER A 30 9.18 -26.47 63.85
C SER A 30 8.50 -27.48 62.92
N THR A 31 8.83 -28.75 63.12
CA THR A 31 8.22 -29.81 62.33
C THR A 31 6.71 -29.80 62.48
N LEU A 32 6.22 -29.48 63.69
CA LEU A 32 4.78 -29.42 63.92
C LEU A 32 4.14 -28.26 63.14
N ALA A 33 4.77 -27.08 63.17
CA ALA A 33 4.20 -25.95 62.44
C ALA A 33 4.18 -26.22 60.94
N LYS A 34 5.24 -26.86 60.43
CA LYS A 34 5.29 -27.20 59.01
C LYS A 34 4.18 -28.17 58.63
N LYS A 35 3.91 -29.18 59.47
CA LYS A 35 2.82 -30.10 59.20
C LYS A 35 1.49 -29.36 59.09
N LEU A 36 1.28 -28.37 59.95
CA LEU A 36 0.02 -27.63 59.97
C LEU A 36 -0.04 -26.58 58.88
N ASP A 37 1.08 -26.20 58.27
CA ASP A 37 1.03 -25.22 57.19
C ASP A 37 0.92 -25.88 55.82
N LYS A 38 1.36 -27.13 55.70
CA LYS A 38 1.45 -27.80 54.42
C LYS A 38 0.09 -27.87 53.73
N LYS A 39 -0.98 -28.06 54.50
CA LYS A 39 -2.32 -28.23 53.94
C LYS A 39 -2.81 -26.97 53.25
N HIS A 40 -2.31 -25.80 53.67
CA HIS A 40 -2.79 -24.55 53.11
C HIS A 40 -2.45 -24.40 51.63
N TRP A 41 -1.32 -24.97 51.20
CA TRP A 41 -0.77 -24.73 49.86
C TRP A 41 -1.00 -25.89 48.91
N LYS A 42 -1.63 -26.98 49.38
CA LYS A 42 -1.65 -28.26 48.67
C LYS A 42 -2.32 -28.14 47.32
N ARG A 43 -1.62 -28.55 46.26
CA ARG A 43 -2.09 -28.50 44.87
C ARG A 43 -2.58 -29.85 44.36
N ASN A 44 -1.80 -30.91 44.61
CA ASN A 44 -1.97 -32.23 44.03
C ASN A 44 -2.83 -33.09 44.95
N PRO A 45 -3.18 -34.32 44.57
CA PRO A 45 -3.94 -35.18 45.49
C PRO A 45 -3.20 -35.41 46.80
N ASP A 46 -4.00 -35.57 47.87
CA ASP A 46 -3.51 -35.86 49.21
C ASP A 46 -3.50 -37.37 49.42
N LYS A 47 -2.31 -37.93 49.64
CA LYS A 47 -2.18 -39.38 49.79
C LYS A 47 -3.00 -39.91 50.97
N ASN A 48 -3.26 -39.06 51.97
CA ASN A 48 -4.07 -39.43 53.12
C ASN A 48 -5.57 -39.35 52.86
N CYS A 49 -5.99 -38.86 51.69
CA CYS A 49 -7.40 -38.70 51.39
C CYS A 49 -7.94 -40.00 50.81
N PHE A 50 -8.84 -40.65 51.56
CA PHE A 50 -9.49 -41.90 51.19
C PHE A 50 -10.78 -41.64 50.42
N HIS A 51 -11.08 -40.36 50.20
CA HIS A 51 -12.43 -39.83 50.12
C HIS A 51 -12.57 -39.21 48.73
N CYS A 52 -13.19 -39.92 47.80
CA CYS A 52 -13.37 -39.39 46.46
C CYS A 52 -14.35 -38.21 46.49
N GLU A 53 -13.91 -37.05 46.02
CA GLU A 53 -14.80 -35.90 45.94
C GLU A 53 -16.00 -36.21 45.03
N LYS A 54 -17.06 -35.42 45.17
CA LYS A 54 -18.35 -35.78 44.60
C LYS A 54 -18.38 -35.50 43.10
N LEU A 55 -18.89 -36.47 42.34
CA LEU A 55 -18.88 -36.39 40.88
C LEU A 55 -20.24 -36.65 40.26
N GLU A 56 -21.30 -36.72 41.05
CA GLU A 56 -22.63 -36.97 40.51
C GLU A 56 -23.02 -35.91 39.47
N ASN A 57 -23.41 -36.39 38.29
CA ASN A 57 -23.83 -35.56 37.17
C ASN A 57 -22.73 -34.64 36.66
N ASN A 58 -21.47 -34.94 36.94
CA ASN A 58 -20.34 -34.11 36.52
C ASN A 58 -19.69 -34.80 35.32
N PHE A 59 -20.03 -34.33 34.11
CA PHE A 59 -19.45 -34.89 32.90
C PHE A 59 -18.37 -33.99 32.30
N ASP A 60 -17.75 -33.15 33.14
CA ASP A 60 -16.63 -32.33 32.69
C ASP A 60 -15.44 -33.20 32.30
N ASP A 61 -14.70 -32.72 31.31
CA ASP A 61 -13.47 -33.36 30.82
C ASP A 61 -12.52 -33.73 31.97
N ILE A 62 -12.15 -35.01 32.06
CA ILE A 62 -11.19 -35.46 33.07
C ILE A 62 -9.87 -35.90 32.47
N LYS A 63 -9.71 -35.78 31.16
CA LYS A 63 -8.48 -36.24 30.52
C LYS A 63 -7.28 -35.47 31.03
N HIS A 64 -6.20 -36.20 31.33
CA HIS A 64 -4.95 -35.58 31.73
C HIS A 64 -4.20 -34.95 30.57
N THR A 65 -4.57 -35.31 29.33
CA THR A 65 -3.80 -34.91 28.15
C THR A 65 -4.33 -33.65 27.46
N THR A 66 -5.50 -33.15 27.86
CA THR A 66 -6.05 -31.94 27.26
C THR A 66 -5.07 -30.77 27.41
N LEU A 67 -4.93 -30.00 26.34
CA LEU A 67 -4.03 -28.86 26.28
C LEU A 67 -4.78 -27.62 25.83
N GLY A 68 -4.42 -26.48 26.43
CA GLY A 68 -4.78 -25.18 25.89
C GLY A 68 -3.63 -24.68 25.03
N GLU A 69 -3.81 -23.49 24.48
CA GLU A 69 -2.84 -22.99 23.50
C GLU A 69 -1.47 -22.80 24.13
N ARG A 70 -1.40 -22.17 25.31
CA ARG A 70 -0.12 -21.98 25.96
C ARG A 70 0.59 -23.31 26.15
N GLY A 71 -0.13 -24.31 26.67
CA GLY A 71 0.48 -25.61 26.90
C GLY A 71 0.85 -26.32 25.60
N ALA A 72 0.00 -26.21 24.59
CA ALA A 72 0.27 -26.89 23.32
C ALA A 72 1.51 -26.32 22.65
N LEU A 73 1.66 -24.98 22.66
CA LEU A 73 2.83 -24.39 22.04
C LEU A 73 4.11 -24.81 22.76
N ARG A 74 4.09 -24.81 24.09
CA ARG A 74 5.28 -25.23 24.82
C ARG A 74 5.63 -26.69 24.53
N GLU A 75 4.62 -27.57 24.47
CA GLU A 75 4.90 -28.98 24.23
C GLU A 75 5.32 -29.24 22.79
N ALA A 76 4.68 -28.57 21.84
CA ALA A 76 5.09 -28.71 20.44
C ALA A 76 6.52 -28.21 20.21
N MET A 77 6.93 -27.13 20.89
CA MET A 77 8.32 -26.74 20.70
C MET A 77 9.31 -27.71 21.30
N ARG A 78 8.88 -28.50 22.29
CA ARG A 78 9.75 -29.47 22.91
C ARG A 78 10.03 -30.67 22.01
N CYS A 79 9.05 -31.04 21.18
CA CYS A 79 9.20 -32.19 20.30
C CYS A 79 10.43 -32.03 19.41
N LEU A 80 11.21 -33.10 19.27
CA LEU A 80 12.42 -33.06 18.46
C LEU A 80 12.14 -33.07 16.96
N LYS A 81 10.91 -33.39 16.56
CA LYS A 81 10.51 -33.37 15.15
C LYS A 81 11.42 -34.30 14.33
N CYS A 82 11.36 -35.57 14.71
CA CYS A 82 12.39 -36.54 14.42
C CYS A 82 12.29 -37.04 12.97
N ALA A 83 13.43 -37.42 12.42
CA ALA A 83 13.46 -38.08 11.12
C ALA A 83 12.94 -39.50 11.26
N ASP A 84 12.26 -39.98 10.22
CA ASP A 84 11.76 -41.36 10.19
C ASP A 84 11.09 -41.73 11.53
N ALA A 85 10.24 -40.83 12.01
CA ALA A 85 9.93 -40.79 13.45
C ALA A 85 9.30 -42.09 13.94
N PRO A 86 9.75 -42.61 15.09
CA PRO A 86 9.17 -43.86 15.61
C PRO A 86 7.76 -43.70 16.13
N CYS A 87 7.36 -42.49 16.55
CA CYS A 87 5.97 -42.28 16.96
C CYS A 87 5.03 -42.56 15.80
N GLN A 88 5.39 -42.11 14.59
CA GLN A 88 4.56 -42.37 13.41
C GLN A 88 4.57 -43.85 13.05
N LYS A 89 5.74 -44.50 13.14
CA LYS A 89 5.80 -45.95 12.98
C LYS A 89 4.82 -46.65 13.90
N SER A 90 4.58 -46.07 15.08
CA SER A 90 3.78 -46.67 16.14
C SER A 90 2.32 -46.21 16.11
N CYS A 91 1.96 -45.33 15.19
CA CYS A 91 0.57 -44.90 15.03
C CYS A 91 -0.11 -45.77 13.98
N PRO A 92 -1.26 -46.38 14.29
CA PRO A 92 -1.89 -47.29 13.31
C PRO A 92 -2.37 -46.57 12.04
N THR A 93 -2.65 -45.28 12.07
CA THR A 93 -3.02 -44.60 10.83
C THR A 93 -1.83 -43.89 10.19
N HIS A 94 -0.62 -44.04 10.76
CA HIS A 94 0.61 -43.54 10.17
C HIS A 94 0.64 -42.01 10.06
N LEU A 95 0.10 -41.33 11.06
CA LEU A 95 0.09 -39.86 11.02
C LEU A 95 1.49 -39.31 10.97
N ASP A 96 1.68 -38.26 10.17
CA ASP A 96 2.97 -37.55 10.14
C ASP A 96 3.02 -36.63 11.36
N ILE A 97 3.34 -37.26 12.49
CA ILE A 97 3.37 -36.56 13.77
C ILE A 97 4.40 -35.45 13.74
N LYS A 98 5.59 -35.73 13.19
CA LYS A 98 6.62 -34.71 13.07
C LYS A 98 6.09 -33.46 12.39
N SER A 99 5.39 -33.65 11.26
CA SER A 99 4.89 -32.49 10.52
C SER A 99 3.78 -31.77 11.28
N PHE A 100 2.80 -32.51 11.82
CA PHE A 100 1.68 -31.79 12.42
C PHE A 100 2.13 -31.06 13.70
N ILE A 101 3.07 -31.63 14.46
CA ILE A 101 3.58 -30.94 15.65
C ILE A 101 4.46 -29.75 15.24
N THR A 102 5.26 -29.89 14.18
CA THR A 102 5.98 -28.73 13.66
C THR A 102 5.02 -27.58 13.35
N SER A 103 3.91 -27.90 12.69
CA SER A 103 2.90 -26.87 12.41
C SER A 103 2.37 -26.23 13.68
N ILE A 104 2.06 -27.03 14.70
CA ILE A 104 1.58 -26.45 15.96
C ILE A 104 2.63 -25.52 16.56
N SER A 105 3.90 -25.93 16.56
CA SER A 105 4.95 -25.07 17.11
C SER A 105 5.04 -23.75 16.36
N ASN A 106 4.69 -23.74 15.07
CA ASN A 106 4.70 -22.55 14.24
C ASN A 106 3.37 -21.79 14.26
N LYS A 107 2.46 -22.17 15.15
CA LYS A 107 1.13 -21.56 15.30
C LYS A 107 0.23 -21.79 14.10
N ASN A 108 0.54 -22.78 13.27
CA ASN A 108 -0.28 -23.10 12.11
C ASN A 108 -1.20 -24.28 12.47
N TYR A 109 -2.27 -23.98 13.18
CA TYR A 109 -3.16 -25.05 13.64
C TYR A 109 -3.96 -25.65 12.48
N TYR A 110 -4.28 -24.86 11.45
CA TYR A 110 -4.94 -25.42 10.27
C TYR A 110 -4.07 -26.47 9.60
N GLY A 111 -2.81 -26.13 9.34
CA GLY A 111 -1.95 -27.08 8.65
C GLY A 111 -1.76 -28.35 9.45
N ALA A 112 -1.71 -28.23 10.78
CA ALA A 112 -1.62 -29.41 11.64
C ALA A 112 -2.88 -30.26 11.50
N ALA A 113 -4.06 -29.63 11.57
CA ALA A 113 -5.29 -30.39 11.50
C ALA A 113 -5.45 -31.05 10.13
N LYS A 114 -5.03 -30.35 9.08
CA LYS A 114 -5.12 -30.93 7.73
C LYS A 114 -4.25 -32.17 7.63
N MET A 115 -3.07 -32.14 8.24
CA MET A 115 -2.19 -33.29 8.19
C MET A 115 -2.74 -34.44 9.01
N ILE A 116 -3.31 -34.13 10.17
CA ILE A 116 -3.99 -35.12 11.02
C ILE A 116 -5.12 -35.79 10.26
N PHE A 117 -6.06 -34.98 9.73
CA PHE A 117 -7.25 -35.55 9.10
C PHE A 117 -6.95 -36.20 7.74
N SER A 118 -5.85 -35.84 7.06
CA SER A 118 -5.51 -36.55 5.83
C SER A 118 -5.28 -38.02 6.11
N ASP A 119 -4.65 -38.35 7.22
CA ASP A 119 -4.46 -39.77 7.44
C ASP A 119 -5.48 -40.38 8.41
N ASN A 120 -6.30 -39.57 9.07
CA ASN A 120 -7.23 -40.08 10.07
C ASN A 120 -8.49 -39.20 10.07
N PRO A 121 -9.56 -39.62 9.38
CA PRO A 121 -10.79 -38.80 9.35
C PRO A 121 -11.47 -38.66 10.71
N LEU A 122 -11.07 -39.42 11.73
CA LEU A 122 -11.58 -39.20 13.07
C LEU A 122 -10.45 -38.66 13.96
N GLY A 123 -9.72 -37.67 13.45
CA GLY A 123 -8.52 -37.23 14.11
C GLY A 123 -8.75 -36.58 15.46
N LEU A 124 -9.87 -35.84 15.62
CA LEU A 124 -10.16 -35.24 16.90
C LEU A 124 -10.56 -36.31 17.93
N THR A 125 -11.48 -37.22 17.55
CA THR A 125 -11.81 -38.34 18.43
C THR A 125 -10.54 -39.06 18.89
N CYS A 126 -9.66 -39.40 17.94
CA CYS A 126 -8.49 -40.20 18.30
C CYS A 126 -7.54 -39.40 19.18
N GLY A 127 -7.37 -38.10 18.93
CA GLY A 127 -6.57 -37.28 19.82
C GLY A 127 -7.04 -37.39 21.27
N MET A 128 -8.36 -37.48 21.47
CA MET A 128 -8.89 -37.58 22.82
C MET A 128 -8.80 -38.99 23.42
N VAL A 129 -8.99 -40.05 22.65
CA VAL A 129 -9.18 -41.38 23.23
C VAL A 129 -8.07 -42.37 22.89
N CYS A 130 -7.15 -42.06 21.98
CA CYS A 130 -6.09 -43.01 21.69
C CYS A 130 -5.34 -43.39 22.97
N PRO A 131 -5.13 -44.69 23.21
CA PRO A 131 -4.27 -45.15 24.33
C PRO A 131 -2.79 -45.00 23.96
N THR A 132 -2.34 -43.74 23.91
CA THR A 132 -1.08 -43.43 23.26
C THR A 132 0.11 -44.15 23.90
N SER A 133 0.06 -44.46 25.21
CA SER A 133 1.20 -45.15 25.81
C SER A 133 1.45 -46.50 25.16
N ASP A 134 0.40 -47.10 24.57
CA ASP A 134 0.51 -48.36 23.85
C ASP A 134 0.64 -48.15 22.35
N LEU A 135 0.70 -46.90 21.89
CA LEU A 135 0.74 -46.63 20.45
C LEU A 135 1.86 -45.63 20.18
N CYS A 136 1.54 -44.44 19.68
CA CYS A 136 2.55 -43.51 19.19
C CYS A 136 3.51 -43.07 20.30
N VAL A 137 2.96 -42.67 21.46
CA VAL A 137 3.81 -42.16 22.54
C VAL A 137 4.74 -43.26 23.06
N GLY A 138 4.34 -44.52 22.92
CA GLY A 138 5.19 -45.62 23.35
C GLY A 138 6.48 -45.72 22.58
N GLY A 139 6.54 -45.13 21.39
CA GLY A 139 7.75 -45.14 20.60
C GLY A 139 8.54 -43.86 20.63
N CYS A 140 8.12 -42.86 21.42
CA CYS A 140 8.68 -41.52 21.29
C CYS A 140 10.13 -41.47 21.78
N ASN A 141 11.01 -40.91 20.95
CA ASN A 141 12.43 -40.83 21.32
C ASN A 141 12.65 -40.07 22.64
N LEU A 142 11.82 -39.07 22.93
CA LEU A 142 12.01 -38.29 24.16
C LEU A 142 11.71 -39.07 25.43
N TYR A 143 11.20 -40.30 25.33
CA TYR A 143 11.19 -41.17 26.51
C TYR A 143 12.60 -41.34 27.09
N ALA A 144 13.64 -41.18 26.27
CA ALA A 144 15.01 -41.30 26.72
C ALA A 144 15.52 -40.04 27.41
N THR A 145 14.67 -39.05 27.67
CA THR A 145 15.04 -37.91 28.51
C THR A 145 14.24 -37.94 29.80
N GLU A 146 14.77 -37.26 30.82
CA GLU A 146 14.12 -37.21 32.12
C GLU A 146 12.74 -36.58 32.03
N GLU A 147 12.59 -35.53 31.19
CA GLU A 147 11.30 -34.86 31.09
C GLU A 147 10.28 -35.70 30.31
N GLY A 148 10.73 -36.69 29.56
CA GLY A 148 9.81 -37.70 29.04
C GLY A 148 9.20 -37.41 27.69
N SER A 149 8.33 -38.35 27.31
CA SER A 149 7.74 -38.42 25.99
C SER A 149 6.76 -37.25 25.73
N ILE A 150 6.51 -37.02 24.46
CA ILE A 150 5.65 -35.93 24.02
C ILE A 150 4.20 -36.33 24.22
N ASN A 151 3.37 -35.37 24.64
CA ASN A 151 1.92 -35.58 24.73
C ASN A 151 1.34 -35.43 23.32
N ILE A 152 1.49 -36.48 22.53
CA ILE A 152 1.07 -36.43 21.12
C ILE A 152 -0.44 -36.29 21.01
N GLY A 153 -1.17 -37.03 21.85
CA GLY A 153 -2.62 -37.03 21.76
C GLY A 153 -3.22 -35.66 22.08
N GLY A 154 -2.74 -35.05 23.16
CA GLY A 154 -3.20 -33.72 23.49
C GLY A 154 -2.87 -32.69 22.43
N LEU A 155 -1.72 -32.83 21.76
CA LEU A 155 -1.40 -31.93 20.67
C LEU A 155 -2.36 -32.12 19.49
N GLN A 156 -2.59 -33.39 19.12
CA GLN A 156 -3.53 -33.72 18.05
C GLN A 156 -4.92 -33.18 18.38
N GLN A 157 -5.36 -33.40 19.63
CA GLN A 157 -6.64 -32.87 20.10
C GLN A 157 -6.69 -31.35 19.97
N PHE A 158 -5.61 -30.65 20.36
CA PHE A 158 -5.62 -29.19 20.34
C PHE A 158 -5.78 -28.63 18.93
N ALA A 159 -4.92 -29.07 18.00
CA ALA A 159 -5.01 -28.57 16.63
C ALA A 159 -6.38 -28.84 16.03
N SER A 160 -6.93 -30.03 16.31
CA SER A 160 -8.20 -30.43 15.75
C SER A 160 -9.34 -29.62 16.34
N GLU A 161 -9.24 -29.31 17.65
CA GLU A 161 -10.22 -28.43 18.29
C GLU A 161 -10.19 -27.03 17.70
N VAL A 162 -8.99 -26.48 17.45
CA VAL A 162 -8.93 -25.17 16.80
C VAL A 162 -9.57 -25.26 15.42
N PHE A 163 -9.27 -26.32 14.67
CA PHE A 163 -9.85 -26.43 13.35
C PHE A 163 -11.37 -26.56 13.43
N LYS A 164 -11.87 -27.31 14.42
CA LYS A 164 -13.31 -27.40 14.58
C LYS A 164 -13.92 -26.04 14.85
N ALA A 165 -13.24 -25.21 15.64
CA ALA A 165 -13.76 -23.88 15.93
C ALA A 165 -13.76 -22.98 14.70
N MET A 166 -12.84 -23.19 13.77
CA MET A 166 -12.85 -22.38 12.55
C MET A 166 -14.11 -22.60 11.71
N ASN A 167 -14.76 -23.75 11.86
CA ASN A 167 -16.05 -23.96 11.21
C ASN A 167 -15.87 -23.89 9.69
N ILE A 168 -14.88 -24.62 9.21
CA ILE A 168 -14.54 -24.74 7.80
C ILE A 168 -14.94 -26.13 7.34
N PRO A 169 -15.60 -26.29 6.19
CA PRO A 169 -15.97 -27.62 5.70
C PRO A 169 -14.86 -28.32 4.93
N GLN A 170 -15.01 -29.64 4.86
CA GLN A 170 -14.23 -30.43 3.91
C GLN A 170 -14.76 -30.20 2.50
N ILE A 171 -13.87 -30.17 1.52
CA ILE A 171 -14.30 -30.06 0.13
C ILE A 171 -13.97 -31.35 -0.62
N ARG A 172 -14.73 -31.58 -1.68
CA ARG A 172 -14.42 -32.60 -2.64
C ARG A 172 -12.97 -32.49 -3.08
N ASN A 173 -12.30 -33.62 -3.19
CA ASN A 173 -10.91 -33.74 -3.59
C ASN A 173 -10.67 -32.88 -4.83
N PRO A 174 -9.89 -31.80 -4.74
CA PRO A 174 -9.75 -30.89 -5.88
C PRO A 174 -8.88 -31.41 -7.00
N CYS A 175 -8.30 -32.60 -6.85
CA CYS A 175 -7.55 -33.23 -7.93
C CYS A 175 -8.43 -34.02 -8.89
N LEU A 176 -9.71 -34.27 -8.52
CA LEU A 176 -10.64 -35.01 -9.36
C LEU A 176 -11.10 -34.14 -10.53
N PRO A 177 -11.47 -34.76 -11.65
CA PRO A 177 -12.30 -34.06 -12.63
C PRO A 177 -13.64 -33.69 -12.01
N SER A 178 -14.32 -32.75 -12.64
CA SER A 178 -15.67 -32.40 -12.21
C SER A 178 -16.57 -33.63 -12.27
N GLN A 179 -17.65 -33.60 -11.49
CA GLN A 179 -18.44 -34.81 -11.28
C GLN A 179 -18.93 -35.39 -12.59
N GLU A 180 -19.35 -34.54 -13.53
CA GLU A 180 -20.01 -35.06 -14.72
C GLU A 180 -19.05 -35.71 -15.71
N LYS A 181 -17.74 -35.60 -15.53
CA LYS A 181 -16.83 -36.35 -16.40
C LYS A 181 -16.00 -37.38 -15.64
N MET A 182 -16.49 -37.82 -14.49
CA MET A 182 -15.94 -39.01 -13.86
C MET A 182 -16.39 -40.26 -14.61
N PRO A 183 -15.52 -41.26 -14.74
CA PRO A 183 -15.94 -42.53 -15.33
C PRO A 183 -17.12 -43.14 -14.60
N GLU A 184 -17.84 -43.98 -15.34
CA GLU A 184 -19.08 -44.55 -14.82
C GLU A 184 -18.83 -45.38 -13.57
N ALA A 185 -17.63 -45.98 -13.47
CA ALA A 185 -17.31 -46.84 -12.34
C ALA A 185 -17.48 -46.13 -11.01
N TYR A 186 -17.26 -44.81 -10.98
CA TYR A 186 -17.32 -44.07 -9.72
C TYR A 186 -18.75 -43.85 -9.26
N SER A 187 -19.74 -44.23 -10.05
CA SER A 187 -21.13 -44.22 -9.65
C SER A 187 -21.63 -45.58 -9.18
N ALA A 188 -20.73 -46.55 -9.00
CA ALA A 188 -21.14 -47.85 -8.48
C ALA A 188 -21.78 -47.68 -7.11
N LYS A 189 -22.87 -48.42 -6.86
CA LYS A 189 -23.56 -48.32 -5.57
C LYS A 189 -22.76 -49.07 -4.53
N ILE A 190 -22.38 -48.37 -3.46
CA ILE A 190 -21.55 -48.91 -2.39
C ILE A 190 -22.35 -48.84 -1.10
N ALA A 191 -22.38 -49.96 -0.36
CA ALA A 191 -23.05 -50.02 0.93
C ALA A 191 -22.03 -50.28 2.02
N LEU A 192 -22.23 -49.63 3.16
CA LEU A 192 -21.50 -49.90 4.39
C LEU A 192 -22.52 -50.17 5.49
N LEU A 193 -22.21 -51.15 6.33
CA LEU A 193 -23.12 -51.57 7.39
C LEU A 193 -22.52 -51.11 8.71
N GLY A 194 -23.27 -50.28 9.44
CA GLY A 194 -22.86 -49.76 10.74
C GLY A 194 -22.14 -48.43 10.62
N ALA A 195 -22.59 -47.41 11.35
CA ALA A 195 -21.99 -46.09 11.25
C ALA A 195 -21.04 -45.82 12.43
N GLY A 196 -20.06 -46.71 12.57
CA GLY A 196 -19.03 -46.59 13.58
C GLY A 196 -17.77 -46.05 12.94
N PRO A 197 -16.69 -45.98 13.73
CA PRO A 197 -15.41 -45.48 13.19
C PRO A 197 -14.94 -46.19 11.92
N ALA A 198 -15.03 -47.53 11.85
CA ALA A 198 -14.52 -48.26 10.69
C ALA A 198 -15.23 -47.82 9.41
N SER A 199 -16.56 -47.79 9.41
CA SER A 199 -17.30 -47.42 8.21
C SER A 199 -17.15 -45.94 7.89
N ILE A 200 -17.14 -45.09 8.92
CA ILE A 200 -17.01 -43.66 8.68
C ILE A 200 -15.70 -43.39 7.97
N SER A 201 -14.64 -44.08 8.41
CA SER A 201 -13.35 -43.97 7.75
C SER A 201 -13.41 -44.52 6.33
N CYS A 202 -13.97 -45.72 6.16
CA CYS A 202 -14.00 -46.34 4.84
C CYS A 202 -14.75 -45.46 3.83
N ALA A 203 -15.93 -44.97 4.22
CA ALA A 203 -16.75 -44.12 3.35
C ALA A 203 -16.05 -42.80 3.03
N SER A 204 -15.39 -42.19 4.01
CA SER A 204 -14.62 -40.96 3.78
C SER A 204 -13.58 -41.16 2.69
N PHE A 205 -12.75 -42.19 2.81
CA PHE A 205 -11.68 -42.36 1.82
C PHE A 205 -12.23 -42.73 0.46
N LEU A 206 -13.29 -43.52 0.41
CA LEU A 206 -13.92 -43.82 -0.87
C LEU A 206 -14.49 -42.56 -1.51
N ALA A 207 -15.05 -41.68 -0.70
CA ALA A 207 -15.58 -40.43 -1.23
C ALA A 207 -14.45 -39.51 -1.71
N ARG A 208 -13.30 -39.54 -1.03
CA ARG A 208 -12.12 -38.79 -1.50
C ARG A 208 -11.70 -39.24 -2.90
N LEU A 209 -11.76 -40.55 -3.14
CA LEU A 209 -11.43 -41.12 -4.45
C LEU A 209 -12.44 -40.74 -5.53
N GLY A 210 -13.61 -40.22 -5.16
CA GLY A 210 -14.57 -39.74 -6.14
C GLY A 210 -15.85 -40.54 -6.27
N TYR A 211 -16.02 -41.61 -5.50
CA TYR A 211 -17.27 -42.39 -5.54
C TYR A 211 -18.43 -41.54 -5.05
N SER A 212 -19.53 -41.54 -5.79
CA SER A 212 -20.61 -40.58 -5.57
C SER A 212 -21.90 -41.21 -5.07
N ASP A 213 -21.91 -42.51 -4.82
CA ASP A 213 -23.12 -43.20 -4.36
C ASP A 213 -22.69 -44.15 -3.24
N ILE A 214 -22.51 -43.58 -2.06
CA ILE A 214 -22.02 -44.28 -0.87
C ILE A 214 -23.08 -44.12 0.21
N THR A 215 -23.57 -45.23 0.74
CA THR A 215 -24.57 -45.21 1.80
C THR A 215 -24.11 -46.08 2.96
N ILE A 216 -24.17 -45.53 4.17
CA ILE A 216 -23.98 -46.28 5.41
C ILE A 216 -25.36 -46.61 5.97
N PHE A 217 -25.62 -47.89 6.17
CA PHE A 217 -26.86 -48.35 6.80
C PHE A 217 -26.60 -48.62 8.27
N GLU A 218 -27.29 -47.89 9.15
CA GLU A 218 -27.08 -48.00 10.60
C GLU A 218 -28.33 -48.54 11.30
N LYS A 219 -28.11 -49.51 12.19
CA LYS A 219 -29.19 -50.15 12.95
C LYS A 219 -29.92 -49.16 13.85
N GLN A 220 -29.17 -48.38 14.63
CA GLN A 220 -29.77 -47.51 15.64
C GLN A 220 -30.26 -46.20 15.03
N GLU A 221 -30.90 -45.37 15.87
CA GLU A 221 -31.29 -44.02 15.48
C GLU A 221 -30.17 -43.00 15.60
N TYR A 222 -29.11 -43.33 16.33
CA TYR A 222 -27.94 -42.48 16.52
C TYR A 222 -26.79 -42.98 15.63
N VAL A 223 -25.82 -42.10 15.40
CA VAL A 223 -24.65 -42.43 14.59
C VAL A 223 -23.37 -42.24 15.41
N GLY A 224 -22.30 -42.92 14.97
CA GLY A 224 -21.01 -42.83 15.59
C GLY A 224 -20.54 -44.11 16.27
N GLY A 225 -21.40 -45.12 16.39
CA GLY A 225 -20.98 -46.37 17.02
C GLY A 225 -20.62 -46.17 18.48
N LEU A 226 -19.59 -46.89 18.95
CA LEU A 226 -19.24 -46.89 20.37
C LEU A 226 -18.80 -45.50 20.84
N SER A 227 -18.24 -44.68 19.95
CA SER A 227 -17.85 -43.32 20.30
C SER A 227 -19.04 -42.53 20.83
N THR A 228 -20.22 -42.85 20.35
CA THR A 228 -21.46 -42.22 20.78
C THR A 228 -22.13 -43.00 21.91
N SER A 229 -22.26 -44.32 21.75
CA SER A 229 -23.11 -45.08 22.64
C SER A 229 -22.42 -45.50 23.93
N GLU A 230 -21.08 -45.50 24.01
CA GLU A 230 -20.51 -46.00 25.26
C GLU A 230 -19.33 -45.19 25.80
N ILE A 231 -18.45 -44.67 24.95
CA ILE A 231 -17.33 -43.90 25.51
C ILE A 231 -17.88 -42.69 26.26
N PRO A 232 -17.48 -42.46 27.51
CA PRO A 232 -18.15 -41.44 28.32
C PRO A 232 -17.92 -40.02 27.82
N GLN A 233 -18.95 -39.19 28.03
CA GLN A 233 -18.90 -37.78 27.67
C GLN A 233 -17.71 -37.06 28.30
N PHE A 234 -17.30 -37.48 29.50
CA PHE A 234 -16.20 -36.78 30.18
C PHE A 234 -14.84 -37.17 29.61
N ARG A 235 -14.80 -38.11 28.66
CA ARG A 235 -13.60 -38.40 27.88
C ARG A 235 -13.75 -37.99 26.41
N LEU A 236 -14.92 -38.18 25.82
CA LEU A 236 -15.15 -37.85 24.41
C LEU A 236 -16.49 -37.13 24.28
N PRO A 237 -16.47 -35.80 24.17
CA PRO A 237 -17.72 -35.06 24.04
C PRO A 237 -18.44 -35.41 22.74
N TYR A 238 -19.77 -35.55 22.84
CA TYR A 238 -20.54 -35.93 21.66
C TYR A 238 -20.36 -34.96 20.50
N ASP A 239 -20.11 -33.66 20.76
CA ASP A 239 -20.02 -32.73 19.65
C ASP A 239 -18.80 -33.01 18.77
N VAL A 240 -17.79 -33.67 19.31
CA VAL A 240 -16.66 -34.14 18.51
C VAL A 240 -17.13 -35.13 17.46
N VAL A 241 -17.88 -36.15 17.89
CA VAL A 241 -18.40 -37.16 16.96
C VAL A 241 -19.21 -36.49 15.86
N ASN A 242 -20.11 -35.57 16.24
CA ASN A 242 -20.94 -34.90 15.23
C ASN A 242 -20.11 -34.13 14.22
N PHE A 243 -19.03 -33.49 14.69
CA PHE A 243 -18.16 -32.68 13.84
C PHE A 243 -17.50 -33.53 12.77
N GLU A 244 -16.99 -34.71 13.17
CA GLU A 244 -16.36 -35.63 12.22
C GLU A 244 -17.38 -36.21 11.25
N ILE A 245 -18.56 -36.58 11.76
CA ILE A 245 -19.63 -37.06 10.87
C ILE A 245 -19.98 -35.99 9.83
N GLU A 246 -20.13 -34.74 10.28
CA GLU A 246 -20.49 -33.69 9.32
C GLU A 246 -19.38 -33.44 8.30
N LEU A 247 -18.11 -33.66 8.67
CA LEU A 247 -17.04 -33.52 7.68
C LEU A 247 -17.16 -34.59 6.59
N MET A 248 -17.45 -35.83 6.99
CA MET A 248 -17.66 -36.89 6.00
C MET A 248 -18.88 -36.61 5.14
N LYS A 249 -19.96 -36.12 5.75
CA LYS A 249 -21.15 -35.80 4.98
C LYS A 249 -20.89 -34.69 3.96
N ASP A 250 -19.88 -33.84 4.21
CA ASP A 250 -19.50 -32.83 3.22
C ASP A 250 -19.08 -33.47 1.90
N LEU A 251 -18.60 -34.71 1.93
CA LEU A 251 -18.20 -35.38 0.70
C LEU A 251 -19.34 -36.12 0.01
N GLY A 252 -20.58 -36.02 0.52
CA GLY A 252 -21.72 -36.64 -0.12
C GLY A 252 -22.11 -38.01 0.41
N VAL A 253 -21.39 -38.56 1.38
CA VAL A 253 -21.77 -39.83 1.98
C VAL A 253 -23.15 -39.71 2.62
N LYS A 254 -23.99 -40.72 2.41
CA LYS A 254 -25.33 -40.76 2.98
C LYS A 254 -25.41 -41.77 4.10
N ILE A 255 -26.16 -41.45 5.15
CA ILE A 255 -26.38 -42.37 6.25
C ILE A 255 -27.88 -42.60 6.39
N ILE A 256 -28.29 -43.86 6.44
CA ILE A 256 -29.68 -44.22 6.61
C ILE A 256 -29.78 -45.04 7.89
N CYS A 257 -30.44 -44.46 8.89
CA CYS A 257 -30.65 -45.12 10.18
C CYS A 257 -31.96 -45.92 10.16
N GLY A 258 -32.02 -46.93 11.04
CA GLY A 258 -33.20 -47.75 11.21
C GLY A 258 -33.18 -49.06 10.47
N LYS A 259 -32.15 -49.31 9.67
CA LYS A 259 -32.10 -50.44 8.75
C LYS A 259 -30.94 -51.33 9.16
N SER A 260 -31.21 -52.60 9.43
CA SER A 260 -30.22 -53.51 10.01
C SER A 260 -29.73 -54.54 9.01
N LEU A 261 -28.45 -54.89 9.11
CA LEU A 261 -27.95 -56.13 8.54
C LEU A 261 -28.51 -57.28 9.36
N SER A 262 -29.50 -57.98 8.80
CA SER A 262 -30.14 -59.07 9.52
C SER A 262 -31.08 -59.79 8.55
N GLU A 263 -31.20 -61.10 8.73
CA GLU A 263 -32.19 -61.88 8.00
C GLU A 263 -33.54 -61.17 8.09
N ASN A 264 -34.23 -61.10 6.96
CA ASN A 264 -35.52 -60.41 6.81
C ASN A 264 -35.34 -58.90 6.75
N GLU A 265 -34.12 -58.37 6.87
CA GLU A 265 -33.86 -56.96 6.67
C GLU A 265 -32.79 -56.86 5.57
N ILE A 266 -31.68 -56.17 5.80
CA ILE A 266 -30.61 -56.11 4.81
C ILE A 266 -29.74 -57.36 4.92
N THR A 267 -29.52 -58.04 3.79
CA THR A 267 -28.55 -59.12 3.73
C THR A 267 -27.62 -58.89 2.56
N LEU A 268 -26.52 -59.64 2.54
CA LEU A 268 -25.65 -59.57 1.37
C LEU A 268 -26.42 -59.93 0.11
N ASN A 269 -27.36 -60.89 0.20
CA ASN A 269 -28.20 -61.25 -0.94
C ASN A 269 -29.10 -60.11 -1.38
N THR A 270 -29.73 -59.38 -0.44
CA THR A 270 -30.58 -58.27 -0.88
C THR A 270 -29.77 -57.14 -1.47
N LEU A 271 -28.59 -56.84 -0.90
CA LEU A 271 -27.73 -55.81 -1.47
C LEU A 271 -27.34 -56.16 -2.90
N LYS A 272 -26.96 -57.41 -3.14
CA LYS A 272 -26.60 -57.84 -4.48
C LYS A 272 -27.77 -57.71 -5.44
N GLU A 273 -28.94 -58.20 -5.04
CA GLU A 273 -30.11 -58.12 -5.90
C GLU A 273 -30.47 -56.68 -6.23
N GLU A 274 -30.25 -55.75 -5.31
CA GLU A 274 -30.56 -54.36 -5.56
C GLU A 274 -29.45 -53.61 -6.30
N GLY A 275 -28.40 -54.29 -6.74
CA GLY A 275 -27.41 -53.64 -7.58
C GLY A 275 -26.28 -52.96 -6.85
N TYR A 276 -26.12 -53.18 -5.55
CA TYR A 276 -24.90 -52.73 -4.91
C TYR A 276 -23.73 -53.52 -5.46
N LYS A 277 -22.61 -52.83 -5.70
CA LYS A 277 -21.43 -53.49 -6.25
C LYS A 277 -20.38 -53.81 -5.20
N ALA A 278 -20.44 -53.19 -4.02
CA ALA A 278 -19.48 -53.54 -2.99
C ALA A 278 -20.10 -53.21 -1.64
N ALA A 279 -19.69 -53.97 -0.62
CA ALA A 279 -20.21 -53.77 0.73
C ALA A 279 -19.08 -53.87 1.75
N PHE A 280 -19.07 -52.96 2.73
CA PHE A 280 -18.14 -53.00 3.84
C PHE A 280 -18.90 -53.28 5.12
N ILE A 281 -18.48 -54.30 5.87
CA ILE A 281 -19.13 -54.71 7.11
C ILE A 281 -18.39 -54.05 8.27
N GLY A 282 -19.06 -53.12 8.95
CA GLY A 282 -18.45 -52.46 10.10
C GLY A 282 -19.39 -52.35 11.28
N ILE A 283 -20.07 -53.45 11.61
CA ILE A 283 -21.11 -53.44 12.65
C ILE A 283 -20.56 -53.69 14.04
N GLY A 284 -19.22 -53.82 14.19
CA GLY A 284 -18.67 -54.03 15.52
C GLY A 284 -19.13 -55.35 16.14
N LEU A 285 -19.06 -55.38 17.48
CA LEU A 285 -19.49 -56.52 18.28
C LEU A 285 -20.73 -56.09 19.07
N PRO A 286 -21.94 -56.38 18.59
CA PRO A 286 -23.11 -55.62 19.08
C PRO A 286 -23.70 -56.09 20.39
N GLU A 287 -23.23 -57.21 20.93
CA GLU A 287 -23.86 -57.88 22.06
C GLU A 287 -22.87 -58.10 23.21
N PRO A 288 -23.37 -58.19 24.44
CA PRO A 288 -22.46 -58.37 25.58
C PRO A 288 -22.05 -59.82 25.74
N LYS A 289 -20.80 -60.02 26.18
CA LYS A 289 -20.39 -61.33 26.64
C LYS A 289 -21.08 -61.63 27.96
N THR A 290 -21.80 -62.75 28.01
CA THR A 290 -22.66 -63.10 29.11
C THR A 290 -21.96 -64.08 30.04
N ASP A 291 -22.60 -64.35 31.17
CA ASP A 291 -22.13 -65.35 32.12
C ASP A 291 -23.36 -66.01 32.71
N ASP A 292 -23.35 -67.35 32.76
CA ASP A 292 -24.50 -68.13 33.22
C ASP A 292 -24.99 -67.67 34.59
N ILE A 293 -24.09 -67.29 35.49
CA ILE A 293 -24.50 -66.92 36.83
C ILE A 293 -25.38 -65.68 36.87
N PHE A 294 -25.52 -64.94 35.76
CA PHE A 294 -26.35 -63.75 35.74
C PHE A 294 -27.70 -63.97 35.10
N GLN A 295 -28.03 -65.21 34.77
CA GLN A 295 -29.26 -65.50 34.04
C GLN A 295 -30.48 -65.01 34.82
N GLY A 296 -31.39 -64.33 34.12
CA GLY A 296 -32.62 -63.86 34.72
C GLY A 296 -32.53 -62.59 35.55
N LEU A 297 -31.34 -62.06 35.80
CA LEU A 297 -31.23 -60.85 36.61
C LEU A 297 -31.60 -59.64 35.76
N THR A 298 -32.21 -58.65 36.40
CA THR A 298 -32.80 -57.52 35.71
C THR A 298 -32.21 -56.21 36.20
N GLN A 299 -32.42 -55.15 35.40
CA GLN A 299 -31.98 -53.82 35.78
C GLN A 299 -32.66 -53.35 37.07
N ASP A 300 -33.95 -53.67 37.23
CA ASP A 300 -34.67 -53.34 38.47
C ASP A 300 -34.03 -53.98 39.69
N GLN A 301 -33.48 -55.19 39.55
CA GLN A 301 -32.75 -55.79 40.66
C GLN A 301 -31.38 -55.15 40.87
N GLY A 302 -30.87 -54.45 39.86
CA GLY A 302 -29.56 -53.82 39.95
C GLY A 302 -28.47 -54.43 39.07
N PHE A 303 -28.81 -55.31 38.13
CA PHE A 303 -27.79 -55.92 37.28
C PHE A 303 -27.79 -55.30 35.87
N TYR A 304 -26.58 -55.05 35.35
CA TYR A 304 -26.33 -54.51 34.02
C TYR A 304 -25.14 -55.20 33.39
N THR A 305 -25.19 -55.45 32.08
CA THR A 305 -23.93 -55.61 31.38
C THR A 305 -23.46 -54.22 30.97
N SER A 306 -22.20 -54.14 30.52
CA SER A 306 -21.71 -52.86 30.00
C SER A 306 -22.54 -52.37 28.83
N LYS A 307 -23.11 -53.29 28.05
CA LYS A 307 -23.93 -52.92 26.90
C LYS A 307 -25.30 -52.39 27.28
N ASP A 308 -25.76 -52.62 28.52
CA ASP A 308 -26.99 -51.99 29.02
C ASP A 308 -26.70 -50.66 29.71
N PHE A 309 -25.63 -50.62 30.48
CA PHE A 309 -25.36 -49.49 31.37
C PHE A 309 -24.76 -48.31 30.65
N LEU A 310 -23.66 -48.52 29.94
CA LEU A 310 -22.99 -47.38 29.30
C LEU A 310 -23.88 -46.65 28.27
N PRO A 311 -24.68 -47.32 27.42
CA PRO A 311 -25.61 -46.54 26.58
C PRO A 311 -26.67 -45.77 27.36
N LEU A 312 -27.14 -46.31 28.49
CA LEU A 312 -28.07 -45.54 29.31
C LEU A 312 -27.44 -44.23 29.77
N VAL A 313 -26.19 -44.29 30.25
CA VAL A 313 -25.50 -43.08 30.69
C VAL A 313 -25.27 -42.14 29.50
N ALA A 314 -24.88 -42.71 28.35
CA ALA A 314 -24.65 -41.89 27.18
C ALA A 314 -25.91 -41.12 26.80
N LYS A 315 -27.04 -41.82 26.70
CA LYS A 315 -28.28 -41.19 26.26
C LYS A 315 -28.67 -40.02 27.16
N SER A 316 -28.38 -40.12 28.45
CA SER A 316 -28.78 -39.07 29.36
C SER A 316 -27.82 -37.89 29.35
N SER A 317 -26.52 -38.14 29.12
CA SER A 317 -25.50 -37.11 29.26
C SER A 317 -25.04 -36.48 27.95
N LYS A 318 -25.42 -37.04 26.80
CA LYS A 318 -24.96 -36.55 25.51
C LYS A 318 -26.14 -35.88 24.81
N ALA A 319 -26.15 -34.55 24.84
CA ALA A 319 -27.25 -33.80 24.24
C ALA A 319 -27.14 -33.93 22.72
N GLY A 320 -28.22 -34.36 22.09
CA GLY A 320 -28.20 -34.57 20.66
C GLY A 320 -27.94 -36.00 20.25
N MET A 321 -27.77 -36.91 21.21
CA MET A 321 -27.79 -38.32 20.91
C MET A 321 -29.19 -38.75 20.47
N CYS A 322 -30.17 -38.44 21.31
CA CYS A 322 -31.55 -38.92 21.18
C CYS A 322 -32.51 -37.74 21.13
N ALA A 323 -33.78 -38.06 20.90
CA ALA A 323 -34.85 -37.13 21.26
C ALA A 323 -35.20 -37.22 22.74
N CYS A 324 -35.09 -38.40 23.34
CA CYS A 324 -35.38 -38.62 24.75
C CYS A 324 -34.39 -37.90 25.64
N HIS A 325 -34.86 -36.88 26.36
CA HIS A 325 -34.19 -36.48 27.59
C HIS A 325 -34.25 -37.65 28.55
N SER A 326 -33.18 -38.44 28.61
CA SER A 326 -33.12 -39.65 29.42
C SER A 326 -32.71 -39.29 30.85
N PRO A 327 -33.37 -39.86 31.86
CA PRO A 327 -32.89 -39.68 33.23
C PRO A 327 -31.65 -40.53 33.47
N LEU A 328 -30.71 -39.98 34.21
CA LEU A 328 -29.51 -40.75 34.55
C LEU A 328 -29.92 -41.95 35.40
N PRO A 329 -29.35 -43.13 35.16
CA PRO A 329 -29.71 -44.28 36.00
C PRO A 329 -29.42 -43.99 37.47
N SER A 330 -30.37 -44.32 38.33
CA SER A 330 -30.16 -44.09 39.75
C SER A 330 -29.36 -45.25 40.30
N ILE A 331 -28.10 -44.98 40.65
CA ILE A 331 -27.13 -46.00 40.98
C ILE A 331 -26.63 -45.66 42.37
N ARG A 332 -27.53 -45.64 43.33
CA ARG A 332 -27.12 -45.32 44.69
C ARG A 332 -26.57 -46.58 45.37
N GLY A 333 -25.62 -46.36 46.27
CA GLY A 333 -25.07 -47.44 47.04
C GLY A 333 -23.74 -47.92 46.51
N ALA A 334 -23.46 -49.19 46.82
CA ALA A 334 -22.22 -49.83 46.45
C ALA A 334 -22.37 -50.49 45.09
N VAL A 335 -21.44 -50.21 44.20
CA VAL A 335 -21.44 -50.79 42.84
C VAL A 335 -20.25 -51.72 42.69
N ILE A 336 -20.50 -52.93 42.21
CA ILE A 336 -19.46 -53.86 41.85
C ILE A 336 -19.35 -53.88 40.33
N VAL A 337 -18.19 -53.55 39.79
CA VAL A 337 -17.90 -53.69 38.37
C VAL A 337 -17.00 -54.90 38.21
N LEU A 338 -17.41 -55.85 37.37
CA LEU A 338 -16.68 -57.10 37.19
C LEU A 338 -15.85 -57.03 35.92
N GLY A 339 -14.57 -57.37 36.04
CA GLY A 339 -13.64 -57.32 34.94
C GLY A 339 -12.64 -56.19 35.10
N ALA A 340 -11.62 -56.21 34.24
CA ALA A 340 -10.57 -55.20 34.33
C ALA A 340 -10.00 -54.84 32.96
N GLY A 341 -10.74 -55.06 31.89
CA GLY A 341 -10.44 -54.45 30.63
C GLY A 341 -10.80 -52.98 30.69
N ASP A 342 -10.60 -52.32 29.58
CA ASP A 342 -10.82 -50.89 29.55
C ASP A 342 -12.30 -50.51 29.74
N THR A 343 -13.25 -51.34 29.29
CA THR A 343 -14.66 -51.04 29.52
C THR A 343 -15.00 -50.99 31.01
N ALA A 344 -14.40 -51.89 31.78
CA ALA A 344 -14.70 -51.92 33.22
C ALA A 344 -14.37 -50.60 33.88
N PHE A 345 -13.30 -49.93 33.43
CA PHE A 345 -12.93 -48.67 34.06
C PHE A 345 -13.87 -47.54 33.67
N ASP A 346 -14.38 -47.54 32.43
CA ASP A 346 -15.39 -46.56 32.09
C ASP A 346 -16.68 -46.81 32.85
N CYS A 347 -17.02 -48.08 33.08
CA CYS A 347 -18.19 -48.37 33.91
C CYS A 347 -17.99 -47.84 35.32
N ALA A 348 -16.80 -48.02 35.88
CA ALA A 348 -16.52 -47.53 37.23
C ALA A 348 -16.68 -46.02 37.32
N THR A 349 -16.01 -45.27 36.42
CA THR A 349 -16.10 -43.80 36.49
C THR A 349 -17.52 -43.31 36.18
N SER A 350 -18.21 -43.95 35.24
CA SER A 350 -19.59 -43.53 34.93
C SER A 350 -20.52 -43.80 36.11
N ALA A 351 -20.28 -44.88 36.85
CA ALA A 351 -21.12 -45.18 38.02
C ALA A 351 -21.07 -44.05 39.06
N LEU A 352 -19.92 -43.41 39.22
CA LEU A 352 -19.81 -42.29 40.13
C LEU A 352 -20.65 -41.10 39.66
N ARG A 353 -20.75 -40.90 38.35
CA ARG A 353 -21.57 -39.83 37.80
C ARG A 353 -23.04 -40.08 38.06
N CYS A 354 -23.42 -41.35 38.19
CA CYS A 354 -24.81 -41.70 38.45
C CYS A 354 -25.15 -41.64 39.93
N GLY A 355 -24.18 -41.38 40.79
CA GLY A 355 -24.42 -41.24 42.20
C GLY A 355 -23.97 -42.38 43.08
N ALA A 356 -23.11 -43.27 42.58
CA ALA A 356 -22.65 -44.38 43.40
C ALA A 356 -21.90 -43.88 44.62
N ARG A 357 -22.11 -44.56 45.75
CA ARG A 357 -21.38 -44.19 46.96
C ARG A 357 -19.98 -44.77 46.96
N ARG A 358 -19.84 -45.99 46.44
CA ARG A 358 -18.56 -46.67 46.34
C ARG A 358 -18.58 -47.55 45.09
N VAL A 359 -17.43 -47.72 44.47
CA VAL A 359 -17.29 -48.62 43.33
C VAL A 359 -16.15 -49.59 43.61
N PHE A 360 -16.43 -50.87 43.45
CA PHE A 360 -15.42 -51.93 43.51
C PHE A 360 -15.18 -52.45 42.11
N LEU A 361 -13.94 -52.46 41.70
CA LEU A 361 -13.50 -53.10 40.46
C LEU A 361 -12.90 -54.44 40.87
N VAL A 362 -13.54 -55.54 40.47
CA VAL A 362 -13.20 -56.87 40.95
C VAL A 362 -12.87 -57.73 39.75
N PHE A 363 -11.70 -58.38 39.78
CA PHE A 363 -11.27 -59.10 38.61
C PHE A 363 -10.65 -60.43 39.02
N ARG A 364 -10.71 -61.39 38.09
CA ARG A 364 -10.38 -62.77 38.41
C ARG A 364 -8.89 -63.06 38.35
N LYS A 365 -8.07 -62.15 37.83
CA LYS A 365 -6.62 -62.36 37.86
C LYS A 365 -5.97 -61.33 38.79
N GLY A 366 -4.65 -61.11 38.64
CA GLY A 366 -3.94 -60.14 39.43
C GLY A 366 -3.82 -58.78 38.79
N PHE A 367 -3.31 -57.85 39.60
CA PHE A 367 -2.80 -56.57 39.14
C PHE A 367 -1.88 -56.65 37.95
N VAL A 368 -0.88 -57.53 38.00
CA VAL A 368 0.05 -57.63 36.90
C VAL A 368 -0.67 -58.00 35.61
N ASN A 369 -1.84 -58.63 35.73
CA ASN A 369 -2.60 -59.14 34.60
C ASN A 369 -3.63 -58.15 34.07
N ILE A 370 -3.83 -57.00 34.72
CA ILE A 370 -4.73 -55.99 34.17
C ILE A 370 -4.21 -55.58 32.80
N ARG A 371 -5.12 -55.59 31.82
CA ARG A 371 -4.80 -55.32 30.42
C ARG A 371 -5.08 -53.88 30.02
N ALA A 372 -5.96 -53.19 30.74
CA ALA A 372 -6.26 -51.80 30.46
C ALA A 372 -4.98 -50.98 30.41
N VAL A 373 -5.01 -49.92 29.61
CA VAL A 373 -3.85 -49.04 29.51
C VAL A 373 -3.76 -48.27 30.82
N PRO A 374 -2.55 -47.84 31.23
CA PRO A 374 -2.44 -47.16 32.53
C PRO A 374 -3.17 -45.83 32.59
N GLU A 375 -3.33 -45.13 31.47
CA GLU A 375 -4.12 -43.90 31.44
C GLU A 375 -5.52 -44.16 31.96
N GLU A 376 -6.17 -45.20 31.42
CA GLU A 376 -7.53 -45.57 31.83
C GLU A 376 -7.58 -46.03 33.28
N VAL A 377 -6.60 -46.82 33.72
CA VAL A 377 -6.59 -47.26 35.11
C VAL A 377 -6.44 -46.07 36.04
N GLU A 378 -5.55 -45.13 35.69
CA GLU A 378 -5.27 -44.00 36.56
C GLU A 378 -6.53 -43.17 36.86
N LEU A 379 -7.47 -43.09 35.92
CA LEU A 379 -8.64 -42.27 36.16
C LEU A 379 -9.54 -42.90 37.22
N ALA A 380 -9.70 -44.22 37.16
CA ALA A 380 -10.46 -44.90 38.20
C ALA A 380 -9.76 -44.83 39.55
N LYS A 381 -8.42 -44.88 39.57
CA LYS A 381 -7.76 -44.85 40.86
C LYS A 381 -7.86 -43.47 41.51
N GLU A 382 -7.59 -42.41 40.75
CA GLU A 382 -7.65 -41.08 41.35
C GLU A 382 -9.05 -40.72 41.78
N GLU A 383 -10.06 -41.39 41.26
CA GLU A 383 -11.42 -41.21 41.73
C GLU A 383 -11.76 -42.19 42.86
N LYS A 384 -10.76 -42.89 43.39
CA LYS A 384 -10.89 -43.72 44.60
C LYS A 384 -11.83 -44.90 44.42
N CYS A 385 -11.87 -45.50 43.23
CA CYS A 385 -12.43 -46.83 43.11
C CYS A 385 -11.56 -47.83 43.85
N GLU A 386 -12.18 -48.89 44.40
CA GLU A 386 -11.42 -49.97 45.01
C GLU A 386 -11.15 -51.07 43.99
N PHE A 387 -10.04 -51.78 44.18
CA PHE A 387 -9.59 -52.83 43.28
C PHE A 387 -9.46 -54.13 44.06
N LEU A 388 -10.16 -55.16 43.65
CA LEU A 388 -10.08 -56.47 44.31
C LEU A 388 -9.61 -57.51 43.31
N PRO A 389 -8.38 -58.00 43.44
CA PRO A 389 -7.88 -59.00 42.50
C PRO A 389 -8.19 -60.43 42.95
N PHE A 390 -7.96 -61.38 42.03
CA PHE A 390 -7.99 -62.80 42.34
C PHE A 390 -9.35 -63.27 42.84
N LEU A 391 -10.43 -62.69 42.29
CA LEU A 391 -11.78 -63.06 42.69
C LEU A 391 -12.60 -63.36 41.46
N SER A 392 -13.25 -64.53 41.45
CA SER A 392 -14.11 -64.89 40.35
C SER A 392 -15.55 -65.01 40.85
N PRO A 393 -16.50 -64.35 40.19
CA PRO A 393 -17.87 -64.30 40.73
C PRO A 393 -18.57 -65.65 40.62
N ARG A 394 -19.35 -65.98 41.65
CA ARG A 394 -20.05 -67.28 41.65
C ARG A 394 -21.56 -67.15 41.83
N LYS A 395 -21.99 -66.18 42.63
CA LYS A 395 -23.39 -66.03 43.00
C LYS A 395 -23.73 -64.56 43.16
N VAL A 396 -24.88 -64.14 42.61
CA VAL A 396 -25.45 -62.83 42.92
C VAL A 396 -26.61 -63.05 43.89
N ILE A 397 -26.52 -62.42 45.06
CA ILE A 397 -27.52 -62.59 46.11
C ILE A 397 -28.61 -61.53 45.96
N VAL A 398 -29.86 -61.97 45.96
CA VAL A 398 -31.03 -61.12 45.77
C VAL A 398 -31.96 -61.29 46.97
N LYS A 399 -32.27 -60.17 47.64
CA LYS A 399 -33.22 -60.10 48.75
C LYS A 399 -34.21 -58.97 48.50
N GLY A 400 -35.49 -59.23 48.72
CA GLY A 400 -36.48 -58.19 48.58
C GLY A 400 -36.49 -57.53 47.21
N GLY A 401 -36.31 -58.31 46.15
CA GLY A 401 -36.33 -57.77 44.81
C GLY A 401 -35.10 -56.99 44.40
N ARG A 402 -34.03 -57.02 45.19
CA ARG A 402 -32.83 -56.25 44.89
C ARG A 402 -31.58 -57.07 45.19
N ILE A 403 -30.54 -56.84 44.37
CA ILE A 403 -29.22 -57.35 44.69
C ILE A 403 -28.77 -56.79 46.05
N VAL A 404 -28.29 -57.67 46.92
CA VAL A 404 -27.65 -57.24 48.16
C VAL A 404 -26.20 -57.71 48.27
N ALA A 405 -25.74 -58.66 47.46
CA ALA A 405 -24.36 -59.14 47.60
C ALA A 405 -23.98 -60.02 46.41
N VAL A 406 -22.66 -60.15 46.20
CA VAL A 406 -22.09 -61.10 45.26
C VAL A 406 -21.10 -61.97 46.04
N GLN A 407 -21.16 -63.27 45.82
CA GLN A 407 -20.14 -64.13 46.42
C GLN A 407 -19.17 -64.65 45.36
N PHE A 408 -17.89 -64.62 45.71
CA PHE A 408 -16.77 -64.93 44.84
C PHE A 408 -16.00 -66.11 45.41
N VAL A 409 -15.22 -66.78 44.55
CA VAL A 409 -14.16 -67.70 44.95
C VAL A 409 -12.81 -67.06 44.64
N ARG A 410 -11.81 -67.38 45.45
CA ARG A 410 -10.45 -66.93 45.18
C ARG A 410 -9.85 -67.70 44.01
N THR A 411 -8.99 -67.02 43.24
CA THR A 411 -8.25 -67.62 42.15
C THR A 411 -6.75 -67.59 42.46
N GLU A 412 -5.98 -68.35 41.67
CA GLU A 412 -4.63 -68.77 42.02
C GLU A 412 -3.95 -69.32 40.77
N GLN A 413 -2.65 -69.09 40.63
CA GLN A 413 -1.87 -69.68 39.55
C GLN A 413 -0.99 -70.82 40.05
N ASP A 414 -0.65 -71.73 39.11
CA ASP A 414 0.17 -72.92 39.37
C ASP A 414 1.65 -72.67 39.08
N GLU A 415 2.42 -73.75 39.17
CA GLU A 415 3.68 -73.84 38.45
C GLU A 415 3.46 -73.64 36.96
N THR A 416 2.56 -74.43 36.39
CA THR A 416 2.26 -74.45 34.96
C THR A 416 1.63 -73.15 34.49
N GLY A 417 1.39 -72.22 35.42
CA GLY A 417 0.68 -71.02 35.05
C GLY A 417 -0.79 -71.22 34.78
N LYS A 418 -1.34 -72.39 35.12
CA LYS A 418 -2.77 -72.60 35.03
C LYS A 418 -3.50 -71.84 36.13
N TRP A 419 -4.65 -71.25 35.79
CA TRP A 419 -5.48 -70.56 36.77
C TRP A 419 -6.49 -71.51 37.41
N ASN A 420 -6.47 -71.57 38.74
CA ASN A 420 -7.37 -72.42 39.51
C ASN A 420 -8.23 -71.57 40.43
N GLU A 421 -9.33 -72.16 40.87
CA GLU A 421 -10.28 -71.52 41.77
C GLU A 421 -10.36 -72.37 43.03
N ASP A 422 -10.30 -71.72 44.19
CA ASP A 422 -10.29 -72.42 45.48
C ASP A 422 -11.69 -72.35 46.08
N GLU A 423 -12.44 -73.46 45.97
CA GLU A 423 -13.83 -73.49 46.42
C GLU A 423 -13.99 -73.13 47.90
N ASP A 424 -12.98 -73.37 48.72
CA ASP A 424 -13.04 -73.20 50.17
C ASP A 424 -12.62 -71.81 50.60
N GLN A 425 -12.31 -70.96 49.63
CA GLN A 425 -11.81 -69.62 49.88
C GLN A 425 -12.77 -68.65 49.18
N ILE A 426 -13.68 -68.10 49.97
CA ILE A 426 -14.85 -67.39 49.49
C ILE A 426 -14.85 -65.96 49.99
N VAL A 427 -15.44 -65.06 49.20
CA VAL A 427 -15.64 -63.67 49.56
C VAL A 427 -17.09 -63.33 49.34
N HIS A 428 -17.73 -62.79 50.38
CA HIS A 428 -19.11 -62.32 50.32
C HIS A 428 -19.04 -60.79 50.37
N LEU A 429 -19.32 -60.15 49.24
CA LEU A 429 -19.12 -58.71 49.11
C LEU A 429 -20.48 -58.04 48.98
N LYS A 430 -20.79 -57.14 49.90
CA LYS A 430 -22.09 -56.48 49.84
C LYS A 430 -22.12 -55.50 48.67
N ALA A 431 -23.25 -55.44 47.97
CA ALA A 431 -23.36 -54.59 46.80
C ALA A 431 -24.81 -54.28 46.53
N ASP A 432 -25.06 -53.11 45.95
CA ASP A 432 -26.40 -52.76 45.49
C ASP A 432 -26.57 -52.88 43.97
N VAL A 433 -25.48 -52.77 43.21
CA VAL A 433 -25.52 -52.79 41.76
C VAL A 433 -24.38 -53.65 41.26
N VAL A 434 -24.63 -54.43 40.21
CA VAL A 434 -23.59 -55.25 39.61
C VAL A 434 -23.54 -54.94 38.12
N ILE A 435 -22.34 -54.61 37.61
CA ILE A 435 -22.14 -54.33 36.19
C ILE A 435 -21.06 -55.25 35.68
N SER A 436 -21.40 -56.09 34.69
CA SER A 436 -20.41 -57.00 34.14
C SER A 436 -19.75 -56.34 32.93
N ALA A 437 -18.41 -56.36 32.90
CA ALA A 437 -17.67 -55.74 31.82
C ALA A 437 -16.78 -56.80 31.16
N PHE A 438 -17.39 -57.89 30.72
CA PHE A 438 -16.67 -59.06 30.26
C PHE A 438 -16.35 -59.02 28.77
N GLY A 439 -16.71 -57.94 28.09
CA GLY A 439 -16.43 -57.80 26.67
C GLY A 439 -17.69 -57.93 25.84
N SER A 440 -17.48 -57.94 24.52
CA SER A 440 -18.56 -57.91 23.55
C SER A 440 -18.36 -59.01 22.52
N VAL A 441 -19.47 -59.41 21.86
CA VAL A 441 -19.50 -60.56 20.97
C VAL A 441 -20.50 -60.31 19.84
N LEU A 442 -20.41 -61.13 18.79
CA LEU A 442 -21.43 -61.21 17.77
C LEU A 442 -22.05 -62.60 17.84
N ARG A 443 -23.35 -62.66 18.08
CA ARG A 443 -23.87 -63.97 18.41
C ARG A 443 -25.31 -64.10 17.88
N ASP A 444 -25.95 -62.98 17.53
CA ASP A 444 -27.32 -63.01 16.99
C ASP A 444 -27.38 -63.88 15.73
N PRO A 445 -28.13 -64.99 15.74
CA PRO A 445 -28.14 -65.86 14.55
C PRO A 445 -28.66 -65.18 13.29
N LYS A 446 -29.63 -64.26 13.41
CA LYS A 446 -30.16 -63.58 12.22
C LYS A 446 -29.12 -62.68 11.57
N VAL A 447 -28.27 -62.05 12.40
CA VAL A 447 -27.25 -61.15 11.88
C VAL A 447 -26.18 -61.93 11.14
N LYS A 448 -25.69 -63.03 11.73
CA LYS A 448 -24.66 -63.83 11.06
C LYS A 448 -25.22 -64.45 9.78
N GLU A 449 -26.47 -64.89 9.82
CA GLU A 449 -27.13 -65.46 8.64
C GLU A 449 -27.14 -64.46 7.48
N ALA A 450 -27.31 -63.18 7.78
CA ALA A 450 -27.36 -62.15 6.76
C ALA A 450 -26.02 -61.96 6.06
N LEU A 451 -24.94 -62.50 6.62
CA LEU A 451 -23.62 -62.42 6.01
C LEU A 451 -23.29 -63.65 5.18
N SER A 452 -24.27 -64.53 4.97
CA SER A 452 -24.02 -65.69 4.13
C SER A 452 -23.72 -65.24 2.70
N PRO A 453 -22.74 -65.87 2.03
CA PRO A 453 -21.98 -67.02 2.50
C PRO A 453 -20.52 -66.77 2.87
N ILE A 454 -20.15 -65.64 3.46
CA ILE A 454 -18.74 -65.42 3.73
C ILE A 454 -18.24 -66.39 4.80
N LYS A 455 -16.95 -66.68 4.75
CA LYS A 455 -16.33 -67.61 5.68
C LYS A 455 -16.10 -66.94 7.03
N PHE A 456 -16.41 -67.67 8.11
CA PHE A 456 -16.19 -67.24 9.48
C PHE A 456 -15.11 -68.12 10.10
N ASN A 457 -14.35 -67.56 11.05
CA ASN A 457 -13.29 -68.31 11.70
C ASN A 457 -13.79 -68.96 12.99
N ARG A 458 -12.85 -69.62 13.68
CA ARG A 458 -13.19 -70.36 14.91
C ARG A 458 -13.75 -69.45 16.00
N TRP A 459 -13.55 -68.13 15.90
CA TRP A 459 -14.08 -67.20 16.87
C TRP A 459 -15.41 -66.61 16.46
N ASP A 460 -16.05 -67.20 15.44
CA ASP A 460 -17.33 -66.73 14.89
C ASP A 460 -17.25 -65.28 14.41
N LEU A 461 -16.11 -64.90 13.86
CA LEU A 461 -15.96 -63.60 13.24
C LEU A 461 -15.71 -63.77 11.74
N PRO A 462 -16.10 -62.81 10.91
CA PRO A 462 -15.79 -62.91 9.48
C PRO A 462 -14.29 -62.89 9.24
N GLU A 463 -13.82 -63.78 8.38
CA GLU A 463 -12.41 -63.79 8.01
C GLU A 463 -12.15 -62.77 6.91
N VAL A 464 -11.02 -62.06 7.04
CA VAL A 464 -10.53 -61.19 5.99
C VAL A 464 -9.08 -61.52 5.66
N ASP A 465 -8.68 -61.18 4.44
CA ASP A 465 -7.27 -61.03 4.13
C ASP A 465 -6.77 -59.82 4.89
N PRO A 466 -5.74 -59.93 5.74
CA PRO A 466 -5.35 -58.81 6.60
C PRO A 466 -4.71 -57.66 5.85
N GLU A 467 -4.28 -57.85 4.62
CA GLU A 467 -3.74 -56.74 3.85
C GLU A 467 -4.84 -56.00 3.08
N THR A 468 -5.87 -56.69 2.62
CA THR A 468 -6.89 -56.06 1.79
C THR A 468 -8.22 -55.85 2.48
N MET A 469 -8.43 -56.44 3.68
CA MET A 469 -9.75 -56.50 4.33
C MET A 469 -10.88 -57.10 3.48
N GLN A 470 -10.54 -57.85 2.44
CA GLN A 470 -11.53 -58.56 1.66
C GLN A 470 -11.94 -59.84 2.39
N THR A 471 -13.25 -60.13 2.41
CA THR A 471 -13.77 -61.39 2.93
C THR A 471 -13.60 -62.46 1.84
N SER A 472 -14.13 -63.67 2.09
CA SER A 472 -14.10 -64.73 1.08
C SER A 472 -14.99 -64.41 -0.13
N GLU A 473 -15.90 -63.44 -0.03
CA GLU A 473 -16.63 -62.94 -1.19
C GLU A 473 -15.95 -61.68 -1.68
N PRO A 474 -15.48 -61.62 -2.93
CA PRO A 474 -14.61 -60.50 -3.34
C PRO A 474 -15.28 -59.13 -3.34
N TRP A 475 -16.59 -59.05 -3.44
CA TRP A 475 -17.24 -57.76 -3.34
C TRP A 475 -17.53 -57.34 -1.91
N VAL A 476 -17.20 -58.17 -0.91
CA VAL A 476 -17.51 -57.89 0.49
C VAL A 476 -16.23 -57.72 1.30
N PHE A 477 -16.14 -56.61 2.03
CA PHE A 477 -15.01 -56.27 2.86
C PHE A 477 -15.50 -56.05 4.28
N ALA A 478 -14.58 -56.11 5.25
CA ALA A 478 -14.95 -55.95 6.66
C ALA A 478 -13.80 -55.37 7.45
N GLY A 479 -14.12 -54.67 8.54
CA GLY A 479 -13.08 -54.13 9.39
C GLY A 479 -13.65 -53.60 10.69
N GLY A 480 -12.73 -53.22 11.56
CA GLY A 480 -13.13 -52.72 12.87
C GLY A 480 -13.28 -53.86 13.86
N ASP A 481 -14.09 -53.61 14.90
CA ASP A 481 -14.23 -54.59 15.98
C ASP A 481 -14.72 -55.94 15.47
N ILE A 482 -15.53 -55.95 14.39
CA ILE A 482 -16.11 -57.19 13.88
C ILE A 482 -15.04 -58.17 13.39
N VAL A 483 -13.90 -57.66 12.92
CA VAL A 483 -12.83 -58.53 12.45
C VAL A 483 -11.96 -59.07 13.59
N GLY A 484 -11.92 -58.38 14.73
CA GLY A 484 -11.26 -58.90 15.89
C GLY A 484 -9.78 -58.60 16.02
N MET A 485 -9.20 -57.82 15.09
CA MET A 485 -7.82 -57.36 15.30
C MET A 485 -7.79 -56.01 16.00
N ALA A 486 -8.52 -55.03 15.48
CA ALA A 486 -8.56 -53.70 16.07
C ALA A 486 -9.04 -53.74 17.51
N ASN A 487 -8.31 -53.03 18.39
CA ASN A 487 -8.67 -52.87 19.80
C ASN A 487 -8.91 -51.42 20.16
N THR A 488 -8.92 -50.54 19.17
CA THR A 488 -8.91 -49.10 19.39
C THR A 488 -9.70 -48.42 18.29
N THR A 489 -10.12 -47.20 18.57
CA THR A 489 -10.74 -46.38 17.53
C THR A 489 -9.80 -46.24 16.34
N VAL A 490 -8.53 -45.95 16.60
CA VAL A 490 -7.61 -45.62 15.52
C VAL A 490 -7.37 -46.84 14.62
N GLU A 491 -7.29 -48.04 15.21
CA GLU A 491 -7.11 -49.22 14.35
C GLU A 491 -8.37 -49.51 13.55
N SER A 492 -9.53 -49.18 14.09
CA SER A 492 -10.77 -49.35 13.35
C SER A 492 -10.87 -48.36 12.20
N VAL A 493 -10.51 -47.09 12.46
CA VAL A 493 -10.31 -46.13 11.38
C VAL A 493 -9.36 -46.70 10.34
N ASN A 494 -8.27 -47.32 10.79
CA ASN A 494 -7.26 -47.78 9.84
C ASN A 494 -7.78 -48.95 9.03
N ASP A 495 -8.57 -49.84 9.64
CA ASP A 495 -9.19 -50.93 8.90
C ASP A 495 -10.04 -50.40 7.74
N GLY A 496 -10.86 -49.38 8.01
CA GLY A 496 -11.66 -48.80 6.95
C GLY A 496 -10.82 -48.11 5.90
N LYS A 497 -9.73 -47.49 6.34
CA LYS A 497 -8.78 -46.86 5.42
C LYS A 497 -8.14 -47.88 4.49
N GLN A 498 -7.60 -48.96 5.07
CA GLN A 498 -7.03 -50.05 4.29
C GLN A 498 -8.05 -50.62 3.30
N ALA A 499 -9.29 -50.85 3.77
CA ALA A 499 -10.31 -51.46 2.93
C ALA A 499 -10.66 -50.59 1.73
N SER A 500 -10.67 -49.26 1.92
CA SER A 500 -11.17 -48.38 0.87
C SER A 500 -10.33 -48.50 -0.41
N TRP A 501 -9.02 -48.67 -0.28
CA TRP A 501 -8.20 -48.79 -1.48
C TRP A 501 -8.51 -50.07 -2.24
N TYR A 502 -8.72 -51.19 -1.55
CA TYR A 502 -8.95 -52.43 -2.27
C TYR A 502 -10.41 -52.58 -2.69
N ILE A 503 -11.34 -51.92 -1.99
CA ILE A 503 -12.68 -51.75 -2.54
C ILE A 503 -12.59 -50.99 -3.86
N HIS A 504 -11.84 -49.90 -3.86
CA HIS A 504 -11.58 -49.13 -5.07
C HIS A 504 -11.00 -50.01 -6.17
N LYS A 505 -9.95 -50.77 -5.83
CA LYS A 505 -9.34 -51.66 -6.81
C LYS A 505 -10.35 -52.66 -7.37
N TYR A 506 -11.21 -53.22 -6.51
CA TYR A 506 -12.16 -54.22 -6.95
C TYR A 506 -13.23 -53.61 -7.85
N ILE A 507 -13.83 -52.50 -7.43
CA ILE A 507 -14.87 -51.84 -8.24
C ILE A 507 -14.32 -51.44 -9.60
N GLN A 508 -13.13 -50.84 -9.61
CA GLN A 508 -12.56 -50.42 -10.89
C GLN A 508 -12.37 -51.62 -11.82
N ALA A 509 -11.93 -52.76 -11.28
CA ALA A 509 -11.74 -53.95 -12.09
C ALA A 509 -13.05 -54.48 -12.64
N GLN A 510 -14.12 -54.37 -11.84
CA GLN A 510 -15.43 -54.81 -12.30
C GLN A 510 -15.90 -54.00 -13.48
N TYR A 511 -15.45 -52.76 -13.59
CA TYR A 511 -15.81 -51.90 -14.72
C TYR A 511 -14.73 -51.91 -15.80
N GLY A 512 -13.78 -52.84 -15.72
CA GLY A 512 -12.78 -52.97 -16.76
C GLY A 512 -11.62 -52.01 -16.66
N ALA A 513 -11.39 -51.39 -15.50
CA ALA A 513 -10.32 -50.41 -15.34
C ALA A 513 -9.30 -50.90 -14.33
N SER A 514 -8.05 -50.54 -14.56
CA SER A 514 -6.96 -50.81 -13.63
C SER A 514 -6.78 -49.65 -12.66
N VAL A 515 -6.03 -49.89 -11.58
CA VAL A 515 -5.57 -48.83 -10.69
C VAL A 515 -4.06 -48.98 -10.54
N SER A 516 -3.44 -47.94 -10.00
CA SER A 516 -1.98 -47.95 -9.89
C SER A 516 -1.53 -49.05 -8.93
N ALA A 517 -0.34 -49.58 -9.18
CA ALA A 517 0.21 -50.61 -8.30
C ALA A 517 0.60 -50.05 -6.94
N LYS A 518 0.83 -48.73 -6.86
CA LYS A 518 1.12 -48.10 -5.58
C LYS A 518 -0.16 -47.50 -5.03
N PRO A 519 -0.62 -47.90 -3.84
CA PRO A 519 -1.83 -47.30 -3.25
C PRO A 519 -1.69 -45.80 -3.07
N GLU A 520 -2.70 -45.05 -3.56
CA GLU A 520 -2.64 -43.57 -3.57
C GLU A 520 -3.95 -43.02 -2.99
N LEU A 521 -4.08 -43.05 -1.65
CA LEU A 521 -5.28 -42.42 -1.10
C LEU A 521 -5.14 -40.90 -1.04
N PRO A 522 -6.18 -40.15 -1.38
CA PRO A 522 -6.06 -38.69 -1.38
C PRO A 522 -5.96 -38.12 0.03
N LEU A 523 -5.40 -36.92 0.11
CA LEU A 523 -5.32 -36.15 1.35
C LEU A 523 -6.67 -35.50 1.67
N PHE A 524 -6.70 -34.76 2.76
CA PHE A 524 -7.88 -34.05 3.24
C PHE A 524 -7.78 -32.61 2.78
N TYR A 525 -8.88 -32.05 2.26
CA TYR A 525 -8.89 -30.69 1.71
C TYR A 525 -10.06 -29.88 2.23
N THR A 526 -9.85 -28.56 2.33
CA THR A 526 -10.85 -27.55 2.63
C THR A 526 -10.70 -26.40 1.65
N PRO A 527 -11.59 -25.41 1.68
CA PRO A 527 -11.40 -24.21 0.83
C PRO A 527 -10.08 -23.48 1.09
N VAL A 528 -9.49 -23.63 2.27
CA VAL A 528 -8.21 -22.95 2.54
C VAL A 528 -7.16 -23.36 1.52
N ASP A 529 -7.17 -24.61 1.08
CA ASP A 529 -6.13 -25.09 0.19
C ASP A 529 -6.22 -24.49 -1.20
N LEU A 530 -7.35 -23.89 -1.55
CA LEU A 530 -7.49 -23.22 -2.84
C LEU A 530 -6.97 -21.79 -2.82
N VAL A 531 -6.45 -21.31 -1.68
CA VAL A 531 -6.09 -19.90 -1.59
C VAL A 531 -4.79 -19.65 -2.35
N ASP A 532 -4.76 -18.55 -3.10
CA ASP A 532 -3.61 -18.19 -3.95
C ASP A 532 -2.58 -17.43 -3.13
N ILE A 533 -1.35 -17.98 -3.06
CA ILE A 533 -0.30 -17.28 -2.32
C ILE A 533 0.85 -16.90 -3.26
N SER A 534 0.55 -16.74 -4.55
CA SER A 534 1.59 -16.21 -5.43
C SER A 534 1.74 -14.70 -5.24
N VAL A 535 2.87 -14.16 -5.72
CA VAL A 535 3.17 -12.74 -5.63
C VAL A 535 4.09 -12.37 -6.78
N GLU A 536 3.95 -11.16 -7.29
CA GLU A 536 4.82 -10.60 -8.32
C GLU A 536 5.75 -9.58 -7.68
N MET A 537 7.03 -9.61 -8.06
CA MET A 537 8.03 -8.70 -7.54
C MET A 537 9.10 -8.42 -8.58
N ALA A 538 9.33 -7.13 -8.85
CA ALA A 538 10.31 -6.68 -9.82
C ALA A 538 10.17 -7.40 -11.15
N GLY A 539 8.92 -7.60 -11.57
CA GLY A 539 8.65 -8.34 -12.79
C GLY A 539 8.81 -9.84 -12.70
N LEU A 540 9.13 -10.39 -11.54
CA LEU A 540 9.27 -11.83 -11.37
C LEU A 540 8.00 -12.40 -10.76
N LYS A 541 7.62 -13.60 -11.22
CA LYS A 541 6.47 -14.29 -10.64
C LYS A 541 6.92 -15.42 -9.73
N PHE A 542 6.58 -15.32 -8.45
CA PHE A 542 6.86 -16.36 -7.45
C PHE A 542 5.57 -17.13 -7.18
N ILE A 543 5.65 -18.46 -7.21
CA ILE A 543 4.46 -19.28 -6.95
C ILE A 543 4.09 -19.28 -5.46
N ASN A 544 5.05 -18.98 -4.58
CA ASN A 544 4.75 -18.63 -3.19
C ASN A 544 5.90 -17.74 -2.73
N PRO A 545 5.74 -17.03 -1.62
CA PRO A 545 6.77 -16.03 -1.27
C PRO A 545 7.94 -16.57 -0.44
N PHE A 546 8.05 -17.88 -0.25
CA PHE A 546 9.09 -18.46 0.61
C PHE A 546 10.24 -18.99 -0.24
N GLY A 547 11.45 -18.60 0.13
CA GLY A 547 12.63 -19.02 -0.60
C GLY A 547 13.80 -19.26 0.33
N LEU A 548 14.76 -20.02 -0.18
CA LEU A 548 15.97 -20.34 0.57
C LEU A 548 16.94 -19.19 0.42
N ALA A 549 17.37 -18.62 1.54
CA ALA A 549 18.43 -17.62 1.54
C ALA A 549 19.74 -18.23 1.03
N SER A 550 20.64 -17.36 0.63
CA SER A 550 21.98 -17.78 0.25
C SER A 550 22.74 -18.17 1.53
N ALA A 551 22.93 -19.47 1.77
CA ALA A 551 23.44 -19.93 3.07
C ALA A 551 23.71 -21.42 3.02
N ALA A 552 23.96 -22.01 4.19
CA ALA A 552 24.23 -23.45 4.25
C ALA A 552 23.16 -24.33 3.62
N PRO A 553 21.86 -24.03 3.72
CA PRO A 553 20.88 -24.86 3.00
C PRO A 553 21.00 -24.80 1.49
N THR A 554 21.80 -23.89 0.93
CA THR A 554 22.05 -23.89 -0.51
C THR A 554 23.53 -24.10 -0.81
N THR A 555 24.19 -24.89 0.04
CA THR A 555 25.58 -25.27 -0.18
C THR A 555 25.78 -25.92 -1.54
N SER A 556 24.81 -26.74 -1.97
CA SER A 556 24.90 -27.48 -3.23
C SER A 556 23.61 -27.32 -4.02
N SER A 557 23.74 -27.33 -5.36
CA SER A 557 22.56 -27.18 -6.19
C SER A 557 21.61 -28.37 -6.07
N SER A 558 22.14 -29.56 -5.76
CA SER A 558 21.28 -30.72 -5.52
C SER A 558 20.31 -30.47 -4.36
N MET A 559 20.71 -29.66 -3.38
CA MET A 559 19.81 -29.34 -2.29
C MET A 559 18.72 -28.39 -2.75
N ILE A 560 19.06 -27.42 -3.61
CA ILE A 560 18.04 -26.54 -4.17
C ILE A 560 17.02 -27.36 -4.94
N ARG A 561 17.50 -28.31 -5.76
CA ARG A 561 16.61 -29.20 -6.49
C ARG A 561 15.61 -29.88 -5.56
N ARG A 562 16.10 -30.44 -4.44
CA ARG A 562 15.18 -31.11 -3.52
C ARG A 562 14.26 -30.12 -2.82
N ALA A 563 14.73 -28.90 -2.58
CA ALA A 563 13.86 -27.88 -1.98
C ALA A 563 12.74 -27.49 -2.94
N PHE A 564 13.07 -27.37 -4.23
CA PHE A 564 12.02 -27.11 -5.21
C PHE A 564 11.03 -28.27 -5.27
N GLU A 565 11.53 -29.51 -5.25
CA GLU A 565 10.65 -30.66 -5.18
C GLU A 565 9.75 -30.63 -3.95
N ALA A 566 10.25 -30.10 -2.82
CA ALA A 566 9.45 -29.99 -1.62
C ALA A 566 8.38 -28.91 -1.71
N GLY A 567 8.55 -27.91 -2.57
CA GLY A 567 7.57 -26.84 -2.71
C GLY A 567 8.10 -25.43 -2.52
N TRP A 568 9.39 -25.21 -2.26
CA TRP A 568 9.89 -23.84 -2.07
C TRP A 568 9.69 -23.00 -3.33
N GLY A 569 9.25 -21.75 -3.15
CA GLY A 569 8.95 -20.90 -4.30
C GLY A 569 10.20 -20.43 -5.03
N PHE A 570 11.28 -20.16 -4.29
CA PHE A 570 12.50 -19.67 -4.92
C PHE A 570 13.71 -20.09 -4.07
N ALA A 571 14.89 -19.87 -4.62
CA ALA A 571 16.11 -20.18 -3.90
C ALA A 571 17.25 -19.30 -4.40
N LEU A 572 18.14 -18.98 -3.48
CA LEU A 572 19.39 -18.29 -3.80
C LEU A 572 20.49 -19.33 -3.92
N THR A 573 21.43 -19.10 -4.81
CA THR A 573 22.63 -19.91 -4.67
C THR A 573 23.43 -19.41 -3.46
N LYS A 574 24.25 -20.29 -2.91
CA LYS A 574 25.36 -19.83 -2.09
C LYS A 574 26.16 -18.78 -2.87
N THR A 575 26.65 -17.75 -2.18
CA THR A 575 27.36 -16.67 -2.86
C THR A 575 28.60 -17.25 -3.52
N PHE A 576 28.80 -16.96 -4.81
CA PHE A 576 29.97 -17.46 -5.52
C PHE A 576 30.72 -16.32 -6.19
N SER A 577 31.97 -16.61 -6.57
CA SER A 577 32.91 -15.59 -7.05
C SER A 577 33.73 -16.17 -8.20
N LEU A 578 34.46 -15.29 -8.88
CA LEU A 578 35.36 -15.73 -9.95
C LEU A 578 36.50 -16.59 -9.38
N ASP A 579 37.17 -17.33 -10.29
CA ASP A 579 38.19 -18.30 -9.88
C ASP A 579 39.30 -17.67 -9.06
N LYS A 580 39.70 -16.45 -9.40
CA LYS A 580 40.82 -15.86 -8.67
C LYS A 580 40.48 -15.57 -7.22
N ASP A 581 39.19 -15.54 -6.87
CA ASP A 581 38.75 -15.25 -5.51
C ASP A 581 38.43 -16.52 -4.69
N ILE A 582 38.95 -17.67 -5.12
CA ILE A 582 38.72 -18.94 -4.43
C ILE A 582 39.15 -18.88 -2.97
N VAL A 583 38.37 -19.54 -2.09
CA VAL A 583 38.62 -19.52 -0.65
C VAL A 583 38.62 -20.94 -0.11
N THR A 584 39.04 -21.06 1.15
CA THR A 584 38.99 -22.31 1.90
C THR A 584 38.37 -22.03 3.26
N ASN A 585 37.24 -22.69 3.54
CA ASN A 585 36.58 -22.54 4.84
C ASN A 585 37.41 -23.19 5.93
N VAL A 586 37.25 -22.66 7.15
CA VAL A 586 37.83 -23.27 8.32
C VAL A 586 36.77 -24.12 9.00
N SER A 587 37.18 -24.91 9.99
CA SER A 587 36.26 -25.71 10.80
C SER A 587 36.79 -25.78 12.24
N PRO A 588 35.91 -25.68 13.26
CA PRO A 588 34.46 -25.48 13.21
C PRO A 588 34.05 -24.09 12.70
N ARG A 589 32.83 -23.92 12.15
CA ARG A 589 32.47 -22.60 11.66
C ARG A 589 31.00 -22.23 11.81
N ILE A 590 30.12 -23.12 12.28
CA ILE A 590 28.73 -22.77 12.52
C ILE A 590 28.37 -23.34 13.90
N VAL A 591 27.90 -22.49 14.81
CA VAL A 591 27.63 -22.89 16.19
C VAL A 591 26.24 -22.42 16.62
N ARG A 592 25.72 -23.06 17.65
CA ARG A 592 24.40 -22.68 18.16
C ARG A 592 24.48 -21.36 18.94
N GLY A 593 23.35 -20.67 18.97
CA GLY A 593 23.26 -19.45 19.73
C GLY A 593 23.12 -19.69 21.21
N THR A 594 23.63 -18.73 21.99
CA THR A 594 23.48 -18.71 23.43
C THR A 594 22.38 -17.75 23.86
N THR A 595 21.62 -17.23 22.88
CA THR A 595 20.69 -16.13 23.04
C THR A 595 19.42 -16.48 23.81
N SER A 596 19.12 -17.77 24.02
CA SER A 596 18.01 -18.14 24.89
C SER A 596 18.43 -19.19 25.92
N GLY A 597 19.71 -19.19 26.29
CA GLY A 597 20.17 -20.01 27.38
C GLY A 597 20.46 -21.45 27.00
N PRO A 598 20.70 -22.29 27.99
CA PRO A 598 21.11 -23.69 27.76
C PRO A 598 19.94 -24.60 27.44
N MET A 599 19.27 -24.31 26.32
CA MET A 599 18.22 -25.12 25.71
C MET A 599 18.79 -25.72 24.44
N TYR A 600 18.82 -27.04 24.36
CA TYR A 600 19.47 -27.74 23.27
C TYR A 600 18.43 -28.42 22.39
N GLY A 601 18.79 -28.67 21.14
CA GLY A 601 17.90 -29.38 20.24
C GLY A 601 17.09 -28.44 19.38
N PRO A 602 15.79 -28.72 19.23
CA PRO A 602 14.95 -27.94 18.30
C PRO A 602 14.84 -26.48 18.69
N GLY A 603 14.57 -25.66 17.68
CA GLY A 603 14.23 -24.25 17.89
C GLY A 603 15.34 -23.39 18.47
N GLN A 604 16.59 -23.62 18.04
CA GLN A 604 17.68 -22.73 18.45
C GLN A 604 17.32 -21.31 18.05
N SER A 605 17.51 -20.38 18.99
CA SER A 605 17.11 -19.00 18.76
C SER A 605 18.12 -18.22 17.92
N SER A 606 19.34 -18.73 17.74
CA SER A 606 20.26 -18.13 16.79
C SER A 606 21.30 -19.16 16.39
N PHE A 607 22.01 -18.85 15.32
CA PHE A 607 23.31 -19.46 15.05
C PHE A 607 24.31 -18.35 14.83
N LEU A 608 25.59 -18.69 14.99
CA LEU A 608 26.66 -17.82 14.53
C LEU A 608 27.53 -18.59 13.55
N ASN A 609 27.98 -17.93 12.50
CA ASN A 609 28.80 -18.60 11.49
C ASN A 609 29.97 -17.71 11.12
N ILE A 610 31.10 -18.35 10.82
CA ILE A 610 32.26 -17.66 10.25
C ILE A 610 32.53 -18.27 8.88
N GLU A 611 31.47 -18.60 8.14
CA GLU A 611 31.60 -19.22 6.82
C GLU A 611 31.91 -18.16 5.76
N LEU A 612 32.59 -18.58 4.70
CA LEU A 612 32.95 -17.69 3.59
C LEU A 612 31.97 -17.88 2.43
N ILE A 613 32.32 -17.33 1.25
CA ILE A 613 31.60 -17.60 0.00
C ILE A 613 31.64 -19.10 -0.27
N SER A 614 30.82 -19.54 -1.24
CA SER A 614 30.86 -20.92 -1.70
C SER A 614 32.29 -21.35 -2.02
N GLU A 615 32.64 -22.57 -1.60
CA GLU A 615 33.86 -23.17 -2.09
C GLU A 615 33.73 -23.73 -3.50
N LYS A 616 32.53 -23.77 -4.05
CA LYS A 616 32.34 -24.34 -5.38
C LYS A 616 32.49 -23.27 -6.44
N THR A 617 32.84 -23.69 -7.65
CA THR A 617 33.29 -22.73 -8.67
C THR A 617 32.10 -22.01 -9.30
N ALA A 618 32.39 -20.85 -9.89
CA ALA A 618 31.41 -20.18 -10.73
C ALA A 618 30.91 -21.09 -11.84
N ALA A 619 31.78 -21.98 -12.34
CA ALA A 619 31.35 -22.89 -13.41
C ALA A 619 30.34 -23.90 -12.88
N TYR A 620 30.60 -24.48 -11.71
CA TYR A 620 29.61 -25.33 -11.07
C TYR A 620 28.28 -24.63 -10.95
N TRP A 621 28.29 -23.40 -10.41
CA TRP A 621 27.04 -22.72 -10.09
C TRP A 621 26.29 -22.31 -11.35
N CYS A 622 27.00 -21.83 -12.35
CA CYS A 622 26.32 -21.38 -13.56
C CYS A 622 25.69 -22.55 -14.31
N GLN A 623 26.44 -23.66 -14.45
CA GLN A 623 25.84 -24.86 -15.03
C GLN A 623 24.67 -25.37 -14.20
N SER A 624 24.79 -25.34 -12.87
CA SER A 624 23.68 -25.73 -12.01
C SER A 624 22.45 -24.85 -12.23
N VAL A 625 22.63 -23.54 -12.35
CA VAL A 625 21.49 -22.65 -12.54
C VAL A 625 20.77 -23.00 -13.85
N THR A 626 21.53 -23.31 -14.90
CA THR A 626 20.91 -23.71 -16.16
C THR A 626 20.06 -24.96 -15.97
N GLU A 627 20.62 -25.96 -15.29
CA GLU A 627 19.89 -27.21 -15.05
C GLU A 627 18.64 -26.99 -14.21
N LEU A 628 18.77 -26.23 -13.11
CA LEU A 628 17.61 -25.98 -12.26
C LEU A 628 16.53 -25.22 -13.02
N LYS A 629 16.93 -24.23 -13.81
CA LYS A 629 15.92 -23.45 -14.52
C LYS A 629 15.27 -24.26 -15.64
N ALA A 630 16.00 -25.20 -16.22
CA ALA A 630 15.41 -26.08 -17.23
C ALA A 630 14.39 -27.02 -16.62
N ASP A 631 14.67 -27.52 -15.41
CA ASP A 631 13.81 -28.50 -14.78
C ASP A 631 12.68 -27.92 -13.95
N PHE A 632 12.82 -26.67 -13.48
CA PHE A 632 11.85 -26.02 -12.62
C PHE A 632 11.61 -24.61 -13.14
N PRO A 633 11.02 -24.47 -14.33
CA PRO A 633 10.87 -23.14 -14.91
C PRO A 633 10.06 -22.17 -14.06
N ASP A 634 9.08 -22.66 -13.28
CA ASP A 634 8.27 -21.77 -12.46
C ASP A 634 8.92 -21.43 -11.11
N ASN A 635 9.99 -22.13 -10.73
CA ASN A 635 10.69 -21.80 -9.50
C ASN A 635 11.76 -20.76 -9.80
N ILE A 636 11.78 -19.67 -9.02
CA ILE A 636 12.72 -18.58 -9.24
C ILE A 636 14.08 -18.94 -8.67
N VAL A 637 15.13 -18.76 -9.46
CA VAL A 637 16.51 -18.99 -9.03
C VAL A 637 17.25 -17.66 -9.12
N ILE A 638 17.82 -17.23 -8.00
CA ILE A 638 18.58 -16.00 -7.90
C ILE A 638 20.02 -16.36 -7.62
N ALA A 639 20.94 -15.93 -8.48
CA ALA A 639 22.37 -16.18 -8.31
C ALA A 639 22.95 -15.13 -7.36
N SER A 640 23.56 -15.56 -6.25
CA SER A 640 24.23 -14.64 -5.35
C SER A 640 25.71 -14.57 -5.69
N ILE A 641 26.22 -13.36 -5.90
CA ILE A 641 27.58 -13.19 -6.39
C ILE A 641 28.31 -12.12 -5.58
N MET A 642 29.64 -12.25 -5.52
CA MET A 642 30.49 -11.28 -4.83
C MET A 642 31.79 -11.08 -5.61
N CYS A 643 32.20 -9.82 -5.77
CA CYS A 643 33.53 -9.47 -6.28
C CYS A 643 34.16 -8.46 -5.35
N SER A 644 35.48 -8.28 -5.52
CA SER A 644 36.13 -7.14 -4.90
C SER A 644 35.66 -5.87 -5.59
N TYR A 645 36.08 -4.72 -5.05
CA TYR A 645 35.59 -3.43 -5.56
C TYR A 645 36.28 -3.15 -6.89
N ASN A 646 35.76 -3.78 -7.94
CA ASN A 646 36.42 -3.76 -9.24
C ASN A 646 35.32 -3.80 -10.29
N LYS A 647 35.29 -2.78 -11.16
CA LYS A 647 34.20 -2.69 -12.13
C LYS A 647 34.23 -3.87 -13.10
N ASN A 648 35.42 -4.24 -13.57
CA ASN A 648 35.50 -5.31 -14.56
C ASN A 648 35.05 -6.65 -13.96
N ASP A 649 35.43 -6.90 -12.71
CA ASP A 649 35.04 -8.15 -12.05
C ASP A 649 33.52 -8.25 -11.90
N TRP A 650 32.88 -7.21 -11.33
CA TRP A 650 31.43 -7.27 -11.17
C TRP A 650 30.72 -7.44 -12.52
N MET A 651 31.18 -6.77 -13.55
CA MET A 651 30.54 -6.93 -14.86
C MET A 651 30.75 -8.34 -15.41
N GLU A 652 31.95 -8.89 -15.27
CA GLU A 652 32.20 -10.24 -15.78
C GLU A 652 31.36 -11.29 -15.05
N LEU A 653 31.35 -11.26 -13.73
CA LEU A 653 30.65 -12.28 -12.96
C LEU A 653 29.13 -12.14 -13.12
N SER A 654 28.61 -10.91 -13.10
CA SER A 654 27.17 -10.76 -13.26
C SER A 654 26.72 -11.19 -14.65
N ARG A 655 27.54 -10.96 -15.69
CA ARG A 655 27.15 -11.42 -17.02
C ARG A 655 27.20 -12.94 -17.11
N LYS A 656 28.18 -13.55 -16.47
CA LYS A 656 28.25 -15.00 -16.42
C LYS A 656 26.98 -15.58 -15.79
N ALA A 657 26.56 -14.99 -14.68
CA ALA A 657 25.41 -15.53 -13.96
C ALA A 657 24.13 -15.29 -14.76
N GLU A 658 23.99 -14.12 -15.39
CA GLU A 658 22.84 -13.85 -16.24
C GLU A 658 22.78 -14.80 -17.43
N ALA A 659 23.92 -15.06 -18.08
CA ALA A 659 23.96 -15.97 -19.22
C ALA A 659 23.58 -17.40 -18.82
N SER A 660 23.77 -17.78 -17.57
CA SER A 660 23.38 -19.12 -17.16
C SER A 660 21.87 -19.26 -17.04
N GLY A 661 21.11 -18.17 -17.09
CA GLY A 661 19.67 -18.24 -17.01
C GLY A 661 19.10 -17.90 -15.65
N ALA A 662 19.89 -17.30 -14.76
CA ALA A 662 19.37 -16.81 -13.50
C ALA A 662 18.22 -15.85 -13.72
N ASP A 663 17.15 -16.01 -12.94
CA ASP A 663 16.03 -15.08 -13.01
C ASP A 663 16.44 -13.68 -12.56
N ALA A 664 17.38 -13.61 -11.62
CA ALA A 664 17.81 -12.37 -10.98
C ALA A 664 19.17 -12.61 -10.38
N LEU A 665 19.82 -11.53 -9.98
CA LEU A 665 21.06 -11.60 -9.22
C LEU A 665 20.88 -10.96 -7.86
N GLU A 666 21.66 -11.43 -6.89
CA GLU A 666 21.75 -10.82 -5.57
C GLU A 666 23.21 -10.48 -5.37
N LEU A 667 23.50 -9.21 -5.09
CA LEU A 667 24.87 -8.78 -4.87
C LEU A 667 25.18 -8.88 -3.38
N ASN A 668 26.09 -9.79 -3.02
CA ASN A 668 26.54 -9.88 -1.63
C ASN A 668 27.56 -8.77 -1.39
N LEU A 669 27.18 -7.77 -0.61
CA LEU A 669 28.03 -6.60 -0.41
C LEU A 669 28.94 -6.73 0.83
N SER A 670 29.44 -7.95 1.11
CA SER A 670 30.23 -8.21 2.32
C SER A 670 31.73 -8.16 2.08
N CYS A 671 32.20 -7.87 0.88
CA CYS A 671 33.63 -7.84 0.64
C CYS A 671 34.25 -6.58 1.26
N PRO A 672 35.41 -6.70 1.90
CA PRO A 672 36.04 -5.51 2.50
C PRO A 672 36.64 -4.60 1.43
N HIS A 673 36.76 -3.32 1.78
CA HIS A 673 37.46 -2.37 0.93
C HIS A 673 37.97 -1.22 1.80
N GLY A 674 39.15 -0.70 1.44
CA GLY A 674 39.78 0.36 2.19
C GLY A 674 40.21 -0.12 3.56
N MET A 675 40.35 0.83 4.47
CA MET A 675 40.69 0.52 5.86
C MET A 675 39.41 0.19 6.64
N GLY A 676 38.57 1.19 6.86
CA GLY A 676 37.24 0.86 7.34
C GLY A 676 36.82 1.41 8.67
N GLU A 677 36.91 2.74 8.83
CA GLU A 677 36.26 3.40 9.94
C GLU A 677 36.24 4.92 9.78
N ARG A 678 36.15 5.39 8.54
CA ARG A 678 35.90 6.81 8.31
C ARG A 678 34.44 7.09 8.64
N GLY A 679 33.91 6.40 9.66
CA GLY A 679 32.49 6.37 9.89
C GLY A 679 31.74 5.32 9.11
N MET A 680 32.33 4.72 8.07
CA MET A 680 31.57 3.80 7.23
C MET A 680 32.14 2.38 7.18
N GLY A 681 33.14 2.05 8.00
CA GLY A 681 33.48 0.65 8.19
C GLY A 681 34.18 -0.01 6.99
N LEU A 682 34.37 -1.34 7.13
CA LEU A 682 35.26 -2.11 6.25
C LEU A 682 34.55 -2.72 5.03
N ALA A 683 33.35 -3.26 5.18
CA ALA A 683 32.72 -3.93 4.05
C ALA A 683 32.14 -2.91 3.06
N CYS A 684 32.12 -3.29 1.77
CA CYS A 684 31.53 -2.42 0.76
C CYS A 684 30.11 -2.04 1.13
N GLY A 685 29.36 -2.97 1.74
CA GLY A 685 27.97 -2.71 2.05
C GLY A 685 27.74 -1.71 3.17
N GLN A 686 28.80 -1.25 3.83
CA GLN A 686 28.64 -0.25 4.87
C GLN A 686 28.85 1.19 4.38
N ASP A 687 29.18 1.38 3.10
CA ASP A 687 29.48 2.71 2.55
C ASP A 687 28.56 3.02 1.37
N PRO A 688 27.71 4.04 1.46
CA PRO A 688 26.76 4.31 0.36
C PRO A 688 27.40 4.59 -0.98
N GLU A 689 28.56 5.26 -1.01
CA GLU A 689 29.23 5.55 -2.28
C GLU A 689 29.59 4.26 -2.99
N LEU A 690 30.11 3.29 -2.24
CA LEU A 690 30.59 2.07 -2.85
C LEU A 690 29.43 1.21 -3.35
N VAL A 691 28.34 1.15 -2.58
CA VAL A 691 27.16 0.39 -3.01
C VAL A 691 26.60 1.00 -4.29
N ARG A 692 26.50 2.32 -4.34
CA ARG A 692 25.96 2.97 -5.53
C ARG A 692 26.79 2.62 -6.76
N ASN A 693 28.12 2.64 -6.63
CA ASN A 693 28.97 2.36 -7.77
C ASN A 693 28.84 0.92 -8.20
N ILE A 694 28.92 -0.02 -7.26
CA ILE A 694 28.77 -1.44 -7.60
C ILE A 694 27.46 -1.65 -8.35
N CYS A 695 26.38 -1.04 -7.85
CA CYS A 695 25.09 -1.23 -8.50
C CYS A 695 25.09 -0.63 -9.91
N ARG A 696 25.78 0.49 -10.11
CA ARG A 696 25.89 1.05 -11.45
C ARG A 696 26.58 0.09 -12.40
N TRP A 697 27.70 -0.49 -11.95
CA TRP A 697 28.46 -1.43 -12.76
C TRP A 697 27.61 -2.61 -13.20
N VAL A 698 26.88 -3.22 -12.25
CA VAL A 698 26.03 -4.36 -12.56
C VAL A 698 24.89 -3.95 -13.47
N ARG A 699 24.28 -2.79 -13.21
CA ARG A 699 23.18 -2.33 -14.05
C ARG A 699 23.62 -2.16 -15.50
N GLN A 700 24.84 -1.62 -15.71
CA GLN A 700 25.37 -1.53 -17.07
C GLN A 700 25.56 -2.90 -17.70
N ALA A 701 25.92 -3.92 -16.90
CA ALA A 701 26.40 -5.17 -17.47
C ALA A 701 25.29 -6.13 -17.83
N VAL A 702 24.16 -6.08 -17.11
CA VAL A 702 23.13 -7.10 -17.23
C VAL A 702 21.78 -6.42 -17.40
N GLN A 703 20.83 -7.19 -17.92
CA GLN A 703 19.49 -6.72 -18.16
C GLN A 703 18.45 -7.35 -17.24
N ILE A 704 18.78 -8.42 -16.53
CA ILE A 704 17.85 -9.05 -15.59
C ILE A 704 17.79 -8.26 -14.28
N PRO A 705 16.74 -8.41 -13.48
CA PRO A 705 16.70 -7.68 -12.21
C PRO A 705 17.84 -8.11 -11.28
N PHE A 706 18.26 -7.19 -10.42
CA PHE A 706 19.22 -7.56 -9.40
C PHE A 706 18.92 -6.80 -8.12
N PHE A 707 19.36 -7.40 -7.02
CA PHE A 707 19.03 -6.94 -5.69
C PHE A 707 20.31 -6.82 -4.87
N ALA A 708 20.44 -5.74 -4.12
CA ALA A 708 21.59 -5.56 -3.25
C ALA A 708 21.27 -6.13 -1.86
N LYS A 709 22.12 -7.02 -1.36
CA LYS A 709 21.94 -7.59 -0.03
C LYS A 709 22.63 -6.70 1.00
N LEU A 710 21.82 -6.03 1.82
CA LEU A 710 22.31 -5.04 2.76
C LEU A 710 22.78 -5.71 4.06
N THR A 711 23.78 -5.10 4.68
CA THR A 711 24.15 -5.53 6.03
C THR A 711 23.39 -4.71 7.07
N PRO A 712 22.99 -5.32 8.19
CA PRO A 712 22.38 -4.54 9.27
C PRO A 712 23.42 -3.80 10.10
N ASN A 713 24.70 -4.08 9.89
CA ASN A 713 25.78 -3.52 10.68
C ASN A 713 26.18 -2.13 10.17
N VAL A 714 25.19 -1.23 10.16
CA VAL A 714 25.37 0.11 9.63
C VAL A 714 24.59 1.10 10.48
N THR A 715 25.09 2.33 10.53
CA THR A 715 24.38 3.36 11.27
C THR A 715 23.00 3.61 10.67
N ASP A 716 22.94 3.76 9.34
CA ASP A 716 21.70 4.16 8.68
C ASP A 716 21.51 3.27 7.45
N ILE A 717 20.70 2.23 7.59
CA ILE A 717 20.57 1.28 6.49
C ILE A 717 19.80 1.90 5.32
N VAL A 718 18.92 2.88 5.60
CA VAL A 718 18.18 3.53 4.51
C VAL A 718 19.14 4.21 3.54
N SER A 719 20.26 4.73 4.04
CA SER A 719 21.17 5.42 3.15
C SER A 719 21.85 4.44 2.20
N ILE A 720 22.09 3.21 2.65
CA ILE A 720 22.63 2.18 1.75
C ILE A 720 21.56 1.73 0.74
N ALA A 721 20.35 1.45 1.23
CA ALA A 721 19.26 1.07 0.32
C ALA A 721 19.00 2.16 -0.71
N ARG A 722 19.03 3.43 -0.30
CA ARG A 722 18.81 4.52 -1.24
C ARG A 722 19.93 4.60 -2.28
N ALA A 723 21.18 4.41 -1.83
CA ALA A 723 22.31 4.36 -2.77
C ALA A 723 22.15 3.23 -3.78
N ALA A 724 21.68 2.07 -3.33
CA ALA A 724 21.49 0.94 -4.25
C ALA A 724 20.43 1.26 -5.29
N LYS A 725 19.31 1.87 -4.84
CA LYS A 725 18.28 2.31 -5.77
C LYS A 725 18.83 3.33 -6.75
N GLU A 726 19.64 4.29 -6.27
CA GLU A 726 20.22 5.29 -7.16
C GLU A 726 21.16 4.66 -8.17
N GLY A 727 21.87 3.60 -7.78
CA GLY A 727 22.75 2.91 -8.70
C GLY A 727 22.03 2.06 -9.73
N GLY A 728 20.72 1.88 -9.60
CA GLY A 728 19.96 1.08 -10.54
C GLY A 728 19.53 -0.29 -10.08
N ALA A 729 19.72 -0.65 -8.81
CA ALA A 729 19.24 -1.94 -8.34
C ALA A 729 17.71 -1.99 -8.37
N ASP A 730 17.18 -3.17 -8.61
CA ASP A 730 15.74 -3.37 -8.67
C ASP A 730 15.10 -3.63 -7.31
N GLY A 731 15.89 -3.71 -6.26
CA GLY A 731 15.38 -3.95 -4.92
C GLY A 731 16.55 -4.25 -4.00
N VAL A 732 16.22 -4.54 -2.74
CA VAL A 732 17.23 -4.87 -1.73
C VAL A 732 16.80 -6.13 -0.97
N THR A 733 17.79 -6.90 -0.54
CA THR A 733 17.61 -7.97 0.43
C THR A 733 18.00 -7.45 1.80
N ALA A 734 17.04 -7.45 2.74
CA ALA A 734 17.24 -6.95 4.09
C ALA A 734 16.83 -8.03 5.07
N THR A 735 17.79 -8.60 5.80
CA THR A 735 19.21 -8.19 5.83
C THR A 735 20.14 -9.40 5.98
N ASN A 736 21.44 -9.17 5.85
CA ASN A 736 22.43 -10.19 6.16
C ASN A 736 22.52 -10.37 7.68
N THR A 737 23.53 -11.12 8.13
CA THR A 737 23.67 -11.46 9.54
C THR A 737 24.19 -10.26 10.33
N VAL A 738 23.93 -10.30 11.63
CA VAL A 738 24.42 -9.30 12.57
C VAL A 738 25.78 -9.75 13.09
N SER A 739 26.76 -8.86 13.05
CA SER A 739 28.10 -9.19 13.51
C SER A 739 28.09 -9.42 15.03
N GLY A 740 28.73 -10.50 15.48
CA GLY A 740 28.71 -10.79 16.90
C GLY A 740 29.80 -11.76 17.30
N LEU A 741 29.94 -11.89 18.62
CA LEU A 741 30.74 -12.93 19.25
C LEU A 741 29.78 -13.71 20.16
N MET A 742 29.58 -14.99 19.88
CA MET A 742 28.46 -15.67 20.55
C MET A 742 28.73 -16.00 21.99
N GLY A 743 29.98 -16.19 22.35
CA GLY A 743 30.30 -16.34 23.75
C GLY A 743 31.65 -16.99 23.91
N LEU A 744 32.02 -17.16 25.16
CA LEU A 744 33.31 -17.71 25.57
C LEU A 744 33.08 -18.85 26.54
N LYS A 745 34.00 -19.80 26.55
CA LYS A 745 34.00 -20.82 27.59
C LYS A 745 34.45 -20.20 28.91
N ALA A 746 34.31 -20.95 29.99
CA ALA A 746 34.66 -20.35 31.28
C ALA A 746 36.16 -20.10 31.39
N ASP A 747 36.98 -20.83 30.64
CA ASP A 747 38.41 -20.60 30.62
C ASP A 747 38.83 -19.48 29.68
N GLY A 748 37.89 -18.82 29.00
CA GLY A 748 38.20 -17.71 28.15
C GLY A 748 38.31 -18.04 26.67
N THR A 749 38.30 -19.31 26.30
CA THR A 749 38.40 -19.66 24.89
C THR A 749 37.07 -19.46 24.18
N PRO A 750 37.10 -19.14 22.90
CA PRO A 750 35.87 -18.86 22.16
C PRO A 750 35.22 -20.12 21.59
N TRP A 751 34.01 -19.93 21.11
CA TRP A 751 33.32 -20.96 20.33
C TRP A 751 32.58 -20.25 19.21
N PRO A 752 32.88 -20.56 17.93
CA PRO A 752 33.86 -21.55 17.44
C PRO A 752 35.31 -21.26 17.81
N ALA A 753 36.10 -22.30 18.05
CA ALA A 753 37.54 -22.18 18.25
C ALA A 753 38.23 -23.01 17.18
N VAL A 754 39.17 -22.38 16.46
CA VAL A 754 39.80 -23.00 15.29
C VAL A 754 41.27 -23.28 15.59
N GLY A 755 41.70 -24.53 15.37
CA GLY A 755 43.10 -24.88 15.49
C GLY A 755 43.51 -25.19 16.92
N ALA A 756 44.78 -25.56 17.07
CA ALA A 756 45.32 -25.76 18.42
C ALA A 756 45.39 -24.44 19.19
N GLY A 757 45.49 -23.31 18.49
CA GLY A 757 45.48 -21.99 19.13
C GLY A 757 44.12 -21.55 19.65
N LYS A 758 43.04 -22.25 19.28
CA LYS A 758 41.68 -21.96 19.72
C LYS A 758 41.25 -20.53 19.36
N ARG A 759 41.54 -20.14 18.13
CA ARG A 759 41.32 -18.79 17.68
C ARG A 759 39.91 -18.65 17.09
N THR A 760 39.42 -17.41 17.06
CA THR A 760 38.15 -17.11 16.40
C THR A 760 38.23 -15.73 15.77
N THR A 761 37.15 -15.36 15.07
CA THR A 761 36.97 -14.00 14.59
C THR A 761 35.49 -13.71 14.69
N TYR A 762 35.10 -12.45 14.51
CA TYR A 762 33.67 -12.16 14.65
C TYR A 762 32.89 -12.89 13.57
N GLY A 763 31.69 -13.35 13.93
CA GLY A 763 30.85 -14.09 13.02
C GLY A 763 29.54 -13.36 12.80
N GLY A 764 28.68 -13.99 11.99
CA GLY A 764 27.36 -13.45 11.73
C GLY A 764 26.33 -14.20 12.55
N VAL A 765 25.50 -13.45 13.25
CA VAL A 765 24.38 -14.03 14.01
C VAL A 765 23.17 -14.08 13.11
N SER A 766 22.52 -15.24 13.06
CA SER A 766 21.30 -15.45 12.30
C SER A 766 20.21 -15.92 13.25
N GLY A 767 18.97 -15.98 12.77
CA GLY A 767 17.90 -16.66 13.49
C GLY A 767 16.92 -15.70 14.16
N THR A 768 16.06 -16.28 15.00
CA THR A 768 14.98 -15.48 15.57
C THR A 768 15.53 -14.41 16.50
N ALA A 769 16.75 -14.56 17.03
CA ALA A 769 17.33 -13.54 17.88
C ALA A 769 17.56 -12.22 17.13
N ILE A 770 17.77 -12.25 15.81
CA ILE A 770 17.98 -11.02 15.06
C ILE A 770 16.70 -10.55 14.35
N ARG A 771 15.60 -11.23 14.55
CA ARG A 771 14.37 -10.80 13.88
C ARG A 771 13.94 -9.38 14.20
N PRO A 772 14.04 -8.88 15.43
CA PRO A 772 13.68 -7.46 15.65
C PRO A 772 14.54 -6.49 14.84
N ILE A 773 15.80 -6.84 14.60
CA ILE A 773 16.68 -5.98 13.82
C ILE A 773 16.26 -6.01 12.35
N ALA A 774 15.98 -7.21 11.83
CA ALA A 774 15.58 -7.33 10.43
C ALA A 774 14.20 -6.72 10.20
N LEU A 775 13.29 -6.88 11.15
CA LEU A 775 11.98 -6.27 11.00
C LEU A 775 12.08 -4.75 11.00
N ARG A 776 12.91 -4.19 11.87
CA ARG A 776 13.10 -2.74 11.85
C ARG A 776 13.73 -2.29 10.54
N ALA A 777 14.70 -3.04 10.02
CA ALA A 777 15.34 -2.65 8.77
C ALA A 777 14.35 -2.68 7.61
N VAL A 778 13.54 -3.72 7.52
CA VAL A 778 12.55 -3.82 6.46
C VAL A 778 11.57 -2.67 6.54
N THR A 779 11.03 -2.43 7.75
CA THR A 779 10.06 -1.36 7.98
C THR A 779 10.63 0.02 7.64
N THR A 780 11.87 0.32 8.05
CA THR A 780 12.39 1.67 7.80
C THR A 780 12.65 1.89 6.32
N ILE A 781 13.19 0.89 5.62
CA ILE A 781 13.37 1.01 4.16
C ILE A 781 12.03 1.17 3.47
N ALA A 782 11.04 0.36 3.87
CA ALA A 782 9.72 0.39 3.24
C ALA A 782 9.03 1.74 3.41
N ARG A 783 9.24 2.40 4.56
CA ARG A 783 8.69 3.72 4.79
C ARG A 783 9.50 4.80 4.07
N ALA A 784 10.81 4.61 3.94
CA ALA A 784 11.62 5.65 3.32
C ALA A 784 11.60 5.55 1.80
N LEU A 785 11.47 4.33 1.27
CA LEU A 785 11.51 4.08 -0.18
C LEU A 785 10.28 3.26 -0.56
N PRO A 786 9.10 3.86 -0.52
CA PRO A 786 7.87 3.08 -0.76
C PRO A 786 7.87 2.48 -2.16
N GLY A 787 7.48 1.21 -2.26
CA GLY A 787 7.41 0.52 -3.52
C GLY A 787 8.71 -0.06 -4.03
N PHE A 788 9.82 0.25 -3.39
CA PHE A 788 11.10 -0.38 -3.74
C PHE A 788 11.10 -1.81 -3.21
N PRO A 789 11.25 -2.82 -4.07
CA PRO A 789 11.02 -4.21 -3.62
C PRO A 789 12.00 -4.63 -2.53
N ILE A 790 11.48 -5.34 -1.51
CA ILE A 790 12.32 -5.86 -0.44
C ILE A 790 12.16 -7.37 -0.35
N LEU A 791 13.30 -8.06 -0.34
CA LEU A 791 13.37 -9.49 -0.01
C LEU A 791 13.84 -9.57 1.45
N ALA A 792 12.97 -10.06 2.33
CA ALA A 792 13.25 -10.05 3.76
C ALA A 792 14.06 -11.27 4.16
N THR A 793 14.97 -11.09 5.10
CA THR A 793 15.76 -12.18 5.67
C THR A 793 16.05 -11.84 7.12
N GLY A 794 15.85 -12.79 8.02
CA GLY A 794 16.18 -12.54 9.41
C GLY A 794 15.18 -13.16 10.36
N GLY A 795 15.35 -14.44 10.65
CA GLY A 795 14.54 -15.10 11.65
C GLY A 795 13.14 -15.49 11.22
N ILE A 796 12.88 -15.59 9.92
CA ILE A 796 11.57 -16.06 9.46
C ILE A 796 11.50 -17.56 9.64
N ASP A 797 10.52 -18.03 10.43
CA ASP A 797 10.44 -19.45 10.75
C ASP A 797 9.01 -19.99 10.78
N SER A 798 8.06 -19.32 10.13
CA SER A 798 6.67 -19.72 10.14
C SER A 798 5.91 -18.83 9.19
N ALA A 799 4.70 -19.25 8.84
CA ALA A 799 3.81 -18.37 8.08
C ALA A 799 3.48 -17.11 8.87
N GLU A 800 3.26 -17.23 10.18
CA GLU A 800 2.93 -16.06 11.00
C GLU A 800 4.04 -15.02 10.96
N SER A 801 5.29 -15.45 11.19
CA SER A 801 6.37 -14.48 11.15
C SER A 801 6.61 -14.00 9.72
N GLY A 802 6.41 -14.86 8.72
CA GLY A 802 6.48 -14.39 7.35
C GLY A 802 5.50 -13.27 7.05
N LEU A 803 4.26 -13.41 7.55
CA LEU A 803 3.24 -12.38 7.34
C LEU A 803 3.59 -11.07 8.06
N GLN A 804 4.28 -11.15 9.20
CA GLN A 804 4.76 -9.92 9.82
C GLN A 804 5.69 -9.15 8.88
N PHE A 805 6.59 -9.86 8.20
CA PHE A 805 7.49 -9.21 7.26
C PHE A 805 6.75 -8.68 6.04
N LEU A 806 5.77 -9.42 5.53
CA LEU A 806 4.96 -8.91 4.42
C LEU A 806 4.21 -7.64 4.83
N HIS A 807 3.58 -7.67 6.01
CA HIS A 807 2.89 -6.50 6.53
C HIS A 807 3.83 -5.31 6.66
N SER A 808 5.12 -5.58 6.84
CA SER A 808 6.12 -4.54 7.06
C SER A 808 6.70 -3.99 5.77
N GLY A 809 6.31 -4.52 4.61
CA GLY A 809 6.76 -3.98 3.33
C GLY A 809 7.56 -4.94 2.49
N ALA A 810 7.84 -6.16 2.93
CA ALA A 810 8.57 -7.11 2.11
C ALA A 810 7.62 -7.81 1.14
N SER A 811 8.15 -8.24 0.00
CA SER A 811 7.34 -8.98 -0.94
C SER A 811 7.58 -10.48 -0.89
N VAL A 812 8.81 -10.90 -0.59
CA VAL A 812 9.16 -12.30 -0.50
C VAL A 812 10.08 -12.46 0.71
N LEU A 813 10.32 -13.73 1.06
CA LEU A 813 10.71 -14.14 2.42
C LEU A 813 11.78 -15.22 2.29
N GLN A 814 13.04 -14.85 2.55
CA GLN A 814 14.15 -15.79 2.55
C GLN A 814 14.33 -16.43 3.92
N VAL A 815 14.72 -17.72 3.92
CA VAL A 815 14.81 -18.52 5.14
C VAL A 815 16.14 -19.27 5.13
N CYS A 816 16.85 -19.23 6.26
CA CYS A 816 18.03 -20.08 6.45
C CYS A 816 17.92 -20.85 7.76
N SER A 817 17.94 -20.11 8.88
CA SER A 817 18.13 -20.75 10.18
C SER A 817 17.01 -21.71 10.51
N ALA A 818 15.78 -21.41 10.08
CA ALA A 818 14.66 -22.30 10.37
C ALA A 818 14.81 -23.63 9.65
N VAL A 819 15.50 -23.65 8.49
CA VAL A 819 15.81 -24.93 7.84
C VAL A 819 16.97 -25.63 8.55
N GLN A 820 18.00 -24.87 8.98
CA GLN A 820 19.08 -25.47 9.76
C GLN A 820 18.54 -26.16 11.02
N ASN A 821 17.50 -25.57 11.62
CA ASN A 821 16.82 -26.11 12.79
C ASN A 821 15.94 -27.31 12.46
N GLN A 822 15.69 -27.58 11.19
CA GLN A 822 14.74 -28.61 10.81
C GLN A 822 15.16 -29.28 9.50
N ASP A 823 14.40 -29.04 8.43
CA ASP A 823 14.65 -29.61 7.10
C ASP A 823 13.78 -28.87 6.08
N PHE A 824 13.88 -29.26 4.80
CA PHE A 824 13.18 -28.53 3.75
C PHE A 824 11.66 -28.63 3.85
N THR A 825 11.11 -29.65 4.54
CA THR A 825 9.65 -29.82 4.48
C THR A 825 8.89 -28.77 5.29
N VAL A 826 9.58 -27.88 6.01
CA VAL A 826 8.83 -26.81 6.66
C VAL A 826 8.06 -25.96 5.65
N ILE A 827 8.46 -26.00 4.37
CA ILE A 827 7.76 -25.21 3.35
C ILE A 827 6.29 -25.58 3.30
N GLN A 828 5.96 -26.86 3.49
CA GLN A 828 4.57 -27.29 3.51
C GLN A 828 3.83 -26.60 4.64
N ASP A 829 4.47 -26.51 5.81
CA ASP A 829 3.85 -25.76 6.91
C ASP A 829 3.69 -24.28 6.57
N TYR A 830 4.71 -23.68 5.94
CA TYR A 830 4.61 -22.26 5.63
C TYR A 830 3.48 -22.00 4.64
N CYS A 831 3.33 -22.84 3.62
CA CYS A 831 2.33 -22.57 2.58
C CYS A 831 0.91 -22.75 3.11
N THR A 832 0.60 -23.87 3.78
CA THR A 832 -0.74 -24.01 4.32
C THR A 832 -1.02 -22.98 5.40
N GLY A 833 0.01 -22.64 6.19
CA GLY A 833 -0.18 -21.62 7.22
C GLY A 833 -0.51 -20.27 6.65
N LEU A 834 0.15 -19.89 5.54
CA LEU A 834 -0.14 -18.59 4.93
C LEU A 834 -1.51 -18.60 4.26
N LYS A 835 -1.86 -19.67 3.56
CA LYS A 835 -3.22 -19.81 3.04
C LYS A 835 -4.25 -19.62 4.16
N ALA A 836 -4.06 -20.32 5.29
CA ALA A 836 -5.03 -20.25 6.36
C ALA A 836 -5.12 -18.84 6.94
N LEU A 837 -3.99 -18.17 7.12
CA LEU A 837 -4.05 -16.81 7.67
C LEU A 837 -4.80 -15.87 6.73
N LEU A 838 -4.63 -16.03 5.41
CA LEU A 838 -5.33 -15.12 4.51
C LEU A 838 -6.81 -15.48 4.43
N TYR A 839 -7.11 -16.78 4.43
CA TYR A 839 -8.50 -17.23 4.43
C TYR A 839 -9.27 -16.65 5.61
N LEU A 840 -8.69 -16.70 6.81
CA LEU A 840 -9.43 -16.31 8.01
C LEU A 840 -9.78 -14.82 8.01
N LYS A 841 -9.00 -14.01 7.30
CA LYS A 841 -9.29 -12.57 7.22
C LYS A 841 -10.64 -12.29 6.54
N SER A 842 -11.17 -13.25 5.79
CA SER A 842 -12.45 -13.08 5.12
C SER A 842 -13.62 -13.54 5.96
N ILE A 843 -13.37 -14.09 7.15
CA ILE A 843 -14.39 -14.76 7.94
C ILE A 843 -14.80 -13.81 9.06
N GLU A 844 -15.95 -13.17 8.88
CA GLU A 844 -16.39 -12.15 9.83
C GLU A 844 -16.53 -12.73 11.23
N GLU A 845 -16.99 -13.97 11.34
CA GLU A 845 -17.27 -14.53 12.67
C GLU A 845 -16.02 -14.80 13.49
N LEU A 846 -14.84 -14.72 12.87
CA LEU A 846 -13.58 -15.01 13.55
C LEU A 846 -12.72 -13.76 13.73
N GLN A 847 -13.32 -12.58 13.61
CA GLN A 847 -12.59 -11.33 13.74
C GLN A 847 -11.85 -11.23 15.07
N GLY A 848 -12.39 -11.82 16.13
CA GLY A 848 -11.78 -11.75 17.46
C GLY A 848 -10.52 -12.58 17.62
N TRP A 849 -10.21 -13.45 16.66
CA TRP A 849 -9.01 -14.28 16.71
C TRP A 849 -7.78 -13.47 16.34
N ASP A 850 -6.62 -13.89 16.85
CA ASP A 850 -5.36 -13.33 16.38
C ASP A 850 -4.76 -14.36 15.43
N GLY A 851 -4.98 -14.15 14.13
CA GLY A 851 -4.57 -15.15 13.17
C GLY A 851 -5.29 -16.46 13.38
N GLN A 852 -4.54 -17.53 13.60
CA GLN A 852 -5.16 -18.83 13.86
C GLN A 852 -5.40 -19.11 15.35
N SER A 853 -5.19 -18.11 16.23
CA SER A 853 -5.36 -18.29 17.67
C SER A 853 -6.74 -17.83 18.09
N PRO A 854 -7.62 -18.71 18.57
CA PRO A 854 -8.90 -18.24 19.12
C PRO A 854 -8.65 -17.25 20.24
N GLY A 855 -9.60 -16.33 20.44
CA GLY A 855 -9.54 -15.47 21.61
C GLY A 855 -9.41 -16.31 22.86
N THR A 856 -8.51 -15.94 23.78
CA THR A 856 -8.21 -16.78 24.93
C THR A 856 -9.36 -16.75 25.93
N GLU A 857 -9.92 -17.91 26.23
CA GLU A 857 -10.99 -18.04 27.21
C GLU A 857 -10.39 -18.38 28.58
N SER A 858 -11.09 -18.00 29.64
CA SER A 858 -10.57 -18.22 30.97
C SER A 858 -10.45 -19.73 31.23
N HIS A 859 -9.25 -20.16 31.60
CA HIS A 859 -8.94 -21.58 31.71
C HIS A 859 -8.02 -21.84 32.89
N GLN A 860 -7.94 -23.13 33.27
CA GLN A 860 -6.90 -23.67 34.13
C GLN A 860 -6.49 -25.00 33.51
N LYS A 861 -5.19 -25.17 33.24
CA LYS A 861 -4.65 -26.32 32.49
C LYS A 861 -5.36 -26.50 31.15
N GLY A 862 -5.79 -25.39 30.54
CA GLY A 862 -6.46 -25.45 29.26
C GLY A 862 -7.87 -26.00 29.31
N LYS A 863 -8.39 -26.28 30.49
CA LYS A 863 -9.81 -26.54 30.59
C LYS A 863 -10.53 -25.28 31.06
N PRO A 864 -11.66 -24.95 30.43
CA PRO A 864 -12.34 -23.68 30.78
C PRO A 864 -12.86 -23.72 32.22
N VAL A 865 -12.78 -22.59 32.90
CA VAL A 865 -13.26 -22.53 34.27
C VAL A 865 -14.78 -22.47 34.26
N PRO A 866 -15.46 -23.15 35.17
CA PRO A 866 -16.93 -23.06 35.22
C PRO A 866 -17.40 -21.63 35.44
N ARG A 867 -18.28 -21.16 34.55
CA ARG A 867 -18.90 -19.85 34.71
C ARG A 867 -20.05 -20.01 35.69
N ILE A 868 -19.72 -19.91 36.98
CA ILE A 868 -20.66 -20.06 38.08
C ILE A 868 -20.53 -18.84 38.99
N ALA A 869 -21.67 -18.21 39.29
CA ALA A 869 -21.67 -16.97 40.06
C ALA A 869 -20.92 -17.10 41.37
N GLU A 870 -21.34 -18.04 42.23
CA GLU A 870 -20.74 -18.26 43.55
C GLU A 870 -19.28 -18.72 43.41
N LEU A 871 -18.81 -18.90 42.18
CA LEU A 871 -17.42 -19.28 41.96
C LEU A 871 -16.54 -18.12 41.51
N MET A 872 -17.13 -17.01 41.06
CA MET A 872 -16.41 -15.92 40.40
C MET A 872 -16.18 -14.76 41.36
N GLY A 873 -14.94 -14.28 41.40
CA GLY A 873 -14.61 -13.17 42.27
C GLY A 873 -14.66 -13.47 43.75
N LYS A 874 -14.70 -14.74 44.12
CA LYS A 874 -14.80 -15.16 45.52
C LYS A 874 -13.43 -15.38 46.16
N LYS A 875 -12.35 -14.99 45.49
CA LYS A 875 -11.00 -15.11 46.04
C LYS A 875 -10.67 -16.56 46.37
N LEU A 876 -10.98 -17.46 45.44
CA LEU A 876 -10.79 -18.89 45.66
C LEU A 876 -9.76 -19.41 44.67
N PRO A 877 -8.47 -19.34 45.00
CA PRO A 877 -7.46 -19.93 44.11
C PRO A 877 -7.57 -21.45 44.11
N ASN A 878 -6.83 -22.06 43.20
CA ASN A 878 -6.92 -23.51 42.98
C ASN A 878 -5.96 -24.31 43.84
N PHE A 879 -5.92 -24.04 45.15
CA PHE A 879 -5.12 -24.87 46.03
C PHE A 879 -5.72 -24.89 47.44
N GLY A 880 -5.24 -25.84 48.25
CA GLY A 880 -5.51 -25.84 49.67
C GLY A 880 -6.99 -25.86 49.97
N PRO A 881 -7.39 -25.17 51.04
CA PRO A 881 -8.82 -25.20 51.41
C PRO A 881 -9.70 -24.46 50.42
N TYR A 882 -9.14 -23.54 49.62
CA TYR A 882 -9.93 -22.83 48.61
C TYR A 882 -10.39 -23.76 47.50
N LEU A 883 -9.49 -24.66 47.06
CA LEU A 883 -9.85 -25.64 46.04
C LEU A 883 -10.99 -26.52 46.53
N GLU A 884 -11.00 -26.85 47.81
CA GLU A 884 -12.02 -27.76 48.27
C GLU A 884 -13.38 -27.03 48.33
N GLN A 885 -13.40 -25.71 48.58
CA GLN A 885 -14.63 -24.94 48.43
C GLN A 885 -15.05 -24.83 46.97
N ARG A 886 -14.11 -24.59 46.05
CA ARG A 886 -14.46 -24.61 44.63
C ARG A 886 -15.10 -25.92 44.23
N LYS A 887 -14.56 -27.05 44.71
CA LYS A 887 -15.13 -28.34 44.35
C LYS A 887 -16.54 -28.49 44.92
N LYS A 888 -16.76 -28.05 46.16
CA LYS A 888 -18.12 -28.05 46.72
C LYS A 888 -19.08 -27.23 45.89
N ILE A 889 -18.66 -26.05 45.42
CA ILE A 889 -19.56 -25.20 44.66
C ILE A 889 -19.88 -25.83 43.32
N ILE A 890 -18.86 -26.40 42.65
CA ILE A 890 -19.07 -27.07 41.38
C ILE A 890 -20.01 -28.25 41.53
N ALA A 891 -19.82 -29.07 42.57
CA ALA A 891 -20.67 -30.24 42.75
C ALA A 891 -22.12 -29.84 43.01
N GLU A 892 -22.33 -28.85 43.87
CA GLU A 892 -23.69 -28.38 44.12
C GLU A 892 -24.36 -27.88 42.84
N GLU A 893 -23.59 -27.22 41.96
CA GLU A 893 -24.21 -26.71 40.75
C GLU A 893 -24.46 -27.81 39.73
N LYS A 894 -23.63 -28.86 39.70
CA LYS A 894 -23.94 -30.03 38.89
C LYS A 894 -25.24 -30.68 39.36
N MET A 895 -25.49 -30.66 40.68
CA MET A 895 -26.72 -31.22 41.22
C MET A 895 -27.93 -30.38 40.85
N ARG A 896 -27.80 -29.04 40.90
CA ARG A 896 -28.93 -28.20 40.54
C ARG A 896 -29.25 -28.31 39.06
N LEU A 897 -28.24 -28.61 38.24
CA LEU A 897 -28.46 -28.92 36.83
C LEU A 897 -29.06 -30.30 36.62
N LYS A 898 -29.04 -31.16 37.65
CA LYS A 898 -29.68 -32.46 37.59
C LYS A 898 -31.18 -32.36 37.86
N GLU A 899 -31.55 -31.88 39.05
CA GLU A 899 -32.94 -31.89 39.47
C GLU A 899 -33.82 -31.02 38.60
N GLN A 900 -33.24 -30.23 37.70
CA GLN A 900 -33.94 -29.64 36.56
C GLN A 900 -33.27 -30.18 35.29
N ASN A 901 -33.96 -31.04 34.57
CA ASN A 901 -33.36 -31.80 33.48
C ASN A 901 -33.89 -31.30 32.13
N ALA A 902 -33.56 -30.04 31.83
CA ALA A 902 -33.95 -29.41 30.58
C ALA A 902 -32.71 -29.22 29.71
N ALA A 903 -32.78 -28.24 28.81
CA ALA A 903 -31.63 -27.82 28.01
C ALA A 903 -31.01 -28.97 27.23
N PHE A 904 -31.56 -29.29 26.06
CA PHE A 904 -30.91 -30.19 25.10
C PHE A 904 -30.85 -29.52 23.72
N PRO A 905 -30.12 -28.41 23.60
CA PRO A 905 -30.03 -27.75 22.31
C PRO A 905 -28.60 -27.71 21.82
N PRO A 906 -28.06 -28.84 21.35
CA PRO A 906 -26.74 -28.78 20.71
C PRO A 906 -26.89 -28.19 19.33
N LEU A 907 -26.33 -27.00 19.14
CA LEU A 907 -26.51 -26.25 17.90
C LEU A 907 -26.21 -27.13 16.69
N GLU A 908 -26.91 -26.87 15.58
CA GLU A 908 -26.65 -27.57 14.33
C GLU A 908 -25.58 -26.82 13.53
N ARG A 909 -24.59 -27.56 13.06
CA ARG A 909 -23.32 -27.00 12.66
C ARG A 909 -23.40 -26.50 11.21
N LYS A 910 -23.17 -25.20 11.02
CA LYS A 910 -23.28 -24.58 9.70
C LYS A 910 -22.01 -23.79 9.39
N PRO A 911 -21.29 -24.10 8.31
CA PRO A 911 -19.96 -23.51 8.12
C PRO A 911 -20.00 -22.03 7.81
N PHE A 912 -18.95 -21.33 8.24
CA PHE A 912 -18.80 -19.92 7.93
C PHE A 912 -18.41 -19.72 6.47
N ILE A 913 -18.92 -18.64 5.88
CA ILE A 913 -18.66 -18.33 4.48
C ILE A 913 -17.85 -17.03 4.42
N PRO A 914 -16.85 -16.91 3.56
CA PRO A 914 -16.19 -15.60 3.40
C PRO A 914 -17.18 -14.50 3.03
N LYS A 915 -17.10 -13.37 3.73
CA LYS A 915 -17.89 -12.16 3.43
C LYS A 915 -17.16 -11.15 2.54
N LYS A 916 -15.88 -11.35 2.27
CA LYS A 916 -15.20 -10.51 1.31
C LYS A 916 -14.25 -11.39 0.51
N PRO A 917 -13.64 -10.90 -0.57
CA PRO A 917 -12.62 -11.71 -1.25
C PRO A 917 -11.46 -12.02 -0.32
N ILE A 918 -10.88 -13.20 -0.54
CA ILE A 918 -9.66 -13.60 0.17
C ILE A 918 -8.55 -12.66 -0.25
N PRO A 919 -7.84 -12.03 0.67
CA PRO A 919 -6.74 -11.14 0.26
C PRO A 919 -5.64 -11.92 -0.45
N ALA A 920 -5.08 -11.34 -1.49
CA ALA A 920 -3.86 -11.86 -2.08
C ALA A 920 -2.66 -11.29 -1.31
N ILE A 921 -1.47 -11.82 -1.61
CA ILE A 921 -0.25 -11.34 -0.96
C ILE A 921 -0.09 -9.84 -1.18
N LYS A 922 -0.32 -9.37 -2.41
CA LYS A 922 -0.11 -7.95 -2.69
C LYS A 922 -1.06 -7.05 -1.89
N ASP A 923 -2.20 -7.60 -1.45
CA ASP A 923 -3.17 -6.82 -0.67
C ASP A 923 -2.71 -6.54 0.76
N VAL A 924 -1.76 -7.31 1.29
CA VAL A 924 -1.33 -7.14 2.67
C VAL A 924 0.04 -6.50 2.78
N ILE A 925 0.81 -6.39 1.68
CA ILE A 925 2.15 -5.82 1.77
C ILE A 925 2.07 -4.40 2.30
N GLY A 926 2.85 -4.10 3.32
CA GLY A 926 2.97 -2.77 3.87
C GLY A 926 1.82 -2.32 4.73
N LYS A 927 0.81 -3.15 4.95
CA LYS A 927 -0.39 -2.67 5.65
C LYS A 927 -0.15 -2.38 7.13
N ALA A 928 0.96 -2.83 7.71
CA ALA A 928 1.29 -2.45 9.09
C ALA A 928 1.97 -1.09 9.18
N LEU A 929 2.41 -0.53 8.05
CA LEU A 929 3.28 0.64 8.09
C LEU A 929 2.54 1.88 8.57
N GLN A 930 1.22 1.93 8.40
CA GLN A 930 0.46 3.07 8.90
C GLN A 930 0.57 3.22 10.41
N TYR A 931 0.72 2.12 11.16
CA TYR A 931 0.80 2.20 12.61
C TYR A 931 2.15 2.74 13.09
N LEU A 932 3.17 2.71 12.24
CA LEU A 932 4.47 3.25 12.63
C LEU A 932 4.49 4.77 12.60
N GLY A 933 5.32 5.34 13.46
CA GLY A 933 5.51 6.76 13.45
C GLY A 933 6.60 7.17 14.40
N THR A 934 6.74 8.48 14.58
CA THR A 934 7.70 9.01 15.52
C THR A 934 7.17 8.88 16.95
N PHE A 935 8.03 9.15 17.92
CA PHE A 935 7.57 9.10 19.30
C PHE A 935 6.55 10.20 19.58
N GLY A 936 6.75 11.38 19.00
CA GLY A 936 5.79 12.46 19.22
C GLY A 936 4.41 12.18 18.66
N GLU A 937 4.28 11.19 17.78
CA GLU A 937 2.97 10.83 17.23
C GLU A 937 2.22 9.84 18.12
N LEU A 938 2.83 9.41 19.23
CA LEU A 938 2.21 8.53 20.21
C LEU A 938 1.44 9.35 21.24
N SER A 939 0.21 8.96 21.54
CA SER A 939 -0.57 9.68 22.54
C SER A 939 -0.04 9.38 23.94
N ASN A 940 0.29 10.43 24.70
CA ASN A 940 0.54 10.28 26.13
C ASN A 940 -0.68 10.64 26.96
N ILE A 941 -1.80 10.94 26.32
CA ILE A 941 -3.06 11.18 27.03
C ILE A 941 -3.81 9.87 27.26
N GLU A 942 -3.77 8.97 26.27
CA GLU A 942 -4.44 7.68 26.32
C GLU A 942 -3.52 6.66 26.98
N GLN A 943 -3.59 6.58 28.32
CA GLN A 943 -2.78 5.66 29.11
C GLN A 943 -3.56 4.39 29.41
N VAL A 944 -2.82 3.31 29.70
CA VAL A 944 -3.43 2.04 30.08
C VAL A 944 -3.01 1.67 31.51
N VAL A 945 -3.71 0.68 32.07
CA VAL A 945 -3.33 0.01 33.30
C VAL A 945 -3.48 -1.49 33.07
N ALA A 946 -2.78 -2.28 33.89
CA ALA A 946 -2.92 -3.73 33.86
C ALA A 946 -4.11 -4.17 34.68
N VAL A 947 -4.81 -5.21 34.21
CA VAL A 947 -5.88 -5.86 34.96
C VAL A 947 -5.70 -7.38 34.87
N ILE A 948 -5.81 -8.06 36.00
CA ILE A 948 -5.49 -9.49 36.10
C ILE A 948 -6.77 -10.30 36.26
N ASP A 949 -6.90 -11.37 35.47
CA ASP A 949 -8.02 -12.31 35.57
C ASP A 949 -7.64 -13.36 36.61
N GLU A 950 -8.24 -13.22 37.79
CA GLU A 950 -7.90 -14.11 38.90
C GLU A 950 -8.17 -15.56 38.56
N GLU A 951 -9.15 -15.83 37.68
CA GLU A 951 -9.46 -17.21 37.38
C GLU A 951 -8.39 -17.88 36.53
N MET A 952 -7.55 -17.09 35.83
CA MET A 952 -6.48 -17.63 35.00
C MET A 952 -5.13 -17.71 35.71
N CYS A 953 -5.00 -17.01 36.84
CA CYS A 953 -3.73 -16.87 37.54
C CYS A 953 -3.26 -18.19 38.13
N ILE A 954 -1.96 -18.45 38.07
CA ILE A 954 -1.40 -19.62 38.76
C ILE A 954 -0.53 -19.21 39.95
N ASN A 955 -0.66 -17.97 40.43
CA ASN A 955 -0.29 -17.57 41.79
C ASN A 955 1.21 -17.48 42.03
N CYS A 956 1.98 -17.29 40.96
CA CYS A 956 3.43 -17.32 41.03
C CYS A 956 4.04 -16.02 41.54
N GLY A 957 3.30 -14.91 41.49
CA GLY A 957 3.86 -13.67 41.96
C GLY A 957 4.89 -13.03 41.06
N LYS A 958 5.06 -13.51 39.83
CA LYS A 958 6.06 -12.86 38.96
C LYS A 958 5.65 -11.43 38.60
N CYS A 959 4.36 -11.18 38.37
CA CYS A 959 3.91 -9.80 38.15
C CYS A 959 4.31 -8.91 39.32
N TYR A 960 4.06 -9.42 40.52
CA TYR A 960 4.41 -8.71 41.76
C TYR A 960 5.90 -8.43 41.85
N MET A 961 6.73 -9.44 41.58
CA MET A 961 8.17 -9.26 41.74
C MET A 961 8.72 -8.29 40.70
N THR A 962 8.18 -8.36 39.48
CA THR A 962 8.63 -7.47 38.42
C THR A 962 8.21 -6.02 38.70
N CYS A 963 6.98 -5.80 39.16
CA CYS A 963 6.60 -4.42 39.51
C CYS A 963 7.40 -3.91 40.72
N ASN A 964 7.76 -4.80 41.64
CA ASN A 964 8.47 -4.37 42.85
C ASN A 964 9.89 -3.92 42.55
N ASP A 965 10.62 -4.72 41.78
CA ASP A 965 12.05 -4.50 41.56
C ASP A 965 12.35 -3.98 40.16
N SER A 966 11.34 -3.82 39.30
CA SER A 966 11.52 -3.19 37.99
C SER A 966 10.40 -2.22 37.67
N GLY A 967 9.57 -1.83 38.63
CA GLY A 967 8.42 -1.02 38.33
C GLY A 967 8.02 -0.02 39.40
N TYR A 968 6.74 -0.05 39.78
CA TYR A 968 6.14 1.04 40.54
C TYR A 968 5.47 0.54 41.80
N GLN A 969 5.80 -0.70 42.24
CA GLN A 969 5.30 -1.28 43.49
C GLN A 969 3.77 -1.15 43.58
N ALA A 970 3.09 -1.50 42.48
CA ALA A 970 1.67 -1.19 42.32
C ALA A 970 0.75 -2.40 42.51
N ILE A 971 1.31 -3.57 42.81
CA ILE A 971 0.55 -4.82 42.87
C ILE A 971 0.54 -5.33 44.31
N GLN A 972 -0.65 -5.59 44.83
CA GLN A 972 -0.79 -6.32 46.09
C GLN A 972 -0.83 -7.82 45.81
N PHE A 973 -0.02 -8.57 46.55
CA PHE A 973 0.06 -10.02 46.44
C PHE A 973 -0.43 -10.57 47.78
N ASP A 974 -1.58 -11.22 47.78
CA ASP A 974 -2.21 -11.61 49.04
C ASP A 974 -1.41 -12.71 49.74
N PRO A 975 -1.10 -12.57 51.03
CA PRO A 975 -0.29 -13.59 51.72
C PRO A 975 -0.96 -14.94 51.87
N GLU A 976 -2.29 -15.03 51.78
CA GLU A 976 -2.95 -16.31 51.99
C GLU A 976 -3.41 -16.99 50.70
N THR A 977 -3.93 -16.22 49.76
CA THR A 977 -4.40 -16.77 48.48
C THR A 977 -3.35 -16.71 47.39
N HIS A 978 -2.27 -15.96 47.58
CA HIS A 978 -1.29 -15.70 46.52
C HIS A 978 -2.00 -15.21 45.25
N LEU A 979 -3.01 -14.37 45.44
CA LEU A 979 -3.63 -13.72 44.30
C LEU A 979 -3.15 -12.28 44.19
N PRO A 980 -2.82 -11.83 42.98
CA PRO A 980 -2.37 -10.45 42.78
C PRO A 980 -3.53 -9.54 42.39
N THR A 981 -3.43 -8.27 42.82
CA THR A 981 -4.35 -7.23 42.36
C THR A 981 -3.55 -5.98 42.00
N VAL A 982 -3.76 -5.50 40.77
CA VAL A 982 -3.16 -4.23 40.35
C VAL A 982 -3.92 -3.07 41.00
N THR A 983 -3.18 -2.16 41.64
CA THR A 983 -3.80 -1.02 42.29
C THR A 983 -3.74 0.21 41.37
N ASP A 984 -4.23 1.35 41.88
CA ASP A 984 -4.43 2.52 41.02
C ASP A 984 -3.12 3.26 40.75
N THR A 985 -2.03 2.91 41.42
CA THR A 985 -0.74 3.48 41.10
C THR A 985 -0.08 2.81 39.91
N CYS A 986 -0.76 1.90 39.22
CA CYS A 986 -0.25 1.35 37.96
C CYS A 986 0.01 2.47 36.95
N THR A 987 1.14 2.37 36.25
CA THR A 987 1.49 3.32 35.20
C THR A 987 1.30 2.75 33.80
N GLY A 988 0.86 1.49 33.69
CA GLY A 988 0.69 0.88 32.38
C GLY A 988 1.96 0.49 31.67
N CYS A 989 3.08 0.40 32.40
CA CYS A 989 4.38 0.14 31.78
C CYS A 989 4.39 -1.18 31.02
N THR A 990 3.63 -2.19 31.51
CA THR A 990 3.30 -3.45 30.84
C THR A 990 4.36 -4.53 31.12
N LEU A 991 5.28 -4.27 32.05
CA LEU A 991 6.25 -5.31 32.38
C LEU A 991 5.59 -6.54 33.01
N CYS A 992 4.58 -6.35 33.86
CA CYS A 992 3.96 -7.52 34.49
C CYS A 992 3.36 -8.45 33.45
N LEU A 993 2.56 -7.89 32.53
CA LEU A 993 2.01 -8.69 31.43
C LEU A 993 3.12 -9.44 30.70
N SER A 994 4.25 -8.78 30.48
CA SER A 994 5.34 -9.36 29.71
C SER A 994 6.01 -10.54 30.40
N VAL A 995 5.92 -10.66 31.72
CA VAL A 995 6.56 -11.78 32.42
C VAL A 995 5.58 -12.84 32.86
N CYS A 996 4.27 -12.62 32.68
CA CYS A 996 3.30 -13.56 33.22
C CYS A 996 3.33 -14.86 32.40
N PRO A 997 3.33 -16.03 33.05
CA PRO A 997 3.43 -17.29 32.29
C PRO A 997 2.16 -17.70 31.59
N ILE A 998 1.03 -17.08 31.91
CA ILE A 998 -0.27 -17.46 31.36
C ILE A 998 -0.66 -16.44 30.30
N ILE A 999 -0.78 -16.89 29.05
CA ILE A 999 -1.16 -16.00 27.95
C ILE A 999 -2.49 -15.35 28.27
N ASP A 1000 -2.51 -14.01 28.26
CA ASP A 1000 -3.71 -13.19 28.36
C ASP A 1000 -4.34 -13.23 29.75
N CYS A 1001 -3.63 -13.73 30.75
CA CYS A 1001 -4.12 -13.58 32.12
C CYS A 1001 -4.14 -12.11 32.52
N ILE A 1002 -3.09 -11.37 32.17
CA ILE A 1002 -3.05 -9.92 32.34
C ILE A 1002 -3.39 -9.28 30.99
N ARG A 1003 -4.21 -8.25 31.02
CA ARG A 1003 -4.50 -7.44 29.85
C ARG A 1003 -4.30 -5.98 30.19
N MET A 1004 -3.95 -5.19 29.19
CA MET A 1004 -3.83 -3.76 29.37
C MET A 1004 -5.16 -3.14 28.96
N VAL A 1005 -5.77 -2.35 29.85
CA VAL A 1005 -7.06 -1.73 29.53
C VAL A 1005 -6.92 -0.22 29.65
N SER A 1006 -7.84 0.49 28.99
CA SER A 1006 -7.84 1.94 29.04
C SER A 1006 -7.97 2.40 30.50
N ARG A 1007 -7.12 3.34 30.89
CA ARG A 1007 -7.19 3.88 32.23
C ARG A 1007 -8.44 4.76 32.38
N THR A 1008 -9.17 4.59 33.49
CA THR A 1008 -10.36 5.40 33.76
C THR A 1008 -10.19 6.41 34.90
N THR A 1009 -9.26 6.20 35.79
CA THR A 1009 -9.08 7.16 36.88
C THR A 1009 -8.05 8.21 36.49
N PRO A 1010 -8.03 9.36 37.18
CA PRO A 1010 -7.08 10.42 36.82
C PRO A 1010 -5.63 9.94 36.85
N TYR A 1011 -4.83 10.46 35.93
CA TYR A 1011 -3.45 10.02 35.74
C TYR A 1011 -2.49 11.17 36.02
N GLU A 1012 -1.48 10.91 36.83
CA GLU A 1012 -0.44 11.89 37.01
C GLU A 1012 0.89 11.16 37.03
N PRO A 1013 1.83 11.56 36.19
CA PRO A 1013 3.16 10.93 36.23
C PRO A 1013 3.80 11.08 37.61
N LYS A 1014 4.54 10.06 38.00
CA LYS A 1014 5.30 10.11 39.24
C LYS A 1014 6.56 10.93 39.00
N ARG A 1015 6.65 12.09 39.65
CA ARG A 1015 7.78 12.98 39.48
C ARG A 1015 8.72 13.00 40.69
N GLY A 1016 8.36 12.30 41.77
CA GLY A 1016 9.23 12.14 42.91
C GLY A 1016 9.44 13.38 43.75
N LEU A 1017 9.71 14.52 43.09
CA LEU A 1017 10.20 15.78 43.69
C LEU A 1017 10.71 15.66 45.13
N PRO B 3 -34.28 -3.87 -57.76
CA PRO B 3 -33.11 -3.01 -57.86
C PRO B 3 -32.08 -3.27 -56.75
N VAL B 4 -30.87 -2.75 -56.90
CA VAL B 4 -29.82 -2.95 -55.90
C VAL B 4 -30.10 -1.97 -54.76
N LEU B 5 -30.57 -2.49 -53.62
CA LEU B 5 -31.01 -1.58 -52.56
C LEU B 5 -29.84 -0.92 -51.85
N SER B 6 -28.67 -1.57 -51.79
CA SER B 6 -27.51 -1.04 -51.08
C SER B 6 -26.60 -0.18 -51.96
N LYS B 7 -27.11 0.36 -53.05
CA LYS B 7 -26.33 1.24 -53.93
C LYS B 7 -27.08 2.54 -54.14
N ASP B 8 -26.35 3.66 -54.05
CA ASP B 8 -26.95 4.98 -54.28
C ASP B 8 -27.41 5.12 -55.73
N VAL B 9 -28.66 5.54 -55.92
CA VAL B 9 -29.12 5.86 -57.28
C VAL B 9 -28.38 7.10 -57.76
N ALA B 10 -28.51 7.40 -59.07
CA ALA B 10 -27.65 8.41 -59.69
C ALA B 10 -27.82 9.79 -59.06
N ASP B 11 -29.06 10.20 -58.76
CA ASP B 11 -29.22 11.54 -58.20
C ASP B 11 -28.63 11.63 -56.80
N ILE B 12 -28.55 10.51 -56.07
CA ILE B 12 -27.91 10.56 -54.76
C ILE B 12 -26.40 10.55 -54.93
N GLU B 13 -25.90 9.79 -55.91
CA GLU B 13 -24.48 9.84 -56.22
C GLU B 13 -24.07 11.26 -56.53
N SER B 14 -24.92 12.01 -57.25
CA SER B 14 -24.58 13.39 -57.61
C SER B 14 -24.59 14.29 -56.38
N ILE B 15 -25.53 14.07 -55.47
CA ILE B 15 -25.58 14.91 -54.27
C ILE B 15 -24.33 14.66 -53.43
N LEU B 16 -23.80 13.43 -53.46
CA LEU B 16 -22.61 13.04 -52.73
C LEU B 16 -21.30 13.44 -53.41
N ALA B 17 -21.36 14.25 -54.48
CA ALA B 17 -20.16 14.50 -55.30
C ALA B 17 -19.01 15.06 -54.48
N LEU B 18 -19.30 15.97 -53.54
CA LEU B 18 -18.28 16.66 -52.77
C LEU B 18 -18.01 16.00 -51.42
N ASN B 19 -18.58 14.83 -51.17
CA ASN B 19 -18.39 14.14 -49.92
C ASN B 19 -16.96 13.61 -49.83
N PRO B 20 -16.31 13.70 -48.66
CA PRO B 20 -14.93 13.20 -48.53
C PRO B 20 -14.85 11.73 -48.84
N ARG B 21 -13.75 11.33 -49.50
CA ARG B 21 -13.51 9.92 -49.78
C ARG B 21 -12.04 9.62 -49.58
N THR B 22 -11.76 8.35 -49.27
CA THR B 22 -10.40 7.87 -49.12
C THR B 22 -9.64 7.96 -50.43
N GLN B 23 -8.44 8.52 -50.41
CA GLN B 23 -7.61 8.63 -51.59
C GLN B 23 -6.52 7.56 -51.58
N SER B 24 -6.30 6.96 -52.75
CA SER B 24 -5.28 5.92 -52.87
C SER B 24 -4.04 6.39 -53.61
N HIS B 25 -4.03 7.61 -54.15
CA HIS B 25 -2.91 8.14 -54.91
C HIS B 25 -2.74 9.61 -54.57
N ALA B 26 -1.59 10.15 -54.92
CA ALA B 26 -1.35 11.58 -54.81
C ALA B 26 -2.04 12.30 -55.96
N ALA B 27 -2.27 13.60 -55.77
CA ALA B 27 -3.12 14.40 -56.64
C ALA B 27 -2.29 15.26 -57.58
N LEU B 28 -2.70 15.34 -58.84
CA LEU B 28 -1.98 16.14 -59.83
C LEU B 28 -2.76 17.42 -60.14
N HIS B 29 -2.14 18.58 -59.85
CA HIS B 29 -2.70 19.88 -60.19
C HIS B 29 -1.53 20.79 -60.54
N SER B 30 -1.53 21.35 -61.75
CA SER B 30 -0.37 22.14 -62.13
C SER B 30 -0.29 23.43 -61.30
N THR B 31 0.92 23.99 -61.26
CA THR B 31 1.13 25.22 -60.50
C THR B 31 0.36 26.38 -61.10
N LEU B 32 0.25 26.41 -62.45
CA LEU B 32 -0.54 27.43 -63.12
C LEU B 32 -2.02 27.31 -62.75
N ALA B 33 -2.55 26.09 -62.79
CA ALA B 33 -3.96 25.88 -62.44
C ALA B 33 -4.24 26.33 -61.01
N LYS B 34 -3.32 26.01 -60.11
CA LYS B 34 -3.47 26.38 -58.69
C LYS B 34 -3.48 27.89 -58.53
N LYS B 35 -2.58 28.61 -59.20
CA LYS B 35 -2.57 30.06 -59.11
C LYS B 35 -3.92 30.65 -59.52
N LEU B 36 -4.53 30.10 -60.57
CA LEU B 36 -5.86 30.55 -60.97
C LEU B 36 -6.90 30.20 -59.92
N ASP B 37 -6.88 28.97 -59.41
CA ASP B 37 -7.97 28.56 -58.54
C ASP B 37 -7.95 29.29 -57.19
N LYS B 38 -6.76 29.73 -56.75
CA LYS B 38 -6.60 30.36 -55.45
C LYS B 38 -7.56 31.52 -55.24
N LYS B 39 -7.68 32.37 -56.26
CA LYS B 39 -8.49 33.56 -56.12
C LYS B 39 -9.96 33.24 -55.86
N HIS B 40 -10.42 32.07 -56.29
CA HIS B 40 -11.83 31.74 -56.11
C HIS B 40 -12.21 31.63 -54.62
N TRP B 41 -11.30 31.14 -53.78
CA TRP B 41 -11.64 30.79 -52.39
C TRP B 41 -11.19 31.84 -51.38
N LYS B 42 -10.56 32.92 -51.83
CA LYS B 42 -9.77 33.78 -50.94
C LYS B 42 -10.64 34.50 -49.92
N ARG B 43 -10.25 34.41 -48.64
CA ARG B 43 -10.98 35.01 -47.52
C ARG B 43 -10.35 36.29 -47.01
N ASN B 44 -9.04 36.28 -46.84
CA ASN B 44 -8.32 37.31 -46.13
C ASN B 44 -7.84 38.36 -47.12
N PRO B 45 -7.18 39.44 -46.69
CA PRO B 45 -6.69 40.43 -47.65
C PRO B 45 -5.66 39.85 -48.61
N ASP B 46 -5.72 40.32 -49.84
CA ASP B 46 -4.78 39.93 -50.87
C ASP B 46 -3.57 40.87 -50.82
N LYS B 47 -2.39 40.30 -50.58
CA LYS B 47 -1.17 41.11 -50.54
C LYS B 47 -0.93 41.84 -51.86
N ASN B 48 -1.59 41.44 -52.94
CA ASN B 48 -1.34 42.04 -54.25
C ASN B 48 -2.37 43.09 -54.68
N CYS B 49 -3.34 43.45 -53.85
CA CYS B 49 -4.17 44.60 -54.17
C CYS B 49 -3.70 45.81 -53.38
N PHE B 50 -3.45 46.90 -54.10
CA PHE B 50 -2.74 48.06 -53.58
C PHE B 50 -3.65 49.25 -53.29
N HIS B 51 -4.92 49.18 -53.65
CA HIS B 51 -5.80 50.33 -53.59
C HIS B 51 -6.75 50.24 -52.39
N CYS B 52 -7.14 51.40 -51.89
CA CYS B 52 -8.15 51.47 -50.84
C CYS B 52 -9.47 50.92 -51.37
N GLU B 53 -10.10 50.02 -50.61
CA GLU B 53 -11.48 49.68 -50.90
C GLU B 53 -12.34 50.93 -50.75
N LYS B 54 -13.50 50.94 -51.39
CA LYS B 54 -14.37 52.11 -51.31
C LYS B 54 -15.06 52.14 -49.95
N LEU B 55 -14.78 53.20 -49.19
CA LEU B 55 -15.28 53.33 -47.82
C LEU B 55 -16.07 54.62 -47.62
N GLU B 56 -16.38 55.33 -48.70
CA GLU B 56 -17.07 56.60 -48.54
C GLU B 56 -18.43 56.39 -47.88
N ASN B 57 -18.66 57.14 -46.79
CA ASN B 57 -19.87 57.11 -45.98
C ASN B 57 -20.11 55.75 -45.34
N ASN B 58 -19.08 54.94 -45.16
CA ASN B 58 -19.23 53.62 -44.53
C ASN B 58 -18.70 53.73 -43.11
N PHE B 59 -19.62 53.81 -42.14
CA PHE B 59 -19.25 53.90 -40.74
C PHE B 59 -19.55 52.61 -39.98
N ASP B 60 -19.53 51.49 -40.70
CA ASP B 60 -19.65 50.15 -40.10
C ASP B 60 -18.47 49.86 -39.18
N ASP B 61 -18.76 49.13 -38.11
CA ASP B 61 -17.77 48.67 -37.15
C ASP B 61 -16.60 47.97 -37.82
N ILE B 62 -15.40 48.53 -37.66
CA ILE B 62 -14.19 47.92 -38.20
C ILE B 62 -13.32 47.30 -37.13
N LYS B 63 -13.77 47.28 -35.87
CA LYS B 63 -12.95 46.71 -34.80
C LYS B 63 -12.74 45.22 -35.03
N HIS B 64 -11.49 44.78 -34.89
CA HIS B 64 -11.18 43.36 -34.95
C HIS B 64 -11.61 42.63 -33.69
N THR B 65 -11.93 43.36 -32.63
CA THR B 65 -12.19 42.74 -31.34
C THR B 65 -13.67 42.51 -31.08
N THR B 66 -14.57 43.00 -31.94
CA THR B 66 -16.00 42.81 -31.70
C THR B 66 -16.35 41.33 -31.69
N LEU B 67 -17.17 40.92 -30.71
CA LEU B 67 -17.57 39.53 -30.55
C LEU B 67 -19.08 39.41 -30.57
N GLY B 68 -19.58 38.34 -31.24
CA GLY B 68 -20.92 37.85 -31.04
C GLY B 68 -20.95 36.80 -29.92
N GLU B 69 -22.15 36.29 -29.61
CA GLU B 69 -22.25 35.42 -28.45
C GLU B 69 -21.46 34.12 -28.64
N ARG B 70 -21.52 33.54 -29.84
CA ARG B 70 -20.76 32.31 -30.11
C ARG B 70 -19.28 32.53 -29.83
N GLY B 71 -18.71 33.61 -30.38
CA GLY B 71 -17.29 33.87 -30.21
C GLY B 71 -16.94 34.27 -28.78
N ALA B 72 -17.84 35.00 -28.11
CA ALA B 72 -17.59 35.39 -26.72
C ALA B 72 -17.54 34.17 -25.81
N LEU B 73 -18.47 33.23 -26.00
CA LEU B 73 -18.47 32.03 -25.17
C LEU B 73 -17.20 31.23 -25.37
N ARG B 74 -16.78 31.03 -26.64
CA ARG B 74 -15.52 30.37 -26.91
C ARG B 74 -14.36 31.06 -26.20
N GLU B 75 -14.25 32.38 -26.38
CA GLU B 75 -13.10 33.08 -25.82
C GLU B 75 -13.17 33.13 -24.30
N ALA B 76 -14.37 33.25 -23.73
CA ALA B 76 -14.45 33.30 -22.27
C ALA B 76 -14.12 31.95 -21.67
N MET B 77 -14.44 30.86 -22.37
CA MET B 77 -14.09 29.54 -21.85
C MET B 77 -12.59 29.30 -21.92
N ARG B 78 -11.92 29.99 -22.84
CA ARG B 78 -10.48 29.84 -23.02
C ARG B 78 -9.67 30.49 -21.89
N CYS B 79 -10.14 31.63 -21.39
CA CYS B 79 -9.44 32.34 -20.32
C CYS B 79 -9.21 31.44 -19.11
N LEU B 80 -7.97 31.45 -18.58
CA LEU B 80 -7.62 30.63 -17.43
C LEU B 80 -8.24 31.13 -16.12
N LYS B 81 -8.79 32.35 -16.10
CA LYS B 81 -9.48 32.87 -14.92
C LYS B 81 -8.54 32.85 -13.71
N CYS B 82 -7.45 33.61 -13.87
CA CYS B 82 -6.23 33.44 -13.10
C CYS B 82 -6.34 34.04 -11.70
N ALA B 83 -5.56 33.47 -10.78
CA ALA B 83 -5.40 34.04 -9.46
C ALA B 83 -4.57 35.31 -9.55
N ASP B 84 -4.95 36.33 -8.77
CA ASP B 84 -4.19 37.58 -8.67
C ASP B 84 -3.85 38.13 -10.05
N ALA B 85 -4.86 38.14 -10.94
CA ALA B 85 -4.63 38.15 -12.39
C ALA B 85 -3.79 39.35 -12.84
N PRO B 86 -2.77 39.14 -13.68
CA PRO B 86 -1.95 40.27 -14.13
C PRO B 86 -2.68 41.20 -15.09
N CYS B 87 -3.73 40.71 -15.76
CA CYS B 87 -4.52 41.59 -16.62
C CYS B 87 -5.22 42.67 -15.79
N GLN B 88 -5.79 42.27 -14.65
CA GLN B 88 -6.42 43.24 -13.75
C GLN B 88 -5.40 44.22 -13.17
N LYS B 89 -4.22 43.71 -12.78
CA LYS B 89 -3.13 44.58 -12.38
C LYS B 89 -2.78 45.62 -13.45
N SER B 90 -2.95 45.25 -14.72
CA SER B 90 -2.59 46.11 -15.84
C SER B 90 -3.77 46.94 -16.35
N CYS B 91 -4.93 46.84 -15.69
CA CYS B 91 -6.12 47.64 -16.03
C CYS B 91 -6.16 48.89 -15.16
N PRO B 92 -6.17 50.09 -15.74
CA PRO B 92 -6.16 51.29 -14.89
C PRO B 92 -7.37 51.42 -13.96
N THR B 93 -8.53 50.84 -14.29
CA THR B 93 -9.64 50.84 -13.33
C THR B 93 -9.74 49.56 -12.49
N HIS B 94 -8.73 48.69 -12.54
CA HIS B 94 -8.67 47.49 -11.69
C HIS B 94 -9.89 46.57 -11.84
N LEU B 95 -10.38 46.40 -13.07
CA LEU B 95 -11.52 45.53 -13.29
C LEU B 95 -11.19 44.10 -12.89
N ASP B 96 -12.11 43.46 -12.17
CA ASP B 96 -11.97 42.03 -11.86
C ASP B 96 -12.28 41.24 -13.14
N ILE B 97 -11.30 41.24 -14.03
CA ILE B 97 -11.42 40.58 -15.33
C ILE B 97 -11.74 39.09 -15.13
N LYS B 98 -11.00 38.44 -14.23
CA LYS B 98 -11.24 37.02 -13.91
C LYS B 98 -12.71 36.76 -13.63
N SER B 99 -13.33 37.59 -12.79
CA SER B 99 -14.73 37.35 -12.44
C SER B 99 -15.67 37.64 -13.60
N PHE B 100 -15.47 38.75 -14.34
CA PHE B 100 -16.47 39.05 -15.37
C PHE B 100 -16.37 38.07 -16.52
N ILE B 101 -15.17 37.55 -16.79
CA ILE B 101 -15.03 36.57 -17.86
C ILE B 101 -15.58 35.23 -17.41
N THR B 102 -15.38 34.87 -16.14
CA THR B 102 -16.03 33.69 -15.61
C THR B 102 -17.54 33.76 -15.82
N SER B 103 -18.14 34.92 -15.54
CA SER B 103 -19.58 35.09 -15.72
C SER B 103 -20.00 34.93 -17.18
N ILE B 104 -19.23 35.50 -18.12
CA ILE B 104 -19.53 35.28 -19.54
C ILE B 104 -19.46 33.80 -19.89
N SER B 105 -18.41 33.10 -19.44
CA SER B 105 -18.28 31.68 -19.71
C SER B 105 -19.47 30.89 -19.18
N ASN B 106 -20.10 31.36 -18.11
CA ASN B 106 -21.27 30.71 -17.54
C ASN B 106 -22.59 31.29 -18.06
N LYS B 107 -22.55 32.08 -19.14
CA LYS B 107 -23.73 32.67 -19.76
C LYS B 107 -24.42 33.70 -18.88
N ASN B 108 -23.74 34.19 -17.85
CA ASN B 108 -24.29 35.22 -16.97
C ASN B 108 -23.79 36.60 -17.41
N TYR B 109 -24.45 37.13 -18.44
CA TYR B 109 -23.96 38.40 -19.01
C TYR B 109 -24.27 39.57 -18.08
N TYR B 110 -25.38 39.48 -17.32
CA TYR B 110 -25.71 40.54 -16.37
C TYR B 110 -24.63 40.65 -15.30
N GLY B 111 -24.26 39.52 -14.68
CA GLY B 111 -23.23 39.57 -13.66
C GLY B 111 -21.90 40.04 -14.18
N ALA B 112 -21.59 39.75 -15.44
CA ALA B 112 -20.37 40.28 -16.05
C ALA B 112 -20.46 41.79 -16.16
N ALA B 113 -21.54 42.30 -16.75
CA ALA B 113 -21.71 43.74 -16.89
C ALA B 113 -21.64 44.43 -15.53
N LYS B 114 -22.34 43.89 -14.55
CA LYS B 114 -22.34 44.49 -13.21
C LYS B 114 -20.93 44.57 -12.65
N MET B 115 -20.14 43.51 -12.83
CA MET B 115 -18.74 43.50 -12.40
C MET B 115 -17.96 44.60 -13.13
N ILE B 116 -18.20 44.74 -14.43
CA ILE B 116 -17.48 45.71 -15.25
C ILE B 116 -17.85 47.13 -14.82
N PHE B 117 -19.15 47.42 -14.70
CA PHE B 117 -19.58 48.78 -14.43
C PHE B 117 -19.36 49.17 -12.99
N SER B 118 -19.16 48.19 -12.10
CA SER B 118 -18.85 48.50 -10.70
C SER B 118 -17.52 49.22 -10.60
N ASP B 119 -16.50 48.75 -11.34
CA ASP B 119 -15.24 49.49 -11.31
C ASP B 119 -15.06 50.49 -12.43
N ASN B 120 -15.97 50.56 -13.43
CA ASN B 120 -15.78 51.44 -14.58
C ASN B 120 -17.13 51.85 -15.15
N PRO B 121 -17.66 53.01 -14.77
CA PRO B 121 -18.99 53.43 -15.25
C PRO B 121 -19.05 53.67 -16.75
N LEU B 122 -17.93 53.59 -17.47
CA LEU B 122 -17.94 53.66 -18.93
C LEU B 122 -17.47 52.32 -19.48
N GLY B 123 -18.00 51.23 -18.91
CA GLY B 123 -17.47 49.92 -19.27
C GLY B 123 -17.63 49.56 -20.74
N LEU B 124 -18.72 50.00 -21.38
CA LEU B 124 -18.94 49.61 -22.77
C LEU B 124 -18.03 50.41 -23.70
N THR B 125 -17.94 51.72 -23.49
CA THR B 125 -16.98 52.54 -24.21
C THR B 125 -15.58 51.94 -24.14
N CYS B 126 -15.11 51.61 -22.94
CA CYS B 126 -13.75 51.12 -22.80
C CYS B 126 -13.58 49.74 -23.42
N GLY B 127 -14.55 48.84 -23.25
CA GLY B 127 -14.53 47.63 -24.04
C GLY B 127 -14.20 47.88 -25.51
N MET B 128 -14.82 48.88 -26.11
CA MET B 128 -14.54 49.06 -27.53
C MET B 128 -13.27 49.85 -27.84
N VAL B 129 -12.79 50.74 -26.96
CA VAL B 129 -11.73 51.66 -27.36
C VAL B 129 -10.43 51.48 -26.59
N CYS B 130 -10.41 50.75 -25.48
CA CYS B 130 -9.16 50.61 -24.73
C CYS B 130 -8.06 50.07 -25.63
N PRO B 131 -6.88 50.66 -25.63
CA PRO B 131 -5.74 50.03 -26.34
C PRO B 131 -5.18 48.89 -25.50
N THR B 132 -5.90 47.75 -25.54
CA THR B 132 -5.64 46.70 -24.54
C THR B 132 -4.23 46.14 -24.65
N SER B 133 -3.63 46.16 -25.85
CA SER B 133 -2.27 45.64 -25.98
C SER B 133 -1.29 46.41 -25.10
N ASP B 134 -1.59 47.66 -24.76
CA ASP B 134 -0.76 48.44 -23.85
C ASP B 134 -1.31 48.45 -22.43
N LEU B 135 -2.39 47.72 -22.17
CA LEU B 135 -3.03 47.69 -20.86
C LEU B 135 -3.25 46.26 -20.42
N CYS B 136 -4.50 45.89 -20.12
CA CYS B 136 -4.82 44.58 -19.53
C CYS B 136 -4.27 43.42 -20.37
N VAL B 137 -4.46 43.47 -21.69
CA VAL B 137 -4.02 42.36 -22.53
C VAL B 137 -2.50 42.23 -22.58
N GLY B 138 -1.77 43.34 -22.50
CA GLY B 138 -0.32 43.27 -22.44
C GLY B 138 0.20 42.47 -21.25
N GLY B 139 -0.63 42.28 -20.23
CA GLY B 139 -0.29 41.50 -19.07
C GLY B 139 -0.77 40.06 -19.05
N CYS B 140 -1.50 39.61 -20.08
CA CYS B 140 -2.25 38.35 -20.00
C CYS B 140 -1.33 37.13 -20.03
N ASN B 141 -1.51 36.23 -19.07
CA ASN B 141 -0.67 35.04 -18.99
C ASN B 141 -0.76 34.18 -20.25
N LEU B 142 -1.91 34.14 -20.92
CA LEU B 142 -2.02 33.31 -22.14
C LEU B 142 -1.19 33.85 -23.29
N TYR B 143 -0.55 35.02 -23.15
CA TYR B 143 0.47 35.42 -24.11
C TYR B 143 1.57 34.36 -24.21
N ALA B 144 1.77 33.59 -23.16
CA ALA B 144 2.80 32.54 -23.14
C ALA B 144 2.36 31.26 -23.84
N THR B 145 1.21 31.27 -24.52
CA THR B 145 0.79 30.16 -25.37
C THR B 145 0.73 30.58 -26.83
N GLU B 146 0.82 29.58 -27.70
CA GLU B 146 0.81 29.83 -29.14
C GLU B 146 -0.47 30.53 -29.57
N GLU B 147 -1.61 30.14 -29.00
CA GLU B 147 -2.87 30.75 -29.43
C GLU B 147 -3.05 32.17 -28.87
N GLY B 148 -2.28 32.57 -27.85
CA GLY B 148 -2.14 33.98 -27.54
C GLY B 148 -3.11 34.50 -26.48
N SER B 149 -2.96 35.78 -26.19
CA SER B 149 -3.69 36.43 -25.12
C SER B 149 -5.19 36.52 -25.40
N ILE B 150 -5.96 36.65 -24.32
CA ILE B 150 -7.41 36.75 -24.38
C ILE B 150 -7.82 38.10 -24.94
N ASN B 151 -8.90 38.12 -25.74
CA ASN B 151 -9.53 39.35 -26.21
C ASN B 151 -10.41 39.91 -25.09
N ILE B 152 -9.76 40.54 -24.11
CA ILE B 152 -10.48 41.07 -22.94
C ILE B 152 -11.47 42.14 -23.35
N GLY B 153 -11.03 43.07 -24.21
CA GLY B 153 -11.87 44.19 -24.58
C GLY B 153 -13.14 43.77 -25.28
N GLY B 154 -13.04 42.81 -26.20
CA GLY B 154 -14.22 42.32 -26.88
C GLY B 154 -15.18 41.58 -25.97
N LEU B 155 -14.65 40.86 -24.98
CA LEU B 155 -15.51 40.22 -24.00
C LEU B 155 -16.22 41.25 -23.14
N GLN B 156 -15.48 42.29 -22.71
CA GLN B 156 -16.10 43.39 -21.96
C GLN B 156 -17.17 44.07 -22.80
N GLN B 157 -16.89 44.29 -24.08
CA GLN B 157 -17.87 44.88 -24.99
C GLN B 157 -19.11 44.00 -25.11
N PHE B 158 -18.92 42.70 -25.29
CA PHE B 158 -20.07 41.82 -25.52
C PHE B 158 -21.00 41.81 -24.30
N ALA B 159 -20.43 41.58 -23.11
CA ALA B 159 -21.27 41.56 -21.90
C ALA B 159 -22.01 42.88 -21.73
N SER B 160 -21.33 44.01 -21.96
CA SER B 160 -21.99 45.30 -21.77
C SER B 160 -23.06 45.56 -22.82
N GLU B 161 -22.87 45.07 -24.06
CA GLU B 161 -23.89 45.22 -25.08
C GLU B 161 -25.16 44.45 -24.73
N VAL B 162 -25.02 43.24 -24.22
CA VAL B 162 -26.20 42.48 -23.81
C VAL B 162 -26.92 43.21 -22.70
N PHE B 163 -26.15 43.70 -21.73
CA PHE B 163 -26.76 44.45 -20.64
C PHE B 163 -27.47 45.68 -21.17
N LYS B 164 -26.83 46.39 -22.11
CA LYS B 164 -27.48 47.54 -22.73
C LYS B 164 -28.80 47.14 -23.38
N ALA B 165 -28.85 45.98 -24.04
CA ALA B 165 -30.10 45.55 -24.68
C ALA B 165 -31.14 45.10 -23.66
N MET B 166 -30.73 44.72 -22.44
CA MET B 166 -31.71 44.41 -21.40
C MET B 166 -32.52 45.63 -21.00
N ASN B 167 -31.97 46.84 -21.20
CA ASN B 167 -32.71 48.06 -20.93
C ASN B 167 -33.14 48.10 -19.45
N ILE B 168 -32.16 47.88 -18.59
CA ILE B 168 -32.33 47.85 -17.13
C ILE B 168 -31.63 49.08 -16.56
N PRO B 169 -32.27 49.87 -15.70
CA PRO B 169 -31.65 51.08 -15.21
C PRO B 169 -30.69 50.79 -14.05
N GLN B 170 -29.79 51.74 -13.82
CA GLN B 170 -29.05 51.77 -12.56
C GLN B 170 -29.96 52.24 -11.44
N ILE B 171 -29.77 51.69 -10.24
CA ILE B 171 -30.52 52.18 -9.10
C ILE B 171 -29.58 52.83 -8.12
N ARG B 172 -30.16 53.70 -7.30
CA ARG B 172 -29.50 54.22 -6.12
C ARG B 172 -28.93 53.08 -5.28
N ASN B 173 -27.73 53.32 -4.75
CA ASN B 173 -27.05 52.39 -3.90
C ASN B 173 -28.02 51.88 -2.83
N PRO B 174 -28.35 50.58 -2.82
CA PRO B 174 -29.35 50.08 -1.87
C PRO B 174 -28.82 49.98 -0.46
N CYS B 175 -27.54 50.25 -0.27
CA CYS B 175 -26.89 50.17 1.04
C CYS B 175 -27.09 51.46 1.83
N LEU B 176 -27.61 52.51 1.18
CA LEU B 176 -27.78 53.85 1.74
C LEU B 176 -29.09 53.95 2.50
N PRO B 177 -29.14 54.77 3.56
CA PRO B 177 -30.45 55.16 4.10
C PRO B 177 -31.26 55.89 3.05
N SER B 178 -32.56 56.01 3.29
CA SER B 178 -33.39 56.77 2.37
C SER B 178 -32.92 58.22 2.32
N GLN B 179 -33.34 58.94 1.27
CA GLN B 179 -32.80 60.27 1.01
C GLN B 179 -33.12 61.25 2.14
N GLU B 180 -34.25 61.07 2.83
CA GLU B 180 -34.60 61.96 3.93
C GLU B 180 -33.73 61.73 5.16
N LYS B 181 -33.13 60.54 5.30
CA LYS B 181 -32.28 60.25 6.44
C LYS B 181 -30.80 60.53 6.18
N MET B 182 -30.41 60.93 4.97
CA MET B 182 -29.00 61.21 4.71
C MET B 182 -28.53 62.44 5.49
N PRO B 183 -27.35 62.39 6.12
CA PRO B 183 -26.77 63.58 6.73
C PRO B 183 -26.72 64.76 5.77
N GLU B 184 -26.73 65.97 6.35
CA GLU B 184 -26.75 67.21 5.58
C GLU B 184 -25.58 67.33 4.62
N ALA B 185 -24.42 66.77 4.98
CA ALA B 185 -23.25 66.88 4.12
C ALA B 185 -23.48 66.33 2.72
N TYR B 186 -24.43 65.43 2.56
CA TYR B 186 -24.64 64.82 1.25
C TYR B 186 -25.47 65.70 0.34
N SER B 187 -26.03 66.78 0.86
CA SER B 187 -26.69 67.80 0.05
C SER B 187 -25.73 68.88 -0.44
N ALA B 188 -24.45 68.79 -0.11
CA ALA B 188 -23.48 69.78 -0.55
C ALA B 188 -23.49 69.93 -2.07
N LYS B 189 -23.48 71.17 -2.54
CA LYS B 189 -23.51 71.45 -3.97
C LYS B 189 -22.16 71.15 -4.59
N ILE B 190 -22.15 70.30 -5.62
CA ILE B 190 -20.92 69.84 -6.26
C ILE B 190 -20.99 70.23 -7.73
N ALA B 191 -19.91 70.84 -8.23
CA ALA B 191 -19.83 71.23 -9.63
C ALA B 191 -18.71 70.46 -10.32
N LEU B 192 -19.00 69.92 -11.50
CA LEU B 192 -17.96 69.34 -12.34
C LEU B 192 -17.96 70.07 -13.67
N LEU B 193 -16.79 70.28 -14.22
CA LEU B 193 -16.64 71.08 -15.43
C LEU B 193 -16.22 70.14 -16.56
N GLY B 194 -17.02 70.12 -17.63
CA GLY B 194 -16.79 69.25 -18.79
C GLY B 194 -17.50 67.91 -18.63
N ALA B 195 -18.22 67.45 -19.64
CA ALA B 195 -18.93 66.16 -19.57
C ALA B 195 -18.23 65.09 -20.41
N GLY B 196 -16.94 64.87 -20.09
CA GLY B 196 -16.17 63.79 -20.68
C GLY B 196 -16.04 62.61 -19.72
N PRO B 197 -15.26 61.60 -20.11
CA PRO B 197 -15.11 60.40 -19.24
C PRO B 197 -14.70 60.70 -17.79
N ALA B 198 -13.82 61.67 -17.58
CA ALA B 198 -13.33 61.93 -16.23
C ALA B 198 -14.46 62.43 -15.34
N SER B 199 -15.26 63.38 -15.84
CA SER B 199 -16.34 63.95 -15.04
C SER B 199 -17.50 62.97 -14.88
N ILE B 200 -17.80 62.20 -15.92
CA ILE B 200 -18.90 61.26 -15.86
C ILE B 200 -18.61 60.21 -14.79
N SER B 201 -17.38 59.74 -14.76
CA SER B 201 -16.96 58.78 -13.75
C SER B 201 -17.00 59.39 -12.36
N CYS B 202 -16.42 60.58 -12.21
CA CYS B 202 -16.38 61.24 -10.90
C CYS B 202 -17.79 61.47 -10.36
N ALA B 203 -18.65 62.11 -11.17
CA ALA B 203 -20.03 62.33 -10.76
C ALA B 203 -20.73 61.02 -10.43
N SER B 204 -20.46 59.96 -11.20
CA SER B 204 -21.11 58.67 -10.96
C SER B 204 -20.76 58.11 -9.59
N PHE B 205 -19.45 58.05 -9.27
CA PHE B 205 -19.05 57.50 -7.97
C PHE B 205 -19.53 58.39 -6.83
N LEU B 206 -19.54 59.71 -7.04
CA LEU B 206 -20.09 60.59 -6.02
C LEU B 206 -21.57 60.30 -5.78
N ALA B 207 -22.33 60.09 -6.87
CA ALA B 207 -23.74 59.76 -6.71
C ALA B 207 -23.93 58.41 -6.02
N ARG B 208 -23.08 57.42 -6.34
CA ARG B 208 -23.12 56.14 -5.60
C ARG B 208 -22.96 56.37 -4.09
N LEU B 209 -22.08 57.30 -3.71
CA LEU B 209 -21.85 57.56 -2.30
C LEU B 209 -23.04 58.24 -1.63
N GLY B 210 -23.95 58.78 -2.41
CA GLY B 210 -25.18 59.35 -1.87
C GLY B 210 -25.30 60.83 -2.03
N TYR B 211 -24.36 61.50 -2.71
CA TYR B 211 -24.48 62.93 -2.93
C TYR B 211 -25.63 63.19 -3.89
N SER B 212 -26.47 64.15 -3.53
CA SER B 212 -27.76 64.39 -4.17
C SER B 212 -27.82 65.69 -4.95
N ASP B 213 -26.73 66.46 -5.02
CA ASP B 213 -26.75 67.75 -5.73
C ASP B 213 -25.47 67.86 -6.56
N ILE B 214 -25.46 67.18 -7.69
CA ILE B 214 -24.27 67.05 -8.54
C ILE B 214 -24.64 67.60 -9.92
N THR B 215 -23.91 68.60 -10.37
CA THR B 215 -24.11 69.18 -11.71
C THR B 215 -22.82 69.14 -12.51
N ILE B 216 -22.89 68.62 -13.73
CA ILE B 216 -21.81 68.74 -14.71
C ILE B 216 -22.15 69.90 -15.63
N PHE B 217 -21.22 70.85 -15.76
CA PHE B 217 -21.39 71.97 -16.68
C PHE B 217 -20.55 71.70 -17.93
N GLU B 218 -21.20 71.67 -19.10
CA GLU B 218 -20.55 71.30 -20.36
C GLU B 218 -20.58 72.49 -21.32
N LYS B 219 -19.42 72.78 -21.93
CA LYS B 219 -19.32 73.93 -22.81
C LYS B 219 -20.14 73.72 -24.09
N GLN B 220 -20.09 72.52 -24.65
CA GLN B 220 -20.71 72.24 -25.93
C GLN B 220 -22.18 71.82 -25.75
N GLU B 221 -22.86 71.66 -26.88
CA GLU B 221 -24.25 71.23 -26.93
C GLU B 221 -24.41 69.72 -26.90
N TYR B 222 -23.32 68.97 -26.96
CA TYR B 222 -23.33 67.52 -26.87
C TYR B 222 -22.55 67.12 -25.62
N VAL B 223 -22.75 65.86 -25.19
CA VAL B 223 -22.10 65.32 -24.01
C VAL B 223 -21.26 64.11 -24.42
N GLY B 224 -20.29 63.78 -23.57
CA GLY B 224 -19.42 62.64 -23.82
C GLY B 224 -17.98 63.01 -24.11
N GLY B 225 -17.65 64.28 -24.30
CA GLY B 225 -16.28 64.64 -24.59
C GLY B 225 -15.78 64.04 -25.90
N LEU B 226 -14.51 63.62 -25.89
CA LEU B 226 -13.88 63.11 -27.10
C LEU B 226 -14.56 61.82 -27.58
N SER B 227 -15.07 61.01 -26.65
CA SER B 227 -15.85 59.82 -27.04
C SER B 227 -16.93 60.18 -28.05
N THR B 228 -17.46 61.39 -27.96
CA THR B 228 -18.53 61.87 -28.83
C THR B 228 -18.01 62.71 -29.98
N SER B 229 -17.07 63.63 -29.72
CA SER B 229 -16.67 64.61 -30.72
C SER B 229 -15.54 64.15 -31.64
N GLU B 230 -14.72 63.16 -31.25
CA GLU B 230 -13.65 62.79 -32.16
C GLU B 230 -13.41 61.30 -32.41
N ILE B 231 -13.63 60.42 -31.42
CA ILE B 231 -13.46 58.98 -31.73
C ILE B 231 -14.46 58.60 -32.82
N PRO B 232 -14.03 57.95 -33.90
CA PRO B 232 -14.93 57.68 -35.02
C PRO B 232 -16.05 56.72 -34.67
N GLN B 233 -17.21 56.98 -35.30
CA GLN B 233 -18.37 56.09 -35.20
C GLN B 233 -18.05 54.64 -35.54
N PHE B 234 -17.10 54.39 -36.45
CA PHE B 234 -16.80 53.02 -36.83
C PHE B 234 -15.90 52.30 -35.82
N ARG B 235 -15.45 52.99 -34.77
CA ARG B 235 -14.90 52.32 -33.60
C ARG B 235 -15.83 52.43 -32.39
N LEU B 236 -16.46 53.59 -32.17
CA LEU B 236 -17.30 53.80 -31.00
C LEU B 236 -18.64 54.41 -31.40
N PRO B 237 -19.69 53.59 -31.53
CA PRO B 237 -21.02 54.14 -31.86
C PRO B 237 -21.51 55.11 -30.80
N TYR B 238 -22.12 56.22 -31.26
CA TYR B 238 -22.60 57.22 -30.31
C TYR B 238 -23.63 56.67 -29.34
N ASP B 239 -24.43 55.67 -29.76
CA ASP B 239 -25.45 55.13 -28.85
C ASP B 239 -24.85 54.52 -27.58
N VAL B 240 -23.60 54.05 -27.63
CA VAL B 240 -22.92 53.57 -26.43
C VAL B 240 -22.74 54.71 -25.43
N VAL B 241 -22.21 55.84 -25.92
CA VAL B 241 -22.02 57.02 -25.07
C VAL B 241 -23.32 57.43 -24.42
N ASN B 242 -24.40 57.49 -25.21
CA ASN B 242 -25.70 57.86 -24.67
C ASN B 242 -26.15 56.91 -23.58
N PHE B 243 -25.97 55.60 -23.79
CA PHE B 243 -26.35 54.59 -22.82
C PHE B 243 -25.63 54.80 -21.49
N GLU B 244 -24.33 55.05 -21.53
CA GLU B 244 -23.58 55.24 -20.30
C GLU B 244 -23.97 56.52 -19.57
N ILE B 245 -24.25 57.59 -20.31
CA ILE B 245 -24.66 58.83 -19.64
C ILE B 245 -26.03 58.66 -19.03
N GLU B 246 -26.88 57.86 -19.65
CA GLU B 246 -28.20 57.56 -19.10
C GLU B 246 -28.09 56.84 -17.78
N LEU B 247 -27.22 55.84 -17.72
CA LEU B 247 -27.02 55.13 -16.46
C LEU B 247 -26.64 56.11 -15.37
N MET B 248 -25.74 57.03 -15.69
CA MET B 248 -25.32 58.04 -14.72
C MET B 248 -26.50 58.91 -14.32
N LYS B 249 -27.31 59.35 -15.29
CA LYS B 249 -28.47 60.18 -14.98
C LYS B 249 -29.47 59.47 -14.06
N ASP B 250 -29.56 58.13 -14.14
CA ASP B 250 -30.38 57.38 -13.20
C ASP B 250 -30.05 57.69 -11.73
N LEU B 251 -28.79 58.02 -11.44
CA LEU B 251 -28.42 58.33 -10.06
C LEU B 251 -28.71 59.78 -9.67
N GLY B 252 -29.25 60.59 -10.57
CA GLY B 252 -29.65 61.94 -10.24
C GLY B 252 -28.67 63.02 -10.65
N VAL B 253 -27.55 62.66 -11.26
CA VAL B 253 -26.61 63.65 -11.79
C VAL B 253 -27.31 64.51 -12.84
N LYS B 254 -27.14 65.82 -12.73
CA LYS B 254 -27.64 66.77 -13.71
C LYS B 254 -26.54 67.23 -14.65
N ILE B 255 -26.90 67.48 -15.91
CA ILE B 255 -25.96 68.03 -16.89
C ILE B 255 -26.58 69.27 -17.48
N ILE B 256 -25.82 70.38 -17.49
CA ILE B 256 -26.25 71.63 -18.12
C ILE B 256 -25.28 71.93 -19.26
N CYS B 257 -25.78 71.88 -20.49
CA CYS B 257 -24.95 72.16 -21.66
C CYS B 257 -24.96 73.66 -21.97
N GLY B 258 -23.95 74.09 -22.73
CA GLY B 258 -23.79 75.50 -23.05
C GLY B 258 -23.27 76.35 -21.90
N LYS B 259 -22.54 75.75 -20.97
CA LYS B 259 -22.01 76.44 -19.79
C LYS B 259 -20.50 76.21 -19.77
N SER B 260 -19.72 77.27 -19.92
CA SER B 260 -18.28 77.13 -20.00
C SER B 260 -17.60 77.61 -18.72
N LEU B 261 -16.53 76.91 -18.35
CA LEU B 261 -15.53 77.45 -17.43
C LEU B 261 -14.71 78.50 -18.18
N SER B 262 -14.92 79.77 -17.84
CA SER B 262 -14.28 80.88 -18.56
C SER B 262 -14.57 82.16 -17.78
N GLU B 263 -13.73 83.17 -18.03
CA GLU B 263 -13.66 84.33 -17.13
C GLU B 263 -14.96 85.13 -17.03
N ASN B 264 -15.76 85.22 -18.08
CA ASN B 264 -17.01 85.95 -17.87
C ASN B 264 -18.22 85.02 -17.78
N GLU B 265 -17.97 83.74 -17.52
CA GLU B 265 -19.01 82.74 -17.38
C GLU B 265 -18.81 82.05 -16.04
N ILE B 266 -18.49 80.76 -16.03
CA ILE B 266 -18.24 80.05 -14.78
C ILE B 266 -16.77 80.17 -14.43
N THR B 267 -16.48 80.50 -13.16
CA THR B 267 -15.12 80.48 -12.63
C THR B 267 -15.14 79.81 -11.26
N LEU B 268 -13.95 79.42 -10.80
CA LEU B 268 -13.86 78.92 -9.43
C LEU B 268 -14.44 79.94 -8.45
N ASN B 269 -14.16 81.23 -8.69
CA ASN B 269 -14.65 82.28 -7.79
C ASN B 269 -16.16 82.39 -7.83
N THR B 270 -16.78 82.28 -9.01
CA THR B 270 -18.24 82.36 -9.05
C THR B 270 -18.87 81.09 -8.47
N LEU B 271 -18.24 79.93 -8.68
CA LEU B 271 -18.75 78.73 -8.05
C LEU B 271 -18.74 78.88 -6.54
N LYS B 272 -17.63 79.38 -5.99
CA LYS B 272 -17.54 79.55 -4.54
C LYS B 272 -18.59 80.55 -4.03
N GLU B 273 -18.79 81.67 -4.73
CA GLU B 273 -19.74 82.64 -4.21
C GLU B 273 -21.17 82.14 -4.33
N GLU B 274 -21.43 81.20 -5.24
CA GLU B 274 -22.77 80.62 -5.37
C GLU B 274 -23.00 79.43 -4.45
N GLY B 275 -22.07 79.11 -3.57
CA GLY B 275 -22.31 78.07 -2.59
C GLY B 275 -21.87 76.67 -2.97
N TYR B 276 -21.15 76.51 -4.08
CA TYR B 276 -20.61 75.19 -4.38
C TYR B 276 -19.50 74.84 -3.39
N LYS B 277 -19.52 73.58 -2.92
CA LYS B 277 -18.56 73.14 -1.91
C LYS B 277 -17.37 72.39 -2.47
N ALA B 278 -17.47 71.85 -3.68
CA ALA B 278 -16.37 71.14 -4.29
C ALA B 278 -16.53 71.28 -5.80
N ALA B 279 -15.39 71.28 -6.50
CA ALA B 279 -15.38 71.33 -7.96
C ALA B 279 -14.41 70.30 -8.50
N PHE B 280 -14.79 69.63 -9.58
CA PHE B 280 -13.90 68.74 -10.33
C PHE B 280 -13.70 69.31 -11.73
N ILE B 281 -12.45 69.52 -12.11
CA ILE B 281 -12.08 70.07 -13.42
C ILE B 281 -11.82 68.92 -14.37
N GLY B 282 -12.70 68.74 -15.37
CA GLY B 282 -12.53 67.67 -16.34
C GLY B 282 -12.71 68.15 -17.77
N ILE B 283 -12.16 69.32 -18.10
CA ILE B 283 -12.41 69.92 -19.40
C ILE B 283 -11.45 69.42 -20.49
N GLY B 284 -10.52 68.54 -20.17
CA GLY B 284 -9.61 68.00 -21.16
C GLY B 284 -8.68 69.06 -21.73
N LEU B 285 -8.25 68.82 -22.97
CA LEU B 285 -7.35 69.72 -23.70
C LEU B 285 -8.10 70.24 -24.92
N PRO B 286 -8.74 71.40 -24.84
CA PRO B 286 -9.81 71.73 -25.79
C PRO B 286 -9.36 72.34 -27.11
N GLU B 287 -8.06 72.59 -27.29
CA GLU B 287 -7.58 73.31 -28.46
C GLU B 287 -6.50 72.53 -29.18
N PRO B 288 -6.31 72.75 -30.49
CA PRO B 288 -5.26 72.05 -31.21
C PRO B 288 -3.88 72.62 -30.96
N LYS B 289 -2.89 71.72 -30.96
CA LYS B 289 -1.50 72.15 -31.06
C LYS B 289 -1.24 72.70 -32.47
N THR B 290 -0.84 73.96 -32.54
CA THR B 290 -0.68 74.68 -33.79
C THR B 290 0.76 74.59 -34.29
N ASP B 291 0.96 75.05 -35.53
CA ASP B 291 2.28 75.20 -36.15
C ASP B 291 2.24 76.48 -36.97
N ASP B 292 3.27 77.32 -36.85
CA ASP B 292 3.27 78.63 -37.53
C ASP B 292 3.13 78.48 -39.05
N ILE B 293 3.60 77.38 -39.63
CA ILE B 293 3.53 77.26 -41.09
C ILE B 293 2.09 77.11 -41.58
N PHE B 294 1.12 76.91 -40.70
CA PHE B 294 -0.28 76.80 -41.10
C PHE B 294 -1.05 78.09 -40.89
N GLN B 295 -0.41 79.16 -40.42
CA GLN B 295 -1.09 80.41 -40.14
C GLN B 295 -1.87 80.90 -41.35
N GLY B 296 -3.13 81.29 -41.12
CA GLY B 296 -3.97 81.82 -42.17
C GLY B 296 -4.66 80.81 -43.07
N LEU B 297 -4.31 79.52 -42.98
CA LEU B 297 -4.94 78.55 -43.86
C LEU B 297 -6.34 78.20 -43.35
N THR B 298 -7.24 77.93 -44.28
CA THR B 298 -8.65 77.78 -43.98
C THR B 298 -9.14 76.42 -44.45
N GLN B 299 -10.30 76.04 -43.94
CA GLN B 299 -10.95 74.82 -44.40
C GLN B 299 -11.34 74.91 -45.87
N ASP B 300 -11.76 76.10 -46.33
CA ASP B 300 -12.00 76.31 -47.76
C ASP B 300 -10.81 75.91 -48.61
N GLN B 301 -9.60 76.22 -48.14
CA GLN B 301 -8.42 75.88 -48.91
C GLN B 301 -8.05 74.41 -48.78
N GLY B 302 -8.60 73.72 -47.79
CA GLY B 302 -8.30 72.33 -47.54
C GLY B 302 -7.49 72.05 -46.29
N PHE B 303 -7.34 73.02 -45.38
CA PHE B 303 -6.54 72.80 -44.18
C PHE B 303 -7.44 72.61 -42.95
N TYR B 304 -7.09 71.60 -42.15
CA TYR B 304 -7.76 71.28 -40.89
C TYR B 304 -6.72 70.89 -39.85
N THR B 305 -7.00 71.21 -38.59
CA THR B 305 -6.38 70.43 -37.53
C THR B 305 -7.31 69.26 -37.19
N SER B 306 -6.79 68.30 -36.43
CA SER B 306 -7.67 67.22 -35.99
C SER B 306 -8.86 67.75 -35.18
N LYS B 307 -8.67 68.86 -34.47
CA LYS B 307 -9.77 69.46 -33.70
C LYS B 307 -10.83 70.11 -34.58
N ASP B 308 -10.50 70.47 -35.84
CA ASP B 308 -11.52 70.87 -36.79
C ASP B 308 -12.13 69.67 -37.49
N PHE B 309 -11.29 68.72 -37.91
CA PHE B 309 -11.72 67.69 -38.86
C PHE B 309 -12.57 66.62 -38.20
N LEU B 310 -12.05 65.98 -37.15
CA LEU B 310 -12.80 64.88 -36.55
C LEU B 310 -14.17 65.29 -36.02
N PRO B 311 -14.37 66.47 -35.40
CA PRO B 311 -15.74 66.83 -35.00
C PRO B 311 -16.67 67.06 -36.17
N LEU B 312 -16.17 67.55 -37.31
CA LEU B 312 -17.01 67.65 -38.49
C LEU B 312 -17.49 66.29 -38.95
N VAL B 313 -16.59 65.29 -39.00
CA VAL B 313 -17.00 63.97 -39.44
C VAL B 313 -17.93 63.32 -38.40
N ALA B 314 -17.61 63.49 -37.12
CA ALA B 314 -18.47 62.97 -36.07
C ALA B 314 -19.88 63.52 -36.18
N LYS B 315 -19.99 64.85 -36.32
CA LYS B 315 -21.32 65.46 -36.43
C LYS B 315 -22.09 64.95 -37.64
N SER B 316 -21.40 64.58 -38.73
CA SER B 316 -22.12 64.01 -39.87
C SER B 316 -22.54 62.56 -39.64
N SER B 317 -21.75 61.78 -38.89
CA SER B 317 -21.93 60.34 -38.88
C SER B 317 -22.60 59.81 -37.61
N LYS B 318 -22.80 60.63 -36.60
CA LYS B 318 -23.30 60.16 -35.32
C LYS B 318 -24.73 60.68 -35.14
N ALA B 319 -25.70 59.81 -35.41
CA ALA B 319 -27.10 60.20 -35.38
C ALA B 319 -27.47 60.69 -33.97
N GLY B 320 -28.06 61.88 -33.92
CA GLY B 320 -28.47 62.44 -32.64
C GLY B 320 -27.36 63.00 -31.79
N MET B 321 -26.18 63.22 -32.37
CA MET B 321 -25.13 63.87 -31.59
C MET B 321 -25.15 65.38 -31.77
N CYS B 322 -25.21 65.84 -33.02
CA CYS B 322 -25.54 67.23 -33.36
C CYS B 322 -26.70 67.13 -34.36
N ALA B 323 -27.92 67.45 -33.90
CA ALA B 323 -29.10 67.28 -34.73
C ALA B 323 -28.96 68.00 -36.06
N CYS B 324 -28.32 69.18 -36.06
CA CYS B 324 -28.09 69.93 -37.28
C CYS B 324 -27.48 69.06 -38.36
N HIS B 325 -26.40 68.34 -38.02
CA HIS B 325 -25.64 67.47 -38.91
C HIS B 325 -25.10 68.20 -40.15
N SER B 326 -23.84 68.06 -40.37
CA SER B 326 -23.27 68.64 -41.58
C SER B 326 -23.21 67.59 -42.66
N PRO B 327 -23.02 67.98 -43.92
CA PRO B 327 -22.53 67.00 -44.90
C PRO B 327 -21.07 66.71 -44.62
N LEU B 328 -20.66 65.47 -44.87
CA LEU B 328 -19.26 65.11 -44.71
C LEU B 328 -18.38 66.12 -45.44
N PRO B 329 -17.26 66.52 -44.85
CA PRO B 329 -16.38 67.47 -45.56
C PRO B 329 -15.96 66.89 -46.90
N SER B 330 -15.97 67.74 -47.92
CA SER B 330 -15.65 67.34 -49.29
C SER B 330 -14.14 67.12 -49.37
N ILE B 331 -13.74 65.86 -49.36
CA ILE B 331 -12.34 65.52 -49.13
C ILE B 331 -11.93 64.55 -50.24
N ARG B 332 -12.43 64.77 -51.46
CA ARG B 332 -11.87 64.05 -52.59
C ARG B 332 -10.51 64.61 -52.96
N GLY B 333 -9.60 63.70 -53.31
CA GLY B 333 -8.25 64.03 -53.69
C GLY B 333 -7.27 63.30 -52.81
N ALA B 334 -6.02 63.72 -52.88
CA ALA B 334 -5.00 63.19 -52.00
C ALA B 334 -5.08 63.93 -50.66
N VAL B 335 -5.03 63.17 -49.57
CA VAL B 335 -5.06 63.72 -48.21
C VAL B 335 -3.74 63.42 -47.55
N ILE B 336 -3.14 64.46 -46.95
CA ILE B 336 -1.95 64.31 -46.12
C ILE B 336 -2.39 64.51 -44.67
N VAL B 337 -2.15 63.51 -43.84
CA VAL B 337 -2.29 63.64 -42.38
C VAL B 337 -0.89 63.76 -41.81
N LEU B 338 -0.68 64.80 -41.01
CA LEU B 338 0.64 65.10 -40.46
C LEU B 338 0.70 64.64 -39.01
N GLY B 339 1.70 63.84 -38.69
CA GLY B 339 1.83 63.27 -37.37
C GLY B 339 1.61 61.77 -37.37
N ALA B 340 1.89 61.17 -36.20
CA ALA B 340 1.85 59.72 -36.07
C ALA B 340 1.39 59.26 -34.70
N GLY B 341 0.75 60.12 -33.93
CA GLY B 341 0.07 59.68 -32.74
C GLY B 341 -1.22 59.02 -33.13
N ASP B 342 -1.95 58.58 -32.11
CA ASP B 342 -3.16 57.82 -32.41
C ASP B 342 -4.22 58.68 -33.09
N THR B 343 -4.21 59.99 -32.88
CA THR B 343 -5.16 60.85 -33.56
C THR B 343 -4.90 60.84 -35.07
N ALA B 344 -3.62 60.84 -35.47
CA ALA B 344 -3.31 60.82 -36.89
C ALA B 344 -3.94 59.63 -37.61
N PHE B 345 -3.98 58.47 -36.94
CA PHE B 345 -4.54 57.28 -37.60
C PHE B 345 -6.06 57.33 -37.70
N ASP B 346 -6.73 57.91 -36.70
CA ASP B 346 -8.16 58.20 -36.82
C ASP B 346 -8.49 59.24 -37.88
N CYS B 347 -7.60 60.23 -38.08
CA CYS B 347 -7.83 61.18 -39.15
C CYS B 347 -7.75 60.48 -40.50
N ALA B 348 -6.82 59.54 -40.63
CA ALA B 348 -6.59 58.87 -41.90
C ALA B 348 -7.75 57.96 -42.27
N THR B 349 -8.18 57.10 -41.35
CA THR B 349 -9.33 56.26 -41.61
C THR B 349 -10.59 57.10 -41.85
N SER B 350 -10.75 58.22 -41.12
CA SER B 350 -11.93 59.06 -41.31
C SER B 350 -11.90 59.78 -42.66
N ALA B 351 -10.73 60.17 -43.15
CA ALA B 351 -10.67 60.80 -44.47
C ALA B 351 -11.22 59.86 -45.54
N LEU B 352 -10.92 58.57 -45.44
CA LEU B 352 -11.43 57.61 -46.42
C LEU B 352 -12.95 57.58 -46.45
N ARG B 353 -13.60 57.77 -45.29
CA ARG B 353 -15.05 57.86 -45.29
C ARG B 353 -15.57 59.15 -45.92
N CYS B 354 -14.74 60.17 -46.02
CA CYS B 354 -15.15 61.42 -46.64
C CYS B 354 -14.97 61.40 -48.15
N GLY B 355 -14.44 60.31 -48.71
CA GLY B 355 -14.23 60.18 -50.13
C GLY B 355 -12.80 60.27 -50.60
N ALA B 356 -11.83 60.22 -49.68
CA ALA B 356 -10.44 60.45 -50.05
C ALA B 356 -9.94 59.42 -51.05
N ARG B 357 -9.21 59.90 -52.05
CA ARG B 357 -8.66 59.03 -53.09
C ARG B 357 -7.46 58.26 -52.55
N ARG B 358 -6.56 58.96 -51.86
CA ARG B 358 -5.35 58.42 -51.27
C ARG B 358 -5.13 59.15 -49.94
N VAL B 359 -4.56 58.44 -48.97
CA VAL B 359 -4.18 59.05 -47.69
C VAL B 359 -2.70 58.75 -47.43
N PHE B 360 -1.93 59.81 -47.20
CA PHE B 360 -0.55 59.70 -46.72
C PHE B 360 -0.50 60.14 -45.26
N LEU B 361 0.06 59.30 -44.40
CA LEU B 361 0.47 59.73 -43.07
C LEU B 361 1.96 60.02 -43.10
N VAL B 362 2.35 61.25 -42.74
CA VAL B 362 3.71 61.75 -42.89
C VAL B 362 4.20 62.24 -41.55
N PHE B 363 5.43 61.93 -41.22
CA PHE B 363 5.79 62.02 -39.82
C PHE B 363 7.29 62.16 -39.72
N ARG B 364 7.72 62.98 -38.74
CA ARG B 364 9.05 63.56 -38.77
C ARG B 364 10.11 62.66 -38.15
N LYS B 365 9.72 61.56 -37.52
CA LYS B 365 10.65 60.56 -37.05
C LYS B 365 10.47 59.29 -37.88
N GLY B 366 10.95 58.16 -37.35
CA GLY B 366 10.89 56.92 -38.08
C GLY B 366 9.69 56.05 -37.71
N PHE B 367 9.57 54.94 -38.44
CA PHE B 367 8.64 53.88 -38.07
C PHE B 367 8.86 53.38 -36.66
N VAL B 368 10.11 53.17 -36.26
CA VAL B 368 10.35 52.63 -34.93
C VAL B 368 9.95 53.62 -33.85
N ASN B 369 9.76 54.89 -34.20
CA ASN B 369 9.38 55.94 -33.25
C ASN B 369 7.88 56.20 -33.20
N ILE B 370 7.08 55.50 -33.99
CA ILE B 370 5.63 55.60 -33.84
C ILE B 370 5.26 55.05 -32.48
N ARG B 371 4.51 55.82 -31.70
CA ARG B 371 4.03 55.35 -30.40
C ARG B 371 2.52 55.14 -30.37
N ALA B 372 1.83 55.34 -31.49
CA ALA B 372 0.46 54.85 -31.59
C ALA B 372 0.43 53.35 -31.31
N VAL B 373 -0.70 52.88 -30.79
CA VAL B 373 -0.81 51.46 -30.44
C VAL B 373 -1.03 50.66 -31.71
N PRO B 374 -0.54 49.43 -31.78
CA PRO B 374 -0.55 48.70 -33.06
C PRO B 374 -1.93 48.43 -33.62
N GLU B 375 -2.93 48.20 -32.77
CA GLU B 375 -4.27 47.93 -33.28
C GLU B 375 -4.84 49.16 -33.99
N GLU B 376 -4.50 50.35 -33.52
CA GLU B 376 -4.83 51.58 -34.23
C GLU B 376 -4.07 51.68 -35.56
N VAL B 377 -2.75 51.41 -35.53
CA VAL B 377 -1.95 51.46 -36.75
C VAL B 377 -2.47 50.45 -37.78
N GLU B 378 -2.85 49.26 -37.32
CA GLU B 378 -3.21 48.19 -38.25
C GLU B 378 -4.46 48.56 -39.07
N LEU B 379 -5.38 49.32 -38.50
CA LEU B 379 -6.59 49.71 -39.23
C LEU B 379 -6.24 50.60 -40.43
N ALA B 380 -5.37 51.59 -40.24
CA ALA B 380 -4.93 52.43 -41.36
C ALA B 380 -4.15 51.61 -42.37
N LYS B 381 -3.35 50.67 -41.87
CA LYS B 381 -2.56 49.79 -42.73
C LYS B 381 -3.45 48.94 -43.64
N GLU B 382 -4.48 48.29 -43.08
CA GLU B 382 -5.31 47.41 -43.88
C GLU B 382 -6.23 48.18 -44.81
N GLU B 383 -6.45 49.47 -44.56
CA GLU B 383 -7.23 50.31 -45.46
C GLU B 383 -6.34 51.02 -46.48
N LYS B 384 -5.08 50.62 -46.58
CA LYS B 384 -4.16 51.00 -47.67
C LYS B 384 -3.69 52.44 -47.56
N CYS B 385 -3.59 52.98 -46.35
CA CYS B 385 -2.96 54.27 -46.18
C CYS B 385 -1.47 54.15 -46.48
N GLU B 386 -0.90 55.23 -47.00
CA GLU B 386 0.55 55.27 -47.23
C GLU B 386 1.24 55.92 -46.03
N PHE B 387 2.50 55.55 -45.80
CA PHE B 387 3.26 56.01 -44.64
C PHE B 387 4.60 56.58 -45.10
N LEU B 388 4.86 57.84 -44.80
CA LEU B 388 6.12 58.49 -45.19
C LEU B 388 6.84 58.96 -43.94
N PRO B 389 7.94 58.31 -43.56
CA PRO B 389 8.71 58.72 -42.38
C PRO B 389 9.77 59.74 -42.72
N PHE B 390 10.34 60.32 -41.66
CA PHE B 390 11.52 61.19 -41.72
C PHE B 390 11.27 62.45 -42.54
N LEU B 391 10.06 63.01 -42.43
CA LEU B 391 9.70 64.22 -43.15
C LEU B 391 9.06 65.23 -42.21
N SER B 392 9.55 66.47 -42.24
CA SER B 392 9.01 67.55 -41.43
C SER B 392 8.43 68.61 -42.35
N PRO B 393 7.17 69.00 -42.15
CA PRO B 393 6.52 69.96 -43.07
C PRO B 393 7.12 71.34 -42.94
N ARG B 394 7.21 72.04 -44.06
CA ARG B 394 7.83 73.36 -44.09
C ARG B 394 6.96 74.38 -44.82
N LYS B 395 6.27 73.98 -45.88
CA LYS B 395 5.47 74.87 -46.70
C LYS B 395 4.21 74.17 -47.18
N VAL B 396 3.09 74.86 -47.08
CA VAL B 396 1.83 74.42 -47.68
C VAL B 396 1.60 75.30 -48.90
N ILE B 397 1.55 74.68 -50.09
CA ILE B 397 1.45 75.42 -51.35
C ILE B 397 -0.02 75.59 -51.70
N VAL B 398 -0.41 76.82 -52.01
CA VAL B 398 -1.79 77.18 -52.35
C VAL B 398 -1.80 77.80 -53.74
N LYS B 399 -2.63 77.25 -54.63
CA LYS B 399 -2.86 77.83 -55.95
C LYS B 399 -4.34 77.81 -56.29
N GLY B 400 -4.84 78.93 -56.81
CA GLY B 400 -6.24 79.00 -57.19
C GLY B 400 -7.19 78.82 -56.04
N GLY B 401 -6.81 79.27 -54.84
CA GLY B 401 -7.66 79.20 -53.68
C GLY B 401 -7.64 77.88 -52.92
N ARG B 402 -6.79 76.94 -53.30
CA ARG B 402 -6.82 75.61 -52.73
C ARG B 402 -5.41 75.07 -52.58
N ILE B 403 -5.20 74.29 -51.52
CA ILE B 403 -3.94 73.57 -51.35
C ILE B 403 -3.69 72.65 -52.53
N VAL B 404 -2.45 72.67 -53.03
CA VAL B 404 -2.04 71.76 -54.09
C VAL B 404 -0.85 70.89 -53.69
N ALA B 405 -0.10 71.23 -52.63
CA ALA B 405 1.08 70.46 -52.27
C ALA B 405 1.54 70.89 -50.88
N VAL B 406 2.38 70.05 -50.28
CA VAL B 406 3.14 70.39 -49.08
C VAL B 406 4.60 70.11 -49.36
N GLN B 407 5.46 71.05 -48.98
CA GLN B 407 6.89 70.84 -49.09
C GLN B 407 7.46 70.43 -47.73
N PHE B 408 8.27 69.37 -47.72
CA PHE B 408 8.87 68.82 -46.52
C PHE B 408 10.38 68.89 -46.60
N VAL B 409 11.04 68.80 -45.44
CA VAL B 409 12.48 68.57 -45.38
C VAL B 409 12.71 67.22 -44.74
N ARG B 410 13.76 66.53 -45.18
CA ARG B 410 14.07 65.23 -44.59
C ARG B 410 14.69 65.41 -43.21
N THR B 411 14.43 64.46 -42.33
CA THR B 411 14.99 64.46 -40.99
C THR B 411 15.87 63.23 -40.78
N GLU B 412 16.75 63.31 -39.79
CA GLU B 412 17.58 62.17 -39.43
C GLU B 412 18.15 62.40 -38.05
N GLN B 413 18.53 61.29 -37.41
CA GLN B 413 19.21 61.31 -36.12
C GLN B 413 20.70 61.15 -36.33
N ASP B 414 21.49 62.02 -35.69
CA ASP B 414 22.93 61.78 -35.61
C ASP B 414 23.19 60.65 -34.61
N GLU B 415 24.30 60.70 -33.89
CA GLU B 415 24.57 59.64 -32.92
C GLU B 415 24.63 60.12 -31.48
N THR B 416 24.22 61.35 -31.21
CA THR B 416 23.77 61.70 -29.86
C THR B 416 22.27 61.52 -29.70
N GLY B 417 21.60 60.96 -30.72
CA GLY B 417 20.15 60.90 -30.74
C GLY B 417 19.47 62.17 -31.16
N LYS B 418 20.22 63.26 -31.34
CA LYS B 418 19.65 64.51 -31.81
C LYS B 418 19.00 64.33 -33.17
N TRP B 419 17.81 64.90 -33.32
CA TRP B 419 17.12 64.97 -34.61
C TRP B 419 17.53 66.23 -35.35
N ASN B 420 17.83 66.07 -36.63
CA ASN B 420 18.34 67.14 -37.48
C ASN B 420 17.50 67.22 -38.75
N GLU B 421 17.46 68.41 -39.34
CA GLU B 421 16.74 68.67 -40.58
C GLU B 421 17.72 69.01 -41.69
N ASP B 422 17.62 68.33 -42.82
CA ASP B 422 18.57 68.47 -43.92
C ASP B 422 17.96 69.37 -45.00
N GLU B 423 18.42 70.62 -45.07
CA GLU B 423 17.73 71.65 -45.85
C GLU B 423 17.78 71.39 -47.36
N ASP B 424 18.80 70.67 -47.83
CA ASP B 424 18.96 70.36 -49.25
C ASP B 424 18.16 69.15 -49.69
N GLN B 425 17.48 68.47 -48.77
CA GLN B 425 16.85 67.18 -49.02
C GLN B 425 15.36 67.40 -48.78
N ILE B 426 14.62 67.70 -49.86
CA ILE B 426 13.23 68.10 -49.73
C ILE B 426 12.32 67.14 -50.50
N VAL B 427 11.04 67.22 -50.16
CA VAL B 427 9.97 66.48 -50.82
C VAL B 427 8.84 67.45 -51.12
N HIS B 428 8.33 67.40 -52.33
CA HIS B 428 7.19 68.19 -52.78
C HIS B 428 6.07 67.17 -52.99
N LEU B 429 5.17 67.07 -52.03
CA LEU B 429 4.14 66.03 -52.05
C LEU B 429 2.81 66.66 -52.44
N LYS B 430 2.26 66.21 -53.56
CA LYS B 430 1.03 66.79 -54.07
C LYS B 430 -0.14 66.40 -53.17
N ALA B 431 -1.06 67.33 -52.93
CA ALA B 431 -2.21 67.00 -52.09
C ALA B 431 -3.28 68.07 -52.21
N ASP B 432 -4.52 67.67 -51.87
CA ASP B 432 -5.67 68.57 -51.89
C ASP B 432 -6.16 68.94 -50.51
N VAL B 433 -5.84 68.14 -49.48
CA VAL B 433 -6.26 68.37 -48.11
C VAL B 433 -5.09 68.08 -47.20
N VAL B 434 -4.93 68.89 -46.14
CA VAL B 434 -3.90 68.69 -45.13
C VAL B 434 -4.57 68.70 -43.75
N ILE B 435 -4.27 67.69 -42.94
CA ILE B 435 -4.84 67.55 -41.59
C ILE B 435 -3.69 67.42 -40.61
N SER B 436 -3.50 68.42 -39.74
CA SER B 436 -2.44 68.32 -38.74
C SER B 436 -3.00 67.60 -37.52
N ALA B 437 -2.26 66.59 -37.06
CA ALA B 437 -2.64 65.84 -35.88
C ALA B 437 -1.48 65.90 -34.90
N PHE B 438 -1.12 67.10 -34.49
CA PHE B 438 0.03 67.33 -33.63
C PHE B 438 -0.32 67.30 -32.15
N GLY B 439 -1.56 67.00 -31.81
CA GLY B 439 -1.95 66.92 -30.41
C GLY B 439 -2.88 68.05 -30.01
N SER B 440 -3.10 68.17 -28.70
CA SER B 440 -4.08 69.10 -28.15
C SER B 440 -3.49 69.77 -26.92
N VAL B 441 -4.04 70.95 -26.60
CA VAL B 441 -3.49 71.84 -25.58
C VAL B 441 -4.61 72.63 -24.94
N LEU B 442 -4.30 73.24 -23.80
CA LEU B 442 -5.14 74.27 -23.18
C LEU B 442 -4.39 75.59 -23.26
N ARG B 443 -4.92 76.56 -24.02
CA ARG B 443 -4.22 77.84 -24.22
C ARG B 443 -5.09 79.07 -23.99
N ASP B 444 -6.42 78.96 -24.17
CA ASP B 444 -7.35 80.08 -24.03
C ASP B 444 -7.09 80.83 -22.73
N PRO B 445 -6.63 82.07 -22.80
CA PRO B 445 -6.36 82.80 -21.55
C PRO B 445 -7.57 82.95 -20.66
N LYS B 446 -8.77 83.12 -21.22
CA LYS B 446 -9.94 83.31 -20.38
C LYS B 446 -10.33 82.04 -19.64
N VAL B 447 -10.01 80.87 -20.19
CA VAL B 447 -10.27 79.61 -19.51
C VAL B 447 -9.28 79.39 -18.37
N LYS B 448 -7.99 79.60 -18.63
CA LYS B 448 -7.01 79.43 -17.56
C LYS B 448 -7.22 80.45 -16.46
N GLU B 449 -7.66 81.66 -16.80
CA GLU B 449 -7.93 82.68 -15.80
C GLU B 449 -9.05 82.24 -14.87
N ALA B 450 -10.04 81.51 -15.41
CA ALA B 450 -11.17 81.03 -14.62
C ALA B 450 -10.76 79.99 -13.58
N LEU B 451 -9.57 79.42 -13.68
CA LEU B 451 -9.07 78.45 -12.72
C LEU B 451 -8.22 79.09 -11.63
N SER B 452 -8.20 80.42 -11.56
CA SER B 452 -7.45 81.10 -10.52
C SER B 452 -8.05 80.78 -9.16
N PRO B 453 -7.23 80.53 -8.12
CA PRO B 453 -5.76 80.66 -8.10
C PRO B 453 -4.97 79.36 -8.09
N ILE B 454 -5.46 78.29 -8.72
CA ILE B 454 -4.78 77.02 -8.51
C ILE B 454 -3.42 77.06 -9.22
N LYS B 455 -2.47 76.27 -8.70
CA LYS B 455 -1.14 76.24 -9.28
C LYS B 455 -1.11 75.42 -10.55
N PHE B 456 -0.42 75.94 -11.54
CA PHE B 456 -0.15 75.29 -12.81
C PHE B 456 1.32 74.91 -12.87
N ASN B 457 1.63 73.83 -13.57
CA ASN B 457 3.01 73.40 -13.71
C ASN B 457 3.64 73.95 -14.99
N ARG B 458 4.90 73.54 -15.20
CA ARG B 458 5.75 73.70 -16.38
C ARG B 458 5.04 73.67 -17.72
N TRP B 459 4.08 72.75 -17.86
CA TRP B 459 3.38 72.49 -19.11
C TRP B 459 2.06 73.23 -19.20
N ASP B 460 1.82 74.23 -18.34
CA ASP B 460 0.59 75.01 -18.36
C ASP B 460 -0.62 74.15 -18.01
N LEU B 461 -0.44 73.13 -17.17
CA LEU B 461 -1.56 72.30 -16.77
C LEU B 461 -1.77 72.38 -15.27
N PRO B 462 -2.99 72.18 -14.78
CA PRO B 462 -3.22 72.20 -13.33
C PRO B 462 -2.45 71.10 -12.62
N GLU B 463 -1.80 71.47 -11.52
CA GLU B 463 -1.08 70.50 -10.69
C GLU B 463 -2.05 69.82 -9.72
N VAL B 464 -1.89 68.50 -9.57
CA VAL B 464 -2.65 67.76 -8.57
C VAL B 464 -1.70 66.87 -7.79
N ASP B 465 -2.13 66.51 -6.60
CA ASP B 465 -1.56 65.40 -5.88
C ASP B 465 -1.97 64.12 -6.62
N PRO B 466 -1.04 63.30 -7.11
CA PRO B 466 -1.44 62.16 -7.96
C PRO B 466 -2.19 61.06 -7.21
N GLU B 467 -2.15 61.05 -5.89
CA GLU B 467 -2.94 60.09 -5.11
C GLU B 467 -4.37 60.58 -4.88
N THR B 468 -4.56 61.89 -4.68
CA THR B 468 -5.87 62.41 -4.31
C THR B 468 -6.56 63.20 -5.41
N MET B 469 -5.85 63.59 -6.47
CA MET B 469 -6.36 64.44 -7.55
C MET B 469 -6.74 65.83 -7.06
N GLN B 470 -6.32 66.22 -5.86
CA GLN B 470 -6.62 67.54 -5.36
C GLN B 470 -5.65 68.56 -5.95
N THR B 471 -6.17 69.72 -6.33
CA THR B 471 -5.32 70.82 -6.77
C THR B 471 -4.75 71.53 -5.54
N SER B 472 -4.04 72.63 -5.78
CA SER B 472 -3.54 73.45 -4.67
C SER B 472 -4.67 74.07 -3.85
N GLU B 473 -5.88 74.21 -4.41
CA GLU B 473 -7.04 74.63 -3.63
C GLU B 473 -7.79 73.40 -3.15
N PRO B 474 -7.96 73.19 -1.84
CA PRO B 474 -8.41 71.86 -1.34
C PRO B 474 -9.85 71.51 -1.70
N TRP B 475 -10.67 72.44 -2.14
CA TRP B 475 -12.01 72.12 -2.60
C TRP B 475 -12.08 71.92 -4.11
N VAL B 476 -10.97 72.03 -4.83
CA VAL B 476 -10.94 71.86 -6.29
C VAL B 476 -10.04 70.68 -6.62
N PHE B 477 -10.58 69.76 -7.42
CA PHE B 477 -9.90 68.56 -7.90
C PHE B 477 -9.91 68.57 -9.43
N ALA B 478 -9.03 67.77 -10.04
CA ALA B 478 -8.93 67.73 -11.50
C ALA B 478 -8.49 66.35 -11.95
N GLY B 479 -8.83 65.99 -13.19
CA GLY B 479 -8.41 64.70 -13.68
C GLY B 479 -8.70 64.57 -15.17
N GLY B 480 -8.25 63.47 -15.74
CA GLY B 480 -8.44 63.27 -17.17
C GLY B 480 -7.32 63.95 -17.96
N ASP B 481 -7.64 64.28 -19.21
CA ASP B 481 -6.60 64.82 -20.11
C ASP B 481 -6.00 66.12 -19.58
N ILE B 482 -6.78 66.94 -18.88
CA ILE B 482 -6.31 68.25 -18.41
C ILE B 482 -5.12 68.11 -17.46
N VAL B 483 -4.97 66.97 -16.80
CA VAL B 483 -3.88 66.79 -15.84
C VAL B 483 -2.60 66.30 -16.50
N GLY B 484 -2.69 65.74 -17.71
CA GLY B 484 -1.50 65.41 -18.47
C GLY B 484 -0.93 64.03 -18.19
N MET B 485 -1.62 63.21 -17.42
CA MET B 485 -1.15 61.88 -17.11
C MET B 485 -1.94 60.80 -17.85
N ALA B 486 -3.27 60.84 -17.76
CA ALA B 486 -4.10 59.96 -18.56
C ALA B 486 -3.81 60.10 -20.05
N ASN B 487 -3.71 58.96 -20.74
CA ASN B 487 -3.61 58.92 -22.20
C ASN B 487 -4.79 58.23 -22.85
N THR B 488 -5.80 57.83 -22.08
CA THR B 488 -6.83 56.91 -22.52
C THR B 488 -8.13 57.24 -21.82
N THR B 489 -9.24 56.77 -22.42
CA THR B 489 -10.53 56.84 -21.75
C THR B 489 -10.47 56.20 -20.37
N VAL B 490 -9.91 54.99 -20.27
CA VAL B 490 -10.01 54.26 -19.00
C VAL B 490 -9.21 54.96 -17.91
N GLU B 491 -8.05 55.55 -18.26
CA GLU B 491 -7.28 56.29 -17.26
C GLU B 491 -8.01 57.56 -16.84
N SER B 492 -8.70 58.22 -17.79
CA SER B 492 -9.51 59.38 -17.45
C SER B 492 -10.65 59.00 -16.52
N VAL B 493 -11.36 57.91 -16.84
CA VAL B 493 -12.35 57.35 -15.93
C VAL B 493 -11.73 57.11 -14.54
N ASN B 494 -10.52 56.57 -14.51
CA ASN B 494 -9.92 56.25 -13.23
C ASN B 494 -9.56 57.51 -12.45
N ASP B 495 -9.12 58.56 -13.15
CA ASP B 495 -8.86 59.84 -12.50
C ASP B 495 -10.09 60.34 -11.77
N GLY B 496 -11.26 60.28 -12.42
CA GLY B 496 -12.49 60.71 -11.77
C GLY B 496 -12.90 59.81 -10.62
N LYS B 497 -12.72 58.51 -10.78
CA LYS B 497 -12.95 57.56 -9.70
C LYS B 497 -12.08 57.88 -8.47
N GLN B 498 -10.77 58.01 -8.69
CA GLN B 498 -9.84 58.38 -7.62
C GLN B 498 -10.26 59.67 -6.95
N ALA B 499 -10.57 60.70 -7.74
CA ALA B 499 -10.98 61.98 -7.18
C ALA B 499 -12.24 61.84 -6.31
N SER B 500 -13.19 61.02 -6.73
CA SER B 500 -14.47 60.97 -6.04
C SER B 500 -14.30 60.63 -4.56
N TRP B 501 -13.40 59.70 -4.23
CA TRP B 501 -13.24 59.35 -2.83
C TRP B 501 -12.75 60.55 -2.02
N TYR B 502 -11.77 61.29 -2.56
CA TYR B 502 -11.19 62.37 -1.77
C TYR B 502 -12.02 63.64 -1.79
N ILE B 503 -12.84 63.84 -2.84
CA ILE B 503 -13.86 64.88 -2.77
C ILE B 503 -14.81 64.60 -1.61
N HIS B 504 -15.28 63.34 -1.54
CA HIS B 504 -16.09 62.84 -0.44
C HIS B 504 -15.44 63.13 0.92
N LYS B 505 -14.19 62.70 1.09
CA LYS B 505 -13.46 62.96 2.34
C LYS B 505 -13.41 64.46 2.64
N TYR B 506 -13.12 65.28 1.63
CA TYR B 506 -13.06 66.73 1.84
C TYR B 506 -14.40 67.28 2.28
N ILE B 507 -15.48 66.90 1.58
CA ILE B 507 -16.80 67.46 1.90
C ILE B 507 -17.20 67.06 3.31
N GLN B 508 -17.08 65.76 3.62
CA GLN B 508 -17.50 65.29 4.94
C GLN B 508 -16.74 66.01 6.04
N ALA B 509 -15.44 66.25 5.83
CA ALA B 509 -14.66 66.99 6.82
C ALA B 509 -15.15 68.42 6.95
N GLN B 510 -15.57 69.04 5.84
CA GLN B 510 -16.13 70.38 5.92
C GLN B 510 -17.38 70.43 6.79
N TYR B 511 -18.15 69.34 6.83
CA TYR B 511 -19.34 69.28 7.67
C TYR B 511 -19.05 68.64 9.02
N GLY B 512 -17.78 68.40 9.35
CA GLY B 512 -17.40 67.88 10.64
C GLY B 512 -17.45 66.38 10.78
N ALA B 513 -17.48 65.63 9.67
CA ALA B 513 -17.57 64.19 9.70
C ALA B 513 -16.30 63.55 9.19
N SER B 514 -16.02 62.36 9.68
CA SER B 514 -14.86 61.58 9.28
C SER B 514 -15.29 60.49 8.30
N VAL B 515 -14.34 60.00 7.51
CA VAL B 515 -14.58 58.88 6.63
C VAL B 515 -13.57 57.79 6.94
N SER B 516 -13.87 56.59 6.45
CA SER B 516 -13.01 55.44 6.71
C SER B 516 -11.59 55.70 6.25
N ALA B 517 -10.63 55.11 6.98
CA ALA B 517 -9.24 55.19 6.54
C ALA B 517 -9.00 54.36 5.29
N LYS B 518 -9.81 53.32 5.07
CA LYS B 518 -9.74 52.54 3.85
C LYS B 518 -10.77 53.04 2.86
N PRO B 519 -10.37 53.53 1.69
CA PRO B 519 -11.33 53.91 0.65
C PRO B 519 -12.33 52.80 0.37
N GLU B 520 -13.62 53.18 0.30
CA GLU B 520 -14.73 52.22 0.13
C GLU B 520 -15.77 52.81 -0.83
N LEU B 521 -15.46 52.76 -2.16
CA LEU B 521 -16.40 53.19 -3.19
C LEU B 521 -17.44 52.10 -3.44
N PRO B 522 -18.72 52.45 -3.59
CA PRO B 522 -19.74 51.42 -3.74
C PRO B 522 -19.72 50.78 -5.12
N LEU B 523 -20.29 49.58 -5.18
CA LEU B 523 -20.45 48.88 -6.44
C LEU B 523 -21.58 49.51 -7.26
N PHE B 524 -21.81 48.93 -8.44
CA PHE B 524 -22.88 49.32 -9.36
C PHE B 524 -24.06 48.39 -9.11
N TYR B 525 -25.28 48.94 -8.99
CA TYR B 525 -26.48 48.17 -8.67
C TYR B 525 -27.63 48.45 -9.66
N THR B 526 -28.48 47.43 -9.86
CA THR B 526 -29.70 47.57 -10.67
C THR B 526 -30.85 46.88 -9.92
N PRO B 527 -32.10 46.98 -10.38
CA PRO B 527 -33.18 46.23 -9.71
C PRO B 527 -32.98 44.71 -9.71
N VAL B 528 -32.10 44.16 -10.56
CA VAL B 528 -31.83 42.71 -10.52
C VAL B 528 -31.30 42.30 -9.14
N ASP B 529 -30.48 43.17 -8.53
CA ASP B 529 -29.85 42.80 -7.26
C ASP B 529 -30.82 42.68 -6.10
N LEU B 530 -32.02 43.23 -6.24
CA LEU B 530 -33.04 43.12 -5.21
C LEU B 530 -33.82 41.81 -5.28
N VAL B 531 -33.66 41.03 -6.35
CA VAL B 531 -34.44 39.81 -6.50
C VAL B 531 -34.11 38.84 -5.39
N ASP B 532 -35.15 38.26 -4.79
CA ASP B 532 -35.03 37.29 -3.72
C ASP B 532 -34.81 35.89 -4.29
N ILE B 533 -33.69 35.24 -3.94
CA ILE B 533 -33.45 33.89 -4.40
C ILE B 533 -33.37 32.91 -3.23
N SER B 534 -34.06 33.23 -2.13
CA SER B 534 -34.14 32.27 -1.01
C SER B 534 -35.16 31.19 -1.35
N VAL B 535 -35.02 30.04 -0.67
CA VAL B 535 -35.94 28.92 -0.86
C VAL B 535 -36.05 28.16 0.46
N GLU B 536 -37.24 27.64 0.73
CA GLU B 536 -37.50 26.79 1.88
C GLU B 536 -37.59 25.35 1.40
N MET B 537 -36.95 24.44 2.14
CA MET B 537 -36.97 23.04 1.78
C MET B 537 -36.91 22.21 3.07
N ALA B 538 -37.87 21.29 3.23
CA ALA B 538 -37.90 20.36 4.35
C ALA B 538 -37.81 21.08 5.68
N GLY B 539 -38.44 22.25 5.76
CA GLY B 539 -38.43 23.05 6.97
C GLY B 539 -37.23 23.96 7.14
N LEU B 540 -36.28 23.93 6.20
CA LEU B 540 -35.05 24.69 6.31
C LEU B 540 -35.11 25.91 5.39
N LYS B 541 -34.54 27.03 5.87
CA LYS B 541 -34.46 28.28 5.12
C LYS B 541 -33.05 28.38 4.53
N PHE B 542 -32.97 28.39 3.21
CA PHE B 542 -31.71 28.61 2.51
C PHE B 542 -31.70 30.04 1.98
N ILE B 543 -30.66 30.82 2.30
CA ILE B 543 -30.65 32.19 1.80
C ILE B 543 -30.42 32.24 0.30
N ASN B 544 -29.78 31.22 -0.28
CA ASN B 544 -29.78 31.00 -1.72
C ASN B 544 -29.67 29.50 -1.92
N PRO B 545 -30.00 29.00 -3.12
CA PRO B 545 -30.08 27.55 -3.31
C PRO B 545 -28.77 26.85 -3.67
N PHE B 546 -27.64 27.53 -3.59
CA PHE B 546 -26.34 26.96 -3.98
C PHE B 546 -25.54 26.50 -2.77
N GLY B 547 -25.02 25.28 -2.84
CA GLY B 547 -24.23 24.74 -1.74
C GLY B 547 -23.10 23.86 -2.22
N LEU B 548 -22.13 23.69 -1.34
CA LEU B 548 -21.01 22.80 -1.61
C LEU B 548 -21.42 21.36 -1.37
N ALA B 549 -21.22 20.50 -2.37
CA ALA B 549 -21.43 19.08 -2.17
C ALA B 549 -20.41 18.53 -1.17
N SER B 550 -20.69 17.33 -0.68
CA SER B 550 -19.76 16.61 0.19
C SER B 550 -18.63 16.09 -0.70
N ALA B 551 -17.47 16.74 -0.69
CA ALA B 551 -16.45 16.44 -1.69
C ALA B 551 -15.17 17.20 -1.34
N ALA B 552 -14.23 17.21 -2.28
CA ALA B 552 -12.92 17.82 -2.02
C ALA B 552 -12.99 19.28 -1.59
N PRO B 553 -13.90 20.12 -2.12
CA PRO B 553 -14.01 21.49 -1.60
C PRO B 553 -14.50 21.59 -0.17
N THR B 554 -14.99 20.51 0.42
CA THR B 554 -15.30 20.52 1.86
C THR B 554 -14.38 19.57 2.62
N THR B 555 -13.11 19.48 2.16
CA THR B 555 -12.11 18.65 2.85
C THR B 555 -11.92 19.09 4.30
N SER B 556 -12.00 20.41 4.55
CA SER B 556 -11.77 20.96 5.89
C SER B 556 -12.89 21.93 6.24
N SER B 557 -13.19 22.05 7.54
CA SER B 557 -14.24 23.02 7.91
C SER B 557 -13.79 24.46 7.69
N SER B 558 -12.49 24.74 7.76
CA SER B 558 -12.01 26.08 7.48
C SER B 558 -12.32 26.53 6.06
N MET B 559 -12.51 25.57 5.15
CA MET B 559 -12.81 25.82 3.75
C MET B 559 -14.27 26.24 3.66
N ILE B 560 -15.12 25.52 4.38
CA ILE B 560 -16.54 25.85 4.47
C ILE B 560 -16.72 27.24 5.03
N ARG B 561 -15.96 27.58 6.09
CA ARG B 561 -16.03 28.94 6.65
C ARG B 561 -15.79 29.99 5.57
N ARG B 562 -14.74 29.80 4.76
CA ARG B 562 -14.47 30.74 3.68
C ARG B 562 -15.55 30.70 2.60
N ALA B 563 -16.13 29.51 2.35
CA ALA B 563 -17.23 29.44 1.39
C ALA B 563 -18.42 30.23 1.89
N PHE B 564 -18.73 30.12 3.19
CA PHE B 564 -19.82 30.92 3.73
C PHE B 564 -19.50 32.41 3.66
N GLU B 565 -18.25 32.80 3.92
CA GLU B 565 -17.84 34.19 3.80
C GLU B 565 -17.96 34.71 2.37
N ALA B 566 -17.79 33.83 1.39
CA ALA B 566 -17.94 34.23 -0.01
C ALA B 566 -19.39 34.33 -0.46
N GLY B 567 -20.32 33.66 0.24
CA GLY B 567 -21.73 33.81 -0.05
C GLY B 567 -22.50 32.53 -0.27
N TRP B 568 -21.86 31.36 -0.14
CA TRP B 568 -22.58 30.11 -0.39
C TRP B 568 -23.72 29.90 0.61
N GLY B 569 -24.88 29.46 0.10
CA GLY B 569 -26.05 29.33 0.93
C GLY B 569 -25.95 28.18 1.92
N PHE B 570 -25.30 27.09 1.53
CA PHE B 570 -25.15 25.94 2.41
C PHE B 570 -23.91 25.15 2.03
N ALA B 571 -23.60 24.15 2.85
CA ALA B 571 -22.48 23.27 2.61
C ALA B 571 -22.71 21.96 3.34
N LEU B 572 -22.24 20.90 2.72
CA LEU B 572 -22.14 19.57 3.29
C LEU B 572 -20.73 19.43 3.90
N THR B 573 -20.63 18.68 4.98
CA THR B 573 -19.29 18.19 5.35
C THR B 573 -18.85 17.12 4.35
N LYS B 574 -17.53 16.92 4.23
CA LYS B 574 -17.08 15.64 3.71
C LYS B 574 -17.70 14.53 4.53
N THR B 575 -18.00 13.40 3.88
CA THR B 575 -18.60 12.28 4.61
C THR B 575 -17.67 11.78 5.71
N PHE B 576 -18.19 11.62 6.91
CA PHE B 576 -17.36 11.14 8.02
C PHE B 576 -18.00 9.94 8.71
N SER B 577 -17.18 9.21 9.47
CA SER B 577 -17.63 7.97 10.07
C SER B 577 -17.14 7.90 11.51
N LEU B 578 -17.61 6.87 12.20
CA LEU B 578 -17.12 6.56 13.53
C LEU B 578 -15.64 6.18 13.49
N ASP B 579 -15.00 6.24 14.65
CA ASP B 579 -13.55 6.05 14.72
C ASP B 579 -13.14 4.68 14.21
N LYS B 580 -13.95 3.67 14.43
CA LYS B 580 -13.62 2.33 14.00
C LYS B 580 -13.60 2.18 12.49
N ASP B 581 -14.13 3.18 11.75
CA ASP B 581 -14.22 3.10 10.30
C ASP B 581 -13.21 4.01 9.62
N ILE B 582 -12.16 4.41 10.36
CA ILE B 582 -11.17 5.34 9.83
C ILE B 582 -10.48 4.75 8.61
N VAL B 583 -10.16 5.62 7.65
CA VAL B 583 -9.57 5.22 6.38
C VAL B 583 -8.27 5.99 6.16
N THR B 584 -7.49 5.51 5.19
CA THR B 584 -6.34 6.25 4.66
C THR B 584 -6.45 6.30 3.14
N ASN B 585 -6.45 7.51 2.58
CA ASN B 585 -6.55 7.69 1.14
C ASN B 585 -5.26 7.24 0.45
N VAL B 586 -5.37 6.96 -0.84
CA VAL B 586 -4.21 6.72 -1.68
C VAL B 586 -3.94 7.98 -2.50
N SER B 587 -2.78 8.01 -3.15
CA SER B 587 -2.48 9.05 -4.13
C SER B 587 -1.69 8.44 -5.28
N PRO B 588 -1.92 8.92 -6.51
CA PRO B 588 -2.89 9.93 -6.95
C PRO B 588 -4.32 9.45 -6.77
N ARG B 589 -5.28 10.35 -6.63
CA ARG B 589 -6.66 9.88 -6.52
C ARG B 589 -7.72 10.75 -7.19
N ILE B 590 -7.39 11.90 -7.76
CA ILE B 590 -8.35 12.71 -8.50
C ILE B 590 -7.68 13.10 -9.82
N VAL B 591 -8.31 12.73 -10.94
CA VAL B 591 -7.73 12.99 -12.26
C VAL B 591 -8.71 13.77 -13.15
N ARG B 592 -8.15 14.44 -14.14
CA ARG B 592 -9.00 15.16 -15.08
C ARG B 592 -9.74 14.17 -15.99
N GLY B 593 -10.89 14.59 -16.49
CA GLY B 593 -11.63 13.76 -17.41
C GLY B 593 -11.05 13.79 -18.82
N THR B 594 -11.24 12.68 -19.52
CA THR B 594 -10.92 12.56 -20.95
C THR B 594 -12.16 12.71 -21.81
N THR B 595 -13.27 13.14 -21.20
CA THR B 595 -14.60 13.15 -21.81
C THR B 595 -14.78 14.23 -22.87
N SER B 596 -13.81 15.13 -23.04
CA SER B 596 -13.93 16.10 -24.12
C SER B 596 -12.57 16.31 -24.80
N GLY B 597 -11.72 15.30 -24.81
CA GLY B 597 -10.51 15.35 -25.59
C GLY B 597 -9.37 16.03 -24.86
N PRO B 598 -8.24 16.18 -25.55
CA PRO B 598 -7.03 16.73 -24.92
C PRO B 598 -7.06 18.25 -24.79
N MET B 599 -8.06 18.75 -24.06
CA MET B 599 -8.17 20.16 -23.71
C MET B 599 -7.84 20.30 -22.23
N TYR B 600 -6.85 21.12 -21.93
CA TYR B 600 -6.27 21.25 -20.59
C TYR B 600 -6.57 22.62 -20.01
N GLY B 601 -6.56 22.71 -18.68
CA GLY B 601 -6.81 23.97 -18.03
C GLY B 601 -8.26 24.16 -17.63
N PRO B 602 -8.81 25.34 -17.89
CA PRO B 602 -10.13 25.67 -17.36
C PRO B 602 -11.24 24.82 -17.95
N GLY B 603 -12.29 24.63 -17.16
CA GLY B 603 -13.49 23.97 -17.64
C GLY B 603 -13.33 22.51 -18.03
N GLN B 604 -12.64 21.72 -17.22
CA GLN B 604 -12.61 20.28 -17.44
C GLN B 604 -14.03 19.74 -17.39
N SER B 605 -14.37 18.89 -18.38
CA SER B 605 -15.74 18.40 -18.50
C SER B 605 -16.05 17.28 -17.51
N SER B 606 -15.04 16.74 -16.83
CA SER B 606 -15.28 15.77 -15.78
C SER B 606 -14.02 15.63 -14.95
N PHE B 607 -14.18 15.01 -13.78
CA PHE B 607 -13.08 14.46 -13.02
C PHE B 607 -13.44 13.03 -12.70
N LEU B 608 -12.44 12.24 -12.37
CA LEU B 608 -12.68 10.93 -11.77
C LEU B 608 -11.90 10.90 -10.47
N ASN B 609 -12.51 10.29 -9.44
CA ASN B 609 -11.85 10.18 -8.15
C ASN B 609 -12.00 8.79 -7.59
N ILE B 610 -10.96 8.36 -6.87
CA ILE B 610 -11.00 7.15 -6.04
C ILE B 610 -10.77 7.56 -4.58
N GLU B 611 -11.39 8.67 -4.18
CA GLU B 611 -11.28 9.14 -2.81
C GLU B 611 -12.27 8.41 -1.90
N LEU B 612 -11.91 8.28 -0.62
CA LEU B 612 -12.73 7.62 0.39
C LEU B 612 -13.50 8.67 1.20
N ILE B 613 -14.07 8.26 2.34
CA ILE B 613 -14.62 9.20 3.31
C ILE B 613 -13.53 10.11 3.84
N SER B 614 -13.93 11.09 4.64
CA SER B 614 -12.99 12.00 5.28
C SER B 614 -11.96 11.23 6.10
N GLU B 615 -10.70 11.67 6.01
CA GLU B 615 -9.67 11.17 6.92
C GLU B 615 -9.74 11.85 8.27
N LYS B 616 -10.56 12.88 8.42
CA LYS B 616 -10.68 13.58 9.68
C LYS B 616 -11.78 12.95 10.53
N THR B 617 -11.62 13.03 11.85
CA THR B 617 -12.48 12.26 12.74
C THR B 617 -13.87 12.88 12.87
N ALA B 618 -14.81 12.04 13.28
CA ALA B 618 -16.15 12.52 13.67
C ALA B 618 -16.10 13.62 14.71
N ALA B 619 -15.15 13.55 15.65
CA ALA B 619 -15.02 14.57 16.67
C ALA B 619 -14.60 15.91 16.07
N TYR B 620 -13.67 15.90 15.11
CA TYR B 620 -13.30 17.12 14.41
C TYR B 620 -14.50 17.73 13.70
N TRP B 621 -15.26 16.89 12.99
CA TRP B 621 -16.38 17.39 12.21
C TRP B 621 -17.51 17.88 13.10
N CYS B 622 -17.76 17.20 14.22
CA CYS B 622 -18.87 17.65 15.06
C CYS B 622 -18.53 18.95 15.78
N GLN B 623 -17.30 19.05 16.30
CA GLN B 623 -16.85 20.34 16.81
C GLN B 623 -16.92 21.41 15.73
N SER B 624 -16.48 21.07 14.52
CA SER B 624 -16.47 22.06 13.43
C SER B 624 -17.88 22.56 13.13
N VAL B 625 -18.85 21.64 13.11
CA VAL B 625 -20.23 22.03 12.82
C VAL B 625 -20.75 23.00 13.88
N THR B 626 -20.48 22.69 15.16
CA THR B 626 -20.85 23.60 16.23
C THR B 626 -20.28 24.99 16.00
N GLU B 627 -18.97 25.04 15.68
CA GLU B 627 -18.32 26.33 15.41
C GLU B 627 -18.96 27.07 14.23
N LEU B 628 -19.15 26.36 13.10
CA LEU B 628 -19.73 26.99 11.91
C LEU B 628 -21.16 27.47 12.16
N LYS B 629 -21.96 26.66 12.87
CA LYS B 629 -23.33 27.11 13.12
C LYS B 629 -23.38 28.26 14.12
N ALA B 630 -22.40 28.32 15.01
CA ALA B 630 -22.33 29.47 15.91
C ALA B 630 -22.02 30.75 15.14
N ASP B 631 -21.09 30.68 14.18
CA ASP B 631 -20.64 31.86 13.47
C ASP B 631 -21.46 32.19 12.23
N PHE B 632 -22.18 31.21 11.68
CA PHE B 632 -22.97 31.39 10.46
C PHE B 632 -24.36 30.80 10.66
N PRO B 633 -25.16 31.40 11.55
CA PRO B 633 -26.47 30.81 11.86
C PRO B 633 -27.42 30.76 10.68
N ASP B 634 -27.27 31.65 9.69
CA ASP B 634 -28.18 31.64 8.55
C ASP B 634 -27.73 30.75 7.41
N ASN B 635 -26.50 30.21 7.47
CA ASN B 635 -25.99 29.31 6.43
C ASN B 635 -26.28 27.88 6.86
N ILE B 636 -26.84 27.08 5.97
CA ILE B 636 -27.27 25.74 6.33
C ILE B 636 -26.06 24.81 6.29
N VAL B 637 -25.89 24.02 7.34
CA VAL B 637 -24.80 23.04 7.45
C VAL B 637 -25.44 21.67 7.53
N ILE B 638 -25.07 20.79 6.61
CA ILE B 638 -25.59 19.43 6.53
C ILE B 638 -24.42 18.49 6.78
N ALA B 639 -24.54 17.63 7.79
CA ALA B 639 -23.50 16.65 8.11
C ALA B 639 -23.70 15.40 7.26
N SER B 640 -22.69 15.03 6.47
CA SER B 640 -22.70 13.82 5.66
C SER B 640 -22.06 12.68 6.43
N ILE B 641 -22.78 11.58 6.61
CA ILE B 641 -22.29 10.50 7.47
C ILE B 641 -22.43 9.17 6.77
N MET B 642 -21.58 8.21 7.17
CA MET B 642 -21.66 6.85 6.65
C MET B 642 -21.31 5.85 7.74
N CYS B 643 -22.07 4.75 7.80
CA CYS B 643 -21.79 3.61 8.66
C CYS B 643 -21.91 2.35 7.82
N SER B 644 -21.44 1.22 8.37
CA SER B 644 -21.77 -0.05 7.77
C SER B 644 -23.21 -0.41 8.15
N TYR B 645 -23.67 -1.59 7.73
CA TYR B 645 -25.09 -1.93 7.81
C TYR B 645 -25.43 -2.40 9.23
N ASN B 646 -25.31 -1.46 10.16
CA ASN B 646 -25.43 -1.71 11.59
C ASN B 646 -26.33 -0.64 12.18
N LYS B 647 -27.45 -1.07 12.77
CA LYS B 647 -28.40 -0.15 13.41
C LYS B 647 -27.72 0.74 14.46
N ASN B 648 -26.96 0.13 15.37
CA ASN B 648 -26.41 0.89 16.48
C ASN B 648 -25.44 1.96 15.98
N ASP B 649 -24.63 1.63 14.97
CA ASP B 649 -23.71 2.61 14.39
C ASP B 649 -24.45 3.79 13.79
N TRP B 650 -25.46 3.54 12.95
CA TRP B 650 -26.16 4.65 12.32
C TRP B 650 -26.85 5.53 13.35
N MET B 651 -27.44 4.93 14.39
CA MET B 651 -28.10 5.75 15.39
C MET B 651 -27.09 6.55 16.20
N GLU B 652 -25.96 5.94 16.54
CA GLU B 652 -24.95 6.66 17.31
C GLU B 652 -24.38 7.83 16.52
N LEU B 653 -24.01 7.57 15.26
CA LEU B 653 -23.36 8.62 14.48
C LEU B 653 -24.32 9.75 14.17
N SER B 654 -25.57 9.42 13.82
CA SER B 654 -26.51 10.48 13.46
C SER B 654 -26.85 11.33 14.67
N ARG B 655 -27.02 10.71 15.85
CA ARG B 655 -27.27 11.49 17.06
C ARG B 655 -26.09 12.39 17.40
N LYS B 656 -24.87 11.92 17.15
CA LYS B 656 -23.70 12.75 17.40
C LYS B 656 -23.68 13.98 16.50
N ALA B 657 -23.94 13.80 15.20
CA ALA B 657 -23.99 14.94 14.30
C ALA B 657 -25.16 15.87 14.63
N GLU B 658 -26.32 15.31 14.97
CA GLU B 658 -27.44 16.15 15.38
C GLU B 658 -27.08 16.97 16.61
N ALA B 659 -26.43 16.34 17.60
CA ALA B 659 -26.08 17.06 18.83
C ALA B 659 -25.11 18.19 18.56
N SER B 660 -24.33 18.10 17.48
CA SER B 660 -23.37 19.15 17.17
C SER B 660 -24.03 20.40 16.60
N GLY B 661 -25.34 20.33 16.30
CA GLY B 661 -26.03 21.46 15.72
C GLY B 661 -26.22 21.42 14.22
N ALA B 662 -25.92 20.30 13.57
CA ALA B 662 -26.14 20.20 12.13
C ALA B 662 -27.60 20.52 11.83
N ASP B 663 -27.84 21.29 10.75
CA ASP B 663 -29.22 21.60 10.41
C ASP B 663 -29.94 20.37 9.89
N ALA B 664 -29.19 19.47 9.26
CA ALA B 664 -29.72 18.27 8.61
C ALA B 664 -28.57 17.28 8.45
N LEU B 665 -28.93 16.03 8.17
CA LEU B 665 -27.96 15.00 7.83
C LEU B 665 -28.15 14.56 6.39
N GLU B 666 -27.03 14.16 5.76
CA GLU B 666 -27.07 13.46 4.48
C GLU B 666 -26.45 12.09 4.70
N LEU B 667 -27.19 11.05 4.35
CA LEU B 667 -26.72 9.68 4.54
C LEU B 667 -26.03 9.23 3.25
N ASN B 668 -24.74 8.97 3.33
CA ASN B 668 -24.00 8.56 2.14
C ASN B 668 -24.24 7.08 1.94
N LEU B 669 -25.16 6.75 1.02
CA LEU B 669 -25.50 5.38 0.70
C LEU B 669 -24.85 4.96 -0.60
N SER B 670 -24.11 5.87 -1.21
CA SER B 670 -23.71 5.83 -2.62
C SER B 670 -22.21 5.95 -2.76
N CYS B 671 -21.51 5.66 -1.66
CA CYS B 671 -20.07 5.56 -1.64
C CYS B 671 -19.75 4.08 -1.39
N ALA B 683 -23.28 -2.30 -3.06
CA ALA B 683 -23.38 -1.21 -2.10
C ALA B 683 -24.80 -1.07 -1.54
N CYS B 684 -24.91 -0.66 -0.27
CA CYS B 684 -26.21 -0.45 0.36
C CYS B 684 -27.15 0.36 -0.53
N GLY B 685 -26.62 1.39 -1.19
CA GLY B 685 -27.48 2.28 -1.95
C GLY B 685 -28.09 1.67 -3.20
N GLN B 686 -27.69 0.46 -3.57
CA GLN B 686 -28.26 -0.20 -4.74
C GLN B 686 -29.40 -1.14 -4.38
N ASP B 687 -29.66 -1.34 -3.08
CA ASP B 687 -30.70 -2.23 -2.60
C ASP B 687 -31.79 -1.45 -1.86
N PRO B 688 -33.03 -1.44 -2.35
CA PRO B 688 -34.09 -0.67 -1.67
C PRO B 688 -34.35 -1.12 -0.25
N GLU B 689 -34.21 -2.41 0.07
CA GLU B 689 -34.43 -2.88 1.43
C GLU B 689 -33.39 -2.35 2.40
N LEU B 690 -32.13 -2.33 1.97
CA LEU B 690 -31.09 -1.77 2.83
C LEU B 690 -31.27 -0.28 3.00
N VAL B 691 -31.67 0.44 1.94
CA VAL B 691 -31.84 1.89 2.03
C VAL B 691 -32.98 2.22 3.00
N ARG B 692 -34.11 1.53 2.85
CA ARG B 692 -35.26 1.74 3.73
C ARG B 692 -34.90 1.50 5.19
N ASN B 693 -34.14 0.44 5.47
CA ASN B 693 -33.80 0.12 6.86
C ASN B 693 -32.89 1.18 7.46
N ILE B 694 -31.85 1.61 6.70
CA ILE B 694 -30.93 2.61 7.20
C ILE B 694 -31.68 3.91 7.49
N CYS B 695 -32.60 4.29 6.59
CA CYS B 695 -33.38 5.50 6.83
C CYS B 695 -34.26 5.37 8.08
N ARG B 696 -34.89 4.21 8.30
CA ARG B 696 -35.71 4.09 9.51
C ARG B 696 -34.87 4.11 10.77
N TRP B 697 -33.66 3.55 10.73
CA TRP B 697 -32.78 3.62 11.89
C TRP B 697 -32.49 5.07 12.25
N VAL B 698 -32.13 5.86 11.24
CA VAL B 698 -31.80 7.26 11.47
C VAL B 698 -33.05 8.05 11.87
N ARG B 699 -34.20 7.74 11.25
CA ARG B 699 -35.41 8.47 11.58
C ARG B 699 -35.80 8.25 13.04
N GLN B 700 -35.59 7.03 13.55
CA GLN B 700 -35.87 6.77 14.95
C GLN B 700 -34.91 7.53 15.86
N ALA B 701 -33.71 7.84 15.38
CA ALA B 701 -32.63 8.32 16.22
C ALA B 701 -32.58 9.84 16.36
N VAL B 702 -33.00 10.58 15.33
CA VAL B 702 -32.83 12.03 15.31
C VAL B 702 -34.15 12.68 14.95
N GLN B 703 -34.31 13.93 15.38
CA GLN B 703 -35.47 14.74 14.98
C GLN B 703 -35.21 15.66 13.81
N ILE B 704 -33.96 15.99 13.51
CA ILE B 704 -33.65 16.94 12.43
C ILE B 704 -33.91 16.27 11.08
N PRO B 705 -34.11 17.05 10.00
CA PRO B 705 -34.32 16.43 8.69
C PRO B 705 -33.09 15.66 8.23
N PHE B 706 -33.32 14.63 7.40
CA PHE B 706 -32.20 13.97 6.77
C PHE B 706 -32.58 13.54 5.37
N PHE B 707 -31.55 13.41 4.54
CA PHE B 707 -31.64 13.14 3.11
C PHE B 707 -30.75 11.96 2.75
N ALA B 708 -31.25 11.07 1.91
CA ALA B 708 -30.48 9.90 1.48
C ALA B 708 -29.81 10.27 0.16
N LYS B 709 -28.48 10.14 0.11
CA LYS B 709 -27.75 10.46 -1.12
C LYS B 709 -27.69 9.21 -2.00
N LEU B 710 -28.31 9.29 -3.17
CA LEU B 710 -28.53 8.14 -4.02
C LEU B 710 -27.42 7.97 -5.06
N THR B 711 -27.08 6.73 -5.34
CA THR B 711 -26.15 6.46 -6.42
C THR B 711 -26.91 6.47 -7.74
N PRO B 712 -26.28 6.94 -8.83
CA PRO B 712 -26.88 6.76 -10.15
C PRO B 712 -26.61 5.39 -10.74
N ASN B 713 -25.79 4.58 -10.08
CA ASN B 713 -25.34 3.28 -10.61
C ASN B 713 -26.29 2.15 -10.21
N VAL B 714 -27.55 2.33 -10.62
CA VAL B 714 -28.65 1.42 -10.30
C VAL B 714 -29.55 1.30 -11.51
N THR B 715 -30.23 0.16 -11.61
CA THR B 715 -31.19 -0.03 -12.70
C THR B 715 -32.33 0.98 -12.60
N ASP B 716 -32.85 1.19 -11.39
CA ASP B 716 -34.10 1.93 -11.15
C ASP B 716 -33.89 2.85 -9.95
N ILE B 717 -33.44 4.08 -10.21
CA ILE B 717 -33.15 4.97 -9.08
C ILE B 717 -34.44 5.35 -8.33
N VAL B 718 -35.57 5.36 -9.01
CA VAL B 718 -36.83 5.71 -8.35
C VAL B 718 -37.14 4.74 -7.22
N SER B 719 -36.81 3.45 -7.42
CA SER B 719 -37.10 2.49 -6.36
C SER B 719 -36.27 2.74 -5.09
N ILE B 720 -35.05 3.27 -5.21
CA ILE B 720 -34.32 3.54 -3.97
C ILE B 720 -34.77 4.88 -3.39
N ALA B 721 -35.18 5.84 -4.22
CA ALA B 721 -35.73 7.09 -3.70
C ALA B 721 -37.02 6.82 -2.92
N ARG B 722 -37.91 6.00 -3.48
CA ARG B 722 -39.13 5.59 -2.77
C ARG B 722 -38.80 4.88 -1.46
N ALA B 723 -37.81 3.97 -1.47
CA ALA B 723 -37.45 3.25 -0.27
C ALA B 723 -36.96 4.20 0.82
N ALA B 724 -36.22 5.25 0.43
CA ALA B 724 -35.78 6.25 1.39
C ALA B 724 -36.97 7.00 1.98
N LYS B 725 -37.92 7.40 1.14
CA LYS B 725 -39.13 8.05 1.62
C LYS B 725 -39.92 7.13 2.54
N GLU B 726 -40.07 5.86 2.16
CA GLU B 726 -40.75 4.87 2.99
C GLU B 726 -40.09 4.75 4.35
N GLY B 727 -38.76 4.78 4.39
CA GLY B 727 -38.01 4.70 5.63
C GLY B 727 -38.02 5.97 6.46
N GLY B 728 -38.59 7.06 5.95
CA GLY B 728 -38.71 8.27 6.73
C GLY B 728 -37.75 9.40 6.40
N ALA B 729 -36.98 9.28 5.30
CA ALA B 729 -36.16 10.40 4.85
C ALA B 729 -37.03 11.59 4.48
N ASP B 730 -36.50 12.79 4.70
CA ASP B 730 -37.18 14.03 4.35
C ASP B 730 -36.88 14.48 2.94
N GLY B 731 -36.05 13.75 2.22
CA GLY B 731 -35.78 14.03 0.83
C GLY B 731 -34.60 13.18 0.38
N VAL B 732 -34.15 13.43 -0.86
CA VAL B 732 -33.04 12.69 -1.42
C VAL B 732 -32.09 13.65 -2.12
N THR B 733 -30.82 13.31 -2.09
CA THR B 733 -29.80 13.96 -2.90
C THR B 733 -29.54 13.09 -4.12
N ALA B 734 -29.73 13.69 -5.29
CA ALA B 734 -29.55 12.99 -6.57
C ALA B 734 -28.62 13.85 -7.41
N THR B 735 -27.42 13.35 -7.72
CA THR B 735 -26.95 12.00 -7.41
C THR B 735 -25.48 12.06 -7.10
N ASN B 736 -24.96 10.97 -6.56
CA ASN B 736 -23.52 10.78 -6.39
C ASN B 736 -22.86 10.52 -7.76
N THR B 737 -21.59 10.13 -7.75
CA THR B 737 -20.83 10.02 -9.00
C THR B 737 -21.17 8.75 -9.76
N VAL B 738 -20.88 8.78 -11.06
CA VAL B 738 -21.11 7.66 -11.95
C VAL B 738 -19.84 6.82 -11.99
N SER B 739 -19.99 5.51 -11.83
CA SER B 739 -18.81 4.64 -11.73
C SER B 739 -18.15 4.49 -13.10
N GLY B 740 -16.82 4.56 -13.11
CA GLY B 740 -16.15 4.61 -14.39
C GLY B 740 -14.67 4.30 -14.33
N LEU B 741 -14.09 4.20 -15.52
CA LEU B 741 -12.65 4.10 -15.72
C LEU B 741 -12.29 5.17 -16.74
N MET B 742 -11.49 6.16 -16.33
CA MET B 742 -11.35 7.37 -17.14
C MET B 742 -10.53 7.11 -18.39
N GLY B 743 -9.55 6.23 -18.32
CA GLY B 743 -8.79 5.89 -19.50
C GLY B 743 -7.52 5.16 -19.14
N LEU B 744 -6.80 4.80 -20.19
CA LEU B 744 -5.52 4.10 -20.09
C LEU B 744 -4.49 4.84 -20.92
N LYS B 745 -3.25 4.80 -20.45
CA LYS B 745 -2.11 5.19 -21.25
C LYS B 745 -1.95 4.22 -22.43
N ALA B 746 -1.18 4.65 -23.43
CA ALA B 746 -0.95 3.80 -24.59
C ALA B 746 -0.21 2.52 -24.24
N ASP B 747 0.47 2.48 -23.10
CA ASP B 747 1.09 1.24 -22.69
C ASP B 747 0.15 0.34 -21.88
N GLY B 748 -1.11 0.73 -21.72
CA GLY B 748 -2.07 -0.07 -20.99
C GLY B 748 -2.22 0.26 -19.52
N THR B 749 -1.38 1.14 -18.97
CA THR B 749 -1.49 1.44 -17.55
C THR B 749 -2.60 2.47 -17.31
N PRO B 750 -3.28 2.41 -16.17
CA PRO B 750 -4.40 3.30 -15.90
C PRO B 750 -3.97 4.67 -15.40
N TRP B 751 -4.94 5.59 -15.38
CA TRP B 751 -4.78 6.87 -14.70
C TRP B 751 -6.07 7.20 -13.96
N PRO B 752 -6.06 7.36 -12.64
CA PRO B 752 -4.91 7.37 -11.71
C PRO B 752 -4.20 6.01 -11.62
N ALA B 753 -2.87 6.02 -11.44
CA ALA B 753 -2.10 4.79 -11.24
C ALA B 753 -1.40 4.91 -9.89
N VAL B 754 -1.62 3.92 -9.03
CA VAL B 754 -1.14 3.99 -7.65
C VAL B 754 0.00 2.99 -7.49
N GLY B 755 1.14 3.47 -6.98
CA GLY B 755 2.26 2.62 -6.67
C GLY B 755 3.07 2.21 -7.88
N ALA B 756 4.19 1.52 -7.62
CA ALA B 756 5.01 1.02 -8.72
C ALA B 756 4.26 0.01 -9.55
N GLY B 757 3.27 -0.67 -8.98
CA GLY B 757 2.46 -1.61 -9.73
C GLY B 757 1.50 -0.98 -10.71
N LYS B 758 1.36 0.36 -10.68
CA LYS B 758 0.49 1.11 -11.59
C LYS B 758 -0.97 0.65 -11.49
N ARG B 759 -1.44 0.45 -10.26
CA ARG B 759 -2.76 -0.15 -10.10
C ARG B 759 -3.85 0.92 -10.00
N THR B 760 -5.08 0.50 -10.28
CA THR B 760 -6.21 1.40 -10.11
C THR B 760 -7.45 0.60 -9.72
N THR B 761 -8.52 1.33 -9.43
CA THR B 761 -9.83 0.75 -9.20
C THR B 761 -10.83 1.69 -9.86
N TYR B 762 -12.05 1.20 -10.06
CA TYR B 762 -13.09 2.03 -10.64
C TYR B 762 -13.33 3.26 -9.77
N GLY B 763 -13.44 4.43 -10.41
CA GLY B 763 -13.65 5.67 -9.70
C GLY B 763 -15.04 6.22 -9.94
N GLY B 764 -15.31 7.38 -9.34
CA GLY B 764 -16.54 8.10 -9.58
C GLY B 764 -16.30 9.25 -10.54
N VAL B 765 -17.10 9.28 -11.61
CA VAL B 765 -17.04 10.38 -12.58
C VAL B 765 -17.96 11.48 -12.09
N SER B 766 -17.47 12.73 -12.09
CA SER B 766 -18.23 13.91 -11.68
C SER B 766 -18.14 14.95 -12.78
N GLY B 767 -18.93 16.02 -12.66
CA GLY B 767 -18.78 17.15 -13.56
C GLY B 767 -19.83 17.18 -14.66
N THR B 768 -19.58 18.05 -15.64
CA THR B 768 -20.65 18.29 -16.60
C THR B 768 -20.92 17.08 -17.48
N ALA B 769 -19.94 16.19 -17.66
CA ALA B 769 -20.18 14.98 -18.46
C ALA B 769 -21.27 14.08 -17.88
N ILE B 770 -21.51 14.14 -16.56
CA ILE B 770 -22.57 13.34 -15.95
C ILE B 770 -23.86 14.11 -15.79
N ARG B 771 -23.91 15.38 -16.19
CA ARG B 771 -25.14 16.14 -16.01
C ARG B 771 -26.36 15.49 -16.65
N PRO B 772 -26.30 14.90 -17.85
CA PRO B 772 -27.51 14.24 -18.39
C PRO B 772 -28.03 13.12 -17.50
N ILE B 773 -27.12 12.40 -16.83
CA ILE B 773 -27.51 11.30 -15.95
C ILE B 773 -28.18 11.86 -14.69
N ALA B 774 -27.59 12.89 -14.09
CA ALA B 774 -28.20 13.52 -12.92
C ALA B 774 -29.52 14.19 -13.27
N LEU B 775 -29.59 14.87 -14.42
CA LEU B 775 -30.85 15.50 -14.81
C LEU B 775 -31.95 14.46 -14.98
N ARG B 776 -31.62 13.35 -15.64
CA ARG B 776 -32.58 12.27 -15.76
C ARG B 776 -33.03 11.77 -14.39
N ALA B 777 -32.09 11.56 -13.49
CA ALA B 777 -32.44 11.04 -12.16
C ALA B 777 -33.35 12.02 -11.41
N VAL B 778 -33.00 13.31 -11.42
CA VAL B 778 -33.81 14.30 -10.71
C VAL B 778 -35.23 14.35 -11.25
N THR B 779 -35.37 14.38 -12.59
CA THR B 779 -36.69 14.45 -13.20
C THR B 779 -37.51 13.19 -12.95
N THR B 780 -36.90 11.99 -13.03
CA THR B 780 -37.69 10.77 -12.81
C THR B 780 -38.19 10.71 -11.39
N ILE B 781 -37.34 11.10 -10.42
CA ILE B 781 -37.75 11.08 -9.03
C ILE B 781 -38.86 12.11 -8.80
N ALA B 782 -38.69 13.32 -9.33
CA ALA B 782 -39.67 14.37 -9.14
C ALA B 782 -41.01 14.00 -9.75
N ARG B 783 -41.01 13.28 -10.87
CA ARG B 783 -42.27 12.83 -11.45
C ARG B 783 -42.90 11.70 -10.64
N ALA B 784 -42.09 10.77 -10.13
CA ALA B 784 -42.64 9.63 -9.41
C ALA B 784 -43.07 9.98 -7.99
N LEU B 785 -42.42 10.97 -7.38
CA LEU B 785 -42.69 11.35 -5.99
C LEU B 785 -42.95 12.85 -5.92
N PRO B 786 -44.11 13.29 -6.42
CA PRO B 786 -44.38 14.73 -6.53
C PRO B 786 -44.24 15.42 -5.18
N GLY B 787 -43.48 16.52 -5.15
CA GLY B 787 -43.26 17.27 -3.95
C GLY B 787 -42.17 16.78 -3.02
N PHE B 788 -41.63 15.60 -3.22
CA PHE B 788 -40.59 15.08 -2.32
C PHE B 788 -39.31 15.87 -2.52
N PRO B 789 -38.73 16.47 -1.47
CA PRO B 789 -37.58 17.36 -1.67
C PRO B 789 -36.39 16.62 -2.29
N ILE B 790 -35.75 17.30 -3.27
CA ILE B 790 -34.59 16.78 -3.96
C ILE B 790 -33.48 17.84 -3.92
N LEU B 791 -32.30 17.42 -3.47
CA LEU B 791 -31.06 18.20 -3.56
C LEU B 791 -30.29 17.69 -4.77
N ALA B 792 -30.08 18.53 -5.77
CA ALA B 792 -29.48 18.10 -7.03
C ALA B 792 -27.95 18.18 -6.96
N THR B 793 -27.28 17.19 -7.55
CA THR B 793 -25.83 17.31 -7.74
C THR B 793 -25.47 16.54 -9.00
N GLY B 794 -24.54 17.09 -9.77
CA GLY B 794 -24.10 16.45 -10.99
C GLY B 794 -23.93 17.44 -12.12
N GLY B 795 -22.78 18.10 -12.18
CA GLY B 795 -22.52 18.96 -13.31
C GLY B 795 -23.11 20.36 -13.25
N ILE B 796 -23.48 20.83 -12.05
CA ILE B 796 -23.98 22.20 -11.90
C ILE B 796 -22.80 23.17 -11.87
N ASP B 797 -22.75 24.09 -12.85
CA ASP B 797 -21.60 24.98 -12.95
C ASP B 797 -21.99 26.40 -13.33
N SER B 798 -23.25 26.77 -13.20
CA SER B 798 -23.70 28.11 -13.55
C SER B 798 -25.12 28.27 -13.04
N ALA B 799 -25.59 29.52 -13.02
CA ALA B 799 -27.00 29.76 -12.69
C ALA B 799 -27.92 29.09 -13.70
N GLU B 800 -27.59 29.17 -14.99
CA GLU B 800 -28.52 28.59 -15.97
C GLU B 800 -28.62 27.08 -15.82
N SER B 801 -27.51 26.38 -15.55
CA SER B 801 -27.61 24.94 -15.35
C SER B 801 -28.32 24.63 -14.02
N GLY B 802 -28.05 25.42 -12.99
CA GLY B 802 -28.81 25.27 -11.75
C GLY B 802 -30.31 25.44 -11.97
N LEU B 803 -30.70 26.42 -12.79
CA LEU B 803 -32.12 26.61 -13.05
C LEU B 803 -32.71 25.43 -13.82
N GLN B 804 -31.92 24.78 -14.67
CA GLN B 804 -32.38 23.54 -15.31
C GLN B 804 -32.76 22.50 -14.26
N PHE B 805 -31.97 22.38 -13.19
CA PHE B 805 -32.28 21.40 -12.16
C PHE B 805 -33.47 21.83 -11.31
N LEU B 806 -33.59 23.13 -10.99
CA LEU B 806 -34.78 23.61 -10.30
C LEU B 806 -36.05 23.33 -11.11
N HIS B 807 -36.01 23.68 -12.40
CA HIS B 807 -37.11 23.37 -13.31
C HIS B 807 -37.42 21.87 -13.31
N SER B 808 -36.42 21.04 -13.06
CA SER B 808 -36.52 19.59 -13.09
C SER B 808 -37.06 19.00 -11.80
N GLY B 809 -37.29 19.80 -10.76
CA GLY B 809 -37.88 19.31 -9.52
C GLY B 809 -36.99 19.44 -8.29
N ALA B 810 -35.76 19.92 -8.41
CA ALA B 810 -34.92 20.09 -7.24
C ALA B 810 -35.20 21.42 -6.60
N SER B 811 -34.93 21.49 -5.29
CA SER B 811 -35.10 22.71 -4.52
C SER B 811 -33.79 23.42 -4.24
N VAL B 812 -32.69 22.67 -4.07
CA VAL B 812 -31.37 23.23 -3.87
C VAL B 812 -30.36 22.46 -4.71
N LEU B 813 -29.15 23.02 -4.80
CA LEU B 813 -28.20 22.69 -5.86
C LEU B 813 -26.83 22.55 -5.23
N GLN B 814 -26.29 21.33 -5.23
CA GLN B 814 -24.96 21.07 -4.72
C GLN B 814 -23.92 21.12 -5.84
N VAL B 815 -22.72 21.60 -5.51
CA VAL B 815 -21.67 21.89 -6.49
C VAL B 815 -20.35 21.33 -5.98
N CYS B 816 -19.62 20.60 -6.83
CA CYS B 816 -18.27 20.18 -6.51
C CYS B 816 -17.31 20.53 -7.64
N SER B 817 -17.54 19.93 -8.81
CA SER B 817 -16.52 19.96 -9.87
C SER B 817 -16.28 21.38 -10.37
N ALA B 818 -17.32 22.22 -10.40
CA ALA B 818 -17.15 23.59 -10.88
C ALA B 818 -16.26 24.41 -9.97
N VAL B 819 -16.21 24.05 -8.66
CA VAL B 819 -15.28 24.70 -7.74
C VAL B 819 -13.88 24.15 -7.93
N GLN B 820 -13.76 22.82 -8.14
CA GLN B 820 -12.46 22.22 -8.44
C GLN B 820 -11.84 22.84 -9.69
N ASN B 821 -12.67 23.19 -10.66
CA ASN B 821 -12.28 23.88 -11.90
C ASN B 821 -11.97 25.35 -11.68
N GLN B 822 -12.30 25.90 -10.50
CA GLN B 822 -12.17 27.33 -10.28
C GLN B 822 -11.85 27.61 -8.82
N ASP B 823 -12.83 28.15 -8.08
CA ASP B 823 -12.62 28.55 -6.68
C ASP B 823 -13.98 28.94 -6.10
N PHE B 824 -13.99 29.28 -4.80
CA PHE B 824 -15.27 29.55 -4.13
C PHE B 824 -16.00 30.77 -4.68
N THR B 825 -15.30 31.72 -5.33
CA THR B 825 -15.99 32.96 -5.68
C THR B 825 -17.00 32.79 -6.80
N VAL B 826 -17.10 31.62 -7.43
CA VAL B 826 -18.14 31.39 -8.45
C VAL B 826 -19.53 31.59 -7.87
N ILE B 827 -19.68 31.49 -6.54
CA ILE B 827 -20.98 31.71 -5.92
C ILE B 827 -21.54 33.08 -6.32
N GLN B 828 -20.68 34.09 -6.43
CA GLN B 828 -21.22 35.42 -6.76
C GLN B 828 -21.74 35.47 -8.19
N ASP B 829 -21.12 34.72 -9.09
CA ASP B 829 -21.69 34.52 -10.43
C ASP B 829 -23.04 33.81 -10.36
N TYR B 830 -23.11 32.71 -9.59
CA TYR B 830 -24.34 31.93 -9.55
C TYR B 830 -25.50 32.75 -9.01
N CYS B 831 -25.24 33.58 -7.99
CA CYS B 831 -26.33 34.34 -7.37
C CYS B 831 -26.81 35.47 -8.29
N THR B 832 -25.88 36.24 -8.86
CA THR B 832 -26.34 37.31 -9.75
C THR B 832 -26.96 36.73 -11.01
N GLY B 833 -26.44 35.60 -11.49
CA GLY B 833 -27.03 35.00 -12.69
C GLY B 833 -28.45 34.52 -12.45
N LEU B 834 -28.71 33.94 -11.27
CA LEU B 834 -30.04 33.43 -10.98
C LEU B 834 -31.01 34.59 -10.76
N LYS B 835 -30.57 35.65 -10.07
CA LYS B 835 -31.39 36.85 -9.95
C LYS B 835 -31.76 37.41 -11.32
N ALA B 836 -30.79 37.47 -12.25
CA ALA B 836 -31.08 38.02 -13.58
C ALA B 836 -32.05 37.14 -14.38
N LEU B 837 -31.81 35.82 -14.35
CA LEU B 837 -32.71 34.88 -15.02
C LEU B 837 -34.15 35.04 -14.54
N LEU B 838 -34.33 35.15 -13.21
CA LEU B 838 -35.67 35.34 -12.66
C LEU B 838 -36.25 36.70 -13.06
N TYR B 839 -35.45 37.76 -12.94
CA TYR B 839 -35.91 39.10 -13.28
C TYR B 839 -36.37 39.17 -14.74
N LEU B 840 -35.58 38.59 -15.64
CA LEU B 840 -35.90 38.67 -17.07
C LEU B 840 -37.24 38.02 -17.41
N LYS B 841 -37.68 37.05 -16.61
CA LYS B 841 -38.98 36.43 -16.85
C LYS B 841 -40.15 37.39 -16.66
N SER B 842 -39.92 38.55 -16.03
CA SER B 842 -41.00 39.52 -15.83
C SER B 842 -41.04 40.61 -16.89
N ILE B 843 -40.07 40.65 -17.79
CA ILE B 843 -39.96 41.73 -18.78
C ILE B 843 -40.56 41.23 -20.07
N GLU B 844 -41.78 41.68 -20.44
CA GLU B 844 -42.40 41.13 -21.65
C GLU B 844 -41.60 41.46 -22.90
N GLU B 845 -40.91 42.59 -22.92
CA GLU B 845 -40.19 43.00 -24.13
C GLU B 845 -39.03 42.06 -24.46
N LEU B 846 -38.61 41.24 -23.51
CA LEU B 846 -37.46 40.36 -23.69
C LEU B 846 -37.85 38.90 -23.78
N GLN B 847 -39.14 38.64 -24.04
CA GLN B 847 -39.67 37.28 -24.02
C GLN B 847 -39.10 36.39 -25.14
N GLY B 848 -38.60 36.98 -26.23
CA GLY B 848 -37.93 36.23 -27.28
C GLY B 848 -36.49 35.83 -26.98
N TRP B 849 -35.95 36.24 -25.84
CA TRP B 849 -34.63 35.81 -25.43
C TRP B 849 -34.70 34.40 -24.85
N ASP B 850 -33.57 33.70 -24.88
CA ASP B 850 -33.43 32.45 -24.15
C ASP B 850 -32.60 32.77 -22.91
N GLY B 851 -33.27 33.01 -21.80
CA GLY B 851 -32.56 33.44 -20.60
C GLY B 851 -31.91 34.79 -20.83
N GLN B 852 -30.59 34.86 -20.64
CA GLN B 852 -29.85 36.08 -20.85
C GLN B 852 -29.31 36.23 -22.28
N SER B 853 -29.61 35.27 -23.17
CA SER B 853 -29.14 35.33 -24.55
C SER B 853 -30.17 36.02 -25.42
N PRO B 854 -29.84 37.13 -26.06
CA PRO B 854 -30.74 37.72 -27.06
C PRO B 854 -31.00 36.75 -28.19
N GLY B 855 -32.12 36.94 -28.89
CA GLY B 855 -32.37 36.14 -30.07
C GLY B 855 -31.21 36.32 -31.04
N THR B 856 -30.77 35.25 -31.70
CA THR B 856 -29.59 35.33 -32.57
C THR B 856 -29.97 36.04 -33.88
N GLU B 857 -29.33 37.17 -34.14
CA GLU B 857 -29.46 37.87 -35.42
C GLU B 857 -28.45 37.37 -36.43
N SER B 858 -28.79 37.52 -37.71
CA SER B 858 -27.91 37.11 -38.77
C SER B 858 -26.62 37.92 -38.71
N HIS B 859 -25.48 37.23 -38.70
CA HIS B 859 -24.22 37.89 -38.43
C HIS B 859 -23.08 37.13 -39.10
N GLN B 860 -22.01 37.86 -39.37
CA GLN B 860 -20.70 37.28 -39.70
C GLN B 860 -19.68 37.91 -38.75
N LYS B 861 -18.88 37.05 -38.11
CA LYS B 861 -17.86 37.50 -37.13
C LYS B 861 -18.46 38.42 -36.07
N GLY B 862 -19.69 38.11 -35.65
CA GLY B 862 -20.31 38.88 -34.60
C GLY B 862 -20.77 40.27 -35.00
N LYS B 863 -20.70 40.62 -36.28
CA LYS B 863 -21.22 41.88 -36.76
C LYS B 863 -22.48 41.64 -37.57
N PRO B 864 -23.55 42.40 -37.34
CA PRO B 864 -24.80 42.16 -38.07
C PRO B 864 -24.60 42.26 -39.58
N VAL B 865 -25.28 41.39 -40.32
CA VAL B 865 -25.23 41.46 -41.78
C VAL B 865 -26.16 42.58 -42.24
N PRO B 866 -25.74 43.45 -43.13
CA PRO B 866 -26.62 44.55 -43.56
C PRO B 866 -27.89 43.98 -44.18
N ARG B 867 -29.03 44.63 -43.91
CA ARG B 867 -30.28 44.21 -44.52
C ARG B 867 -30.45 45.02 -45.80
N ILE B 868 -29.95 44.46 -46.90
CA ILE B 868 -29.93 45.13 -48.19
C ILE B 868 -30.53 44.14 -49.19
N ALA B 869 -31.55 44.59 -49.93
CA ALA B 869 -32.24 43.71 -50.87
C ALA B 869 -31.27 42.97 -51.77
N GLU B 870 -30.42 43.73 -52.48
CA GLU B 870 -29.51 43.16 -53.46
C GLU B 870 -28.37 42.36 -52.85
N LEU B 871 -28.33 42.18 -51.54
CA LEU B 871 -27.48 41.15 -50.94
C LEU B 871 -28.23 39.87 -50.61
N MET B 872 -29.51 39.99 -50.25
CA MET B 872 -30.25 38.87 -49.69
C MET B 872 -30.64 37.88 -50.77
N GLY B 873 -30.34 36.61 -50.54
CA GLY B 873 -30.73 35.56 -51.46
C GLY B 873 -30.02 35.55 -52.79
N LYS B 874 -28.97 36.37 -52.96
CA LYS B 874 -28.19 36.37 -54.19
C LYS B 874 -27.02 35.38 -54.18
N LYS B 875 -27.03 34.41 -53.26
CA LYS B 875 -26.03 33.34 -53.20
C LYS B 875 -24.60 33.90 -53.27
N LEU B 876 -24.34 34.91 -52.46
CA LEU B 876 -23.03 35.56 -52.42
C LEU B 876 -22.37 35.21 -51.09
N PRO B 877 -21.57 34.15 -51.03
CA PRO B 877 -20.82 33.86 -49.80
C PRO B 877 -19.71 34.88 -49.59
N ASN B 878 -19.10 34.83 -48.41
CA ASN B 878 -18.13 35.84 -48.01
C ASN B 878 -16.69 35.46 -48.38
N PHE B 879 -16.48 35.10 -49.65
CA PHE B 879 -15.12 34.81 -50.07
C PHE B 879 -15.02 35.04 -51.58
N GLY B 880 -13.78 35.12 -52.06
CA GLY B 880 -13.51 35.13 -53.47
C GLY B 880 -14.21 36.26 -54.23
N PRO B 881 -14.57 36.02 -55.48
CA PRO B 881 -15.26 37.07 -56.24
C PRO B 881 -16.64 37.38 -55.70
N TYR B 882 -17.24 36.48 -54.91
CA TYR B 882 -18.54 36.79 -54.32
C TYR B 882 -18.40 37.90 -53.27
N LEU B 883 -17.29 37.87 -52.54
CA LEU B 883 -17.03 38.93 -51.56
C LEU B 883 -16.81 40.27 -52.24
N GLU B 884 -16.05 40.28 -53.32
CA GLU B 884 -15.88 41.52 -54.07
C GLU B 884 -17.22 42.06 -54.53
N GLN B 885 -18.14 41.18 -54.93
CA GLN B 885 -19.47 41.65 -55.30
C GLN B 885 -20.24 42.15 -54.09
N ARG B 886 -20.10 41.48 -52.94
CA ARG B 886 -20.76 41.99 -51.72
C ARG B 886 -20.24 43.37 -51.38
N LYS B 887 -18.94 43.58 -51.49
CA LYS B 887 -18.35 44.87 -51.13
C LYS B 887 -18.86 45.97 -52.04
N LYS B 888 -19.06 45.67 -53.33
CA LYS B 888 -19.56 46.67 -54.27
C LYS B 888 -20.99 47.07 -53.91
N ILE B 889 -21.83 46.08 -53.65
CA ILE B 889 -23.22 46.31 -53.28
C ILE B 889 -23.32 47.17 -52.02
N ILE B 890 -22.50 46.87 -51.01
CA ILE B 890 -22.56 47.62 -49.76
C ILE B 890 -22.09 49.04 -49.97
N ALA B 891 -21.00 49.22 -50.74
CA ALA B 891 -20.49 50.56 -51.00
C ALA B 891 -21.53 51.41 -51.70
N GLU B 892 -22.20 50.85 -52.72
CA GLU B 892 -23.26 51.60 -53.41
C GLU B 892 -24.43 51.93 -52.49
N GLU B 893 -24.75 51.04 -51.54
CA GLU B 893 -25.79 51.36 -50.58
C GLU B 893 -25.39 52.52 -49.67
N LYS B 894 -24.11 52.57 -49.25
CA LYS B 894 -23.68 53.68 -48.40
C LYS B 894 -23.72 55.00 -49.16
N MET B 895 -23.31 55.01 -50.44
CA MET B 895 -23.45 56.20 -51.27
C MET B 895 -24.91 56.63 -51.38
N ARG B 896 -25.80 55.65 -51.47
CA ARG B 896 -27.21 55.94 -51.61
C ARG B 896 -27.80 56.50 -50.31
N LEU B 897 -27.26 56.07 -49.17
CA LEU B 897 -27.71 56.60 -47.88
C LEU B 897 -27.19 58.01 -47.62
N LYS B 898 -26.10 58.41 -48.29
CA LYS B 898 -25.54 59.73 -48.14
C LYS B 898 -26.56 60.83 -48.42
N GLU B 899 -27.63 60.52 -49.16
CA GLU B 899 -28.62 61.48 -49.62
C GLU B 899 -29.89 61.54 -48.78
N GLN B 900 -30.04 60.71 -47.75
CA GLN B 900 -31.33 60.57 -47.08
C GLN B 900 -31.24 61.02 -45.62
N ASN B 901 -32.42 61.25 -45.04
CA ASN B 901 -32.51 61.51 -43.60
C ASN B 901 -32.29 60.24 -42.79
N ALA B 902 -31.57 60.38 -41.69
CA ALA B 902 -31.50 59.35 -40.66
C ALA B 902 -32.36 59.80 -39.49
N ALA B 903 -33.17 58.88 -38.97
CA ALA B 903 -33.92 59.19 -37.77
C ALA B 903 -32.97 59.40 -36.60
N PHE B 904 -33.47 60.07 -35.57
CA PHE B 904 -32.77 60.25 -34.31
C PHE B 904 -33.18 59.17 -33.33
N PRO B 905 -32.27 58.63 -32.53
CA PRO B 905 -32.69 57.81 -31.40
C PRO B 905 -33.52 58.65 -30.45
N PRO B 906 -34.34 58.04 -29.58
CA PRO B 906 -35.11 58.85 -28.63
C PRO B 906 -34.15 59.77 -27.88
N LEU B 907 -34.66 60.96 -27.52
CA LEU B 907 -33.86 61.89 -26.73
C LEU B 907 -33.24 61.09 -25.59
N GLU B 908 -34.05 60.21 -24.99
CA GLU B 908 -33.44 59.17 -24.19
C GLU B 908 -34.39 58.01 -23.91
N ARG B 909 -33.80 56.83 -23.73
CA ARG B 909 -34.51 55.56 -23.69
C ARG B 909 -35.28 55.41 -22.39
N LYS B 910 -36.36 54.65 -22.46
CA LYS B 910 -37.04 54.36 -21.22
C LYS B 910 -36.79 52.91 -20.80
N PRO B 911 -36.48 52.66 -19.53
CA PRO B 911 -36.24 51.27 -19.10
C PRO B 911 -37.48 50.42 -19.25
N PHE B 912 -37.25 49.12 -19.48
CA PHE B 912 -38.34 48.16 -19.39
C PHE B 912 -38.74 47.97 -17.93
N ILE B 913 -40.03 47.81 -17.70
CA ILE B 913 -40.61 47.72 -16.36
C ILE B 913 -41.16 46.30 -16.19
N PRO B 914 -40.84 45.62 -15.09
CA PRO B 914 -41.50 44.32 -14.84
C PRO B 914 -43.01 44.47 -14.92
N LYS B 915 -43.64 43.62 -15.72
CA LYS B 915 -45.09 43.64 -15.90
C LYS B 915 -45.82 42.67 -14.98
N LYS B 916 -45.09 41.90 -14.20
CA LYS B 916 -45.66 40.95 -13.26
C LYS B 916 -44.60 40.63 -12.22
N PRO B 917 -44.99 40.08 -11.06
CA PRO B 917 -43.99 39.83 -10.01
C PRO B 917 -42.86 38.96 -10.53
N ILE B 918 -41.65 39.28 -10.09
CA ILE B 918 -40.50 38.39 -10.31
C ILE B 918 -40.80 37.04 -9.67
N PRO B 919 -40.68 35.94 -10.39
CA PRO B 919 -40.89 34.63 -9.75
C PRO B 919 -39.89 34.39 -8.64
N ALA B 920 -40.36 33.76 -7.57
CA ALA B 920 -39.52 33.19 -6.53
C ALA B 920 -39.06 31.80 -6.97
N ILE B 921 -38.05 31.27 -6.26
CA ILE B 921 -37.57 29.93 -6.55
C ILE B 921 -38.73 28.94 -6.53
N LYS B 922 -39.60 29.07 -5.51
CA LYS B 922 -40.73 28.16 -5.36
C LYS B 922 -41.65 28.18 -6.57
N ASP B 923 -41.65 29.28 -7.34
CA ASP B 923 -42.50 29.36 -8.54
C ASP B 923 -41.91 28.67 -9.76
N VAL B 924 -40.62 28.29 -9.75
CA VAL B 924 -40.03 27.63 -10.91
C VAL B 924 -39.79 26.14 -10.69
N ILE B 925 -39.84 25.67 -9.44
CA ILE B 925 -39.46 24.30 -9.16
C ILE B 925 -40.45 23.37 -9.84
N GLY B 926 -39.92 22.42 -10.62
CA GLY B 926 -40.73 21.43 -11.29
C GLY B 926 -41.48 21.89 -12.52
N LYS B 927 -41.31 23.14 -12.96
CA LYS B 927 -42.15 23.62 -14.04
C LYS B 927 -41.82 22.97 -15.39
N ALA B 928 -40.69 22.29 -15.54
CA ALA B 928 -40.40 21.62 -16.80
C ALA B 928 -40.99 20.23 -16.87
N LEU B 929 -41.47 19.69 -15.75
CA LEU B 929 -41.91 18.31 -15.74
C LEU B 929 -43.11 18.09 -16.67
N GLN B 930 -43.91 19.14 -16.90
CA GLN B 930 -45.06 19.05 -17.80
C GLN B 930 -44.67 18.64 -19.22
N TYR B 931 -43.41 18.83 -19.62
CA TYR B 931 -42.97 18.51 -20.96
C TYR B 931 -42.46 17.08 -21.09
N LEU B 932 -42.09 16.45 -19.98
CA LEU B 932 -41.55 15.10 -20.00
C LEU B 932 -42.66 14.06 -20.07
N GLY B 933 -42.39 12.97 -20.76
CA GLY B 933 -43.32 11.87 -20.78
C GLY B 933 -42.75 10.65 -21.48
N THR B 934 -43.64 9.76 -21.86
CA THR B 934 -43.25 8.57 -22.59
C THR B 934 -43.02 8.90 -24.04
N PHE B 935 -42.36 8.00 -24.75
CA PHE B 935 -42.20 8.19 -26.19
C PHE B 935 -43.56 8.25 -26.88
N GLY B 936 -44.51 7.44 -26.42
CA GLY B 936 -45.83 7.42 -27.04
C GLY B 936 -46.55 8.76 -26.98
N GLU B 937 -46.25 9.59 -25.98
CA GLU B 937 -46.85 10.91 -25.88
C GLU B 937 -46.20 11.96 -26.80
N LEU B 938 -45.19 11.60 -27.58
CA LEU B 938 -44.61 12.51 -28.57
C LEU B 938 -45.36 12.40 -29.89
N SER B 939 -45.62 13.55 -30.53
CA SER B 939 -46.28 13.56 -31.83
C SER B 939 -45.32 13.07 -32.93
N ASN B 940 -45.73 12.03 -33.66
CA ASN B 940 -44.96 11.60 -34.81
C ASN B 940 -45.50 12.14 -36.14
N ILE B 941 -46.49 13.04 -36.10
CA ILE B 941 -46.97 13.68 -37.31
C ILE B 941 -46.62 15.17 -37.40
N GLU B 942 -46.27 15.81 -36.28
CA GLU B 942 -45.78 17.19 -36.29
C GLU B 942 -44.26 17.11 -36.42
N GLN B 943 -43.80 16.99 -37.66
CA GLN B 943 -42.40 16.76 -37.99
C GLN B 943 -41.72 18.08 -38.31
N VAL B 944 -40.39 18.09 -38.25
CA VAL B 944 -39.61 19.28 -38.59
C VAL B 944 -38.64 18.95 -39.72
N VAL B 945 -38.10 20.01 -40.32
CA VAL B 945 -37.00 19.92 -41.27
C VAL B 945 -36.02 21.03 -40.95
N ALA B 946 -34.77 20.83 -41.37
CA ALA B 946 -33.74 21.83 -41.13
C ALA B 946 -33.79 22.89 -42.22
N VAL B 947 -33.50 24.14 -41.83
CA VAL B 947 -33.38 25.23 -42.80
C VAL B 947 -32.18 26.07 -42.40
N ILE B 948 -31.35 26.42 -43.39
CA ILE B 948 -30.08 27.10 -43.16
C ILE B 948 -30.19 28.56 -43.59
N ASP B 949 -29.71 29.46 -42.73
CA ASP B 949 -29.62 30.88 -43.05
C ASP B 949 -28.29 31.10 -43.75
N GLU B 950 -28.34 31.28 -45.08
CA GLU B 950 -27.10 31.38 -45.84
C GLU B 950 -26.25 32.57 -45.44
N GLU B 951 -26.83 33.59 -44.81
CA GLU B 951 -26.03 34.73 -44.41
C GLU B 951 -25.17 34.47 -43.18
N MET B 952 -25.54 33.50 -42.35
CA MET B 952 -24.72 33.10 -41.21
C MET B 952 -23.76 31.96 -41.49
N CYS B 953 -23.91 31.27 -42.61
CA CYS B 953 -23.12 30.09 -42.90
C CYS B 953 -21.65 30.46 -43.12
N ILE B 954 -20.74 29.61 -42.63
CA ILE B 954 -19.31 29.82 -42.93
C ILE B 954 -18.75 28.71 -43.84
N ASN B 955 -19.62 27.98 -44.54
CA ASN B 955 -19.28 27.25 -45.76
C ASN B 955 -18.44 26.00 -45.51
N CYS B 956 -18.51 25.43 -44.30
CA CYS B 956 -17.64 24.35 -43.88
C CYS B 956 -18.12 22.98 -44.38
N GLY B 957 -19.39 22.86 -44.73
CA GLY B 957 -19.89 21.58 -45.20
C GLY B 957 -20.07 20.52 -44.14
N LYS B 958 -20.06 20.87 -42.85
CA LYS B 958 -20.22 19.83 -41.84
C LYS B 958 -21.65 19.29 -41.81
N CYS B 959 -22.64 20.15 -42.03
CA CYS B 959 -24.02 19.67 -42.16
C CYS B 959 -24.13 18.66 -43.28
N TYR B 960 -23.50 18.95 -44.41
CA TYR B 960 -23.50 18.07 -45.57
C TYR B 960 -22.86 16.72 -45.23
N MET B 961 -21.69 16.77 -44.58
CA MET B 961 -20.94 15.56 -44.29
C MET B 961 -21.67 14.67 -43.28
N THR B 962 -22.30 15.28 -42.28
CA THR B 962 -23.05 14.53 -41.29
C THR B 962 -24.31 13.92 -41.91
N CYS B 963 -25.06 14.67 -42.72
CA CYS B 963 -26.22 14.07 -43.40
C CYS B 963 -25.78 12.96 -44.35
N ASN B 964 -24.63 13.12 -45.00
CA ASN B 964 -24.17 12.11 -45.96
C ASN B 964 -23.81 10.80 -45.27
N ASP B 965 -23.01 10.86 -44.21
CA ASP B 965 -22.49 9.63 -43.62
C ASP B 965 -23.17 9.28 -42.30
N SER B 966 -24.16 10.08 -41.86
CA SER B 966 -24.92 9.77 -40.65
C SER B 966 -26.40 10.11 -40.79
N GLY B 967 -26.90 10.38 -42.00
CA GLY B 967 -28.26 10.86 -42.19
C GLY B 967 -28.90 10.36 -43.48
N TYR B 968 -29.46 11.28 -44.29
CA TYR B 968 -30.38 10.92 -45.37
C TYR B 968 -29.96 11.55 -46.70
N GLN B 969 -28.71 12.00 -46.80
CA GLN B 969 -28.15 12.52 -48.06
C GLN B 969 -29.08 13.58 -48.65
N ALA B 970 -29.56 14.48 -47.77
CA ALA B 970 -30.61 15.43 -48.06
C ALA B 970 -30.12 16.84 -48.33
N ILE B 971 -28.81 17.08 -48.23
CA ILE B 971 -28.25 18.44 -48.36
C ILE B 971 -27.46 18.51 -49.65
N GLN B 972 -27.73 19.54 -50.46
CA GLN B 972 -26.88 19.87 -51.61
C GLN B 972 -25.82 20.86 -51.15
N PHE B 973 -24.57 20.62 -51.55
CA PHE B 973 -23.45 21.47 -51.18
C PHE B 973 -22.87 22.03 -52.47
N ASP B 974 -23.03 23.34 -52.70
CA ASP B 974 -22.70 23.90 -54.00
C ASP B 974 -21.19 23.89 -54.22
N PRO B 975 -20.72 23.38 -55.36
CA PRO B 975 -19.26 23.30 -55.59
C PRO B 975 -18.56 24.64 -55.80
N GLU B 976 -19.28 25.71 -56.13
CA GLU B 976 -18.66 27.01 -56.38
C GLU B 976 -18.77 27.95 -55.19
N THR B 977 -19.94 27.98 -54.55
CA THR B 977 -20.18 28.86 -53.41
C THR B 977 -19.97 28.17 -52.07
N HIS B 978 -19.92 26.84 -52.04
CA HIS B 978 -19.84 26.13 -50.76
C HIS B 978 -21.01 26.50 -49.85
N LEU B 979 -22.17 26.74 -50.45
CA LEU B 979 -23.36 26.98 -49.67
C LEU B 979 -24.22 25.73 -49.68
N PRO B 980 -24.68 25.28 -48.50
CA PRO B 980 -25.58 24.13 -48.42
C PRO B 980 -27.04 24.54 -48.55
N THR B 981 -27.84 23.62 -49.11
CA THR B 981 -29.29 23.76 -49.17
C THR B 981 -29.92 22.44 -48.73
N VAL B 982 -30.78 22.49 -47.72
CA VAL B 982 -31.52 21.32 -47.28
C VAL B 982 -32.66 21.08 -48.25
N THR B 983 -32.80 19.84 -48.74
CA THR B 983 -33.86 19.53 -49.68
C THR B 983 -35.02 18.82 -48.99
N ASP B 984 -36.04 18.49 -49.79
CA ASP B 984 -37.26 17.93 -49.24
C ASP B 984 -37.08 16.51 -48.71
N THR B 985 -35.95 15.85 -48.99
CA THR B 985 -35.77 14.53 -48.40
C THR B 985 -35.34 14.57 -46.93
N CYS B 986 -35.14 15.75 -46.36
CA CYS B 986 -34.84 15.88 -44.93
C CYS B 986 -35.88 15.14 -44.10
N THR B 987 -35.43 14.47 -43.04
CA THR B 987 -36.30 13.81 -42.08
C THR B 987 -36.40 14.56 -40.75
N GLY B 988 -35.69 15.68 -40.59
CA GLY B 988 -35.72 16.36 -39.31
C GLY B 988 -34.93 15.70 -38.21
N CYS B 989 -33.99 14.82 -38.56
CA CYS B 989 -33.26 14.09 -37.54
C CYS B 989 -32.51 15.04 -36.59
N THR B 990 -32.07 16.20 -37.10
CA THR B 990 -31.50 17.35 -36.38
C THR B 990 -29.98 17.19 -36.18
N LEU B 991 -29.35 16.22 -36.86
CA LEU B 991 -27.90 16.05 -36.71
C LEU B 991 -27.11 17.24 -37.30
N CYS B 992 -27.52 17.75 -38.47
CA CYS B 992 -26.80 18.87 -39.08
C CYS B 992 -26.76 20.07 -38.14
N LEU B 993 -27.92 20.47 -37.63
CA LEU B 993 -27.97 21.53 -36.63
C LEU B 993 -27.02 21.22 -35.47
N SER B 994 -26.93 19.96 -35.07
CA SER B 994 -26.17 19.61 -33.87
C SER B 994 -24.67 19.71 -34.09
N VAL B 995 -24.19 19.68 -35.35
CA VAL B 995 -22.75 19.75 -35.64
C VAL B 995 -22.35 21.10 -36.23
N CYS B 996 -23.29 21.99 -36.50
CA CYS B 996 -22.95 23.24 -37.19
C CYS B 996 -22.21 24.17 -36.24
N PRO B 997 -21.10 24.78 -36.65
CA PRO B 997 -20.32 25.60 -35.71
C PRO B 997 -20.96 26.94 -35.37
N ILE B 998 -21.97 27.39 -36.11
CA ILE B 998 -22.55 28.71 -35.94
C ILE B 998 -23.87 28.56 -35.21
N ILE B 999 -23.98 29.19 -34.04
CA ILE B 999 -25.20 29.04 -33.26
C ILE B 999 -26.37 29.60 -34.05
N ASP B 1000 -27.41 28.80 -34.20
CA ASP B 1000 -28.67 29.19 -34.85
C ASP B 1000 -28.53 29.49 -36.34
N CYS B 1001 -27.43 29.09 -36.99
CA CYS B 1001 -27.40 29.17 -38.44
C CYS B 1001 -28.43 28.22 -39.04
N ILE B 1002 -28.50 27.01 -38.50
CA ILE B 1002 -29.49 26.02 -38.87
C ILE B 1002 -30.60 26.05 -37.84
N ARG B 1003 -31.84 26.01 -38.29
CA ARG B 1003 -32.99 25.97 -37.39
C ARG B 1003 -33.94 24.86 -37.82
N MET B 1004 -34.62 24.25 -36.85
CA MET B 1004 -35.64 23.26 -37.19
C MET B 1004 -36.99 23.97 -37.29
N VAL B 1005 -37.63 23.84 -38.45
CA VAL B 1005 -38.90 24.51 -38.70
C VAL B 1005 -39.96 23.47 -39.02
N SER B 1006 -41.21 23.80 -38.72
CA SER B 1006 -42.30 22.87 -38.95
C SER B 1006 -42.36 22.49 -40.43
N ARG B 1007 -42.42 21.20 -40.69
CA ARG B 1007 -42.43 20.67 -42.04
C ARG B 1007 -43.76 21.03 -42.71
N THR B 1008 -43.67 21.59 -43.92
CA THR B 1008 -44.86 22.03 -44.65
C THR B 1008 -45.28 21.06 -45.75
N THR B 1009 -44.39 20.19 -46.19
CA THR B 1009 -44.67 19.27 -47.28
C THR B 1009 -45.00 17.90 -46.73
N PRO B 1010 -45.69 17.07 -47.51
CA PRO B 1010 -46.08 15.75 -47.00
C PRO B 1010 -44.86 14.94 -46.58
N TYR B 1011 -45.02 14.25 -45.45
CA TYR B 1011 -43.97 13.41 -44.90
C TYR B 1011 -44.33 11.93 -45.05
N GLU B 1012 -43.32 11.12 -45.34
CA GLU B 1012 -43.45 9.69 -45.59
C GLU B 1012 -42.19 9.05 -45.02
N PRO B 1013 -42.28 8.25 -43.98
CA PRO B 1013 -41.08 7.53 -43.50
C PRO B 1013 -40.45 6.72 -44.62
N LYS B 1014 -39.12 6.73 -44.68
CA LYS B 1014 -38.41 5.91 -45.67
C LYS B 1014 -38.36 4.48 -45.17
N ARG B 1015 -39.06 3.60 -45.88
CA ARG B 1015 -39.16 2.20 -45.53
C ARG B 1015 -38.24 1.32 -46.37
N GLY B 1016 -37.45 1.92 -47.26
CA GLY B 1016 -36.53 1.21 -48.13
C GLY B 1016 -37.15 0.10 -48.97
N LEU B 1017 -38.16 -0.56 -48.39
CA LEU B 1017 -38.64 -1.92 -48.67
C LEU B 1017 -38.14 -2.55 -49.96
N PRO C 3 -8.71 24.58 20.28
CA PRO C 3 -8.54 25.60 19.24
C PRO C 3 -9.75 25.62 18.33
N VAL C 4 -9.88 26.66 17.52
CA VAL C 4 -10.99 26.77 16.60
C VAL C 4 -10.62 25.97 15.35
N LEU C 5 -11.24 24.80 15.18
CA LEU C 5 -10.81 23.91 14.10
C LEU C 5 -11.17 24.45 12.73
N SER C 6 -12.30 25.16 12.62
CA SER C 6 -12.86 25.63 11.37
C SER C 6 -12.27 26.96 10.95
N LYS C 7 -11.11 27.31 11.49
CA LYS C 7 -10.42 28.56 11.25
C LYS C 7 -9.01 28.27 10.77
N ASP C 8 -8.53 29.03 9.80
CA ASP C 8 -7.16 28.89 9.31
C ASP C 8 -6.19 29.50 10.33
N VAL C 9 -5.15 28.77 10.69
CA VAL C 9 -4.07 29.34 11.50
C VAL C 9 -3.33 30.37 10.66
N ALA C 10 -2.47 31.17 11.32
CA ALA C 10 -1.87 32.33 10.65
C ALA C 10 -1.03 31.94 9.43
N ASP C 11 -0.30 30.84 9.50
CA ASP C 11 0.54 30.50 8.36
C ASP C 11 -0.27 30.06 7.14
N ILE C 12 -1.46 29.49 7.35
CA ILE C 12 -2.35 29.17 6.24
C ILE C 12 -3.04 30.44 5.72
N GLU C 13 -3.42 31.36 6.61
CA GLU C 13 -3.96 32.62 6.14
C GLU C 13 -2.95 33.35 5.26
N SER C 14 -1.66 33.25 5.61
CA SER C 14 -0.61 33.85 4.78
C SER C 14 -0.50 33.14 3.44
N ILE C 15 -0.60 31.81 3.43
CA ILE C 15 -0.47 31.11 2.16
C ILE C 15 -1.66 31.42 1.25
N LEU C 16 -2.83 31.73 1.84
CA LEU C 16 -4.04 32.09 1.09
C LEU C 16 -4.11 33.55 0.68
N ALA C 17 -3.05 34.33 0.86
CA ALA C 17 -3.14 35.78 0.69
C ALA C 17 -3.64 36.17 -0.70
N LEU C 18 -3.20 35.46 -1.73
CA LEU C 18 -3.58 35.77 -3.10
C LEU C 18 -4.79 34.99 -3.59
N ASN C 19 -5.40 34.18 -2.73
CA ASN C 19 -6.58 33.43 -3.12
C ASN C 19 -7.73 34.38 -3.44
N PRO C 20 -8.50 34.12 -4.51
CA PRO C 20 -9.58 35.03 -4.89
C PRO C 20 -10.64 35.11 -3.82
N ARG C 21 -11.16 36.32 -3.61
CA ARG C 21 -12.21 36.57 -2.64
C ARG C 21 -13.22 37.50 -3.29
N THR C 22 -14.47 37.39 -2.85
CA THR C 22 -15.53 38.26 -3.33
C THR C 22 -15.34 39.67 -2.78
N GLN C 23 -15.51 40.67 -3.64
CA GLN C 23 -15.31 42.06 -3.22
C GLN C 23 -16.66 42.75 -3.03
N SER C 24 -16.71 43.64 -2.05
CA SER C 24 -17.94 44.37 -1.72
C SER C 24 -17.86 45.85 -2.05
N HIS C 25 -16.70 46.35 -2.47
CA HIS C 25 -16.57 47.75 -2.83
C HIS C 25 -15.72 47.82 -4.10
N ALA C 26 -15.82 48.95 -4.79
CA ALA C 26 -14.92 49.20 -5.90
C ALA C 26 -13.53 49.54 -5.35
N ALA C 27 -12.51 49.20 -6.12
CA ALA C 27 -11.12 49.36 -5.69
C ALA C 27 -10.62 50.77 -6.01
N LEU C 28 -9.61 51.21 -5.26
CA LEU C 28 -9.00 52.51 -5.49
C LEU C 28 -7.52 52.32 -5.80
N HIS C 29 -7.11 52.70 -7.01
CA HIS C 29 -5.72 52.68 -7.42
C HIS C 29 -5.48 53.88 -8.31
N SER C 30 -4.52 54.73 -7.93
CA SER C 30 -4.29 55.94 -8.71
C SER C 30 -3.78 55.62 -10.11
N THR C 31 -4.05 56.53 -11.04
CA THR C 31 -3.55 56.38 -12.39
C THR C 31 -2.02 56.34 -12.39
N LEU C 32 -1.39 57.15 -11.55
CA LEU C 32 0.07 57.13 -11.48
C LEU C 32 0.59 55.79 -10.97
N ALA C 33 0.01 55.29 -9.87
CA ALA C 33 0.40 53.98 -9.37
C ALA C 33 0.17 52.90 -10.42
N LYS C 34 -0.91 53.01 -11.19
CA LYS C 34 -1.17 51.99 -12.21
C LYS C 34 -0.13 52.04 -13.32
N LYS C 35 0.26 53.24 -13.77
CA LYS C 35 1.29 53.33 -14.82
C LYS C 35 2.57 52.63 -14.38
N LEU C 36 2.98 52.84 -13.13
CA LEU C 36 4.21 52.22 -12.64
C LEU C 36 4.07 50.70 -12.53
N ASP C 37 2.93 50.20 -12.01
CA ASP C 37 2.79 48.76 -11.81
C ASP C 37 2.66 47.98 -13.11
N LYS C 38 2.12 48.59 -14.17
CA LYS C 38 1.95 47.93 -15.46
C LYS C 38 3.23 47.24 -15.93
N LYS C 39 4.37 47.92 -15.75
CA LYS C 39 5.64 47.39 -16.24
C LYS C 39 5.99 46.07 -15.58
N HIS C 40 5.50 45.81 -14.36
CA HIS C 40 5.92 44.61 -13.64
C HIS C 40 5.40 43.33 -14.28
N TRP C 41 4.25 43.40 -14.97
CA TRP C 41 3.52 42.23 -15.46
C TRP C 41 3.64 42.02 -16.97
N LYS C 42 4.36 42.91 -17.65
CA LYS C 42 4.24 43.07 -19.10
C LYS C 42 4.72 41.83 -19.84
N ARG C 43 3.88 41.27 -20.72
CA ARG C 43 4.25 40.07 -21.45
C ARG C 43 4.70 40.35 -22.88
N ASN C 44 4.01 41.24 -23.58
CA ASN C 44 4.13 41.48 -25.03
C ASN C 44 5.05 42.66 -25.30
N PRO C 45 5.31 43.02 -26.57
CA PRO C 45 6.21 44.17 -26.83
C PRO C 45 5.65 45.48 -26.26
N ASP C 46 6.57 46.33 -25.78
CA ASP C 46 6.24 47.66 -25.29
C ASP C 46 6.25 48.63 -26.47
N LYS C 47 5.10 49.23 -26.78
CA LYS C 47 5.05 50.10 -27.94
C LYS C 47 5.83 51.39 -27.75
N ASN C 48 6.35 51.65 -26.55
CA ASN C 48 7.21 52.79 -26.30
C ASN C 48 8.68 52.45 -26.41
N CYS C 49 9.01 51.23 -26.83
CA CYS C 49 10.39 50.79 -26.92
C CYS C 49 10.82 50.84 -28.38
N PHE C 50 11.85 51.64 -28.65
CA PHE C 50 12.36 51.88 -30.00
C PHE C 50 13.53 50.99 -30.34
N HIS C 51 13.85 50.02 -29.47
CA HIS C 51 15.16 49.36 -29.49
C HIS C 51 14.98 48.01 -28.82
N CYS C 52 14.87 46.96 -29.63
CA CYS C 52 14.65 45.60 -29.12
C CYS C 52 15.97 44.87 -28.89
N GLU C 53 15.89 43.80 -28.11
CA GLU C 53 17.08 43.20 -27.50
C GLU C 53 18.09 42.75 -28.54
N LYS C 54 19.34 42.71 -28.11
CA LYS C 54 20.44 42.16 -28.89
C LYS C 54 20.05 40.83 -29.51
N LEU C 55 20.29 40.71 -30.80
CA LEU C 55 20.06 39.47 -31.53
C LEU C 55 21.33 38.93 -32.16
N GLU C 56 22.47 39.51 -31.82
CA GLU C 56 23.74 39.06 -32.37
C GLU C 56 23.97 37.59 -32.06
N ASN C 57 24.26 36.81 -33.10
CA ASN C 57 24.51 35.38 -33.03
C ASN C 57 23.32 34.60 -32.45
N ASN C 58 22.11 35.14 -32.53
CA ASN C 58 20.92 34.46 -32.01
C ASN C 58 20.13 33.88 -33.18
N PHE C 59 20.28 32.57 -33.41
CA PHE C 59 19.56 31.88 -34.48
C PHE C 59 18.43 31.00 -33.95
N ASP C 60 17.92 31.33 -32.78
CA ASP C 60 16.72 30.68 -32.28
C ASP C 60 15.53 30.94 -33.19
N ASP C 61 14.61 29.98 -33.18
CA ASP C 61 13.39 30.02 -33.97
C ASP C 61 12.55 31.26 -33.68
N ILE C 62 12.28 32.06 -34.71
CA ILE C 62 11.48 33.26 -34.53
C ILE C 62 10.09 33.11 -35.10
N LYS C 63 9.75 31.96 -35.68
CA LYS C 63 8.45 31.80 -36.31
C LYS C 63 7.33 31.91 -35.29
N HIS C 64 6.29 32.66 -35.65
CA HIS C 64 5.11 32.76 -34.80
C HIS C 64 4.24 31.52 -34.87
N THR C 65 4.46 30.64 -35.83
CA THR C 65 3.53 29.56 -36.07
C THR C 65 3.97 28.25 -35.43
N THR C 66 5.17 28.19 -34.84
CA THR C 66 5.65 26.95 -34.22
C THR C 66 4.74 26.52 -33.07
N LEU C 67 4.41 25.23 -33.06
CA LEU C 67 3.52 24.61 -32.08
C LEU C 67 4.20 23.47 -31.34
N GLY C 68 4.01 23.42 -30.01
CA GLY C 68 4.21 22.20 -29.25
C GLY C 68 2.96 21.33 -29.26
N GLU C 69 3.05 20.20 -28.58
CA GLU C 69 1.95 19.23 -28.63
C GLU C 69 0.66 19.81 -28.06
N ARG C 70 0.73 20.44 -26.88
CA ARG C 70 -0.46 21.04 -26.27
C ARG C 70 -1.16 22.01 -27.21
N GLY C 71 -0.41 22.95 -27.80
CA GLY C 71 -1.01 23.90 -28.70
C GLY C 71 -1.45 23.31 -30.02
N ALA C 72 -0.71 22.32 -30.53
CA ALA C 72 -1.13 21.65 -31.76
C ALA C 72 -2.46 20.91 -31.57
N LEU C 73 -2.58 20.21 -30.45
CA LEU C 73 -3.83 19.45 -30.18
C LEU C 73 -5.02 20.40 -30.08
N ARG C 74 -4.84 21.53 -29.43
CA ARG C 74 -5.89 22.53 -29.32
C ARG C 74 -6.26 23.10 -30.68
N GLU C 75 -5.26 23.45 -31.49
CA GLU C 75 -5.57 24.06 -32.77
C GLU C 75 -6.13 23.04 -33.75
N ALA C 76 -5.64 21.80 -33.69
CA ALA C 76 -6.23 20.74 -34.52
C ALA C 76 -7.66 20.43 -34.11
N MET C 77 -7.98 20.53 -32.82
CA MET C 77 -9.39 20.31 -32.46
C MET C 77 -10.26 21.46 -32.92
N ARG C 78 -9.69 22.65 -33.07
CA ARG C 78 -10.49 23.80 -33.47
C ARG C 78 -10.87 23.75 -34.95
N CYS C 79 -10.05 23.10 -35.77
CA CYS C 79 -10.31 23.03 -37.21
C CYS C 79 -11.65 22.35 -37.50
N LEU C 80 -12.41 22.94 -38.43
CA LEU C 80 -13.75 22.40 -38.76
C LEU C 80 -13.68 21.14 -39.62
N LYS C 81 -12.52 20.83 -40.22
CA LYS C 81 -12.29 19.62 -41.00
C LYS C 81 -13.31 19.54 -42.14
N CYS C 82 -13.27 20.60 -42.96
CA CYS C 82 -14.32 20.98 -43.88
C CYS C 82 -14.40 20.06 -45.09
N ALA C 83 -15.59 19.97 -45.68
CA ALA C 83 -15.71 19.21 -46.91
C ALA C 83 -15.17 20.05 -48.07
N ASP C 84 -14.56 19.37 -49.05
CA ASP C 84 -14.10 20.04 -50.27
C ASP C 84 -13.27 21.28 -49.90
N ALA C 85 -12.38 21.11 -48.93
CA ALA C 85 -11.94 22.24 -48.12
C ALA C 85 -11.24 23.28 -48.98
N PRO C 86 -11.53 24.56 -48.75
CA PRO C 86 -10.87 25.63 -49.52
C PRO C 86 -9.41 25.81 -49.20
N CYS C 87 -8.95 25.39 -48.01
CA CYS C 87 -7.52 25.43 -47.70
C CYS C 87 -6.74 24.52 -48.63
N GLN C 88 -7.26 23.32 -48.88
CA GLN C 88 -6.62 22.40 -49.80
C GLN C 88 -6.66 22.92 -51.24
N LYS C 89 -7.77 23.53 -51.64
CA LYS C 89 -7.83 24.18 -52.95
C LYS C 89 -6.73 25.22 -53.10
N SER C 90 -6.40 25.91 -51.99
CA SER C 90 -5.42 26.99 -51.97
C SER C 90 -4.01 26.51 -51.67
N CYS C 91 -3.79 25.21 -51.53
CA CYS C 91 -2.46 24.64 -51.35
C CYS C 91 -1.92 24.20 -52.69
N PRO C 92 -0.73 24.67 -53.12
CA PRO C 92 -0.22 24.27 -54.46
C PRO C 92 0.11 22.79 -54.59
N THR C 93 0.40 22.06 -53.50
CA THR C 93 0.54 20.62 -53.60
C THR C 93 -0.76 19.87 -53.23
N HIS C 94 -1.88 20.57 -53.06
CA HIS C 94 -3.18 19.92 -52.84
C HIS C 94 -3.18 18.99 -51.61
N LEU C 95 -2.47 19.37 -50.55
CA LEU C 95 -2.50 18.59 -49.31
C LEU C 95 -3.91 18.41 -48.78
N ASP C 96 -4.20 17.17 -48.34
CA ASP C 96 -5.48 16.89 -47.70
C ASP C 96 -5.38 17.37 -46.25
N ILE C 97 -5.60 18.68 -46.10
CA ILE C 97 -5.43 19.36 -44.82
C ILE C 97 -6.47 18.88 -43.81
N LYS C 98 -7.71 18.66 -44.26
CA LYS C 98 -8.75 18.14 -43.38
C LYS C 98 -8.35 16.80 -42.77
N SER C 99 -7.81 15.90 -43.61
CA SER C 99 -7.41 14.58 -43.11
C SER C 99 -6.20 14.67 -42.19
N PHE C 100 -5.18 15.47 -42.54
CA PHE C 100 -3.99 15.43 -41.69
C PHE C 100 -4.26 16.14 -40.37
N ILE C 101 -5.08 17.20 -40.39
CA ILE C 101 -5.41 17.86 -39.14
C ILE C 101 -6.32 17.00 -38.28
N THR C 102 -7.24 16.24 -38.91
CA THR C 102 -8.03 15.27 -38.17
C THR C 102 -7.14 14.28 -37.44
N SER C 103 -6.15 13.74 -38.15
CA SER C 103 -5.20 12.83 -37.52
C SER C 103 -4.50 13.48 -36.33
N ILE C 104 -4.07 14.74 -36.46
CA ILE C 104 -3.43 15.39 -35.31
C ILE C 104 -4.39 15.46 -34.12
N SER C 105 -5.63 15.91 -34.35
CA SER C 105 -6.58 16.02 -33.25
C SER C 105 -6.85 14.68 -32.60
N ASN C 106 -6.69 13.58 -33.35
CA ASN C 106 -6.84 12.24 -32.82
C ASN C 106 -5.53 11.66 -32.26
N LYS C 107 -4.50 12.50 -32.10
CA LYS C 107 -3.16 12.14 -31.61
C LYS C 107 -2.41 11.18 -32.53
N ASN C 108 -2.81 11.06 -33.79
CA ASN C 108 -2.16 10.17 -34.77
C ASN C 108 -1.20 11.00 -35.61
N TYR C 109 -0.04 11.28 -35.04
CA TYR C 109 0.91 12.16 -35.72
C TYR C 109 1.56 11.46 -36.90
N TYR C 110 1.78 10.15 -36.81
CA TYR C 110 2.29 9.39 -37.96
C TYR C 110 1.34 9.50 -39.15
N GLY C 111 0.05 9.27 -38.92
CA GLY C 111 -0.91 9.33 -40.02
C GLY C 111 -0.97 10.71 -40.64
N ALA C 112 -0.87 11.75 -39.81
CA ALA C 112 -0.81 13.12 -40.32
C ALA C 112 0.43 13.33 -41.18
N ALA C 113 1.60 12.94 -40.66
CA ALA C 113 2.83 13.13 -41.43
C ALA C 113 2.81 12.34 -42.74
N LYS C 114 2.24 11.12 -42.71
CA LYS C 114 2.15 10.31 -43.93
C LYS C 114 1.28 10.99 -44.97
N MET C 115 0.16 11.58 -44.54
CA MET C 115 -0.70 12.31 -45.46
C MET C 115 0.00 13.55 -46.01
N ILE C 116 0.78 14.23 -45.17
CA ILE C 116 1.53 15.41 -45.61
C ILE C 116 2.58 15.04 -46.65
N PHE C 117 3.38 14.01 -46.36
CA PHE C 117 4.48 13.67 -47.24
C PHE C 117 4.00 12.92 -48.49
N SER C 118 2.83 12.29 -48.43
CA SER C 118 2.23 11.72 -49.64
C SER C 118 2.09 12.76 -50.74
N ASP C 119 1.68 13.99 -50.40
CA ASP C 119 1.52 14.97 -51.46
C ASP C 119 2.64 16.00 -51.52
N ASN C 120 3.54 16.04 -50.54
CA ASN C 120 4.63 17.02 -50.54
C ASN C 120 5.85 16.42 -49.85
N PRO C 121 6.81 15.92 -50.63
CA PRO C 121 8.00 15.28 -50.02
C PRO C 121 8.88 16.23 -49.24
N LEU C 122 8.64 17.53 -49.30
CA LEU C 122 9.29 18.50 -48.42
C LEU C 122 8.29 19.09 -47.43
N GLY C 123 7.45 18.22 -46.85
CA GLY C 123 6.35 18.72 -46.03
C GLY C 123 6.80 19.43 -44.76
N LEU C 124 7.95 19.06 -44.19
CA LEU C 124 8.39 19.75 -42.99
C LEU C 124 8.94 21.14 -43.31
N THR C 125 9.79 21.24 -44.35
CA THR C 125 10.25 22.54 -44.84
C THR C 125 9.06 23.48 -45.11
N CYS C 126 8.06 22.98 -45.83
CA CYS C 126 6.95 23.84 -46.21
C CYS C 126 6.13 24.25 -44.99
N GLY C 127 5.91 23.34 -44.04
CA GLY C 127 5.22 23.74 -42.83
C GLY C 127 5.90 24.91 -42.15
N MET C 128 7.21 24.97 -42.26
CA MET C 128 7.99 26.01 -41.63
C MET C 128 8.00 27.32 -42.42
N VAL C 129 8.05 27.26 -43.76
CA VAL C 129 8.30 28.45 -44.55
C VAL C 129 7.16 28.84 -45.49
N CYS C 130 6.11 28.03 -45.66
CA CYS C 130 5.04 28.41 -46.58
C CYS C 130 4.47 29.78 -46.18
N PRO C 131 4.31 30.71 -47.10
CA PRO C 131 3.62 31.97 -46.77
C PRO C 131 2.11 31.75 -46.78
N THR C 132 1.63 31.08 -45.71
CA THR C 132 0.28 30.52 -45.69
C THR C 132 -0.80 31.59 -45.88
N SER C 133 -0.56 32.83 -45.44
CA SER C 133 -1.60 33.85 -45.62
C SER C 133 -1.89 34.11 -47.08
N ASP C 134 -0.99 33.74 -47.99
CA ASP C 134 -1.23 33.88 -49.42
C ASP C 134 -1.54 32.55 -50.07
N LEU C 135 -1.62 31.48 -49.30
CA LEU C 135 -1.88 30.13 -49.81
C LEU C 135 -3.02 29.47 -49.02
N CYS C 136 -2.75 28.34 -48.35
CA CYS C 136 -3.82 27.54 -47.75
C CYS C 136 -4.64 28.34 -46.73
N VAL C 137 -3.96 29.03 -45.81
CA VAL C 137 -4.65 29.77 -44.75
C VAL C 137 -5.48 30.92 -45.33
N GLY C 138 -5.06 31.48 -46.47
CA GLY C 138 -5.84 32.54 -47.09
C GLY C 138 -7.23 32.11 -47.52
N GLY C 139 -7.46 30.81 -47.68
CA GLY C 139 -8.76 30.28 -48.02
C GLY C 139 -9.56 29.71 -46.85
N CYS C 140 -9.03 29.78 -45.63
CA CYS C 140 -9.62 28.99 -44.53
C CYS C 140 -10.99 29.52 -44.13
N ASN C 141 -11.97 28.61 -43.98
CA ASN C 141 -13.31 29.02 -43.63
C ASN C 141 -13.38 29.68 -42.26
N LEU C 142 -12.48 29.32 -41.35
CA LEU C 142 -12.53 29.92 -40.02
C LEU C 142 -12.04 31.37 -40.01
N TYR C 143 -11.59 31.89 -41.17
CA TYR C 143 -11.42 33.33 -41.28
C TYR C 143 -12.72 34.06 -40.95
N ALA C 144 -13.84 33.43 -41.21
CA ALA C 144 -15.13 34.05 -40.95
C ALA C 144 -15.54 33.99 -39.48
N THR C 145 -14.63 33.57 -38.59
CA THR C 145 -14.89 33.68 -37.15
C THR C 145 -13.95 34.68 -36.51
N GLU C 146 -14.37 35.18 -35.35
CA GLU C 146 -13.55 36.16 -34.64
C GLU C 146 -12.19 35.58 -34.30
N GLU C 147 -12.15 34.31 -33.89
CA GLU C 147 -10.90 33.72 -33.47
C GLU C 147 -9.98 33.42 -34.66
N GLY C 148 -10.50 33.41 -35.88
CA GLY C 148 -9.64 33.47 -37.05
C GLY C 148 -9.24 32.11 -37.61
N SER C 149 -8.45 32.19 -38.69
CA SER C 149 -8.09 31.01 -39.46
C SER C 149 -7.16 30.07 -38.68
N ILE C 150 -7.12 28.83 -39.15
CA ILE C 150 -6.28 27.80 -38.55
C ILE C 150 -4.81 28.03 -38.89
N ASN C 151 -3.94 27.76 -37.92
CA ASN C 151 -2.48 27.74 -38.13
C ASN C 151 -2.09 26.42 -38.82
N ILE C 152 -2.34 26.37 -40.13
CA ILE C 152 -2.12 25.13 -40.88
C ILE C 152 -0.65 24.80 -40.94
N GLY C 153 0.20 25.81 -41.18
CA GLY C 153 1.62 25.54 -41.32
C GLY C 153 2.23 25.00 -40.05
N GLY C 154 1.90 25.62 -38.91
CA GLY C 154 2.41 25.11 -37.65
C GLY C 154 1.94 23.69 -37.37
N LEU C 155 0.68 23.39 -37.69
CA LEU C 155 0.21 22.01 -37.53
C LEU C 155 0.99 21.05 -38.42
N GLN C 156 1.22 21.44 -39.68
CA GLN C 156 2.01 20.59 -40.56
C GLN C 156 3.42 20.42 -40.02
N GLN C 157 4.01 21.51 -39.55
CA GLN C 157 5.33 21.43 -38.93
C GLN C 157 5.33 20.48 -37.72
N PHE C 158 4.33 20.59 -36.86
CA PHE C 158 4.33 19.78 -35.65
C PHE C 158 4.27 18.29 -35.97
N ALA C 159 3.30 17.88 -36.80
CA ALA C 159 3.18 16.46 -37.13
C ALA C 159 4.44 15.95 -37.81
N SER C 160 5.02 16.76 -38.68
CA SER C 160 6.22 16.33 -39.39
C SER C 160 7.42 16.23 -38.46
N GLU C 161 7.52 17.11 -37.45
CA GLU C 161 8.61 17.02 -36.49
C GLU C 161 8.49 15.77 -35.64
N VAL C 162 7.27 15.40 -35.22
CA VAL C 162 7.10 14.17 -34.47
C VAL C 162 7.54 12.98 -35.31
N PHE C 163 7.09 12.95 -36.57
CA PHE C 163 7.51 11.85 -37.44
C PHE C 163 9.02 11.84 -37.59
N LYS C 164 9.63 13.01 -37.71
CA LYS C 164 11.09 13.08 -37.80
C LYS C 164 11.74 12.46 -36.57
N ALA C 165 11.20 12.74 -35.38
CA ALA C 165 11.75 12.18 -34.15
C ALA C 165 11.51 10.68 -34.02
N MET C 166 10.49 10.13 -34.68
CA MET C 166 10.34 8.69 -34.69
C MET C 166 11.48 7.97 -35.39
N ASN C 167 12.23 8.66 -36.26
CA ASN C 167 13.39 8.05 -36.91
C ASN C 167 12.98 6.77 -37.63
N ILE C 168 11.93 6.89 -38.45
CA ILE C 168 11.39 5.79 -39.25
C ILE C 168 11.68 6.11 -40.71
N PRO C 169 12.10 5.16 -41.54
CA PRO C 169 12.46 5.48 -42.93
C PRO C 169 11.30 5.35 -43.90
N GLN C 170 11.45 6.03 -45.03
CA GLN C 170 10.58 5.76 -46.17
C GLN C 170 10.93 4.41 -46.77
N ILE C 171 9.92 3.70 -47.29
CA ILE C 171 10.20 2.44 -47.96
C ILE C 171 9.81 2.57 -49.41
N ARG C 172 10.35 1.65 -50.21
CA ARG C 172 9.93 1.49 -51.58
C ARG C 172 8.43 1.20 -51.63
N ASN C 173 7.76 1.82 -52.61
CA ASN C 173 6.33 1.65 -52.86
C ASN C 173 5.96 0.17 -52.77
N PRO C 174 5.14 -0.23 -51.80
CA PRO C 174 4.86 -1.67 -51.62
C PRO C 174 3.84 -2.22 -52.58
N CYS C 175 3.25 -1.37 -53.43
CA CYS C 175 2.40 -1.83 -54.51
C CYS C 175 3.18 -2.26 -55.75
N LEU C 176 4.47 -1.97 -55.81
CA LEU C 176 5.24 -2.33 -56.99
C LEU C 176 5.61 -3.81 -56.97
N PRO C 177 5.79 -4.42 -58.14
CA PRO C 177 6.46 -5.71 -58.18
C PRO C 177 7.85 -5.61 -57.57
N SER C 178 8.43 -6.77 -57.27
CA SER C 178 9.82 -6.81 -56.86
C SER C 178 10.72 -6.24 -57.96
N GLN C 179 11.90 -5.79 -57.56
CA GLN C 179 12.75 -5.03 -58.49
C GLN C 179 13.05 -5.85 -59.74
N GLU C 180 13.33 -7.14 -59.58
CA GLU C 180 13.69 -8.00 -60.70
C GLU C 180 12.51 -8.25 -61.65
N LYS C 181 11.27 -8.02 -61.21
CA LYS C 181 10.12 -8.19 -62.07
C LYS C 181 9.68 -6.91 -62.77
N MET C 182 10.40 -5.80 -62.56
CA MET C 182 10.00 -4.52 -63.11
C MET C 182 10.30 -4.46 -64.61
N PRO C 183 9.41 -3.89 -65.42
CA PRO C 183 9.71 -3.74 -66.85
C PRO C 183 11.01 -2.99 -67.09
N GLU C 184 11.60 -3.23 -68.26
CA GLU C 184 12.89 -2.64 -68.59
C GLU C 184 12.83 -1.11 -68.57
N ALA C 185 11.67 -0.53 -68.88
CA ALA C 185 11.54 0.92 -68.96
C ALA C 185 11.93 1.59 -67.64
N TYR C 186 11.76 0.90 -66.52
CA TYR C 186 12.00 1.53 -65.22
C TYR C 186 13.48 1.61 -64.87
N SER C 187 14.35 1.02 -65.67
CA SER C 187 15.79 1.16 -65.54
C SER C 187 16.36 2.30 -66.38
N ALA C 188 15.49 3.04 -67.08
CA ALA C 188 15.93 4.16 -67.90
C ALA C 188 16.70 5.17 -67.06
N LYS C 189 17.81 5.68 -67.62
CA LYS C 189 18.66 6.61 -66.89
C LYS C 189 18.03 7.99 -66.90
N ILE C 190 17.83 8.56 -65.71
CA ILE C 190 17.18 9.84 -65.54
C ILE C 190 18.16 10.79 -64.86
N ALA C 191 18.23 12.02 -65.36
CA ALA C 191 19.12 13.05 -64.83
C ALA C 191 18.28 14.22 -64.35
N LEU C 192 18.57 14.69 -63.15
CA LEU C 192 18.02 15.93 -62.63
C LEU C 192 19.18 16.87 -62.34
N LEU C 193 19.00 18.13 -62.71
CA LEU C 193 20.05 19.13 -62.55
C LEU C 193 19.63 20.06 -61.41
N GLY C 194 20.48 20.15 -60.37
CA GLY C 194 20.24 20.98 -59.21
C GLY C 194 19.52 20.24 -58.09
N ALA C 195 20.06 20.25 -56.88
CA ALA C 195 19.42 19.54 -55.78
C ALA C 195 18.57 20.48 -54.92
N GLY C 196 17.63 21.20 -55.53
CA GLY C 196 16.73 22.03 -54.78
C GLY C 196 15.38 21.37 -54.62
N PRO C 197 14.42 22.09 -54.03
CA PRO C 197 13.07 21.50 -53.82
C PRO C 197 12.44 20.91 -55.08
N ALA C 198 12.60 21.57 -56.24
CA ALA C 198 11.94 21.10 -57.46
C ALA C 198 12.45 19.72 -57.85
N SER C 199 13.78 19.54 -57.87
CA SER C 199 14.35 18.26 -58.27
C SER C 199 14.15 17.19 -57.21
N ILE C 200 14.29 17.56 -55.93
CA ILE C 200 14.06 16.60 -54.85
C ILE C 200 12.65 16.03 -54.97
N SER C 201 11.68 16.90 -55.24
CA SER C 201 10.32 16.44 -55.40
C SER C 201 10.18 15.54 -56.62
N CYS C 202 10.63 16.03 -57.79
CA CYS C 202 10.54 15.25 -59.01
C CYS C 202 11.13 13.86 -58.81
N ALA C 203 12.36 13.81 -58.30
CA ALA C 203 13.07 12.54 -58.15
C ALA C 203 12.38 11.61 -57.16
N SER C 204 11.79 12.17 -56.09
CA SER C 204 11.06 11.34 -55.13
C SER C 204 9.88 10.66 -55.81
N PHE C 205 9.08 11.41 -56.55
CA PHE C 205 7.89 10.85 -57.16
C PHE C 205 8.25 9.86 -58.27
N LEU C 206 9.33 10.14 -59.02
CA LEU C 206 9.81 9.15 -60.00
C LEU C 206 10.24 7.87 -59.31
N ALA C 207 10.91 7.98 -58.17
CA ALA C 207 11.29 6.77 -57.46
C ALA C 207 10.09 6.04 -56.88
N ARG C 208 9.04 6.76 -56.47
CA ARG C 208 7.83 6.08 -56.01
C ARG C 208 7.23 5.22 -57.10
N LEU C 209 7.29 5.70 -58.35
CA LEU C 209 6.74 4.98 -59.50
C LEU C 209 7.55 3.74 -59.86
N GLY C 210 8.77 3.59 -59.35
CA GLY C 210 9.56 2.41 -59.61
C GLY C 210 10.86 2.63 -60.36
N TYR C 211 11.16 3.84 -60.80
CA TYR C 211 12.40 4.09 -61.52
C TYR C 211 13.60 3.87 -60.61
N SER C 212 14.58 3.12 -61.13
CA SER C 212 15.69 2.63 -60.32
C SER C 212 17.02 3.30 -60.59
N ASP C 213 17.06 4.27 -61.53
CA ASP C 213 18.34 4.86 -61.96
C ASP C 213 18.16 6.38 -62.10
N ILE C 214 18.14 7.06 -60.96
CA ILE C 214 17.85 8.48 -60.88
C ILE C 214 19.06 9.14 -60.23
N THR C 215 19.58 10.19 -60.87
CA THR C 215 20.75 10.88 -60.37
C THR C 215 20.49 12.38 -60.42
N ILE C 216 20.66 13.05 -59.28
CA ILE C 216 20.62 14.51 -59.22
C ILE C 216 22.06 15.01 -59.29
N PHE C 217 22.35 15.88 -60.25
CA PHE C 217 23.65 16.52 -60.35
C PHE C 217 23.54 17.91 -59.75
N GLU C 218 24.33 18.17 -58.70
CA GLU C 218 24.28 19.43 -57.98
C GLU C 218 25.60 20.17 -58.14
N LYS C 219 25.51 21.46 -58.47
CA LYS C 219 26.71 22.27 -58.67
C LYS C 219 27.52 22.39 -57.39
N GLN C 220 26.86 22.66 -56.26
CA GLN C 220 27.58 22.99 -55.04
C GLN C 220 28.00 21.72 -54.30
N GLU C 221 28.71 21.91 -53.19
CA GLU C 221 29.05 20.81 -52.30
C GLU C 221 28.02 20.63 -51.19
N TYR C 222 26.93 21.38 -51.21
CA TYR C 222 25.84 21.25 -50.26
C TYR C 222 24.56 20.95 -51.05
N VAL C 223 23.54 20.39 -50.38
CA VAL C 223 22.30 20.02 -51.05
C VAL C 223 21.13 20.76 -50.41
N GLY C 224 20.04 20.89 -51.19
CA GLY C 224 18.81 21.49 -50.72
C GLY C 224 18.48 22.83 -51.34
N GLY C 225 19.36 23.39 -52.17
CA GLY C 225 19.03 24.64 -52.85
C GLY C 225 18.92 25.82 -51.88
N LEU C 226 17.98 26.73 -52.21
CA LEU C 226 17.80 27.92 -51.40
C LEU C 226 17.41 27.60 -49.96
N SER C 227 16.69 26.48 -49.75
CA SER C 227 16.38 26.04 -48.38
C SER C 227 17.64 25.96 -47.53
N THR C 228 18.75 25.57 -48.12
CA THR C 228 20.02 25.47 -47.42
C THR C 228 20.84 26.75 -47.56
N SER C 229 20.97 27.27 -48.78
CA SER C 229 21.94 28.32 -49.00
C SER C 229 21.49 29.70 -48.57
N GLU C 230 20.19 29.98 -48.47
CA GLU C 230 19.77 31.35 -48.16
C GLU C 230 18.70 31.48 -47.08
N ILE C 231 17.74 30.57 -47.02
CA ILE C 231 16.67 30.76 -46.03
C ILE C 231 17.27 30.65 -44.64
N PRO C 232 17.05 31.63 -43.75
CA PRO C 232 17.79 31.69 -42.49
C PRO C 232 17.48 30.52 -41.55
N GLN C 233 18.52 30.14 -40.79
CA GLN C 233 18.40 29.07 -39.81
C GLN C 233 17.31 29.35 -38.78
N PHE C 234 17.06 30.63 -38.48
CA PHE C 234 16.04 30.98 -37.50
C PHE C 234 14.63 30.92 -38.06
N ARG C 235 14.46 30.64 -39.35
CA ARG C 235 13.16 30.23 -39.89
C ARG C 235 13.14 28.77 -40.30
N LEU C 236 14.24 28.25 -40.87
CA LEU C 236 14.32 26.86 -41.33
C LEU C 236 15.62 26.22 -40.86
N PRO C 237 15.59 25.45 -39.79
CA PRO C 237 16.80 24.72 -39.37
C PRO C 237 17.31 23.77 -40.45
N TYR C 238 18.64 23.75 -40.62
CA TYR C 238 19.22 22.89 -41.64
C TYR C 238 18.90 21.41 -41.43
N ASP C 239 18.74 20.96 -40.17
CA ASP C 239 18.48 19.53 -39.98
C ASP C 239 17.14 19.10 -40.57
N VAL C 240 16.25 20.05 -40.85
CA VAL C 240 15.03 19.70 -41.58
C VAL C 240 15.35 19.29 -43.01
N VAL C 241 16.15 20.09 -43.70
CA VAL C 241 16.56 19.78 -45.06
C VAL C 241 17.20 18.41 -45.13
N ASN C 242 18.14 18.14 -44.21
CA ASN C 242 18.85 16.87 -44.22
C ASN C 242 17.89 15.70 -43.99
N PHE C 243 16.86 15.91 -43.16
CA PHE C 243 15.86 14.89 -42.92
C PHE C 243 15.12 14.54 -44.21
N GLU C 244 14.68 15.55 -44.94
CA GLU C 244 13.88 15.29 -46.15
C GLU C 244 14.74 14.70 -47.27
N ILE C 245 15.99 15.15 -47.40
CA ILE C 245 16.91 14.52 -48.34
C ILE C 245 17.13 13.05 -48.00
N GLU C 246 17.27 12.73 -46.71
CA GLU C 246 17.49 11.33 -46.35
C GLU C 246 16.26 10.48 -46.68
N LEU C 247 15.06 11.04 -46.51
CA LEU C 247 13.87 10.29 -46.90
C LEU C 247 13.90 9.97 -48.38
N MET C 248 14.40 10.91 -49.19
CA MET C 248 14.43 10.68 -50.63
C MET C 248 15.47 9.62 -50.98
N LYS C 249 16.62 9.65 -50.27
CA LYS C 249 17.66 8.66 -50.52
C LYS C 249 17.23 7.26 -50.14
N ASP C 250 16.29 7.11 -49.19
CA ASP C 250 15.74 5.80 -48.89
C ASP C 250 15.15 5.14 -50.13
N LEU C 251 14.70 5.94 -51.09
CA LEU C 251 14.11 5.44 -52.31
C LEU C 251 15.15 5.07 -53.38
N GLY C 252 16.44 5.30 -53.14
CA GLY C 252 17.46 4.94 -54.08
C GLY C 252 17.96 6.07 -54.98
N VAL C 253 17.41 7.28 -54.83
CA VAL C 253 17.90 8.42 -55.60
C VAL C 253 19.34 8.71 -55.22
N LYS C 254 20.18 8.93 -56.21
CA LYS C 254 21.57 9.27 -55.98
C LYS C 254 21.76 10.76 -56.23
N ILE C 255 22.61 11.40 -55.43
CA ILE C 255 22.98 12.79 -55.63
C ILE C 255 24.48 12.82 -55.88
N ILE C 256 24.91 13.59 -56.88
CA ILE C 256 26.33 13.80 -57.13
C ILE C 256 26.59 15.30 -57.05
N CYS C 257 27.38 15.69 -56.05
CA CYS C 257 27.70 17.08 -55.80
C CYS C 257 28.96 17.49 -56.57
N GLY C 258 29.11 18.80 -56.76
CA GLY C 258 30.26 19.29 -57.50
C GLY C 258 30.21 19.05 -59.00
N LYS C 259 29.01 18.96 -59.57
CA LYS C 259 28.81 18.74 -61.00
C LYS C 259 27.82 19.77 -61.52
N SER C 260 28.21 20.48 -62.57
CA SER C 260 27.42 21.60 -63.07
C SER C 260 26.89 21.30 -64.47
N LEU C 261 25.64 21.68 -64.69
CA LEU C 261 25.14 21.91 -66.04
C LEU C 261 25.77 23.20 -66.55
N SER C 262 26.66 23.08 -67.53
CA SER C 262 27.43 24.21 -68.03
C SER C 262 28.23 23.72 -69.23
N GLU C 263 28.42 24.59 -70.21
CA GLU C 263 29.16 24.22 -71.40
C GLU C 263 30.56 23.77 -70.99
N ASN C 264 31.01 22.66 -71.55
CA ASN C 264 32.28 21.99 -71.20
C ASN C 264 32.20 21.24 -69.88
N GLU C 265 31.01 21.11 -69.28
CA GLU C 265 30.82 20.18 -68.17
C GLU C 265 29.67 19.23 -68.53
N ILE C 266 28.56 19.31 -67.80
CA ILE C 266 27.36 18.55 -68.15
C ILE C 266 26.52 19.43 -69.06
N THR C 267 26.12 18.89 -70.22
CA THR C 267 25.17 19.56 -71.10
C THR C 267 24.05 18.58 -71.46
N LEU C 268 22.98 19.12 -72.04
CA LEU C 268 21.96 18.22 -72.57
C LEU C 268 22.56 17.29 -73.62
N ASN C 269 23.49 17.81 -74.42
CA ASN C 269 24.13 16.97 -75.43
C ASN C 269 24.95 15.84 -74.79
N THR C 270 25.74 16.14 -73.75
CA THR C 270 26.53 15.07 -73.14
C THR C 270 25.62 14.05 -72.46
N LEU C 271 24.53 14.51 -71.83
CA LEU C 271 23.59 13.57 -71.21
C LEU C 271 22.98 12.64 -72.27
N LYS C 272 22.56 13.21 -73.40
CA LYS C 272 22.00 12.38 -74.47
C LYS C 272 23.02 11.37 -74.97
N GLU C 273 24.25 11.82 -75.24
CA GLU C 273 25.30 10.90 -75.67
C GLU C 273 25.49 9.75 -74.69
N GLU C 274 25.37 10.03 -73.38
CA GLU C 274 25.63 9.00 -72.37
C GLU C 274 24.43 8.08 -72.12
N GLY C 275 23.33 8.24 -72.84
CA GLY C 275 22.23 7.31 -72.70
C GLY C 275 21.15 7.69 -71.70
N TYR C 276 21.17 8.92 -71.20
CA TYR C 276 20.08 9.39 -70.34
C TYR C 276 18.83 9.56 -71.18
N LYS C 277 17.70 9.03 -70.69
CA LYS C 277 16.45 9.04 -71.44
C LYS C 277 15.60 10.27 -71.17
N ALA C 278 15.79 10.93 -70.04
CA ALA C 278 15.00 12.08 -69.63
C ALA C 278 15.83 12.93 -68.71
N ALA C 279 15.58 14.24 -68.75
CA ALA C 279 16.28 15.18 -67.90
C ALA C 279 15.30 16.18 -67.30
N PHE C 280 15.49 16.49 -66.02
CA PHE C 280 14.71 17.53 -65.35
C PHE C 280 15.65 18.66 -64.98
N ILE C 281 15.32 19.88 -65.43
CA ILE C 281 16.13 21.06 -65.14
C ILE C 281 15.52 21.72 -63.91
N GLY C 282 16.24 21.67 -62.79
CA GLY C 282 15.78 22.31 -61.57
C GLY C 282 16.86 23.15 -60.93
N ILE C 283 17.56 23.96 -61.74
CA ILE C 283 18.72 24.71 -61.25
C ILE C 283 18.36 26.06 -60.66
N GLY C 284 17.09 26.45 -60.65
CA GLY C 284 16.75 27.72 -60.03
C GLY C 284 17.29 28.89 -60.84
N LEU C 285 17.46 30.00 -60.12
CA LEU C 285 17.93 31.28 -60.66
C LEU C 285 19.26 31.59 -59.99
N PRO C 286 20.38 31.18 -60.59
CA PRO C 286 21.63 31.11 -59.82
C PRO C 286 22.37 32.43 -59.61
N GLU C 287 22.03 33.50 -60.34
CA GLU C 287 22.82 34.72 -60.19
C GLU C 287 21.97 35.90 -59.72
N PRO C 288 22.59 36.85 -59.01
CA PRO C 288 21.83 37.98 -58.49
C PRO C 288 21.45 38.96 -59.59
N LYS C 289 20.29 39.60 -59.43
CA LYS C 289 19.99 40.74 -60.27
C LYS C 289 20.88 41.90 -59.83
N THR C 290 21.59 42.49 -60.78
CA THR C 290 22.60 43.49 -60.46
C THR C 290 22.18 44.83 -61.06
N ASP C 291 22.86 45.87 -60.60
CA ASP C 291 22.55 47.23 -61.00
C ASP C 291 23.86 47.98 -61.21
N ASP C 292 23.92 48.78 -62.29
CA ASP C 292 25.17 49.45 -62.65
C ASP C 292 25.72 50.33 -61.52
N ILE C 293 24.86 50.87 -60.65
CA ILE C 293 25.40 51.78 -59.65
C ILE C 293 26.27 51.06 -58.62
N PHE C 294 26.21 49.73 -58.56
CA PHE C 294 27.08 49.00 -57.65
C PHE C 294 28.25 48.31 -58.33
N GLN C 295 28.48 48.49 -59.63
CA GLN C 295 29.52 47.69 -60.23
C GLN C 295 30.88 48.11 -59.68
N GLY C 296 31.78 47.14 -59.50
CA GLY C 296 33.05 47.39 -58.89
C GLY C 296 33.09 47.34 -57.38
N LEU C 297 31.95 47.52 -56.69
CA LEU C 297 31.98 47.55 -55.23
C LEU C 297 32.24 46.16 -54.67
N THR C 298 33.02 46.10 -53.59
CA THR C 298 33.45 44.86 -52.98
C THR C 298 32.86 44.74 -51.56
N GLN C 299 32.93 43.52 -51.02
CA GLN C 299 32.46 43.30 -49.66
C GLN C 299 33.31 44.06 -48.65
N ASP C 300 34.60 44.24 -48.92
CA ASP C 300 35.46 45.04 -48.05
C ASP C 300 34.97 46.47 -47.96
N GLN C 301 34.49 47.03 -49.06
CA GLN C 301 33.90 48.37 -49.02
C GLN C 301 32.54 48.37 -48.36
N GLY C 302 31.92 47.21 -48.18
CA GLY C 302 30.64 47.10 -47.53
C GLY C 302 29.46 46.76 -48.44
N PHE C 303 29.69 46.33 -49.68
CA PHE C 303 28.58 46.00 -50.58
C PHE C 303 28.41 44.50 -50.78
N TYR C 304 27.16 44.06 -50.72
CA TYR C 304 26.76 42.67 -50.96
C TYR C 304 25.52 42.65 -51.83
N THR C 305 25.42 41.64 -52.67
CA THR C 305 24.09 41.25 -53.13
C THR C 305 23.57 40.20 -52.16
N SER C 306 22.26 39.92 -52.23
CA SER C 306 21.72 38.88 -51.37
C SER C 306 22.40 37.54 -51.64
N LYS C 307 22.83 37.30 -52.88
CA LYS C 307 23.53 36.07 -53.23
C LYS C 307 24.92 35.98 -52.59
N ASP C 308 25.53 37.11 -52.26
CA ASP C 308 26.78 37.11 -51.50
C ASP C 308 26.51 36.98 -50.01
N PHE C 309 25.51 37.71 -49.53
CA PHE C 309 25.35 37.86 -48.09
C PHE C 309 24.71 36.63 -47.46
N LEU C 310 23.53 36.24 -47.93
CA LEU C 310 22.83 35.17 -47.23
C LEU C 310 23.58 33.85 -47.20
N PRO C 311 24.30 33.44 -48.26
CA PRO C 311 25.08 32.19 -48.14
C PRO C 311 26.21 32.28 -47.15
N LEU C 312 26.79 33.46 -46.94
CA LEU C 312 27.81 33.58 -45.90
C LEU C 312 27.23 33.29 -44.53
N VAL C 313 26.05 33.85 -44.25
CA VAL C 313 25.42 33.66 -42.96
C VAL C 313 24.96 32.21 -42.79
N ALA C 314 24.41 31.63 -43.86
CA ALA C 314 23.99 30.22 -43.83
C ALA C 314 25.19 29.31 -43.59
N LYS C 315 26.28 29.52 -44.34
CA LYS C 315 27.46 28.68 -44.13
C LYS C 315 27.96 28.75 -42.70
N SER C 316 27.77 29.90 -42.06
CA SER C 316 28.28 30.09 -40.70
C SER C 316 27.38 29.48 -39.64
N SER C 317 26.06 29.53 -39.84
CA SER C 317 25.10 29.24 -38.79
C SER C 317 24.44 27.86 -38.92
N LYS C 318 24.66 27.15 -40.03
CA LYS C 318 24.00 25.87 -40.29
C LYS C 318 25.05 24.76 -40.21
N ALA C 319 25.19 24.17 -39.02
CA ALA C 319 26.17 23.12 -38.83
C ALA C 319 25.89 21.94 -39.76
N GLY C 320 26.91 21.53 -40.51
CA GLY C 320 26.76 20.43 -41.44
C GLY C 320 26.41 20.82 -42.86
N MET C 321 26.21 22.11 -43.13
CA MET C 321 25.95 22.54 -44.51
C MET C 321 27.25 22.53 -45.31
N CYS C 322 28.29 23.14 -44.75
CA CYS C 322 29.52 23.44 -45.47
C CYS C 322 30.68 22.69 -44.81
N ALA C 323 31.65 22.28 -45.63
CA ALA C 323 32.82 21.57 -45.13
C ALA C 323 33.72 22.47 -44.28
N CYS C 324 33.65 23.78 -44.46
CA CYS C 324 34.41 24.74 -43.68
C CYS C 324 33.50 25.45 -42.70
N HIS C 325 33.92 25.52 -41.44
CA HIS C 325 33.27 26.36 -40.46
C HIS C 325 33.69 27.81 -40.65
N SER C 326 32.80 28.72 -40.30
CA SER C 326 33.15 30.13 -40.38
C SER C 326 32.34 30.90 -39.34
N PRO C 327 32.87 32.00 -38.83
CA PRO C 327 32.07 32.93 -38.06
C PRO C 327 31.20 33.77 -38.99
N LEU C 328 30.33 34.57 -38.39
CA LEU C 328 29.41 35.38 -39.16
C LEU C 328 30.16 36.54 -39.84
N PRO C 329 29.59 37.07 -40.91
CA PRO C 329 30.15 38.30 -41.50
C PRO C 329 30.16 39.41 -40.46
N SER C 330 31.25 40.16 -40.43
CA SER C 330 31.31 41.35 -39.58
C SER C 330 30.50 42.46 -40.24
N ILE C 331 29.25 42.61 -39.81
CA ILE C 331 28.39 43.67 -40.30
C ILE C 331 28.22 44.67 -39.17
N ARG C 332 29.14 45.61 -39.07
CA ARG C 332 29.12 46.61 -38.01
C ARG C 332 28.60 47.93 -38.56
N GLY C 333 27.77 48.61 -37.78
CA GLY C 333 27.27 49.90 -38.21
C GLY C 333 25.87 49.92 -38.80
N ALA C 334 25.58 50.91 -39.63
CA ALA C 334 24.25 51.06 -40.20
C ALA C 334 24.17 50.32 -41.54
N VAL C 335 23.16 49.47 -41.69
CA VAL C 335 22.98 48.62 -42.87
C VAL C 335 21.80 49.14 -43.67
N ILE C 336 21.98 49.26 -44.98
CA ILE C 336 20.91 49.56 -45.92
C ILE C 336 20.62 48.29 -46.69
N VAL C 337 19.39 47.78 -46.60
CA VAL C 337 18.92 46.72 -47.48
C VAL C 337 18.00 47.34 -48.53
N LEU C 338 18.31 47.10 -49.80
CA LEU C 338 17.56 47.68 -50.90
C LEU C 338 16.60 46.65 -51.46
N GLY C 339 15.33 47.03 -51.58
CA GLY C 339 14.31 46.13 -52.07
C GLY C 339 13.29 45.78 -51.00
N ALA C 340 12.22 45.11 -51.45
CA ALA C 340 11.10 44.83 -50.56
C ALA C 340 10.44 43.50 -50.87
N GLY C 341 11.14 42.59 -51.53
CA GLY C 341 10.68 41.24 -51.66
C GLY C 341 11.06 40.48 -50.42
N ASP C 342 10.75 39.19 -50.41
CA ASP C 342 10.99 38.52 -49.16
C ASP C 342 12.48 38.23 -48.94
N THR C 343 13.31 38.31 -49.98
CA THR C 343 14.76 38.24 -49.75
C THR C 343 15.24 39.45 -48.94
N ALA C 344 14.71 40.64 -49.22
CA ALA C 344 15.14 41.83 -48.50
C ALA C 344 14.88 41.68 -47.01
N PHE C 345 13.74 41.10 -46.64
CA PHE C 345 13.45 40.98 -45.21
C PHE C 345 14.33 39.94 -44.52
N ASP C 346 14.75 38.88 -45.23
CA ASP C 346 15.69 37.94 -44.63
C ASP C 346 17.10 38.53 -44.53
N CYS C 347 17.48 39.40 -45.46
CA CYS C 347 18.75 40.12 -45.32
C CYS C 347 18.71 41.04 -44.11
N ALA C 348 17.59 41.71 -43.89
CA ALA C 348 17.46 42.65 -42.79
C ALA C 348 17.56 41.96 -41.43
N THR C 349 16.79 40.88 -41.24
CA THR C 349 16.85 40.14 -39.97
C THR C 349 18.20 39.44 -39.80
N SER C 350 18.78 38.93 -40.88
CA SER C 350 20.08 38.27 -40.77
C SER C 350 21.18 39.28 -40.42
N ALA C 351 21.08 40.50 -40.94
CA ALA C 351 22.10 41.50 -40.65
C ALA C 351 22.17 41.80 -39.15
N LEU C 352 21.02 41.78 -38.48
CA LEU C 352 20.98 41.94 -37.03
C LEU C 352 21.76 40.83 -36.32
N ARG C 353 21.68 39.60 -36.83
CA ARG C 353 22.43 38.50 -36.23
C ARG C 353 23.93 38.69 -36.39
N CYS C 354 24.36 39.45 -37.40
CA CYS C 354 25.77 39.66 -37.67
C CYS C 354 26.33 40.84 -36.89
N GLY C 355 25.50 41.54 -36.13
CA GLY C 355 25.95 42.63 -35.30
C GLY C 355 25.59 44.02 -35.80
N ALA C 356 24.63 44.16 -36.70
CA ALA C 356 24.29 45.47 -37.23
C ALA C 356 23.72 46.37 -36.12
N ARG C 357 24.15 47.64 -36.11
CA ARG C 357 23.61 48.60 -35.16
C ARG C 357 22.20 49.04 -35.54
N ARG C 358 21.94 49.18 -36.84
CA ARG C 358 20.71 49.74 -37.35
C ARG C 358 20.52 49.15 -38.75
N VAL C 359 19.29 48.79 -39.11
CA VAL C 359 19.01 48.30 -40.45
C VAL C 359 17.90 49.13 -41.06
N PHE C 360 18.11 49.58 -42.30
CA PHE C 360 17.12 50.31 -43.07
C PHE C 360 16.71 49.47 -44.27
N LEU C 361 15.42 49.22 -44.41
CA LEU C 361 14.87 48.64 -45.64
C LEU C 361 14.37 49.79 -46.50
N VAL C 362 14.96 49.94 -47.68
CA VAL C 362 14.69 51.08 -48.56
C VAL C 362 14.18 50.54 -49.89
N PHE C 363 13.00 50.97 -50.30
CA PHE C 363 12.39 50.44 -51.51
C PHE C 363 11.86 51.59 -52.36
N ARG C 364 11.76 51.35 -53.67
CA ARG C 364 11.42 52.39 -54.61
C ARG C 364 9.92 52.61 -54.77
N LYS C 365 9.08 51.76 -54.17
CA LYS C 365 7.64 52.04 -54.23
C LYS C 365 7.15 52.26 -52.81
N GLY C 366 5.84 52.15 -52.59
CA GLY C 366 5.26 52.45 -51.29
C GLY C 366 5.12 51.23 -50.40
N PHE C 367 4.66 51.48 -49.16
CA PHE C 367 4.32 50.38 -48.27
C PHE C 367 3.28 49.47 -48.86
N VAL C 368 2.25 50.04 -49.50
CA VAL C 368 1.21 49.22 -50.11
C VAL C 368 1.79 48.30 -51.18
N ASN C 369 2.97 48.63 -51.73
CA ASN C 369 3.53 47.88 -52.85
C ASN C 369 4.50 46.78 -52.43
N ILE C 370 4.70 46.57 -51.12
CA ILE C 370 5.65 45.57 -50.68
C ILE C 370 5.26 44.19 -51.19
N ARG C 371 6.25 43.43 -51.69
CA ARG C 371 6.00 42.08 -52.24
C ARG C 371 5.64 41.10 -51.14
N ALA C 372 6.48 41.06 -50.10
CA ALA C 372 6.51 39.93 -49.19
C ALA C 372 5.20 39.85 -48.40
N VAL C 373 4.86 38.62 -48.02
CA VAL C 373 3.70 38.37 -47.16
C VAL C 373 3.85 39.13 -45.85
N PRO C 374 2.75 39.64 -45.30
CA PRO C 374 2.85 40.45 -44.07
C PRO C 374 3.57 39.74 -42.94
N GLU C 375 3.51 38.40 -42.89
CA GLU C 375 4.11 37.68 -41.78
C GLU C 375 5.63 37.69 -41.84
N GLU C 376 6.20 37.81 -43.05
CA GLU C 376 7.63 38.03 -43.19
C GLU C 376 8.00 39.47 -42.87
N VAL C 377 7.18 40.42 -43.31
CA VAL C 377 7.39 41.82 -42.95
C VAL C 377 7.37 41.98 -41.43
N GLU C 378 6.48 41.27 -40.74
CA GLU C 378 6.31 41.46 -39.31
C GLU C 378 7.56 41.06 -38.53
N LEU C 379 8.29 40.05 -39.02
CA LEU C 379 9.54 39.68 -38.37
C LEU C 379 10.51 40.85 -38.35
N ALA C 380 10.68 41.54 -39.48
CA ALA C 380 11.59 42.69 -39.52
C ALA C 380 11.04 43.87 -38.70
N LYS C 381 9.72 44.08 -38.73
CA LYS C 381 9.16 45.20 -37.97
C LYS C 381 9.35 44.97 -36.48
N GLU C 382 9.05 43.77 -36.01
CA GLU C 382 9.16 43.51 -34.58
C GLU C 382 10.61 43.53 -34.11
N GLU C 383 11.57 43.36 -35.01
CA GLU C 383 12.99 43.49 -34.67
C GLU C 383 13.52 44.90 -34.91
N LYS C 384 12.62 45.86 -35.15
CA LYS C 384 12.92 47.30 -35.14
C LYS C 384 13.76 47.72 -36.33
N CYS C 385 13.62 47.02 -37.46
CA CYS C 385 14.15 47.55 -38.70
C CYS C 385 13.39 48.82 -39.08
N GLU C 386 14.09 49.74 -39.72
CA GLU C 386 13.49 50.95 -40.23
C GLU C 386 13.06 50.70 -41.67
N PHE C 387 12.01 51.43 -42.12
CA PHE C 387 11.49 51.28 -43.47
C PHE C 387 11.45 52.64 -44.14
N LEU C 388 11.97 52.72 -45.36
CA LEU C 388 12.04 53.98 -46.10
C LEU C 388 11.44 53.75 -47.48
N PRO C 389 10.21 54.21 -47.73
CA PRO C 389 9.57 54.01 -49.02
C PRO C 389 9.89 55.11 -50.01
N PHE C 390 9.53 54.85 -51.27
CA PHE C 390 9.54 55.86 -52.33
C PHE C 390 10.95 56.40 -52.58
N LEU C 391 11.96 55.53 -52.52
CA LEU C 391 13.35 55.93 -52.73
C LEU C 391 14.03 54.97 -53.69
N SER C 392 14.68 55.55 -54.70
CA SER C 392 15.36 54.78 -55.74
C SER C 392 16.85 55.09 -55.63
N PRO C 393 17.72 54.09 -55.50
CA PRO C 393 19.15 54.39 -55.33
C PRO C 393 19.73 55.05 -56.58
N ARG C 394 20.62 56.00 -56.36
CA ARG C 394 21.30 56.65 -57.46
C ARG C 394 22.79 56.48 -57.45
N LYS C 395 23.38 56.40 -56.26
CA LYS C 395 24.82 56.46 -56.15
C LYS C 395 25.28 56.00 -54.77
N VAL C 396 26.35 55.24 -54.76
CA VAL C 396 27.01 54.84 -53.52
C VAL C 396 28.21 55.74 -53.31
N ILE C 397 28.26 56.39 -52.15
CA ILE C 397 29.36 57.30 -51.82
C ILE C 397 30.42 56.53 -51.03
N VAL C 398 31.64 56.49 -51.57
CA VAL C 398 32.75 55.73 -51.01
C VAL C 398 33.83 56.72 -50.60
N LYS C 399 34.25 56.66 -49.32
CA LYS C 399 35.34 57.48 -48.81
C LYS C 399 36.31 56.62 -48.02
N GLY C 400 37.60 56.83 -48.27
CA GLY C 400 38.63 56.08 -47.57
C GLY C 400 38.54 54.59 -47.78
N GLY C 401 38.04 54.16 -48.94
CA GLY C 401 37.95 52.75 -49.24
C GLY C 401 36.75 52.03 -48.67
N ARG C 402 35.73 52.74 -48.19
CA ARG C 402 34.50 52.03 -47.84
C ARG C 402 33.29 52.93 -47.98
N ILE C 403 32.13 52.29 -48.00
CA ILE C 403 30.87 53.00 -48.17
C ILE C 403 30.62 53.89 -46.96
N VAL C 404 30.17 55.12 -47.21
CA VAL C 404 29.75 56.02 -46.15
C VAL C 404 28.30 56.47 -46.31
N ALA C 405 27.70 56.34 -47.50
CA ALA C 405 26.31 56.76 -47.71
C ALA C 405 25.82 56.24 -49.04
N VAL C 406 24.49 56.23 -49.20
CA VAL C 406 23.83 56.01 -50.48
C VAL C 406 22.98 57.23 -50.78
N GLN C 407 23.06 57.72 -52.01
CA GLN C 407 22.23 58.83 -52.45
C GLN C 407 21.05 58.28 -53.26
N PHE C 408 19.85 58.72 -52.91
CA PHE C 408 18.61 58.26 -53.54
C PHE C 408 17.88 59.45 -54.17
N VAL C 409 17.01 59.14 -55.14
CA VAL C 409 15.98 60.09 -55.58
C VAL C 409 14.62 59.59 -55.12
N ARG C 410 13.72 60.53 -54.88
CA ARG C 410 12.35 60.19 -54.53
C ARG C 410 11.58 59.73 -55.77
N THR C 411 10.67 58.81 -55.55
CA THR C 411 9.77 58.29 -56.58
C THR C 411 8.33 58.66 -56.23
N GLU C 412 7.49 58.71 -57.27
CA GLU C 412 6.06 58.90 -57.10
C GLU C 412 5.34 58.30 -58.30
N GLN C 413 4.07 57.97 -58.10
CA GLN C 413 3.23 57.34 -59.11
C GLN C 413 2.33 58.40 -59.76
N ASP C 414 2.50 58.62 -61.06
CA ASP C 414 1.82 59.74 -61.73
C ASP C 414 0.31 59.51 -61.79
N GLU C 415 -0.38 60.34 -62.56
CA GLU C 415 -1.84 60.35 -62.52
C GLU C 415 -2.42 59.04 -63.06
N THR C 416 -1.94 58.59 -64.22
CA THR C 416 -2.35 57.30 -64.74
C THR C 416 -1.98 56.22 -63.74
N GLY C 417 -0.71 55.86 -63.68
CA GLY C 417 -0.25 54.96 -62.64
C GLY C 417 1.19 54.52 -62.80
N LYS C 418 1.99 55.27 -63.55
CA LYS C 418 3.36 54.87 -63.78
C LYS C 418 4.29 55.60 -62.82
N TRP C 419 5.48 55.04 -62.63
CA TRP C 419 6.39 55.45 -61.59
C TRP C 419 7.47 56.34 -62.16
N ASN C 420 7.53 57.58 -61.70
CA ASN C 420 8.55 58.52 -62.14
C ASN C 420 9.50 58.81 -60.98
N GLU C 421 10.65 59.35 -61.33
CA GLU C 421 11.65 59.73 -60.35
C GLU C 421 11.80 61.24 -60.37
N ASP C 422 11.93 61.83 -59.19
CA ASP C 422 11.99 63.28 -59.03
C ASP C 422 13.43 63.70 -58.84
N GLU C 423 14.07 64.13 -59.93
CA GLU C 423 15.50 64.39 -59.95
C GLU C 423 15.94 65.33 -58.85
N ASP C 424 15.09 66.27 -58.49
CA ASP C 424 15.38 67.36 -57.57
C ASP C 424 15.10 67.03 -56.11
N GLN C 425 14.60 65.83 -55.80
CA GLN C 425 14.24 65.43 -54.44
C GLN C 425 15.13 64.25 -54.05
N ILE C 426 16.22 64.54 -53.36
CA ILE C 426 17.28 63.59 -53.06
C ILE C 426 17.28 63.23 -51.58
N VAL C 427 17.86 62.07 -51.28
CA VAL C 427 18.19 61.66 -49.92
C VAL C 427 19.64 61.19 -49.90
N HIS C 428 20.39 61.71 -48.94
CA HIS C 428 21.75 61.27 -48.60
C HIS C 428 21.65 60.47 -47.30
N LEU C 429 21.59 59.14 -47.40
CA LEU C 429 21.40 58.28 -46.24
C LEU C 429 22.74 57.67 -45.82
N LYS C 430 23.15 57.93 -44.57
CA LYS C 430 24.40 57.35 -44.08
C LYS C 430 24.26 55.84 -43.93
N ALA C 431 25.34 55.13 -44.26
CA ALA C 431 25.35 53.67 -44.20
C ALA C 431 26.80 53.21 -44.20
N ASP C 432 27.04 52.07 -43.56
CA ASP C 432 28.32 51.38 -43.63
C ASP C 432 28.26 50.14 -44.51
N VAL C 433 27.08 49.56 -44.68
CA VAL C 433 26.90 48.31 -45.39
C VAL C 433 25.67 48.47 -46.27
N VAL C 434 25.77 47.99 -47.51
CA VAL C 434 24.68 48.03 -48.45
C VAL C 434 24.48 46.62 -49.00
N ILE C 435 23.25 46.12 -48.92
CA ILE C 435 22.89 44.79 -49.40
C ILE C 435 21.76 44.96 -50.42
N SER C 436 22.04 44.61 -51.68
CA SER C 436 21.02 44.69 -52.71
C SER C 436 20.24 43.37 -52.73
N ALA C 437 18.92 43.48 -52.73
CA ALA C 437 18.02 42.33 -52.70
C ALA C 437 17.01 42.48 -53.85
N PHE C 438 17.55 42.62 -55.06
CA PHE C 438 16.76 42.91 -56.24
C PHE C 438 16.21 41.67 -56.93
N GLY C 439 16.41 40.48 -56.36
CA GLY C 439 16.02 39.27 -57.04
C GLY C 439 17.20 38.54 -57.66
N SER C 440 16.86 37.56 -58.49
CA SER C 440 17.82 36.62 -59.05
C SER C 440 17.43 36.34 -60.49
N VAL C 441 18.39 35.87 -61.30
CA VAL C 441 18.20 35.63 -62.73
C VAL C 441 19.04 34.44 -63.16
N LEU C 442 18.77 33.95 -64.36
CA LEU C 442 19.71 33.09 -65.04
C LEU C 442 20.43 33.93 -66.10
N ARG C 443 21.73 34.09 -65.93
CA ARG C 443 22.46 35.00 -66.81
C ARG C 443 23.68 34.35 -67.45
N ASP C 444 24.24 33.34 -66.81
CA ASP C 444 25.50 32.74 -67.24
C ASP C 444 25.37 32.19 -68.66
N PRO C 445 26.10 32.74 -69.64
CA PRO C 445 25.98 32.21 -71.00
C PRO C 445 26.46 30.77 -71.14
N LYS C 446 27.33 30.30 -70.25
CA LYS C 446 27.76 28.92 -70.32
C LYS C 446 26.67 27.97 -69.89
N VAL C 447 25.84 28.39 -68.94
CA VAL C 447 24.72 27.55 -68.52
C VAL C 447 23.64 27.55 -69.58
N LYS C 448 23.34 28.73 -70.12
CA LYS C 448 22.36 28.81 -71.20
C LYS C 448 22.77 27.92 -72.37
N GLU C 449 24.04 27.96 -72.74
CA GLU C 449 24.49 27.17 -73.88
C GLU C 449 24.34 25.68 -73.61
N ALA C 450 24.56 25.26 -72.35
CA ALA C 450 24.41 23.85 -71.99
C ALA C 450 22.96 23.38 -72.15
N LEU C 451 21.99 24.29 -72.19
CA LEU C 451 20.59 23.96 -72.38
C LEU C 451 20.18 23.95 -73.85
N SER C 452 21.14 24.09 -74.77
CA SER C 452 20.84 24.00 -76.18
C SER C 452 20.26 22.62 -76.52
N PRO C 453 19.23 22.54 -77.39
CA PRO C 453 18.59 23.64 -78.10
C PRO C 453 17.18 23.98 -77.62
N ILE C 454 16.91 24.02 -76.32
CA ILE C 454 15.54 24.28 -75.87
C ILE C 454 15.19 25.75 -76.05
N LYS C 455 13.90 26.02 -76.28
CA LYS C 455 13.42 27.38 -76.49
C LYS C 455 13.37 28.17 -75.18
N PHE C 456 13.78 29.43 -75.26
CA PHE C 456 13.63 30.39 -74.17
C PHE C 456 12.60 31.45 -74.53
N ASN C 457 12.00 32.08 -73.52
CA ASN C 457 10.96 33.07 -73.71
C ASN C 457 11.47 34.49 -73.45
N ARG C 458 10.56 35.47 -73.56
CA ARG C 458 10.90 36.88 -73.35
C ARG C 458 11.61 37.08 -72.03
N TRP C 459 11.16 36.36 -71.00
CA TRP C 459 11.69 36.52 -69.66
C TRP C 459 13.01 35.81 -69.48
N ASP C 460 13.50 35.14 -70.53
CA ASP C 460 14.81 34.48 -70.57
C ASP C 460 14.82 33.17 -69.84
N LEU C 461 13.67 32.56 -69.76
CA LEU C 461 13.59 31.34 -68.99
C LEU C 461 13.22 30.23 -69.96
N PRO C 462 13.59 28.99 -69.67
CA PRO C 462 13.10 27.88 -70.48
C PRO C 462 11.59 27.89 -70.55
N GLU C 463 11.06 27.78 -71.77
CA GLU C 463 9.62 27.65 -71.96
C GLU C 463 9.19 26.23 -71.64
N VAL C 464 8.08 26.09 -70.91
CA VAL C 464 7.49 24.76 -70.71
C VAL C 464 6.00 24.83 -71.00
N ASP C 465 5.45 23.68 -71.37
CA ASP C 465 4.02 23.48 -71.30
C ASP C 465 3.64 23.50 -69.81
N PRO C 466 2.80 24.44 -69.37
CA PRO C 466 2.54 24.55 -67.92
C PRO C 466 1.78 23.37 -67.33
N GLU C 467 1.16 22.54 -68.16
CA GLU C 467 0.50 21.34 -67.66
C GLU C 467 1.45 20.16 -67.54
N THR C 468 2.40 20.01 -68.46
CA THR C 468 3.27 18.84 -68.46
C THR C 468 4.67 19.12 -67.95
N MET C 469 5.09 20.39 -67.91
CA MET C 469 6.42 20.83 -67.52
C MET C 469 7.47 20.47 -68.59
N GLN C 470 7.04 20.12 -69.81
CA GLN C 470 7.95 19.72 -70.88
C GLN C 470 8.49 20.94 -71.61
N THR C 471 9.79 20.93 -71.90
CA THR C 471 10.40 21.98 -72.71
C THR C 471 10.11 21.68 -74.19
N SER C 472 10.69 22.46 -75.09
CA SER C 472 10.55 22.21 -76.52
C SER C 472 11.24 20.91 -76.94
N GLU C 473 12.20 20.41 -76.16
CA GLU C 473 12.74 19.07 -76.37
C GLU C 473 11.92 18.07 -75.57
N PRO C 474 11.35 17.05 -76.20
CA PRO C 474 10.41 16.17 -75.49
C PRO C 474 11.03 15.44 -74.32
N TRP C 475 12.32 15.16 -74.35
CA TRP C 475 12.91 14.42 -73.25
C TRP C 475 13.33 15.32 -72.10
N VAL C 476 13.18 16.64 -72.23
CA VAL C 476 13.69 17.58 -71.24
C VAL C 476 12.51 18.31 -70.63
N PHE C 477 12.50 18.36 -69.30
CA PHE C 477 11.46 18.95 -68.49
C PHE C 477 12.11 19.97 -67.56
N ALA C 478 11.32 20.89 -67.02
CA ALA C 478 11.92 21.87 -66.11
C ALA C 478 10.86 22.36 -65.13
N GLY C 479 11.32 22.90 -64.01
CA GLY C 479 10.37 23.38 -63.02
C GLY C 479 11.09 24.05 -61.87
N GLY C 480 10.31 24.73 -61.06
CA GLY C 480 10.79 25.50 -59.93
C GLY C 480 11.10 26.93 -60.34
N ASP C 481 12.06 27.55 -59.64
CA ASP C 481 12.38 28.94 -59.91
C ASP C 481 12.79 29.16 -61.36
N ILE C 482 13.48 28.20 -61.98
CA ILE C 482 14.05 28.47 -63.31
C ILE C 482 12.95 28.71 -64.35
N VAL C 483 11.73 28.21 -64.09
CA VAL C 483 10.62 28.39 -65.03
C VAL C 483 9.87 29.70 -64.79
N GLY C 484 10.01 30.30 -63.61
CA GLY C 484 9.57 31.66 -63.42
C GLY C 484 8.14 31.82 -62.99
N MET C 485 7.46 30.73 -62.70
CA MET C 485 6.08 30.72 -62.21
C MET C 485 6.01 30.56 -60.69
N ALA C 486 6.71 29.57 -60.15
CA ALA C 486 6.76 29.35 -58.71
C ALA C 486 7.38 30.54 -57.99
N ASN C 487 6.74 30.97 -56.90
CA ASN C 487 7.27 32.00 -56.02
C ASN C 487 7.61 31.47 -54.65
N THR C 488 7.49 30.16 -54.43
CA THR C 488 7.54 29.53 -53.12
C THR C 488 8.16 28.15 -53.24
N THR C 489 8.60 27.64 -52.09
CA THR C 489 9.09 26.26 -52.02
C THR C 489 8.01 25.26 -52.43
N VAL C 490 6.78 25.44 -51.93
CA VAL C 490 5.74 24.45 -52.19
C VAL C 490 5.37 24.43 -53.68
N GLU C 491 5.38 25.60 -54.33
CA GLU C 491 5.13 25.64 -55.77
C GLU C 491 6.26 24.98 -56.56
N SER C 492 7.50 25.15 -56.11
CA SER C 492 8.61 24.45 -56.75
C SER C 492 8.47 22.95 -56.54
N VAL C 493 8.13 22.53 -55.33
CA VAL C 493 7.86 21.11 -55.08
C VAL C 493 6.76 20.61 -56.00
N ASN C 494 5.71 21.43 -56.19
CA ASN C 494 4.62 21.00 -57.04
C ASN C 494 5.06 20.89 -58.50
N ASP C 495 5.91 21.81 -58.96
CA ASP C 495 6.42 21.71 -60.33
C ASP C 495 7.11 20.37 -60.58
N GLY C 496 7.96 19.94 -59.63
CA GLY C 496 8.62 18.65 -59.80
C GLY C 496 7.64 17.50 -59.76
N LYS C 497 6.63 17.60 -58.90
CA LYS C 497 5.58 16.60 -58.81
C LYS C 497 4.83 16.49 -60.13
N GLN C 498 4.41 17.64 -60.67
CA GLN C 498 3.73 17.67 -61.97
C GLN C 498 4.60 17.08 -63.06
N ALA C 499 5.88 17.47 -63.10
CA ALA C 499 6.79 16.99 -64.13
C ALA C 499 6.95 15.48 -64.07
N SER C 500 6.93 14.90 -62.86
CA SER C 500 7.29 13.50 -62.70
C SER C 500 6.28 12.59 -63.41
N TRP C 501 4.99 12.96 -63.38
CA TRP C 501 4.02 12.11 -64.07
C TRP C 501 4.27 12.10 -65.57
N TYR C 502 4.57 13.28 -66.15
CA TYR C 502 4.76 13.33 -67.61
C TYR C 502 6.15 12.90 -68.05
N ILE C 503 7.16 12.97 -67.18
CA ILE C 503 8.41 12.26 -67.45
C ILE C 503 8.13 10.78 -67.56
N HIS C 504 7.37 10.25 -66.59
CA HIS C 504 6.97 8.85 -66.58
C HIS C 504 6.22 8.47 -67.87
N LYS C 505 5.24 9.28 -68.26
CA LYS C 505 4.51 9.03 -69.51
C LYS C 505 5.46 9.03 -70.71
N TYR C 506 6.39 9.98 -70.76
CA TYR C 506 7.29 10.06 -71.90
C TYR C 506 8.22 8.85 -71.95
N ILE C 507 8.83 8.50 -70.82
CA ILE C 507 9.73 7.35 -70.80
C ILE C 507 8.98 6.09 -71.21
N GLN C 508 7.82 5.85 -70.61
CA GLN C 508 7.08 4.63 -70.92
C GLN C 508 6.80 4.53 -72.40
N ALA C 509 6.36 5.64 -73.00
CA ALA C 509 6.11 5.69 -74.44
C ALA C 509 7.37 5.37 -75.24
N GLN C 510 8.53 5.86 -74.80
CA GLN C 510 9.77 5.54 -75.49
C GLN C 510 10.05 4.04 -75.48
N TYR C 511 9.59 3.32 -74.46
CA TYR C 511 9.80 1.88 -74.38
C TYR C 511 8.62 1.08 -74.94
N GLY C 512 7.64 1.75 -75.53
CA GLY C 512 6.52 1.07 -76.14
C GLY C 512 5.36 0.79 -75.22
N ALA C 513 5.33 1.41 -74.03
CA ALA C 513 4.31 1.15 -73.04
C ALA C 513 3.44 2.38 -72.84
N SER C 514 2.16 2.16 -72.61
CA SER C 514 1.23 3.24 -72.31
C SER C 514 1.11 3.38 -70.80
N VAL C 515 0.52 4.49 -70.38
CA VAL C 515 0.18 4.74 -68.99
C VAL C 515 -1.27 5.17 -68.95
N SER C 516 -1.86 5.14 -67.75
CA SER C 516 -3.26 5.54 -67.63
C SER C 516 -3.43 6.98 -68.02
N ALA C 517 -4.56 7.30 -68.65
CA ALA C 517 -4.84 8.69 -68.94
C ALA C 517 -5.23 9.46 -67.67
N LYS C 518 -5.50 8.77 -66.56
CA LYS C 518 -5.74 9.41 -65.29
C LYS C 518 -4.46 9.36 -64.45
N PRO C 519 -3.77 10.49 -64.27
CA PRO C 519 -2.49 10.47 -63.54
C PRO C 519 -2.61 9.86 -62.15
N GLU C 520 -1.61 9.02 -61.81
CA GLU C 520 -1.66 8.09 -60.66
C GLU C 520 -0.37 8.16 -59.83
N LEU C 521 -0.11 9.30 -59.15
CA LEU C 521 1.17 9.20 -58.43
C LEU C 521 0.99 8.45 -57.11
N PRO C 522 1.95 7.63 -56.71
CA PRO C 522 1.82 6.87 -55.47
C PRO C 522 1.96 7.74 -54.23
N LEU C 523 1.39 7.24 -53.12
CA LEU C 523 1.53 7.85 -51.80
C LEU C 523 2.90 7.58 -51.20
N PHE C 524 3.10 8.11 -49.99
CA PHE C 524 4.31 7.95 -49.20
C PHE C 524 4.10 6.81 -48.21
N TYR C 525 5.07 5.90 -48.13
CA TYR C 525 4.97 4.70 -47.31
C TYR C 525 6.20 4.53 -46.42
N THR C 526 5.97 3.90 -45.24
CA THR C 526 7.01 3.51 -44.30
C THR C 526 6.75 2.06 -43.85
N PRO C 527 7.64 1.42 -43.08
CA PRO C 527 7.32 0.08 -42.58
C PRO C 527 6.08 0.04 -41.70
N VAL C 528 5.66 1.18 -41.13
CA VAL C 528 4.45 1.23 -40.34
C VAL C 528 3.26 0.74 -41.15
N ASP C 529 3.25 1.06 -42.45
CA ASP C 529 2.10 0.69 -43.26
C ASP C 529 1.99 -0.80 -43.49
N LEU C 530 3.05 -1.57 -43.25
CA LEU C 530 3.00 -3.03 -43.43
C LEU C 530 2.49 -3.77 -42.20
N VAL C 531 2.17 -3.05 -41.11
CA VAL C 531 1.77 -3.71 -39.87
C VAL C 531 0.39 -4.33 -40.03
N ASP C 532 0.25 -5.56 -39.57
CA ASP C 532 -1.00 -6.32 -39.66
C ASP C 532 -1.90 -5.99 -38.48
N ILE C 533 -3.09 -5.44 -38.76
CA ILE C 533 -4.04 -5.12 -37.70
C ILE C 533 -5.33 -5.92 -37.84
N SER C 534 -5.25 -7.10 -38.45
CA SER C 534 -6.42 -7.97 -38.46
C SER C 534 -6.59 -8.64 -37.09
N VAL C 535 -7.78 -9.18 -36.85
CA VAL C 535 -8.08 -9.82 -35.58
C VAL C 535 -9.14 -10.89 -35.83
N GLU C 536 -9.06 -12.01 -35.11
CA GLU C 536 -10.08 -13.05 -35.14
C GLU C 536 -10.91 -13.00 -33.87
N MET C 537 -12.23 -13.05 -34.03
CA MET C 537 -13.17 -13.06 -32.91
C MET C 537 -14.34 -13.96 -33.21
N ALA C 538 -14.61 -14.88 -32.27
CA ALA C 538 -15.77 -15.78 -32.36
C ALA C 538 -15.80 -16.48 -33.71
N GLY C 539 -14.62 -16.83 -34.22
CA GLY C 539 -14.53 -17.52 -35.49
C GLY C 539 -14.67 -16.66 -36.72
N LEU C 540 -14.70 -15.34 -36.56
CA LEU C 540 -14.82 -14.39 -37.67
C LEU C 540 -13.49 -13.66 -37.85
N LYS C 541 -13.13 -13.44 -39.11
CA LYS C 541 -11.89 -12.75 -39.47
C LYS C 541 -12.22 -11.30 -39.79
N PHE C 542 -11.68 -10.37 -39.01
CA PHE C 542 -11.85 -8.94 -39.25
C PHE C 542 -10.57 -8.40 -39.88
N ILE C 543 -10.66 -7.76 -41.05
CA ILE C 543 -9.44 -7.25 -41.68
C ILE C 543 -8.87 -6.09 -40.88
N ASN C 544 -9.69 -5.40 -40.10
CA ASN C 544 -9.22 -4.48 -39.08
C ASN C 544 -10.31 -4.41 -38.02
N PRO C 545 -10.00 -3.92 -36.81
CA PRO C 545 -10.97 -4.03 -35.72
C PRO C 545 -12.02 -2.93 -35.67
N PHE C 546 -12.08 -2.02 -36.65
CA PHE C 546 -12.99 -0.88 -36.60
C PHE C 546 -14.24 -1.14 -37.39
N GLY C 547 -15.40 -0.86 -36.78
CA GLY C 547 -16.67 -1.10 -37.44
C GLY C 547 -17.70 -0.06 -37.06
N LEU C 548 -18.69 0.11 -37.92
CA LEU C 548 -19.80 1.00 -37.66
C LEU C 548 -20.76 0.34 -36.69
N ALA C 549 -21.06 1.01 -35.57
CA ALA C 549 -22.11 0.56 -34.67
C ALA C 549 -23.48 0.62 -35.34
N SER C 550 -24.42 -0.12 -34.77
CA SER C 550 -25.81 -0.06 -35.21
C SER C 550 -26.37 1.31 -34.81
N ALA C 551 -26.52 2.21 -35.79
CA ALA C 551 -26.85 3.59 -35.45
C ALA C 551 -27.11 4.44 -36.68
N ALA C 552 -27.08 5.76 -36.51
CA ALA C 552 -27.40 6.66 -37.61
C ALA C 552 -26.46 6.53 -38.81
N PRO C 553 -25.14 6.33 -38.64
CA PRO C 553 -24.30 6.08 -39.82
C PRO C 553 -24.61 4.77 -40.56
N THR C 554 -25.43 3.88 -40.00
CA THR C 554 -25.92 2.71 -40.74
C THR C 554 -27.42 2.79 -41.02
N THR C 555 -27.94 4.01 -41.17
CA THR C 555 -29.34 4.24 -41.52
C THR C 555 -29.76 3.48 -42.79
N SER C 556 -28.86 3.42 -43.77
CA SER C 556 -29.15 2.83 -45.07
C SER C 556 -28.00 1.90 -45.45
N SER C 557 -28.31 0.82 -46.20
CA SER C 557 -27.24 -0.09 -46.60
C SER C 557 -26.28 0.55 -47.59
N SER C 558 -26.75 1.49 -48.42
CA SER C 558 -25.86 2.22 -49.31
C SER C 558 -24.78 2.92 -48.54
N MET C 559 -25.07 3.22 -47.27
CA MET C 559 -24.10 3.94 -46.47
C MET C 559 -23.01 2.97 -46.02
N ILE C 560 -23.42 1.76 -45.65
CA ILE C 560 -22.47 0.71 -45.29
C ILE C 560 -21.57 0.40 -46.48
N ARG C 561 -22.15 0.35 -47.68
CA ARG C 561 -21.35 0.11 -48.87
C ARG C 561 -20.20 1.12 -48.98
N ARG C 562 -20.52 2.41 -48.86
CA ARG C 562 -19.47 3.44 -48.94
C ARG C 562 -18.48 3.33 -47.79
N ALA C 563 -18.93 2.90 -46.62
CA ALA C 563 -18.00 2.72 -45.49
C ALA C 563 -17.03 1.58 -45.78
N PHE C 564 -17.54 0.49 -46.35
CA PHE C 564 -16.64 -0.60 -46.74
C PHE C 564 -15.67 -0.14 -47.82
N GLU C 565 -16.16 0.67 -48.78
CA GLU C 565 -15.28 1.22 -49.80
C GLU C 565 -14.21 2.13 -49.19
N ALA C 566 -14.53 2.80 -48.07
CA ALA C 566 -13.55 3.65 -47.40
C ALA C 566 -12.55 2.86 -46.57
N GLY C 567 -12.91 1.65 -46.15
CA GLY C 567 -11.95 0.78 -45.49
C GLY C 567 -12.38 0.22 -44.14
N TRP C 568 -13.65 0.44 -43.75
CA TRP C 568 -14.12 -0.03 -42.45
C TRP C 568 -14.11 -1.55 -42.42
N GLY C 569 -13.64 -2.10 -41.30
CA GLY C 569 -13.52 -3.56 -41.21
C GLY C 569 -14.84 -4.28 -41.11
N PHE C 570 -15.83 -3.69 -40.44
CA PHE C 570 -17.12 -4.34 -40.31
C PHE C 570 -18.21 -3.29 -40.13
N ALA C 571 -19.46 -3.73 -40.17
CA ALA C 571 -20.57 -2.82 -39.95
C ALA C 571 -21.75 -3.60 -39.41
N LEU C 572 -22.50 -2.93 -38.53
CA LEU C 572 -23.78 -3.38 -38.05
C LEU C 572 -24.86 -2.78 -38.94
N THR C 573 -25.94 -3.51 -39.14
CA THR C 573 -27.12 -2.83 -39.66
C THR C 573 -27.74 -2.01 -38.53
N LYS C 574 -28.44 -0.95 -38.91
CA LYS C 574 -29.42 -0.37 -38.00
C LYS C 574 -30.35 -1.48 -37.52
N THR C 575 -30.73 -1.46 -36.24
CA THR C 575 -31.59 -2.51 -35.71
C THR C 575 -32.88 -2.60 -36.52
N PHE C 576 -33.25 -3.80 -36.96
CA PHE C 576 -34.52 -3.96 -37.66
C PHE C 576 -35.36 -5.05 -37.01
N SER C 577 -36.65 -5.04 -37.31
CA SER C 577 -37.62 -5.96 -36.72
C SER C 577 -38.63 -6.44 -37.74
N LEU C 578 -39.41 -7.45 -37.34
CA LEU C 578 -40.50 -7.98 -38.14
C LEU C 578 -41.50 -6.88 -38.50
N ASP C 579 -42.29 -7.15 -39.55
CA ASP C 579 -43.24 -6.16 -40.07
C ASP C 579 -44.25 -5.71 -39.00
N LYS C 580 -44.69 -6.64 -38.15
CA LYS C 580 -45.68 -6.28 -37.14
C LYS C 580 -45.15 -5.27 -36.14
N ASP C 581 -43.83 -5.09 -36.07
CA ASP C 581 -43.21 -4.19 -35.10
C ASP C 581 -42.78 -2.86 -35.72
N ILE C 582 -43.43 -2.46 -36.82
CA ILE C 582 -43.04 -1.25 -37.53
C ILE C 582 -43.15 -0.03 -36.61
N VAL C 583 -42.23 0.93 -36.79
CA VAL C 583 -42.23 2.17 -36.01
C VAL C 583 -42.18 3.39 -36.94
N THR C 584 -42.44 4.55 -36.35
CA THR C 584 -42.32 5.84 -37.02
C THR C 584 -41.55 6.79 -36.10
N ASN C 585 -40.43 7.30 -36.60
CA ASN C 585 -39.60 8.20 -35.80
C ASN C 585 -40.25 9.57 -35.66
N VAL C 586 -39.89 10.28 -34.59
CA VAL C 586 -40.26 11.67 -34.42
C VAL C 586 -39.06 12.54 -34.78
N SER C 587 -39.30 13.85 -34.89
CA SER C 587 -38.29 14.85 -35.14
C SER C 587 -38.61 16.12 -34.36
N PRO C 588 -37.60 16.83 -33.83
CA PRO C 588 -36.16 16.51 -33.75
C PRO C 588 -35.90 15.25 -32.93
N ARG C 589 -34.76 14.58 -33.12
CA ARG C 589 -34.52 13.37 -32.34
C ARG C 589 -33.05 13.12 -32.02
N ILE C 590 -32.13 13.91 -32.58
CA ILE C 590 -30.71 13.78 -32.27
C ILE C 590 -30.16 15.16 -32.01
N VAL C 591 -29.61 15.39 -30.82
CA VAL C 591 -29.16 16.73 -30.43
C VAL C 591 -27.73 16.65 -29.92
N ARG C 592 -27.04 17.79 -29.97
CA ARG C 592 -25.66 17.82 -29.50
C ARG C 592 -25.62 17.72 -27.99
N GLY C 593 -24.50 17.23 -27.46
CA GLY C 593 -24.33 17.16 -26.03
C GLY C 593 -24.06 18.53 -25.44
N THR C 594 -24.49 18.70 -24.20
CA THR C 594 -24.13 19.89 -23.42
C THR C 594 -23.04 19.56 -22.43
N THR C 595 -22.40 18.40 -22.59
CA THR C 595 -21.49 17.81 -21.62
C THR C 595 -20.14 18.51 -21.53
N SER C 596 -19.80 19.40 -22.47
CA SER C 596 -18.56 20.16 -22.35
C SER C 596 -18.78 21.65 -22.63
N GLY C 597 -19.97 22.17 -22.38
CA GLY C 597 -20.20 23.58 -22.45
C GLY C 597 -20.59 24.06 -23.84
N PRO C 598 -20.71 25.38 -24.02
CA PRO C 598 -21.18 25.93 -25.30
C PRO C 598 -20.07 26.02 -26.35
N MET C 599 -19.55 24.85 -26.72
CA MET C 599 -18.55 24.68 -27.78
C MET C 599 -19.25 23.99 -28.94
N TYR C 600 -19.32 24.68 -30.07
CA TYR C 600 -20.09 24.20 -31.21
C TYR C 600 -19.14 23.75 -32.31
N GLY C 601 -19.66 22.92 -33.20
CA GLY C 601 -18.90 22.46 -34.34
C GLY C 601 -18.23 21.13 -34.10
N PRO C 602 -16.96 21.02 -34.51
CA PRO C 602 -16.27 19.73 -34.46
C PRO C 602 -16.13 19.20 -33.05
N GLY C 603 -16.03 17.88 -32.95
CA GLY C 603 -15.73 17.23 -31.68
C GLY C 603 -16.74 17.47 -30.58
N GLN C 604 -18.04 17.39 -30.89
CA GLN C 604 -19.04 17.37 -29.82
C GLN C 604 -18.72 16.24 -28.85
N SER C 605 -18.77 16.53 -27.54
CA SER C 605 -18.39 15.52 -26.55
C SER C 605 -19.48 14.48 -26.31
N SER C 606 -20.70 14.70 -26.81
CA SER C 606 -21.75 13.68 -26.76
C SER C 606 -22.86 14.07 -27.71
N PHE C 607 -23.79 13.14 -27.90
CA PHE C 607 -25.09 13.40 -28.49
C PHE C 607 -26.12 12.70 -27.63
N LEU C 608 -27.36 13.12 -27.77
CA LEU C 608 -28.49 12.42 -27.20
C LEU C 608 -29.47 12.12 -28.33
N ASN C 609 -30.02 10.91 -28.34
CA ASN C 609 -31.00 10.56 -29.36
C ASN C 609 -32.23 9.93 -28.71
N ILE C 610 -33.38 10.19 -29.33
CA ILE C 610 -34.61 9.46 -29.04
C ILE C 610 -35.06 8.73 -30.31
N GLU C 611 -34.11 8.19 -31.06
CA GLU C 611 -34.39 7.41 -32.25
C GLU C 611 -34.84 5.99 -31.89
N LEU C 612 -35.68 5.42 -32.74
CA LEU C 612 -36.16 4.05 -32.57
C LEU C 612 -35.33 3.07 -33.41
N ILE C 613 -35.88 1.87 -33.65
CA ILE C 613 -35.29 0.91 -34.57
C ILE C 613 -35.36 1.49 -35.97
N SER C 614 -34.74 0.80 -36.93
CA SER C 614 -34.81 1.23 -38.33
C SER C 614 -36.27 1.38 -38.78
N GLU C 615 -36.54 2.42 -39.55
CA GLU C 615 -37.83 2.52 -40.19
C GLU C 615 -37.91 1.67 -41.46
N LYS C 616 -36.81 1.03 -41.85
CA LYS C 616 -36.79 0.22 -43.07
C LYS C 616 -37.13 -1.23 -42.74
N THR C 617 -37.77 -1.92 -43.68
CA THR C 617 -38.32 -3.25 -43.39
C THR C 617 -37.22 -4.30 -43.26
N ALA C 618 -37.59 -5.42 -42.64
CA ALA C 618 -36.70 -6.57 -42.58
C ALA C 618 -36.36 -7.10 -43.97
N ALA C 619 -37.29 -6.99 -44.92
CA ALA C 619 -36.98 -7.40 -46.30
C ALA C 619 -35.90 -6.51 -46.92
N TYR C 620 -35.99 -5.20 -46.71
CA TYR C 620 -34.94 -4.30 -47.17
C TYR C 620 -33.59 -4.70 -46.57
N TRP C 621 -33.56 -4.93 -45.26
CA TRP C 621 -32.28 -5.21 -44.61
C TRP C 621 -31.73 -6.57 -45.02
N CYS C 622 -32.60 -7.57 -45.19
CA CYS C 622 -32.08 -8.88 -45.53
C CYS C 622 -31.58 -8.93 -46.98
N GLN C 623 -32.30 -8.28 -47.90
CA GLN C 623 -31.78 -8.20 -49.27
C GLN C 623 -30.47 -7.41 -49.29
N SER C 624 -30.40 -6.33 -48.52
CA SER C 624 -29.18 -5.53 -48.43
C SER C 624 -28.00 -6.33 -47.89
N VAL C 625 -28.23 -7.18 -46.89
CA VAL C 625 -27.13 -7.98 -46.36
C VAL C 625 -26.63 -8.95 -47.43
N THR C 626 -27.56 -9.57 -48.16
CA THR C 626 -27.13 -10.45 -49.25
C THR C 626 -26.27 -9.69 -50.25
N GLU C 627 -26.72 -8.50 -50.68
CA GLU C 627 -25.95 -7.71 -51.64
C GLU C 627 -24.60 -7.30 -51.08
N LEU C 628 -24.57 -6.85 -49.82
CA LEU C 628 -23.31 -6.40 -49.25
C LEU C 628 -22.33 -7.56 -49.11
N LYS C 629 -22.80 -8.73 -48.69
CA LYS C 629 -21.87 -9.84 -48.55
C LYS C 629 -21.45 -10.40 -49.89
N ALA C 630 -22.30 -10.23 -50.92
CA ALA C 630 -21.89 -10.61 -52.28
C ALA C 630 -20.71 -9.77 -52.75
N ASP C 631 -20.78 -8.47 -52.54
CA ASP C 631 -19.80 -7.53 -53.07
C ASP C 631 -18.60 -7.29 -52.15
N PHE C 632 -18.73 -7.58 -50.85
CA PHE C 632 -17.67 -7.33 -49.88
C PHE C 632 -17.51 -8.56 -48.99
N PRO C 633 -17.05 -9.68 -49.56
CA PRO C 633 -16.97 -10.91 -48.76
C PRO C 633 -15.99 -10.85 -47.61
N ASP C 634 -15.00 -9.96 -47.65
CA ASP C 634 -14.01 -9.84 -46.58
C ASP C 634 -14.43 -8.89 -45.46
N ASN C 635 -15.46 -8.07 -45.67
CA ASN C 635 -15.97 -7.19 -44.65
C ASN C 635 -17.08 -7.89 -43.88
N ILE C 636 -17.01 -7.86 -42.56
CA ILE C 636 -17.98 -8.56 -41.73
C ILE C 636 -19.25 -7.73 -41.67
N VAL C 637 -20.40 -8.36 -41.86
CA VAL C 637 -21.68 -7.69 -41.72
C VAL C 637 -22.46 -8.37 -40.61
N ILE C 638 -22.88 -7.60 -39.60
CA ILE C 638 -23.59 -8.13 -38.45
C ILE C 638 -24.99 -7.54 -38.48
N ALA C 639 -26.00 -8.40 -38.48
CA ALA C 639 -27.38 -7.92 -38.50
C ALA C 639 -27.83 -7.68 -37.07
N SER C 640 -28.19 -6.44 -36.76
CA SER C 640 -28.76 -6.11 -35.46
C SER C 640 -30.28 -6.23 -35.56
N ILE C 641 -30.87 -7.03 -34.66
CA ILE C 641 -32.28 -7.37 -34.70
C ILE C 641 -32.88 -7.17 -33.31
N MET C 642 -34.19 -6.93 -33.30
CA MET C 642 -34.93 -6.78 -32.05
C MET C 642 -36.32 -7.36 -32.19
N CYS C 643 -36.74 -8.12 -31.19
CA CYS C 643 -38.12 -8.58 -31.10
C CYS C 643 -38.63 -8.29 -29.70
N SER C 644 -39.95 -8.34 -29.54
CA SER C 644 -40.50 -8.39 -28.19
C SER C 644 -40.15 -9.72 -27.55
N TYR C 645 -40.53 -9.89 -26.29
CA TYR C 645 -40.15 -11.07 -25.53
C TYR C 645 -41.02 -12.25 -25.95
N ASN C 646 -40.69 -12.81 -27.11
CA ASN C 646 -41.51 -13.85 -27.74
C ASN C 646 -40.60 -14.82 -28.47
N LYS C 647 -40.63 -16.10 -28.08
CA LYS C 647 -39.71 -17.07 -28.64
C LYS C 647 -39.84 -17.17 -30.16
N ASN C 648 -41.06 -17.37 -30.66
CA ASN C 648 -41.23 -17.57 -32.10
C ASN C 648 -40.74 -16.36 -32.89
N ASP C 649 -40.97 -15.15 -32.36
CA ASP C 649 -40.49 -13.95 -33.04
C ASP C 649 -38.97 -13.94 -33.14
N TRP C 650 -38.29 -14.16 -32.01
CA TRP C 650 -36.83 -14.14 -32.04
C TRP C 650 -36.28 -15.25 -32.94
N MET C 651 -36.89 -16.44 -32.91
CA MET C 651 -36.42 -17.50 -33.80
C MET C 651 -36.67 -17.17 -35.27
N GLU C 652 -37.84 -16.59 -35.59
CA GLU C 652 -38.14 -16.25 -36.99
C GLU C 652 -37.19 -15.18 -37.53
N LEU C 653 -37.01 -14.08 -36.80
CA LEU C 653 -36.22 -12.97 -37.31
C LEU C 653 -34.74 -13.33 -37.37
N SER C 654 -34.21 -14.05 -36.38
CA SER C 654 -32.81 -14.44 -36.46
C SER C 654 -32.57 -15.38 -37.65
N ARG C 655 -33.51 -16.28 -37.92
CA ARG C 655 -33.32 -17.19 -39.06
C ARG C 655 -33.39 -16.45 -40.39
N LYS C 656 -34.25 -15.43 -40.48
CA LYS C 656 -34.28 -14.62 -41.68
C LYS C 656 -32.95 -13.92 -41.91
N ALA C 657 -32.35 -13.36 -40.85
CA ALA C 657 -31.11 -12.61 -41.02
C ALA C 657 -29.96 -13.55 -41.32
N GLU C 658 -29.97 -14.75 -40.72
CA GLU C 658 -28.93 -15.74 -41.02
C GLU C 658 -29.00 -16.19 -42.48
N ALA C 659 -30.21 -16.49 -42.97
CA ALA C 659 -30.38 -16.97 -44.34
C ALA C 659 -29.94 -15.93 -45.36
N SER C 660 -30.02 -14.65 -44.98
CA SER C 660 -29.61 -13.58 -45.87
C SER C 660 -28.10 -13.47 -45.99
N GLY C 661 -27.34 -14.22 -45.20
CA GLY C 661 -25.90 -14.20 -45.30
C GLY C 661 -25.17 -13.41 -44.24
N ALA C 662 -25.85 -12.91 -43.21
CA ALA C 662 -25.16 -12.22 -42.13
C ALA C 662 -24.05 -13.10 -41.55
N ASP C 663 -22.88 -12.49 -41.31
CA ASP C 663 -21.80 -13.22 -40.63
C ASP C 663 -22.15 -13.51 -39.18
N ALA C 664 -22.89 -12.61 -38.55
CA ALA C 664 -23.30 -12.77 -37.17
C ALA C 664 -24.54 -11.93 -36.97
N LEU C 665 -25.16 -12.12 -35.81
CA LEU C 665 -26.28 -11.32 -35.33
C LEU C 665 -25.85 -10.55 -34.09
N GLU C 666 -26.46 -9.39 -33.91
CA GLU C 666 -26.38 -8.66 -32.65
C GLU C 666 -27.80 -8.49 -32.15
N LEU C 667 -28.06 -8.91 -30.93
CA LEU C 667 -29.42 -8.84 -30.39
C LEU C 667 -29.55 -7.53 -29.61
N ASN C 668 -30.40 -6.63 -30.10
CA ASN C 668 -30.65 -5.36 -29.41
C ASN C 668 -31.61 -5.64 -28.25
N LEU C 669 -31.14 -5.46 -27.03
CA LEU C 669 -31.95 -5.81 -25.86
C LEU C 669 -32.68 -4.60 -25.28
N SER C 670 -33.09 -3.65 -26.13
CA SER C 670 -33.74 -2.43 -25.67
C SER C 670 -35.26 -2.49 -25.74
N CYS C 671 -35.84 -3.67 -25.92
CA CYS C 671 -37.30 -3.71 -25.99
C CYS C 671 -37.92 -3.76 -24.60
N PRO C 672 -38.99 -3.00 -24.36
CA PRO C 672 -39.71 -3.13 -23.09
C PRO C 672 -40.39 -4.48 -22.98
N HIS C 673 -40.15 -5.16 -21.85
CA HIS C 673 -40.80 -6.44 -21.62
C HIS C 673 -42.26 -6.30 -21.25
N GLY C 674 -42.68 -5.14 -20.73
CA GLY C 674 -44.03 -4.94 -20.27
C GLY C 674 -44.40 -5.86 -19.12
N MET C 675 -43.71 -5.72 -17.98
CA MET C 675 -43.98 -6.58 -16.83
C MET C 675 -44.04 -5.79 -15.52
N GLY C 676 -44.16 -4.46 -15.60
CA GLY C 676 -44.40 -3.61 -14.45
C GLY C 676 -43.56 -3.88 -13.23
N GLU C 677 -44.08 -4.73 -12.33
CA GLU C 677 -43.38 -5.05 -11.09
C GLU C 677 -42.52 -6.30 -11.18
N ARG C 678 -42.79 -7.19 -12.14
CA ARG C 678 -42.11 -8.48 -12.18
C ARG C 678 -40.70 -8.37 -12.80
N GLY C 679 -40.56 -7.64 -13.90
CA GLY C 679 -39.26 -7.50 -14.55
C GLY C 679 -38.46 -6.33 -13.97
N MET C 680 -37.14 -6.54 -13.86
CA MET C 680 -36.26 -5.46 -13.39
C MET C 680 -36.21 -4.35 -14.43
N GLY C 681 -36.30 -3.11 -13.94
CA GLY C 681 -36.39 -1.99 -14.86
C GLY C 681 -37.54 -2.17 -15.83
N LEU C 682 -37.33 -1.69 -17.05
CA LEU C 682 -38.37 -1.76 -18.06
C LEU C 682 -37.96 -2.51 -19.32
N ALA C 683 -36.65 -2.66 -19.58
CA ALA C 683 -36.16 -3.27 -20.81
C ALA C 683 -35.68 -4.70 -20.57
N CYS C 684 -35.78 -5.51 -21.63
CA CYS C 684 -35.33 -6.90 -21.52
C CYS C 684 -33.86 -6.98 -21.11
N GLY C 685 -33.02 -6.09 -21.64
CA GLY C 685 -31.62 -6.14 -21.31
C GLY C 685 -31.28 -5.78 -19.88
N GLN C 686 -32.26 -5.43 -19.06
CA GLN C 686 -32.03 -5.08 -17.66
C GLN C 686 -32.31 -6.25 -16.71
N ASP C 687 -32.68 -7.41 -17.24
CA ASP C 687 -33.12 -8.56 -16.44
C ASP C 687 -32.36 -9.79 -16.91
N PRO C 688 -31.46 -10.37 -16.11
CA PRO C 688 -30.66 -11.51 -16.58
C PRO C 688 -31.50 -12.69 -17.05
N GLU C 689 -32.59 -12.99 -16.35
CA GLU C 689 -33.44 -14.12 -16.73
C GLU C 689 -33.99 -13.94 -18.14
N LEU C 690 -34.43 -12.73 -18.48
CA LEU C 690 -34.95 -12.50 -19.83
C LEU C 690 -33.83 -12.59 -20.87
N VAL C 691 -32.66 -12.07 -20.54
CA VAL C 691 -31.56 -12.13 -21.48
C VAL C 691 -31.14 -13.57 -21.71
N ARG C 692 -31.09 -14.38 -20.65
CA ARG C 692 -30.70 -15.77 -20.84
C ARG C 692 -31.67 -16.49 -21.77
N ASN C 693 -32.97 -16.21 -21.63
CA ASN C 693 -33.95 -16.93 -22.44
C ASN C 693 -33.88 -16.50 -23.90
N ILE C 694 -33.74 -15.20 -24.16
CA ILE C 694 -33.64 -14.72 -25.53
C ILE C 694 -32.44 -15.37 -26.23
N CYS C 695 -31.29 -15.35 -25.56
CA CYS C 695 -30.09 -15.97 -26.14
C CYS C 695 -30.31 -17.46 -26.39
N ARG C 696 -30.99 -18.15 -25.45
CA ARG C 696 -31.34 -19.56 -25.64
C ARG C 696 -32.19 -19.76 -26.89
N TRP C 697 -33.18 -18.89 -27.10
CA TRP C 697 -34.06 -19.02 -28.27
C TRP C 697 -33.27 -18.82 -29.56
N VAL C 698 -32.43 -17.80 -29.58
CA VAL C 698 -31.66 -17.51 -30.78
C VAL C 698 -30.61 -18.60 -31.02
N ARG C 699 -29.97 -19.08 -29.94
CA ARG C 699 -28.98 -20.14 -30.12
C ARG C 699 -29.62 -21.39 -30.72
N GLN C 700 -30.88 -21.67 -30.35
CA GLN C 700 -31.60 -22.81 -30.90
C GLN C 700 -31.95 -22.59 -32.37
N ALA C 701 -32.11 -21.32 -32.78
CA ALA C 701 -32.62 -20.98 -34.11
C ALA C 701 -31.52 -20.94 -35.18
N VAL C 702 -30.31 -20.48 -34.84
CA VAL C 702 -29.30 -20.22 -35.86
C VAL C 702 -27.98 -20.88 -35.46
N GLN C 703 -27.15 -21.10 -36.46
CA GLN C 703 -25.83 -21.67 -36.27
C GLN C 703 -24.72 -20.63 -36.35
N ILE C 704 -24.98 -19.45 -36.87
CA ILE C 704 -23.96 -18.40 -36.95
C ILE C 704 -23.76 -17.82 -35.55
N PRO C 705 -22.64 -17.13 -35.30
CA PRO C 705 -22.45 -16.50 -33.99
C PRO C 705 -23.39 -15.32 -33.79
N PHE C 706 -23.73 -15.06 -32.53
CA PHE C 706 -24.52 -13.87 -32.23
C PHE C 706 -24.01 -13.28 -30.92
N PHE C 707 -24.29 -11.99 -30.75
CA PHE C 707 -23.82 -11.20 -29.63
C PHE C 707 -24.99 -10.43 -29.04
N ALA C 708 -25.09 -10.41 -27.72
CA ALA C 708 -26.09 -9.63 -27.01
C ALA C 708 -25.55 -8.23 -26.79
N LYS C 709 -26.28 -7.21 -27.24
CA LYS C 709 -25.87 -5.83 -26.97
C LYS C 709 -26.42 -5.41 -25.61
N LEU C 710 -25.52 -5.15 -24.68
CA LEU C 710 -25.88 -4.86 -23.29
C LEU C 710 -26.18 -3.40 -23.08
N THR C 711 -27.09 -3.12 -22.16
CA THR C 711 -27.31 -1.74 -21.76
C THR C 711 -26.42 -1.39 -20.58
N PRO C 712 -25.86 -0.18 -20.53
CA PRO C 712 -25.16 0.25 -19.30
C PRO C 712 -26.09 0.69 -18.18
N ASN C 713 -27.39 0.79 -18.44
CA ASN C 713 -28.34 1.32 -17.45
C ASN C 713 -28.83 0.18 -16.57
N VAL C 714 -27.90 -0.42 -15.85
CA VAL C 714 -28.21 -1.59 -15.04
C VAL C 714 -27.32 -1.55 -13.81
N THR C 715 -27.83 -2.08 -12.70
CA THR C 715 -27.02 -2.12 -11.49
C THR C 715 -25.74 -2.94 -11.69
N ASP C 716 -25.84 -4.10 -12.36
CA ASP C 716 -24.71 -5.03 -12.48
C ASP C 716 -24.64 -5.55 -13.91
N ILE C 717 -23.83 -4.92 -14.76
CA ILE C 717 -23.76 -5.38 -16.14
C ILE C 717 -23.14 -6.79 -16.24
N VAL C 718 -22.31 -7.18 -15.26
CA VAL C 718 -21.71 -8.51 -15.31
C VAL C 718 -22.78 -9.58 -15.28
N SER C 719 -23.82 -9.38 -14.46
CA SER C 719 -24.86 -10.41 -14.38
C SER C 719 -25.59 -10.57 -15.70
N ILE C 720 -25.75 -9.50 -16.49
CA ILE C 720 -26.40 -9.61 -17.78
C ILE C 720 -25.50 -10.34 -18.77
N ALA C 721 -24.21 -10.00 -18.78
CA ALA C 721 -23.27 -10.65 -19.69
C ALA C 721 -23.17 -12.14 -19.41
N ARG C 722 -23.07 -12.50 -18.12
CA ARG C 722 -23.04 -13.91 -17.73
C ARG C 722 -24.32 -14.64 -18.15
N ALA C 723 -25.47 -13.98 -18.06
CA ALA C 723 -26.69 -14.67 -18.47
C ALA C 723 -26.74 -14.84 -19.98
N ALA C 724 -26.23 -13.86 -20.75
CA ALA C 724 -26.17 -14.04 -22.20
C ALA C 724 -25.26 -15.22 -22.56
N LYS C 725 -24.12 -15.31 -21.88
CA LYS C 725 -23.19 -16.42 -22.13
C LYS C 725 -23.81 -17.75 -21.73
N GLU C 726 -24.42 -17.82 -20.54
CA GLU C 726 -25.13 -19.03 -20.13
C GLU C 726 -26.20 -19.42 -21.14
N GLY C 727 -26.82 -18.45 -21.82
CA GLY C 727 -27.89 -18.75 -22.74
C GLY C 727 -27.45 -19.18 -24.13
N GLY C 728 -26.17 -19.04 -24.44
CA GLY C 728 -25.61 -19.48 -25.71
C GLY C 728 -25.00 -18.38 -26.55
N ALA C 729 -24.95 -17.13 -26.09
CA ALA C 729 -24.36 -16.06 -26.89
C ALA C 729 -22.85 -16.31 -27.08
N ASP C 730 -22.33 -15.86 -28.22
CA ASP C 730 -20.91 -16.02 -28.52
C ASP C 730 -20.07 -14.83 -28.09
N GLY C 731 -20.70 -13.80 -27.56
CA GLY C 731 -20.02 -12.59 -27.17
C GLY C 731 -21.06 -11.58 -26.72
N VAL C 732 -20.57 -10.43 -26.28
CA VAL C 732 -21.47 -9.33 -25.93
C VAL C 732 -20.93 -8.05 -26.53
N THR C 733 -21.85 -7.14 -26.85
CA THR C 733 -21.52 -5.79 -27.23
C THR C 733 -21.76 -4.88 -26.02
N ALA C 734 -20.70 -4.17 -25.63
CA ALA C 734 -20.69 -3.31 -24.45
C ALA C 734 -20.12 -1.97 -24.86
N THR C 735 -20.94 -0.91 -24.87
CA THR C 735 -22.34 -0.92 -24.44
C THR C 735 -23.20 -0.03 -25.34
N ASN C 736 -24.51 -0.11 -25.14
CA ASN C 736 -25.47 0.83 -25.70
C ASN C 736 -25.39 2.18 -24.97
N THR C 737 -26.30 3.08 -25.30
CA THR C 737 -26.26 4.44 -24.79
C THR C 737 -26.72 4.50 -23.33
N VAL C 738 -26.33 5.58 -22.66
CA VAL C 738 -26.66 5.82 -21.27
C VAL C 738 -27.92 6.66 -21.21
N SER C 739 -28.87 6.28 -20.35
CA SER C 739 -30.13 7.01 -20.33
C SER C 739 -29.95 8.41 -19.72
N GLY C 740 -30.49 9.44 -20.39
CA GLY C 740 -30.30 10.80 -19.90
C GLY C 740 -31.27 11.81 -20.44
N LEU C 741 -31.13 13.03 -19.90
CA LEU C 741 -31.78 14.26 -20.38
C LEU C 741 -30.70 15.28 -20.62
N MET C 742 -30.65 15.83 -21.83
CA MET C 742 -29.45 16.54 -22.19
C MET C 742 -29.54 17.99 -21.69
N GLY C 743 -30.75 18.51 -21.49
CA GLY C 743 -30.91 19.81 -20.86
C GLY C 743 -32.21 20.48 -21.22
N LEU C 744 -32.40 21.66 -20.65
CA LEU C 744 -33.59 22.48 -20.81
C LEU C 744 -33.19 23.91 -21.16
N LYS C 745 -34.03 24.58 -21.95
CA LYS C 745 -33.85 26.01 -22.15
C LYS C 745 -34.24 26.76 -20.88
N ALA C 746 -33.89 28.04 -20.83
CA ALA C 746 -34.14 28.81 -19.61
C ALA C 746 -35.64 28.98 -19.33
N ASP C 747 -36.51 28.77 -20.33
CA ASP C 747 -37.94 28.81 -20.09
C ASP C 747 -38.50 27.45 -19.67
N GLY C 748 -37.64 26.45 -19.43
CA GLY C 748 -38.07 25.15 -18.98
C GLY C 748 -38.34 24.14 -20.08
N THR C 749 -38.36 24.55 -21.35
CA THR C 749 -38.68 23.59 -22.41
C THR C 749 -37.46 22.74 -22.78
N PRO C 750 -37.67 21.49 -23.11
CA PRO C 750 -36.55 20.58 -23.37
C PRO C 750 -35.98 20.73 -24.77
N TRP C 751 -34.84 20.11 -24.97
CA TRP C 751 -34.28 19.92 -26.29
C TRP C 751 -33.73 18.51 -26.33
N PRO C 752 -34.22 17.63 -27.21
CA PRO C 752 -35.22 17.91 -28.25
C PRO C 752 -36.63 18.19 -27.73
N ALA C 753 -37.35 19.06 -28.43
CA ALA C 753 -38.74 19.38 -28.15
C ALA C 753 -39.55 18.94 -29.35
N VAL C 754 -40.54 18.08 -29.14
CA VAL C 754 -41.30 17.48 -30.23
C VAL C 754 -42.72 18.01 -30.21
N GLY C 755 -43.18 18.49 -31.38
CA GLY C 755 -44.56 18.85 -31.57
C GLY C 755 -44.94 20.19 -30.94
N ALA C 756 -46.24 20.51 -31.06
CA ALA C 756 -46.75 21.76 -30.52
C ALA C 756 -46.58 21.81 -29.00
N GLY C 757 -46.59 20.67 -28.32
CA GLY C 757 -46.42 20.67 -26.87
C GLY C 757 -45.00 20.83 -26.38
N LYS C 758 -44.02 20.90 -27.29
CA LYS C 758 -42.61 20.96 -26.93
C LYS C 758 -42.25 19.86 -25.95
N ARG C 759 -42.61 18.63 -26.32
CA ARG C 759 -42.49 17.48 -25.43
C ARG C 759 -41.17 16.74 -25.65
N THR C 760 -40.79 15.93 -24.66
CA THR C 760 -39.61 15.10 -24.85
C THR C 760 -39.75 13.84 -24.00
N THR C 761 -38.80 12.92 -24.19
CA THR C 761 -38.67 11.75 -23.34
C THR C 761 -37.18 11.54 -23.09
N TYR C 762 -36.85 10.68 -22.11
CA TYR C 762 -35.46 10.31 -21.89
C TYR C 762 -34.85 9.68 -23.14
N GLY C 763 -33.61 10.07 -23.44
CA GLY C 763 -32.92 9.56 -24.61
C GLY C 763 -31.63 8.88 -24.22
N GLY C 764 -30.83 8.48 -25.20
CA GLY C 764 -29.57 7.82 -24.94
C GLY C 764 -28.41 8.76 -25.22
N VAL C 765 -27.51 8.86 -24.25
CA VAL C 765 -26.29 9.65 -24.42
C VAL C 765 -25.24 8.77 -25.07
N SER C 766 -24.59 9.27 -26.12
CA SER C 766 -23.53 8.58 -26.82
C SER C 766 -22.28 9.47 -26.83
N GLY C 767 -21.15 8.90 -27.22
CA GLY C 767 -19.95 9.67 -27.46
C GLY C 767 -18.96 9.66 -26.32
N THR C 768 -18.01 10.60 -26.37
CA THR C 768 -16.87 10.52 -25.46
C THR C 768 -17.28 10.77 -24.02
N ALA C 769 -18.41 11.46 -23.79
CA ALA C 769 -18.87 11.64 -22.42
C ALA C 769 -19.24 10.32 -21.75
N ILE C 770 -19.54 9.26 -22.51
CA ILE C 770 -19.86 7.98 -21.88
C ILE C 770 -18.72 6.99 -21.95
N ARG C 771 -17.57 7.36 -22.53
CA ARG C 771 -16.43 6.44 -22.55
C ARG C 771 -16.04 5.87 -21.19
N PRO C 772 -15.95 6.64 -20.10
CA PRO C 772 -15.62 6.01 -18.81
C PRO C 772 -16.60 4.93 -18.41
N ILE C 773 -17.88 5.09 -18.76
CA ILE C 773 -18.88 4.10 -18.39
C ILE C 773 -18.69 2.84 -19.22
N ALA C 774 -18.39 2.99 -20.51
CA ALA C 774 -18.18 1.83 -21.36
C ALA C 774 -16.85 1.15 -21.05
N LEU C 775 -15.81 1.93 -20.73
CA LEU C 775 -14.55 1.33 -20.35
C LEU C 775 -14.70 0.51 -19.08
N ARG C 776 -15.49 1.01 -18.12
CA ARG C 776 -15.71 0.22 -16.92
C ARG C 776 -16.45 -1.07 -17.25
N ALA C 777 -17.48 -0.98 -18.11
CA ALA C 777 -18.26 -2.15 -18.47
C ALA C 777 -17.41 -3.21 -19.17
N VAL C 778 -16.62 -2.80 -20.16
CA VAL C 778 -15.77 -3.76 -20.88
C VAL C 778 -14.77 -4.43 -19.94
N THR C 779 -14.05 -3.64 -19.12
CA THR C 779 -13.05 -4.24 -18.23
C THR C 779 -13.69 -5.17 -17.21
N THR C 780 -14.85 -4.80 -16.66
CA THR C 780 -15.42 -5.64 -15.61
C THR C 780 -16.00 -6.92 -16.19
N ILE C 781 -16.51 -6.87 -17.42
CA ILE C 781 -16.95 -8.10 -18.07
C ILE C 781 -15.75 -8.97 -18.42
N ALA C 782 -14.66 -8.35 -18.86
CA ALA C 782 -13.52 -9.14 -19.30
C ALA C 782 -12.82 -9.81 -18.13
N ARG C 783 -12.86 -9.18 -16.96
CA ARG C 783 -12.30 -9.84 -15.79
C ARG C 783 -13.22 -10.95 -15.27
N ALA C 784 -14.54 -10.76 -15.35
CA ALA C 784 -15.45 -11.74 -14.80
C ALA C 784 -15.56 -12.96 -15.70
N LEU C 785 -15.46 -12.77 -17.01
CA LEU C 785 -15.65 -13.83 -18.00
C LEU C 785 -14.45 -13.84 -18.94
N PRO C 786 -13.30 -14.33 -18.44
CA PRO C 786 -12.06 -14.23 -19.21
C PRO C 786 -12.18 -14.93 -20.55
N GLY C 787 -11.79 -14.24 -21.62
CA GLY C 787 -11.79 -14.81 -22.96
C GLY C 787 -13.11 -14.69 -23.71
N PHE C 788 -14.19 -14.34 -23.04
CA PHE C 788 -15.48 -14.19 -23.71
C PHE C 788 -15.43 -12.97 -24.63
N PRO C 789 -15.74 -13.12 -25.93
CA PRO C 789 -15.56 -11.99 -26.86
C PRO C 789 -16.41 -10.79 -26.49
N ILE C 790 -15.80 -9.61 -26.58
CA ILE C 790 -16.47 -8.33 -26.34
C ILE C 790 -16.29 -7.44 -27.56
N LEU C 791 -17.41 -6.91 -28.07
CA LEU C 791 -17.40 -5.81 -29.04
C LEU C 791 -17.63 -4.52 -28.26
N ALA C 792 -16.69 -3.57 -28.36
CA ALA C 792 -16.76 -2.34 -27.57
C ALA C 792 -17.50 -1.24 -28.33
N THR C 793 -18.36 -0.50 -27.62
CA THR C 793 -18.87 0.76 -28.18
C THR C 793 -19.02 1.76 -27.04
N GLY C 794 -18.79 3.04 -27.34
CA GLY C 794 -18.96 4.10 -26.35
C GLY C 794 -17.79 5.05 -26.35
N GLY C 795 -17.81 6.05 -27.23
CA GLY C 795 -16.79 7.08 -27.20
C GLY C 795 -15.50 6.77 -27.93
N ILE C 796 -15.47 5.77 -28.79
CA ILE C 796 -14.24 5.45 -29.53
C ILE C 796 -14.14 6.43 -30.70
N ASP C 797 -13.06 7.23 -30.71
CA ASP C 797 -12.93 8.27 -31.74
C ASP C 797 -11.50 8.42 -32.25
N SER C 798 -10.68 7.37 -32.18
CA SER C 798 -9.28 7.47 -32.51
C SER C 798 -8.68 6.09 -32.36
N ALA C 799 -7.51 5.89 -32.96
CA ALA C 799 -6.79 4.63 -32.72
C ALA C 799 -6.39 4.51 -31.27
N GLU C 800 -5.98 5.62 -30.66
CA GLU C 800 -5.52 5.58 -29.26
C GLU C 800 -6.64 5.14 -28.34
N SER C 801 -7.82 5.75 -28.48
CA SER C 801 -8.95 5.36 -27.64
C SER C 801 -9.40 3.95 -27.96
N GLY C 802 -9.38 3.56 -29.25
CA GLY C 802 -9.65 2.17 -29.58
C GLY C 802 -8.70 1.19 -28.90
N LEU C 803 -7.41 1.54 -28.88
CA LEU C 803 -6.44 0.69 -28.20
C LEU C 803 -6.77 0.58 -26.71
N GLN C 804 -7.32 1.63 -26.10
CA GLN C 804 -7.69 1.51 -24.69
C GLN C 804 -8.74 0.42 -24.50
N PHE C 805 -9.70 0.31 -25.42
CA PHE C 805 -10.70 -0.75 -25.30
C PHE C 805 -10.13 -2.14 -25.59
N LEU C 806 -9.26 -2.26 -26.59
CA LEU C 806 -8.58 -3.54 -26.80
C LEU C 806 -7.79 -3.95 -25.57
N HIS C 807 -7.01 -3.02 -25.02
CA HIS C 807 -6.31 -3.27 -23.76
C HIS C 807 -7.27 -3.67 -22.65
N SER C 808 -8.50 -3.19 -22.71
CA SER C 808 -9.52 -3.48 -21.70
C SER C 808 -10.22 -4.83 -21.91
N GLY C 809 -9.94 -5.56 -22.99
CA GLY C 809 -10.54 -6.87 -23.20
C GLY C 809 -11.44 -7.02 -24.41
N ALA C 810 -11.71 -5.95 -25.15
CA ALA C 810 -12.52 -6.09 -26.36
C ALA C 810 -11.64 -6.52 -27.53
N SER C 811 -12.25 -7.19 -28.50
CA SER C 811 -11.53 -7.61 -29.70
C SER C 811 -11.77 -6.71 -30.90
N VAL C 812 -12.95 -6.08 -30.98
CA VAL C 812 -13.30 -5.17 -32.07
C VAL C 812 -14.00 -3.96 -31.47
N LEU C 813 -14.12 -2.93 -32.30
CA LEU C 813 -14.37 -1.56 -31.85
C LEU C 813 -15.46 -0.93 -32.72
N GLN C 814 -16.64 -0.72 -32.15
CA GLN C 814 -17.75 -0.12 -32.89
C GLN C 814 -17.76 1.39 -32.66
N VAL C 815 -18.18 2.13 -33.68
CA VAL C 815 -18.10 3.59 -33.69
C VAL C 815 -19.40 4.17 -34.21
N CYS C 816 -19.98 5.13 -33.50
CA CYS C 816 -21.07 5.93 -34.03
C CYS C 816 -20.73 7.42 -33.97
N SER C 817 -20.59 7.98 -32.76
CA SER C 817 -20.59 9.42 -32.60
C SER C 817 -19.42 10.09 -33.31
N ALA C 818 -18.27 9.41 -33.40
CA ALA C 818 -17.12 10.01 -34.06
C ALA C 818 -17.36 10.20 -35.56
N VAL C 819 -18.17 9.34 -36.18
CA VAL C 819 -18.57 9.53 -37.57
C VAL C 819 -19.64 10.62 -37.69
N GLN C 820 -20.59 10.68 -36.73
CA GLN C 820 -21.56 11.78 -36.70
C GLN C 820 -20.86 13.13 -36.62
N ASN C 821 -19.77 13.22 -35.85
CA ASN C 821 -18.92 14.40 -35.75
C ASN C 821 -18.09 14.67 -36.99
N GLN C 822 -18.05 13.74 -37.94
CA GLN C 822 -17.10 13.90 -39.05
C GLN C 822 -17.65 13.19 -40.30
N ASP C 823 -17.03 12.08 -40.71
CA ASP C 823 -17.48 11.34 -41.90
C ASP C 823 -16.77 9.99 -41.88
N PHE C 824 -17.07 9.15 -42.88
CA PHE C 824 -16.53 7.79 -42.92
C PHE C 824 -15.01 7.75 -43.09
N THR C 825 -14.40 8.81 -43.63
CA THR C 825 -12.97 8.68 -43.89
C THR C 825 -12.12 8.62 -42.62
N VAL C 826 -12.72 8.75 -41.43
CA VAL C 826 -11.91 8.61 -40.23
C VAL C 826 -11.29 7.23 -40.14
N ILE C 827 -11.83 6.25 -40.88
CA ILE C 827 -11.27 4.89 -40.85
C ILE C 827 -9.81 4.91 -41.25
N GLN C 828 -9.43 5.76 -42.20
CA GLN C 828 -8.02 5.79 -42.60
C GLN C 828 -7.15 6.30 -41.47
N ASP C 829 -7.63 7.27 -40.71
CA ASP C 829 -6.89 7.71 -39.53
C ASP C 829 -6.79 6.62 -38.48
N TYR C 830 -7.90 5.93 -38.19
CA TYR C 830 -7.89 4.87 -37.19
C TYR C 830 -6.90 3.77 -37.57
N CYS C 831 -6.90 3.35 -38.84
CA CYS C 831 -6.03 2.26 -39.26
C CYS C 831 -4.55 2.65 -39.21
N THR C 832 -4.18 3.82 -39.79
CA THR C 832 -2.76 4.17 -39.70
C THR C 832 -2.35 4.46 -38.27
N GLY C 833 -3.24 5.04 -37.47
CA GLY C 833 -2.92 5.28 -36.08
C GLY C 833 -2.67 4.00 -35.30
N LEU C 834 -3.47 2.98 -35.56
CA LEU C 834 -3.29 1.72 -34.84
C LEU C 834 -2.02 1.01 -35.30
N LYS C 835 -1.71 1.07 -36.60
CA LYS C 835 -0.45 0.52 -37.09
C LYS C 835 0.74 1.20 -36.44
N ALA C 836 0.68 2.52 -36.28
CA ALA C 836 1.82 3.24 -35.70
C ALA C 836 1.98 2.92 -34.21
N LEU C 837 0.86 2.82 -33.48
CA LEU C 837 0.92 2.50 -32.06
C LEU C 837 1.51 1.11 -31.84
N LEU C 838 1.14 0.13 -32.68
CA LEU C 838 1.72 -1.20 -32.52
C LEU C 838 3.18 -1.21 -32.96
N TYR C 839 3.50 -0.51 -34.05
CA TYR C 839 4.89 -0.47 -34.52
C TYR C 839 5.81 0.13 -33.47
N LEU C 840 5.38 1.23 -32.86
CA LEU C 840 6.27 1.90 -31.92
C LEU C 840 6.55 1.08 -30.69
N LYS C 841 5.74 0.05 -30.42
CA LYS C 841 5.99 -0.82 -29.28
C LYS C 841 7.22 -1.68 -29.46
N SER C 842 7.70 -1.83 -30.70
CA SER C 842 8.89 -2.61 -31.03
C SER C 842 10.17 -1.79 -31.03
N ILE C 843 10.08 -0.48 -30.85
CA ILE C 843 11.22 0.41 -30.97
C ILE C 843 11.70 0.71 -29.55
N GLU C 844 12.79 0.06 -29.13
CA GLU C 844 13.29 0.30 -27.78
C GLU C 844 13.75 1.74 -27.57
N GLU C 845 14.31 2.39 -28.59
CA GLU C 845 14.74 3.77 -28.42
C GLU C 845 13.59 4.74 -28.13
N LEU C 846 12.33 4.31 -28.28
CA LEU C 846 11.20 5.20 -28.07
C LEU C 846 10.37 4.77 -26.86
N GLN C 847 11.00 4.06 -25.92
CA GLN C 847 10.27 3.50 -24.79
C GLN C 847 9.65 4.60 -23.93
N GLY C 848 10.26 5.78 -23.87
CA GLY C 848 9.76 6.87 -23.05
C GLY C 848 8.62 7.69 -23.62
N TRP C 849 8.23 7.45 -24.88
CA TRP C 849 7.04 8.13 -25.40
C TRP C 849 5.78 7.49 -24.81
N ASP C 850 4.69 8.24 -24.88
CA ASP C 850 3.36 7.70 -24.57
C ASP C 850 2.65 7.52 -25.91
N GLY C 851 2.65 6.29 -26.42
CA GLY C 851 2.15 6.09 -27.78
C GLY C 851 2.95 6.96 -28.74
N GLN C 852 2.24 7.81 -29.50
CA GLN C 852 2.87 8.66 -30.50
C GLN C 852 3.32 10.00 -29.93
N SER C 853 3.22 10.21 -28.60
CA SER C 853 3.61 11.48 -28.00
C SER C 853 5.03 11.37 -27.45
N PRO C 854 5.97 12.17 -27.93
CA PRO C 854 7.30 12.20 -27.28
C PRO C 854 7.18 12.66 -25.85
N GLY C 855 8.17 12.25 -25.03
CA GLY C 855 8.31 12.82 -23.70
C GLY C 855 8.29 14.35 -23.73
N THR C 856 7.46 14.97 -22.89
CA THR C 856 7.34 16.42 -22.89
C THR C 856 8.58 17.04 -22.27
N GLU C 857 9.23 17.94 -23.02
CA GLU C 857 10.38 18.65 -22.51
C GLU C 857 10.05 20.13 -22.33
N SER C 858 10.82 20.78 -21.46
CA SER C 858 10.57 22.17 -21.06
C SER C 858 10.48 23.09 -22.26
N HIS C 859 9.32 23.73 -22.40
CA HIS C 859 9.02 24.61 -23.51
C HIS C 859 8.25 25.81 -22.99
N GLN C 860 8.36 26.92 -23.71
CA GLN C 860 7.43 28.03 -23.62
C GLN C 860 6.95 28.34 -25.04
N LYS C 861 5.63 28.35 -25.23
CA LYS C 861 5.00 28.39 -26.56
C LYS C 861 5.54 27.30 -27.48
N GLY C 862 5.80 26.12 -26.93
CA GLY C 862 6.27 25.02 -27.76
C GLY C 862 7.56 25.30 -28.49
N LYS C 863 8.39 26.19 -27.93
CA LYS C 863 9.80 26.29 -28.26
C LYS C 863 10.59 25.94 -27.01
N PRO C 864 11.60 25.09 -27.12
CA PRO C 864 12.29 24.62 -25.92
C PRO C 864 12.98 25.77 -25.21
N VAL C 865 12.97 25.73 -23.88
CA VAL C 865 13.59 26.79 -23.09
C VAL C 865 15.10 26.58 -23.17
N PRO C 866 15.90 27.63 -23.17
CA PRO C 866 17.36 27.45 -23.19
C PRO C 866 17.85 26.75 -21.94
N ARG C 867 18.79 25.82 -22.12
CA ARG C 867 19.47 25.18 -20.98
C ARG C 867 20.70 25.99 -20.63
N ILE C 868 20.49 27.05 -19.87
CA ILE C 868 21.55 27.95 -19.43
C ILE C 868 21.54 27.98 -17.91
N ALA C 869 22.71 27.74 -17.31
CA ALA C 869 22.80 27.69 -15.85
C ALA C 869 22.32 29.00 -15.23
N GLU C 870 22.69 30.13 -15.82
CA GLU C 870 22.32 31.44 -15.28
C GLU C 870 20.83 31.77 -15.46
N LEU C 871 20.04 30.91 -16.11
CA LEU C 871 18.60 31.11 -16.25
C LEU C 871 17.75 30.21 -15.35
N MET C 872 18.30 29.12 -14.81
CA MET C 872 17.48 28.08 -14.22
C MET C 872 17.67 27.97 -12.71
N GLY C 873 16.57 27.77 -12.01
CA GLY C 873 16.55 27.93 -10.58
C GLY C 873 16.71 29.35 -10.12
N LYS C 874 16.60 30.32 -11.03
CA LYS C 874 16.80 31.72 -10.73
C LYS C 874 15.50 32.48 -10.55
N LYS C 875 14.38 31.80 -10.72
CA LYS C 875 13.07 32.35 -10.39
C LYS C 875 12.77 33.54 -11.29
N LEU C 876 12.97 33.35 -12.60
CA LEU C 876 12.79 34.39 -13.59
C LEU C 876 11.64 33.99 -14.49
N PRO C 877 10.42 34.45 -14.19
CA PRO C 877 9.28 34.15 -15.05
C PRO C 877 9.36 34.95 -16.34
N ASN C 878 8.45 34.63 -17.27
CA ASN C 878 8.57 35.18 -18.61
C ASN C 878 7.80 36.49 -18.77
N PHE C 879 7.97 37.42 -17.84
CA PHE C 879 7.27 38.68 -17.99
C PHE C 879 8.00 39.76 -17.22
N GLY C 880 7.63 41.01 -17.50
CA GLY C 880 8.07 42.16 -16.74
C GLY C 880 9.57 42.29 -16.67
N PRO C 881 10.10 42.78 -15.54
CA PRO C 881 11.56 42.90 -15.40
C PRO C 881 12.29 41.57 -15.46
N TYR C 882 11.61 40.48 -15.13
CA TYR C 882 12.27 39.18 -15.16
C TYR C 882 12.57 38.75 -16.59
N LEU C 883 11.61 38.99 -17.48
CA LEU C 883 11.81 38.72 -18.91
C LEU C 883 13.01 39.48 -19.46
N GLU C 884 13.13 40.76 -19.11
CA GLU C 884 14.24 41.52 -19.64
C GLU C 884 15.57 40.97 -19.13
N GLN C 885 15.59 40.49 -17.89
CA GLN C 885 16.78 39.82 -17.38
C GLN C 885 17.06 38.53 -18.14
N ARG C 886 16.02 37.73 -18.40
CA ARG C 886 16.21 36.53 -19.22
C ARG C 886 16.81 36.89 -20.58
N LYS C 887 16.32 37.96 -21.21
CA LYS C 887 16.80 38.34 -22.54
C LYS C 887 18.27 38.78 -22.50
N LYS C 888 18.64 39.56 -21.48
CA LYS C 888 20.04 39.88 -21.26
C LYS C 888 20.88 38.62 -21.10
N ILE C 889 20.38 37.63 -20.36
CA ILE C 889 21.15 36.41 -20.12
C ILE C 889 21.28 35.60 -21.41
N ILE C 890 20.16 35.42 -22.13
CA ILE C 890 20.23 34.67 -23.38
C ILE C 890 21.21 35.33 -24.35
N ALA C 891 21.16 36.67 -24.45
CA ALA C 891 22.01 37.40 -25.39
C ALA C 891 23.48 37.28 -25.03
N GLU C 892 23.80 37.39 -23.73
CA GLU C 892 25.18 37.19 -23.28
C GLU C 892 25.66 35.77 -23.55
N GLU C 893 24.76 34.79 -23.45
CA GLU C 893 25.13 33.42 -23.80
C GLU C 893 25.41 33.28 -25.30
N LYS C 894 24.61 33.94 -26.15
CA LYS C 894 24.86 33.86 -27.59
C LYS C 894 26.22 34.45 -27.94
N MET C 895 26.64 35.50 -27.23
CA MET C 895 27.94 36.12 -27.46
C MET C 895 29.08 35.21 -27.00
N ARG C 896 28.80 34.32 -26.05
CA ARG C 896 29.79 33.36 -25.58
C ARG C 896 29.87 32.13 -26.48
N LEU C 897 28.74 31.69 -27.05
CA LEU C 897 28.76 30.63 -28.04
C LEU C 897 29.52 31.06 -29.29
N LYS C 898 29.45 32.35 -29.63
CA LYS C 898 30.31 32.90 -30.68
C LYS C 898 31.78 32.76 -30.31
N GLU C 899 32.09 32.79 -29.01
CA GLU C 899 33.46 32.88 -28.50
C GLU C 899 33.92 31.58 -27.83
N GLN C 900 33.32 30.45 -28.22
CA GLN C 900 33.83 29.16 -27.76
C GLN C 900 33.62 28.12 -28.87
N ASN C 901 34.14 26.91 -28.62
CA ASN C 901 34.34 25.82 -29.57
C ASN C 901 33.07 25.29 -30.26
N ALA C 902 32.02 26.11 -30.39
CA ALA C 902 30.81 25.64 -31.04
C ALA C 902 31.07 25.25 -32.49
N ALA C 903 31.02 23.95 -32.80
CA ALA C 903 31.11 23.42 -34.17
C ALA C 903 31.13 21.89 -34.19
N PHE C 904 29.96 21.27 -34.33
CA PHE C 904 29.89 19.83 -34.59
C PHE C 904 28.62 19.53 -35.37
N PRO C 905 28.73 19.12 -36.63
CA PRO C 905 27.55 18.78 -37.40
C PRO C 905 26.80 17.64 -36.71
N PRO C 906 25.48 17.57 -36.93
CA PRO C 906 24.70 16.56 -36.21
C PRO C 906 25.11 15.15 -36.61
N LEU C 907 25.08 14.25 -35.63
CA LEU C 907 25.00 12.82 -35.89
C LEU C 907 24.07 12.56 -37.06
N GLU C 908 24.45 11.63 -37.93
CA GLU C 908 23.61 11.35 -39.09
C GLU C 908 22.65 10.22 -38.80
N ARG C 909 21.36 10.51 -38.99
CA ARG C 909 20.25 9.61 -38.73
C ARG C 909 20.53 8.19 -39.19
N LYS C 910 20.46 7.24 -38.26
CA LYS C 910 20.29 5.88 -38.70
C LYS C 910 18.94 5.40 -38.16
N PRO C 911 18.03 4.91 -39.01
CA PRO C 911 16.68 4.56 -38.52
C PRO C 911 16.70 3.51 -37.42
N PHE C 912 15.77 3.65 -36.47
CA PHE C 912 15.61 2.64 -35.44
C PHE C 912 15.08 1.35 -36.04
N ILE C 913 15.58 0.23 -35.52
CA ILE C 913 15.18 -1.11 -35.96
C ILE C 913 14.26 -1.71 -34.91
N PRO C 914 13.16 -2.35 -35.31
CA PRO C 914 12.35 -3.10 -34.33
C PRO C 914 13.22 -4.13 -33.62
N LYS C 915 13.17 -4.12 -32.28
CA LYS C 915 13.98 -5.02 -31.47
C LYS C 915 13.18 -6.17 -30.86
N LYS C 916 11.87 -6.21 -31.07
CA LYS C 916 11.07 -7.39 -30.84
C LYS C 916 10.00 -7.41 -31.91
N PRO C 917 9.34 -8.55 -32.12
CA PRO C 917 8.28 -8.58 -33.15
C PRO C 917 7.19 -7.57 -32.84
N ILE C 918 6.61 -7.03 -33.91
CA ILE C 918 5.48 -6.11 -33.78
C ILE C 918 4.32 -6.87 -33.15
N PRO C 919 3.70 -6.37 -32.08
CA PRO C 919 2.52 -7.07 -31.53
C PRO C 919 1.40 -7.11 -32.55
N ALA C 920 0.69 -8.23 -32.58
CA ALA C 920 -0.58 -8.33 -33.27
C ALA C 920 -1.68 -7.91 -32.31
N ILE C 921 -2.88 -7.71 -32.85
CA ILE C 921 -4.02 -7.36 -32.01
C ILE C 921 -4.21 -8.37 -30.89
N LYS C 922 -4.11 -9.67 -31.21
CA LYS C 922 -4.33 -10.67 -30.18
C LYS C 922 -3.32 -10.55 -29.04
N ASP C 923 -2.17 -9.94 -29.30
CA ASP C 923 -1.15 -9.82 -28.27
C ASP C 923 -1.42 -8.69 -27.29
N VAL C 924 -2.26 -7.72 -27.66
CA VAL C 924 -2.55 -6.59 -26.77
C VAL C 924 -3.89 -6.70 -26.04
N ILE C 925 -4.82 -7.53 -26.53
CA ILE C 925 -6.15 -7.59 -25.90
C ILE C 925 -6.04 -8.00 -24.44
N GLY C 926 -6.65 -7.20 -23.56
CA GLY C 926 -6.74 -7.51 -22.16
C GLY C 926 -5.51 -7.23 -21.34
N LYS C 927 -4.47 -6.62 -21.91
CA LYS C 927 -3.26 -6.42 -21.11
C LYS C 927 -3.45 -5.38 -20.00
N ALA C 928 -4.49 -4.55 -20.06
CA ALA C 928 -4.68 -3.60 -18.97
C ALA C 928 -5.27 -4.24 -17.73
N LEU C 929 -5.85 -5.43 -17.87
CA LEU C 929 -6.64 -5.98 -16.79
C LEU C 929 -5.79 -6.30 -15.57
N GLN C 930 -4.49 -6.55 -15.78
CA GLN C 930 -3.59 -6.83 -14.67
C GLN C 930 -3.49 -5.67 -13.69
N TYR C 931 -3.81 -4.44 -14.12
CA TYR C 931 -3.69 -3.26 -13.28
C TYR C 931 -4.97 -2.94 -12.52
N LEU C 932 -6.06 -3.65 -12.80
CA LEU C 932 -7.37 -3.33 -12.25
C LEU C 932 -7.69 -4.26 -11.10
N GLY C 933 -8.37 -3.72 -10.09
CA GLY C 933 -8.76 -4.53 -8.96
C GLY C 933 -9.53 -3.70 -7.96
N THR C 934 -9.64 -4.23 -6.75
CA THR C 934 -10.36 -3.57 -5.68
C THR C 934 -9.52 -2.43 -5.11
N PHE C 935 -10.18 -1.58 -4.31
CA PHE C 935 -9.46 -0.49 -3.65
C PHE C 935 -8.45 -1.03 -2.63
N GLY C 936 -8.75 -2.16 -2.00
CA GLY C 936 -7.83 -2.77 -1.06
C GLY C 936 -6.57 -3.32 -1.69
N GLU C 937 -6.56 -3.47 -3.01
CA GLU C 937 -5.33 -3.88 -3.69
C GLU C 937 -4.44 -2.70 -4.04
N LEU C 938 -4.81 -1.48 -3.63
CA LEU C 938 -4.00 -0.29 -3.87
C LEU C 938 -3.14 0.01 -2.66
N SER C 939 -1.88 0.35 -2.91
CA SER C 939 -0.95 0.65 -1.84
C SER C 939 -1.19 2.05 -1.29
N ASN C 940 -1.35 2.16 0.04
CA ASN C 940 -1.44 3.47 0.66
C ASN C 940 -0.15 3.89 1.36
N ILE C 941 0.95 3.17 1.14
CA ILE C 941 2.25 3.62 1.63
C ILE C 941 2.99 4.30 0.47
N GLU C 942 2.72 3.88 -0.77
CA GLU C 942 3.35 4.48 -1.95
C GLU C 942 2.61 5.77 -2.31
N GLN C 943 2.80 6.78 -1.47
CA GLN C 943 2.18 8.08 -1.68
C GLN C 943 3.01 8.93 -2.63
N VAL C 944 2.35 9.90 -3.27
CA VAL C 944 3.01 10.82 -4.20
C VAL C 944 2.74 12.26 -3.76
N VAL C 945 3.56 13.17 -4.30
CA VAL C 945 3.36 14.60 -4.14
C VAL C 945 3.57 15.25 -5.51
N ALA C 946 3.01 16.44 -5.67
CA ALA C 946 3.14 17.20 -6.91
C ALA C 946 4.43 18.02 -6.89
N VAL C 947 5.07 18.12 -8.05
CA VAL C 947 6.22 19.01 -8.23
C VAL C 947 6.06 19.77 -9.54
N ILE C 948 6.31 21.07 -9.51
CA ILE C 948 6.06 21.95 -10.64
C ILE C 948 7.36 22.32 -11.32
N ASP C 949 7.40 22.17 -12.64
CA ASP C 949 8.54 22.62 -13.44
C ASP C 949 8.35 24.10 -13.72
N GLU C 950 9.08 24.93 -12.98
CA GLU C 950 8.91 26.38 -13.08
C GLU C 950 9.17 26.91 -14.49
N GLU C 951 10.02 26.22 -15.26
CA GLU C 951 10.31 26.73 -16.59
C GLU C 951 9.17 26.51 -17.58
N MET C 952 8.25 25.57 -17.35
CA MET C 952 7.09 25.47 -18.24
C MET C 952 5.83 26.16 -17.69
N CYS C 953 5.89 26.71 -16.49
CA CYS C 953 4.70 27.35 -15.90
C CYS C 953 4.36 28.66 -16.62
N ILE C 954 3.06 28.95 -16.73
CA ILE C 954 2.62 30.22 -17.29
C ILE C 954 1.86 31.06 -16.26
N ASN C 955 2.05 30.75 -14.98
CA ASN C 955 1.85 31.70 -13.90
C ASN C 955 0.38 32.00 -13.62
N CYS C 956 -0.52 31.09 -13.98
CA CYS C 956 -1.95 31.34 -13.91
C CYS C 956 -2.50 31.13 -12.50
N GLY C 957 -1.80 30.38 -11.65
CA GLY C 957 -2.27 30.14 -10.31
C GLY C 957 -3.47 29.22 -10.19
N LYS C 958 -3.79 28.44 -11.23
CA LYS C 958 -4.92 27.53 -11.08
C LYS C 958 -4.60 26.39 -10.13
N CYS C 959 -3.38 25.88 -10.16
CA CYS C 959 -2.98 24.88 -9.18
C CYS C 959 -3.22 25.40 -7.77
N TYR C 960 -2.83 26.65 -7.53
CA TYR C 960 -2.96 27.32 -6.24
C TYR C 960 -4.43 27.45 -5.81
N MET C 961 -5.29 27.93 -6.72
CA MET C 961 -6.72 28.09 -6.44
C MET C 961 -7.42 26.76 -6.19
N THR C 962 -7.05 25.72 -6.95
CA THR C 962 -7.66 24.41 -6.74
C THR C 962 -7.20 23.77 -5.43
N CYS C 963 -5.92 23.91 -5.09
CA CYS C 963 -5.50 23.39 -3.79
C CYS C 963 -6.12 24.18 -2.65
N ASN C 964 -6.38 25.47 -2.87
CA ASN C 964 -6.92 26.33 -1.82
C ASN C 964 -8.38 26.02 -1.53
N ASP C 965 -9.20 25.93 -2.57
CA ASP C 965 -10.64 25.80 -2.37
C ASP C 965 -11.13 24.38 -2.63
N SER C 966 -10.23 23.46 -2.99
CA SER C 966 -10.60 22.07 -3.26
C SER C 966 -9.57 21.09 -2.70
N GLY C 967 -8.64 21.55 -1.87
CA GLY C 967 -7.57 20.69 -1.44
C GLY C 967 -7.04 20.98 -0.06
N TYR C 968 -5.72 21.23 0.00
CA TYR C 968 -4.98 21.18 1.26
C TYR C 968 -4.15 22.44 1.51
N GLN C 969 -4.40 23.51 0.76
CA GLN C 969 -3.71 24.78 0.98
C GLN C 969 -2.19 24.57 1.03
N ALA C 970 -1.68 23.75 0.10
CA ALA C 970 -0.29 23.31 0.16
C ALA C 970 0.62 24.03 -0.82
N ILE C 971 0.12 24.99 -1.60
CA ILE C 971 0.91 25.66 -2.63
C ILE C 971 1.13 27.11 -2.23
N GLN C 972 2.40 27.54 -2.27
CA GLN C 972 2.76 28.95 -2.14
C GLN C 972 2.77 29.57 -3.54
N PHE C 973 2.11 30.71 -3.70
CA PHE C 973 2.03 31.42 -4.97
C PHE C 973 2.71 32.78 -4.77
N ASP C 974 3.86 32.97 -5.36
CA ASP C 974 4.63 34.16 -5.05
C ASP C 974 3.96 35.41 -5.61
N PRO C 975 3.85 36.48 -4.82
CA PRO C 975 3.11 37.68 -5.29
C PRO C 975 3.89 38.54 -6.30
N GLU C 976 5.20 38.34 -6.46
CA GLU C 976 5.92 39.12 -7.45
C GLU C 976 6.16 38.34 -8.75
N THR C 977 6.52 37.06 -8.66
CA THR C 977 6.81 36.28 -9.85
C THR C 977 5.63 35.44 -10.34
N HIS C 978 4.58 35.29 -9.53
CA HIS C 978 3.48 34.39 -9.83
C HIS C 978 4.00 32.99 -10.17
N LEU C 979 5.04 32.56 -9.42
CA LEU C 979 5.42 31.17 -9.52
C LEU C 979 4.88 30.40 -8.33
N PRO C 980 4.38 29.21 -8.57
CA PRO C 980 3.94 28.33 -7.48
C PRO C 980 5.02 27.36 -7.03
N THR C 981 4.93 26.99 -5.75
CA THR C 981 5.80 25.96 -5.18
C THR C 981 4.94 25.07 -4.29
N VAL C 982 5.01 23.77 -4.55
CA VAL C 982 4.31 22.78 -3.74
C VAL C 982 5.11 22.58 -2.46
N THR C 983 4.42 22.63 -1.32
CA THR C 983 5.08 22.44 -0.03
C THR C 983 4.85 21.01 0.48
N ASP C 984 5.42 20.72 1.66
CA ASP C 984 5.38 19.36 2.19
C ASP C 984 4.00 18.94 2.70
N THR C 985 3.07 19.89 2.86
CA THR C 985 1.72 19.52 3.28
C THR C 985 0.88 18.93 2.14
N CYS C 986 1.46 18.80 0.94
CA CYS C 986 0.77 18.15 -0.16
C CYS C 986 0.40 16.72 0.21
N THR C 987 -0.79 16.29 -0.19
CA THR C 987 -1.23 14.92 0.01
C THR C 987 -1.23 14.10 -1.27
N GLY C 988 -0.82 14.67 -2.40
CA GLY C 988 -0.82 13.94 -3.66
C GLY C 988 -2.18 13.73 -4.29
N CYS C 989 -3.18 14.50 -3.87
CA CYS C 989 -4.55 14.31 -4.35
C CYS C 989 -4.62 14.35 -5.89
N THR C 990 -3.77 15.17 -6.53
CA THR C 990 -3.50 15.26 -7.98
C THR C 990 -4.46 16.24 -8.67
N LEU C 991 -5.22 17.02 -7.89
CA LEU C 991 -6.12 18.01 -8.50
C LEU C 991 -5.36 19.11 -9.21
N CYS C 992 -4.24 19.57 -8.65
CA CYS C 992 -3.49 20.66 -9.28
C CYS C 992 -2.99 20.24 -10.67
N LEU C 993 -2.40 19.05 -10.76
CA LEU C 993 -1.98 18.55 -12.06
C LEU C 993 -3.14 18.46 -13.03
N SER C 994 -4.33 18.09 -12.51
CA SER C 994 -5.50 17.85 -13.33
C SER C 994 -6.09 19.14 -13.90
N VAL C 995 -5.82 20.29 -13.30
CA VAL C 995 -6.35 21.55 -13.81
C VAL C 995 -5.28 22.43 -14.46
N CYS C 996 -4.00 22.03 -14.43
CA CYS C 996 -2.95 22.86 -15.04
C CYS C 996 -3.10 22.90 -16.56
N PRO C 997 -3.01 24.08 -17.20
CA PRO C 997 -3.17 24.16 -18.66
C PRO C 997 -2.00 23.62 -19.45
N ILE C 998 -0.84 23.42 -18.83
CA ILE C 998 0.38 23.02 -19.52
C ILE C 998 0.62 21.54 -19.27
N ILE C 999 0.62 20.75 -20.35
CA ILE C 999 0.83 19.30 -20.23
C ILE C 999 2.19 19.03 -19.61
N ASP C 1000 2.19 18.25 -18.52
CA ASP C 1000 3.38 17.76 -17.82
C ASP C 1000 4.19 18.85 -17.14
N CYS C 1001 3.63 20.05 -16.98
CA CYS C 1001 4.25 21.05 -16.13
C CYS C 1001 4.30 20.58 -14.67
N ILE C 1002 3.19 20.04 -14.19
CA ILE C 1002 3.11 19.39 -12.89
C ILE C 1002 3.23 17.90 -13.10
N ARG C 1003 4.01 17.23 -12.26
CA ARG C 1003 4.11 15.78 -12.28
C ARG C 1003 3.99 15.26 -10.85
N MET C 1004 3.50 14.03 -10.69
CA MET C 1004 3.46 13.38 -9.39
C MET C 1004 4.68 12.49 -9.24
N VAL C 1005 5.44 12.73 -8.17
CA VAL C 1005 6.65 11.96 -7.86
C VAL C 1005 6.49 11.32 -6.49
N SER C 1006 7.20 10.22 -6.29
CA SER C 1006 7.15 9.52 -5.01
C SER C 1006 7.51 10.46 -3.86
N ARG C 1007 6.70 10.42 -2.80
CA ARG C 1007 7.05 11.06 -1.54
C ARG C 1007 8.40 10.59 -1.04
N THR C 1008 9.21 11.54 -0.56
CA THR C 1008 10.48 11.23 0.07
C THR C 1008 10.46 11.48 1.57
N THR C 1009 9.45 12.16 2.09
CA THR C 1009 9.29 12.46 3.51
C THR C 1009 8.12 11.69 4.09
N PRO C 1010 8.09 11.47 5.41
CA PRO C 1010 7.01 10.65 5.98
C PRO C 1010 5.63 11.24 5.69
N TYR C 1011 4.67 10.35 5.49
CA TYR C 1011 3.27 10.71 5.26
C TYR C 1011 2.44 10.41 6.49
N GLU C 1012 1.69 11.40 6.95
CA GLU C 1012 0.75 11.24 8.05
C GLU C 1012 -0.58 11.78 7.52
N PRO C 1013 -1.64 10.98 7.46
CA PRO C 1013 -2.95 11.54 7.12
C PRO C 1013 -3.32 12.62 8.12
N LYS C 1014 -3.88 13.71 7.60
CA LYS C 1014 -4.39 14.81 8.41
C LYS C 1014 -5.73 14.40 9.03
N ARG C 1015 -5.79 14.32 10.36
CA ARG C 1015 -6.99 13.78 11.00
C ARG C 1015 -7.79 14.81 11.80
N GLY C 1016 -7.34 16.06 11.87
CA GLY C 1016 -8.15 17.10 12.48
C GLY C 1016 -8.02 17.22 13.99
N LEU C 1017 -8.45 16.19 14.70
CA LEU C 1017 -8.31 16.02 16.15
C LEU C 1017 -7.69 14.65 16.40
N PRO C 1018 -7.05 14.45 17.56
CA PRO C 1018 -6.56 13.11 17.90
C PRO C 1018 -7.69 12.10 18.04
N LEU C 1019 -7.38 10.85 17.70
CA LEU C 1019 -8.33 9.76 17.90
C LEU C 1019 -8.36 9.40 19.40
N PRO D 3 28.14 -34.42 -16.51
CA PRO D 3 27.11 -34.90 -15.57
C PRO D 3 26.10 -33.80 -15.19
N VAL D 4 24.99 -34.21 -14.58
CA VAL D 4 24.01 -33.28 -14.04
C VAL D 4 24.52 -32.90 -12.65
N LEU D 5 25.09 -31.70 -12.52
CA LEU D 5 25.68 -31.32 -11.24
C LEU D 5 24.63 -31.12 -10.15
N SER D 6 23.44 -30.68 -10.51
CA SER D 6 22.40 -30.36 -9.53
C SER D 6 21.58 -31.57 -9.12
N LYS D 7 22.11 -32.78 -9.26
CA LYS D 7 21.35 -33.99 -8.94
C LYS D 7 22.24 -34.92 -8.13
N ASP D 8 21.68 -35.51 -7.07
CA ASP D 8 22.46 -36.39 -6.21
C ASP D 8 22.80 -37.67 -6.96
N VAL D 9 24.07 -38.09 -6.86
CA VAL D 9 24.44 -39.40 -7.38
C VAL D 9 23.86 -40.49 -6.47
N ALA D 10 23.82 -41.72 -7.00
CA ALA D 10 23.10 -42.83 -6.36
C ALA D 10 23.48 -43.00 -4.88
N ASP D 11 24.77 -42.98 -4.56
CA ASP D 11 25.12 -43.30 -3.17
C ASP D 11 24.75 -42.17 -2.21
N ILE D 12 24.61 -40.94 -2.69
CA ILE D 12 24.05 -39.85 -1.89
C ILE D 12 22.53 -39.99 -1.79
N GLU D 13 21.85 -40.37 -2.89
CA GLU D 13 20.43 -40.69 -2.81
C GLU D 13 20.18 -41.76 -1.78
N SER D 14 21.06 -42.78 -1.71
CA SER D 14 20.90 -43.82 -0.69
C SER D 14 21.08 -43.25 0.71
N ILE D 15 22.08 -42.37 0.89
CA ILE D 15 22.29 -41.78 2.22
C ILE D 15 21.05 -41.01 2.65
N LEU D 16 20.36 -40.37 1.69
CA LEU D 16 19.20 -39.53 1.95
C LEU D 16 17.89 -40.32 2.09
N ALA D 17 17.92 -41.65 2.09
CA ALA D 17 16.69 -42.46 1.99
C ALA D 17 15.69 -42.13 3.10
N LEU D 18 16.18 -41.86 4.31
CA LEU D 18 15.32 -41.57 5.45
C LEU D 18 15.07 -40.07 5.67
N ASN D 19 15.55 -39.21 4.77
CA ASN D 19 15.36 -37.77 4.91
C ASN D 19 13.89 -37.40 4.70
N PRO D 20 13.34 -36.48 5.50
CA PRO D 20 11.92 -36.14 5.35
C PRO D 20 11.59 -35.59 3.96
N ARG D 21 10.44 -36.00 3.45
CA ARG D 21 9.94 -35.47 2.19
C ARG D 21 8.46 -35.13 2.32
N THR D 22 8.01 -34.16 1.54
CA THR D 22 6.60 -33.78 1.55
C THR D 22 5.77 -34.90 0.93
N GLN D 23 4.60 -35.15 1.49
CA GLN D 23 3.76 -36.26 1.06
C GLN D 23 2.57 -35.73 0.26
N SER D 24 2.25 -36.42 -0.82
CA SER D 24 1.12 -36.01 -1.66
C SER D 24 -0.10 -36.88 -1.50
N HIS D 25 0.02 -38.02 -0.81
CA HIS D 25 -1.05 -38.98 -0.63
C HIS D 25 -1.07 -39.46 0.82
N ALA D 26 -2.21 -40.02 1.23
CA ALA D 26 -2.28 -40.69 2.52
C ALA D 26 -1.66 -42.08 2.41
N ALA D 27 -1.14 -42.57 3.53
CA ALA D 27 -0.28 -43.76 3.55
C ALA D 27 -1.09 -45.01 3.86
N LEU D 28 -0.84 -46.09 3.13
CA LEU D 28 -1.52 -47.36 3.37
C LEU D 28 -0.62 -48.28 4.19
N HIS D 29 -1.06 -48.64 5.40
CA HIS D 29 -0.38 -49.65 6.21
C HIS D 29 -1.45 -50.45 6.94
N SER D 30 -1.47 -51.77 6.75
CA SER D 30 -2.52 -52.58 7.37
C SER D 30 -2.38 -52.59 8.90
N THR D 31 -3.52 -52.81 9.58
CA THR D 31 -3.54 -52.88 11.04
C THR D 31 -2.66 -54.02 11.55
N LEU D 32 -2.68 -55.16 10.85
CA LEU D 32 -1.82 -56.28 11.25
C LEU D 32 -0.34 -55.92 11.14
N ALA D 33 0.06 -55.30 10.03
CA ALA D 33 1.45 -54.90 9.86
C ALA D 33 1.86 -53.90 10.94
N LYS D 34 0.94 -53.01 11.32
CA LYS D 34 1.24 -52.04 12.35
C LYS D 34 1.41 -52.69 13.72
N LYS D 35 0.61 -53.72 14.02
CA LYS D 35 0.75 -54.41 15.31
C LYS D 35 2.14 -55.01 15.45
N LEU D 36 2.67 -55.59 14.38
CA LEU D 36 4.03 -56.15 14.44
C LEU D 36 5.09 -55.05 14.55
N ASP D 37 4.98 -54.03 13.71
CA ASP D 37 6.04 -53.03 13.64
C ASP D 37 6.18 -52.27 14.95
N LYS D 38 5.07 -52.12 15.70
CA LYS D 38 5.07 -51.43 16.99
C LYS D 38 6.19 -51.89 17.90
N LYS D 39 6.37 -53.22 17.99
CA LYS D 39 7.34 -53.75 18.94
C LYS D 39 8.75 -53.29 18.63
N HIS D 40 9.05 -52.99 17.36
CA HIS D 40 10.43 -52.69 17.02
C HIS D 40 10.91 -51.37 17.63
N TRP D 41 10.00 -50.43 17.87
CA TRP D 41 10.36 -49.09 18.29
C TRP D 41 10.07 -48.80 19.75
N LYS D 42 9.55 -49.79 20.49
CA LYS D 42 8.95 -49.56 21.80
C LYS D 42 9.97 -49.09 22.85
N ARG D 43 9.68 -47.95 23.49
CA ARG D 43 10.53 -47.34 24.51
C ARG D 43 10.09 -47.64 25.93
N ASN D 44 8.80 -47.54 26.19
CA ASN D 44 8.26 -47.57 27.54
C ASN D 44 7.78 -48.99 27.89
N PRO D 45 7.34 -49.22 29.13
CA PRO D 45 6.85 -50.57 29.48
C PRO D 45 5.67 -51.00 28.62
N ASP D 46 5.63 -52.29 28.32
CA ASP D 46 4.57 -52.90 27.53
C ASP D 46 3.48 -53.37 28.49
N LYS D 47 2.27 -52.83 28.33
CA LYS D 47 1.19 -53.13 29.27
C LYS D 47 0.83 -54.62 29.30
N ASN D 48 1.26 -55.39 28.30
CA ASN D 48 0.96 -56.80 28.21
C ASN D 48 2.05 -57.69 28.80
N CYS D 49 3.22 -57.13 29.15
CA CYS D 49 4.28 -57.90 29.80
C CYS D 49 3.98 -58.04 31.29
N PHE D 50 3.94 -59.27 31.79
CA PHE D 50 3.52 -59.53 33.16
C PHE D 50 4.65 -59.91 34.11
N HIS D 51 5.86 -60.20 33.62
CA HIS D 51 6.91 -60.71 34.49
C HIS D 51 7.94 -59.61 34.79
N CYS D 52 8.53 -59.72 35.98
CA CYS D 52 9.62 -58.82 36.37
C CYS D 52 10.79 -58.95 35.40
N GLU D 53 11.38 -57.82 35.03
CA GLU D 53 12.73 -57.85 34.47
C GLU D 53 13.68 -58.38 35.55
N LYS D 54 14.70 -59.13 35.12
CA LYS D 54 15.57 -59.80 36.08
C LYS D 54 16.40 -58.74 36.81
N LEU D 55 16.25 -58.67 38.14
CA LEU D 55 16.90 -57.63 38.92
C LEU D 55 17.87 -58.17 39.96
N GLU D 56 18.19 -59.46 39.92
CA GLU D 56 18.99 -60.05 40.98
C GLU D 56 20.35 -59.36 41.06
N ASN D 57 20.71 -58.92 42.27
CA ASN D 57 21.97 -58.25 42.56
C ASN D 57 22.14 -56.97 41.74
N ASN D 58 21.05 -56.36 41.28
CA ASN D 58 21.11 -55.12 40.50
C ASN D 58 20.70 -53.95 41.40
N PHE D 59 21.70 -53.23 41.93
CA PHE D 59 21.45 -52.06 42.77
C PHE D 59 21.65 -50.74 42.02
N ASP D 60 21.48 -50.75 40.71
CA ASP D 60 21.46 -49.53 39.91
C ASP D 60 20.34 -48.60 40.38
N ASP D 61 20.60 -47.30 40.23
CA ASP D 61 19.65 -46.25 40.59
C ASP D 61 18.34 -46.42 39.82
N ILE D 62 17.22 -46.55 40.55
CA ILE D 62 15.91 -46.69 39.90
C ILE D 62 15.02 -45.46 40.10
N LYS D 63 15.53 -44.40 40.73
CA LYS D 63 14.74 -43.20 40.93
C LYS D 63 14.32 -42.58 39.61
N HIS D 64 13.05 -42.22 39.50
CA HIS D 64 12.57 -41.52 38.31
C HIS D 64 12.98 -40.05 38.27
N THR D 65 13.45 -39.49 39.39
CA THR D 65 13.72 -38.07 39.51
C THR D 65 15.16 -37.69 39.21
N THR D 66 16.07 -38.66 39.06
CA THR D 66 17.48 -38.33 38.87
C THR D 66 17.66 -37.51 37.59
N LEU D 67 18.50 -36.47 37.65
CA LEU D 67 18.76 -35.61 36.51
C LEU D 67 20.25 -35.55 36.20
N GLY D 68 20.56 -35.52 34.89
CA GLY D 68 21.85 -35.06 34.41
C GLY D 68 21.81 -33.57 34.15
N GLU D 69 22.96 -33.02 33.72
CA GLU D 69 23.06 -31.56 33.63
C GLU D 69 22.09 -31.02 32.58
N ARG D 70 22.04 -31.66 31.42
CA ARG D 70 21.12 -31.22 30.37
C ARG D 70 19.68 -31.15 30.90
N GLY D 71 19.21 -32.23 31.52
CA GLY D 71 17.86 -32.24 32.06
C GLY D 71 17.67 -31.30 33.23
N ALA D 72 18.71 -31.13 34.06
CA ALA D 72 18.61 -30.19 35.17
C ALA D 72 18.49 -28.76 34.67
N LEU D 73 19.28 -28.39 33.66
CA LEU D 73 19.18 -27.02 33.15
C LEU D 73 17.80 -26.75 32.59
N ARG D 74 17.25 -27.71 31.83
CA ARG D 74 15.91 -27.51 31.27
C ARG D 74 14.87 -27.34 32.37
N GLU D 75 14.91 -28.20 33.38
CA GLU D 75 13.90 -28.13 34.43
C GLU D 75 14.08 -26.90 35.30
N ALA D 76 15.33 -26.48 35.53
CA ALA D 76 15.55 -25.25 36.30
C ALA D 76 15.11 -24.00 35.54
N MET D 77 15.22 -24.00 34.20
CA MET D 77 14.71 -22.84 33.48
C MET D 77 13.18 -22.82 33.43
N ARG D 78 12.54 -23.98 33.63
CA ARG D 78 11.08 -24.08 33.60
C ARG D 78 10.46 -23.51 34.87
N CYS D 79 11.12 -23.67 36.00
CA CYS D 79 10.61 -23.19 37.27
C CYS D 79 10.32 -21.69 37.21
N LEU D 80 9.12 -21.30 37.68
CA LEU D 80 8.74 -19.89 37.69
C LEU D 80 9.48 -19.07 38.72
N LYS D 81 10.18 -19.70 39.67
CA LYS D 81 10.97 -18.99 40.67
C LYS D 81 10.09 -17.98 41.42
N CYS D 82 9.05 -18.53 42.04
CA CYS D 82 7.88 -17.79 42.53
C CYS D 82 8.18 -16.98 43.78
N ALA D 83 7.41 -15.91 43.97
CA ALA D 83 7.47 -15.17 45.21
C ALA D 83 6.77 -15.93 46.33
N ASP D 84 7.29 -15.78 47.55
CA ASP D 84 6.68 -16.38 48.72
C ASP D 84 6.35 -17.85 48.47
N ALA D 85 7.30 -18.58 47.88
CA ALA D 85 6.96 -19.76 47.10
C ALA D 85 6.30 -20.83 47.96
N PRO D 86 5.22 -21.46 47.46
CA PRO D 86 4.54 -22.49 48.24
C PRO D 86 5.31 -23.79 48.35
N CYS D 87 6.20 -24.09 47.39
CA CYS D 87 7.06 -25.25 47.54
C CYS D 87 7.89 -25.12 48.81
N GLN D 88 8.43 -23.93 49.05
CA GLN D 88 9.23 -23.68 50.25
C GLN D 88 8.39 -23.76 51.51
N LYS D 89 7.16 -23.20 51.46
CA LYS D 89 6.26 -23.34 52.59
C LYS D 89 6.02 -24.80 52.94
N SER D 90 6.03 -25.67 51.93
CA SER D 90 5.76 -27.09 52.07
C SER D 90 7.01 -27.94 52.29
N CYS D 91 8.20 -27.33 52.35
CA CYS D 91 9.43 -28.05 52.68
C CYS D 91 9.67 -27.98 54.18
N PRO D 92 9.83 -29.12 54.87
CA PRO D 92 10.00 -29.08 56.34
C PRO D 92 11.24 -28.32 56.82
N THR D 93 12.31 -28.24 56.02
CA THR D 93 13.47 -27.45 56.41
C THR D 93 13.48 -26.08 55.77
N HIS D 94 12.37 -25.68 55.12
CA HIS D 94 12.19 -24.32 54.59
C HIS D 94 13.28 -23.92 53.59
N LEU D 95 13.71 -24.86 52.75
CA LEU D 95 14.71 -24.55 51.73
C LEU D 95 14.21 -23.44 50.82
N ASP D 96 15.07 -22.45 50.56
CA ASP D 96 14.76 -21.41 49.57
C ASP D 96 14.89 -22.03 48.17
N ILE D 97 13.85 -22.74 47.77
CA ILE D 97 13.84 -23.46 46.48
C ILE D 97 13.95 -22.50 45.31
N LYS D 98 13.19 -21.40 45.35
CA LYS D 98 13.29 -20.38 44.30
C LYS D 98 14.74 -19.97 44.06
N SER D 99 15.50 -19.74 45.14
CA SER D 99 16.88 -19.28 44.98
C SER D 99 17.79 -20.39 44.46
N PHE D 100 17.69 -21.61 45.00
CA PHE D 100 18.65 -22.61 44.56
C PHE D 100 18.36 -23.03 43.12
N ILE D 101 17.07 -23.05 42.71
CA ILE D 101 16.76 -23.39 41.32
C ILE D 101 17.18 -22.27 40.39
N THR D 102 17.01 -21.02 40.82
CA THR D 102 17.55 -19.90 40.04
C THR D 102 19.05 -20.07 39.82
N SER D 103 19.79 -20.50 40.85
CA SER D 103 21.23 -20.70 40.67
C SER D 103 21.54 -21.83 39.68
N ILE D 104 20.80 -22.94 39.75
CA ILE D 104 20.98 -23.99 38.75
C ILE D 104 20.72 -23.45 37.35
N SER D 105 19.64 -22.70 37.16
CA SER D 105 19.35 -22.25 35.80
C SER D 105 20.45 -21.33 35.28
N ASN D 106 21.19 -20.66 36.15
CA ASN D 106 22.31 -19.79 35.81
C ASN D 106 23.63 -20.54 35.78
N LYS D 107 23.59 -21.88 35.84
CA LYS D 107 24.77 -22.75 35.85
C LYS D 107 25.66 -22.57 37.09
N ASN D 108 25.11 -22.02 38.17
CA ASN D 108 25.87 -21.78 39.41
C ASN D 108 25.51 -22.89 40.39
N TYR D 109 26.09 -24.07 40.15
CA TYR D 109 25.73 -25.24 40.96
C TYR D 109 26.28 -25.12 42.37
N TYR D 110 27.42 -24.46 42.55
CA TYR D 110 27.92 -24.20 43.91
C TYR D 110 26.92 -23.38 44.73
N GLY D 111 26.47 -22.24 44.18
CA GLY D 111 25.54 -21.41 44.93
C GLY D 111 24.25 -22.12 45.27
N ALA D 112 23.75 -22.95 44.33
CA ALA D 112 22.59 -23.79 44.62
C ALA D 112 22.87 -24.73 45.78
N ALA D 113 24.00 -25.45 45.72
CA ALA D 113 24.32 -26.39 46.79
C ALA D 113 24.49 -25.65 48.11
N LYS D 114 25.09 -24.47 48.08
CA LYS D 114 25.29 -23.73 49.33
C LYS D 114 23.96 -23.33 49.94
N MET D 115 22.98 -22.98 49.11
CA MET D 115 21.65 -22.62 49.59
C MET D 115 20.94 -23.85 50.19
N ILE D 116 21.04 -24.98 49.51
CA ILE D 116 20.48 -26.24 50.00
C ILE D 116 21.08 -26.61 51.35
N PHE D 117 22.41 -26.66 51.42
CA PHE D 117 23.05 -27.14 52.65
C PHE D 117 22.98 -26.12 53.77
N SER D 118 22.73 -24.85 53.44
CA SER D 118 22.52 -23.86 54.50
C SER D 118 21.31 -24.22 55.35
N ASP D 119 20.23 -24.66 54.73
CA ASP D 119 19.05 -24.99 55.51
C ASP D 119 18.89 -26.49 55.76
N ASN D 120 19.68 -27.34 55.10
CA ASN D 120 19.52 -28.78 55.22
C ASN D 120 20.88 -29.44 55.07
N PRO D 121 21.52 -29.80 56.19
CA PRO D 121 22.86 -30.42 56.13
C PRO D 121 22.87 -31.78 55.48
N LEU D 122 21.71 -32.40 55.29
CA LEU D 122 21.61 -33.66 54.55
C LEU D 122 20.97 -33.41 53.19
N GLY D 123 21.41 -32.33 52.52
CA GLY D 123 20.72 -31.88 51.34
C GLY D 123 20.73 -32.85 50.18
N LEU D 124 21.79 -33.65 50.05
CA LEU D 124 21.86 -34.60 48.94
C LEU D 124 21.01 -35.84 49.23
N THR D 125 21.10 -36.37 50.44
CA THR D 125 20.20 -37.44 50.87
C THR D 125 18.75 -37.05 50.59
N CYS D 126 18.36 -35.84 51.00
CA CYS D 126 16.94 -35.47 50.90
C CYS D 126 16.52 -35.28 49.45
N GLY D 127 17.37 -34.67 48.61
CA GLY D 127 17.05 -34.61 47.19
C GLY D 127 16.73 -35.98 46.64
N MET D 128 17.42 -37.00 47.14
CA MET D 128 17.30 -38.36 46.64
C MET D 128 16.07 -39.04 47.19
N VAL D 129 15.72 -38.82 48.47
CA VAL D 129 14.71 -39.66 49.11
C VAL D 129 13.46 -38.93 49.57
N CYS D 130 13.43 -37.59 49.52
CA CYS D 130 12.24 -36.88 49.98
C CYS D 130 11.00 -37.39 49.24
N PRO D 131 9.88 -37.65 49.92
CA PRO D 131 8.63 -37.96 49.20
C PRO D 131 7.96 -36.66 48.77
N THR D 132 8.52 -36.07 47.69
CA THR D 132 8.23 -34.67 47.39
C THR D 132 6.76 -34.44 47.02
N SER D 133 6.06 -35.46 46.51
CA SER D 133 4.65 -35.29 46.18
C SER D 133 3.82 -34.98 47.42
N ASP D 134 4.27 -35.42 48.61
CA ASP D 134 3.63 -35.09 49.88
C ASP D 134 4.31 -33.92 50.59
N LEU D 135 5.25 -33.25 49.92
CA LEU D 135 5.95 -32.12 50.54
C LEU D 135 6.07 -30.95 49.56
N CYS D 136 7.31 -30.55 49.22
CA CYS D 136 7.50 -29.33 48.44
C CYS D 136 6.75 -29.38 47.12
N VAL D 137 6.93 -30.47 46.36
CA VAL D 137 6.31 -30.59 45.05
C VAL D 137 4.80 -30.55 45.14
N GLY D 138 4.23 -31.04 46.25
CA GLY D 138 2.78 -30.98 46.41
C GLY D 138 2.20 -29.59 46.46
N GLY D 139 3.03 -28.58 46.72
CA GLY D 139 2.62 -27.18 46.73
C GLY D 139 3.00 -26.38 45.49
N CYS D 140 3.64 -27.01 44.51
CA CYS D 140 4.21 -26.28 43.38
C CYS D 140 3.13 -25.64 42.53
N ASN D 141 3.26 -24.34 42.26
CA ASN D 141 2.28 -23.63 41.45
C ASN D 141 2.16 -24.23 40.05
N LEU D 142 3.25 -24.79 39.51
CA LEU D 142 3.18 -25.33 38.16
C LEU D 142 2.34 -26.58 38.07
N TYR D 143 1.84 -27.11 39.19
CA TYR D 143 0.82 -28.15 39.10
C TYR D 143 -0.41 -27.67 38.33
N ALA D 144 -0.66 -26.35 38.32
CA ALA D 144 -1.77 -25.78 37.56
C ALA D 144 -1.48 -25.62 36.07
N THR D 145 -0.37 -26.18 35.56
CA THR D 145 -0.16 -26.26 34.12
C THR D 145 -0.18 -27.71 33.66
N GLU D 146 -0.45 -27.89 32.38
CA GLU D 146 -0.51 -29.25 31.84
C GLU D 146 0.82 -29.97 32.02
N GLU D 147 1.93 -29.26 31.82
CA GLU D 147 3.24 -29.92 31.92
C GLU D 147 3.63 -30.22 33.36
N GLY D 148 2.93 -29.65 34.35
CA GLY D 148 3.00 -30.15 35.71
C GLY D 148 4.10 -29.54 36.57
N SER D 149 4.18 -30.07 37.80
CA SER D 149 5.03 -29.48 38.82
C SER D 149 6.51 -29.72 38.52
N ILE D 150 7.36 -28.95 39.20
CA ILE D 150 8.80 -29.01 39.03
C ILE D 150 9.36 -30.21 39.80
N ASN D 151 10.34 -30.88 39.20
CA ASN D 151 11.07 -31.97 39.86
C ASN D 151 12.10 -31.35 40.83
N ILE D 152 11.59 -30.87 41.96
CA ILE D 152 12.43 -30.17 42.92
C ILE D 152 13.49 -31.11 43.48
N GLY D 153 13.09 -32.36 43.80
CA GLY D 153 14.04 -33.29 44.38
C GLY D 153 15.21 -33.59 43.47
N GLY D 154 14.93 -33.83 42.19
CA GLY D 154 16.01 -34.13 41.26
C GLY D 154 16.93 -32.94 41.06
N LEU D 155 16.37 -31.73 41.07
CA LEU D 155 17.23 -30.55 40.95
C LEU D 155 18.12 -30.40 42.17
N GLN D 156 17.57 -30.65 43.36
CA GLN D 156 18.37 -30.60 44.58
C GLN D 156 19.48 -31.63 44.55
N GLN D 157 19.15 -32.85 44.14
CA GLN D 157 20.15 -33.90 43.99
C GLN D 157 21.24 -33.50 43.00
N PHE D 158 20.86 -32.92 41.86
CA PHE D 158 21.86 -32.61 40.83
C PHE D 158 22.87 -31.58 41.33
N ALA D 159 22.39 -30.47 41.90
CA ALA D 159 23.28 -29.44 42.41
C ALA D 159 24.19 -29.99 43.51
N SER D 160 23.64 -30.81 44.41
CA SER D 160 24.44 -31.34 45.50
C SER D 160 25.45 -32.37 45.01
N GLU D 161 25.10 -33.12 43.95
CA GLU D 161 26.06 -34.04 43.35
C GLU D 161 27.22 -33.31 42.70
N VAL D 162 26.94 -32.20 42.01
CA VAL D 162 28.04 -31.42 41.44
C VAL D 162 28.95 -30.92 42.54
N PHE D 163 28.37 -30.31 43.57
CA PHE D 163 29.17 -29.84 44.70
C PHE D 163 29.98 -30.98 45.30
N LYS D 164 29.37 -32.16 45.49
CA LYS D 164 30.10 -33.31 45.99
C LYS D 164 31.31 -33.63 45.11
N ALA D 165 31.12 -33.59 43.79
CA ALA D 165 32.22 -33.87 42.87
C ALA D 165 33.29 -32.79 42.93
N MET D 166 32.92 -31.56 43.33
CA MET D 166 33.92 -30.50 43.50
C MET D 166 34.90 -30.80 44.62
N ASN D 167 34.51 -31.62 45.60
CA ASN D 167 35.42 -32.08 46.64
C ASN D 167 35.96 -30.88 47.42
N ILE D 168 35.04 -30.03 47.84
CA ILE D 168 35.33 -28.80 48.58
C ILE D 168 34.83 -29.02 50.00
N PRO D 169 35.62 -28.69 51.04
CA PRO D 169 35.19 -28.91 52.42
C PRO D 169 34.32 -27.78 52.96
N GLN D 170 33.53 -28.12 53.97
CA GLN D 170 32.87 -27.11 54.76
C GLN D 170 33.90 -26.46 55.66
N ILE D 171 33.76 -25.15 55.91
CA ILE D 171 34.66 -24.46 56.82
C ILE D 171 33.90 -23.99 58.05
N ARG D 172 34.68 -23.72 59.10
CA ARG D 172 34.16 -23.07 60.28
C ARG D 172 33.49 -21.76 59.89
N ASN D 173 32.34 -21.51 60.50
CA ASN D 173 31.56 -20.29 60.35
C ASN D 173 32.50 -19.09 60.37
N PRO D 174 32.70 -18.41 59.23
CA PRO D 174 33.72 -17.35 59.19
C PRO D 174 33.30 -16.08 59.88
N CYS D 175 32.06 -15.99 60.36
CA CYS D 175 31.61 -14.85 61.17
C CYS D 175 31.94 -15.02 62.64
N LEU D 176 32.52 -16.11 63.00
CA LEU D 176 32.76 -16.30 64.41
C LEU D 176 34.07 -15.64 64.81
N PRO D 177 34.20 -15.19 66.05
CA PRO D 177 35.53 -14.87 66.54
C PRO D 177 36.39 -16.11 66.48
N SER D 178 37.70 -15.89 66.50
CA SER D 178 38.62 -17.00 66.47
C SER D 178 38.41 -17.87 67.72
N GLN D 179 38.84 -19.15 67.63
CA GLN D 179 38.53 -20.13 68.66
C GLN D 179 38.95 -19.66 70.06
N GLU D 180 40.21 -19.22 70.19
CA GLU D 180 40.74 -18.78 71.50
C GLU D 180 39.93 -17.64 72.11
N LYS D 181 39.18 -16.88 71.33
CA LYS D 181 38.39 -15.78 71.88
C LYS D 181 36.92 -16.10 72.04
N MET D 182 36.51 -17.34 71.77
CA MET D 182 35.14 -17.76 72.06
C MET D 182 34.88 -17.73 73.56
N PRO D 183 33.68 -17.29 73.99
CA PRO D 183 33.32 -17.39 75.40
C PRO D 183 33.34 -18.83 75.89
N GLU D 184 33.53 -18.99 77.20
CA GLU D 184 33.68 -20.32 77.79
C GLU D 184 32.48 -21.21 77.51
N ALA D 185 31.30 -20.61 77.38
CA ALA D 185 30.08 -21.38 77.20
C ALA D 185 30.15 -22.28 75.96
N TYR D 186 30.91 -21.86 74.96
CA TYR D 186 30.94 -22.64 73.71
C TYR D 186 31.77 -23.91 73.84
N SER D 187 32.47 -24.09 74.96
CA SER D 187 33.21 -25.31 75.20
C SER D 187 32.42 -26.31 76.05
N ALA D 188 31.14 -26.02 76.33
CA ALA D 188 30.30 -26.96 77.07
C ALA D 188 30.27 -28.31 76.37
N LYS D 189 30.41 -29.38 77.18
CA LYS D 189 30.38 -30.74 76.65
C LYS D 189 28.95 -31.09 76.24
N ILE D 190 28.77 -31.47 74.98
CA ILE D 190 27.47 -31.80 74.42
C ILE D 190 27.50 -33.23 73.91
N ALA D 191 26.46 -34.00 74.25
CA ALA D 191 26.33 -35.37 73.80
C ALA D 191 25.08 -35.52 72.94
N LEU D 192 25.22 -36.23 71.84
CA LEU D 192 24.07 -36.61 71.03
C LEU D 192 24.10 -38.13 70.95
N LEU D 193 22.92 -38.74 70.99
CA LEU D 193 22.79 -40.18 71.00
C LEU D 193 22.19 -40.61 69.67
N GLY D 194 22.94 -41.45 68.93
CA GLY D 194 22.51 -41.97 67.65
C GLY D 194 23.00 -41.13 66.50
N ALA D 195 23.64 -41.72 65.50
CA ALA D 195 24.25 -40.97 64.41
C ALA D 195 23.37 -41.07 63.16
N GLY D 196 22.10 -40.69 63.32
CA GLY D 196 21.17 -40.62 62.22
C GLY D 196 20.93 -39.18 61.78
N PRO D 197 20.00 -38.98 60.85
CA PRO D 197 19.76 -37.62 60.32
C PRO D 197 19.46 -36.57 61.40
N ALA D 198 18.71 -36.91 62.44
CA ALA D 198 18.39 -35.92 63.45
C ALA D 198 19.64 -35.43 64.18
N SER D 199 20.47 -36.36 64.66
CA SER D 199 21.66 -35.94 65.40
C SER D 199 22.68 -35.30 64.48
N ILE D 200 22.81 -35.79 63.25
CA ILE D 200 23.77 -35.19 62.34
C ILE D 200 23.41 -33.73 62.11
N SER D 201 22.12 -33.45 61.91
CA SER D 201 21.67 -32.07 61.72
C SER D 201 21.95 -31.24 62.96
N CYS D 202 21.54 -31.76 64.12
CA CYS D 202 21.68 -31.01 65.36
C CYS D 202 23.14 -30.67 65.62
N ALA D 203 24.02 -31.65 65.51
CA ALA D 203 25.43 -31.39 65.74
C ALA D 203 25.97 -30.41 64.74
N SER D 204 25.52 -30.50 63.48
CA SER D 204 26.02 -29.58 62.46
C SER D 204 25.68 -28.14 62.81
N PHE D 205 24.41 -27.88 63.17
CA PHE D 205 24.02 -26.52 63.47
C PHE D 205 24.66 -26.03 64.77
N LEU D 206 24.83 -26.91 65.76
CA LEU D 206 25.53 -26.49 66.99
C LEU D 206 26.99 -26.16 66.68
N ALA D 207 27.63 -26.92 65.80
CA ALA D 207 29.01 -26.59 65.41
C ALA D 207 29.08 -25.27 64.65
N ARG D 208 28.09 -24.97 63.81
CA ARG D 208 28.05 -23.67 63.13
C ARG D 208 28.03 -22.53 64.13
N LEU D 209 27.27 -22.68 65.22
CA LEU D 209 27.16 -21.62 66.22
C LEU D 209 28.44 -21.45 67.02
N GLY D 210 29.38 -22.36 66.91
CA GLY D 210 30.67 -22.22 67.55
C GLY D 210 30.96 -23.25 68.63
N TYR D 211 30.07 -24.16 68.98
CA TYR D 211 30.38 -25.12 70.03
C TYR D 211 31.47 -26.07 69.57
N SER D 212 32.48 -26.25 70.42
CA SER D 212 33.72 -26.94 70.05
C SER D 212 33.89 -28.30 70.70
N ASP D 213 32.92 -28.79 71.47
CA ASP D 213 33.06 -30.10 72.12
C ASP D 213 31.71 -30.83 71.96
N ILE D 214 31.51 -31.38 70.77
CA ILE D 214 30.26 -32.02 70.37
C ILE D 214 30.59 -33.47 70.05
N THR D 215 29.93 -34.41 70.72
CA THR D 215 30.19 -35.82 70.48
C THR D 215 28.89 -36.54 70.20
N ILE D 216 28.83 -37.30 69.10
CA ILE D 216 27.73 -38.19 68.81
C ILE D 216 28.14 -39.61 69.21
N PHE D 217 27.31 -40.27 70.02
CA PHE D 217 27.55 -41.64 70.44
C PHE D 217 26.63 -42.57 69.66
N GLU D 218 27.20 -43.46 68.86
CA GLU D 218 26.44 -44.34 67.97
C GLU D 218 26.56 -45.78 68.45
N LYS D 219 25.42 -46.46 68.55
CA LYS D 219 25.41 -47.85 69.00
C LYS D 219 26.16 -48.75 68.04
N GLN D 220 25.87 -48.64 66.75
CA GLN D 220 26.39 -49.56 65.74
C GLN D 220 27.81 -49.17 65.36
N GLU D 221 28.43 -49.99 64.50
CA GLU D 221 29.76 -49.69 64.01
C GLU D 221 29.73 -48.89 62.70
N TYR D 222 28.54 -48.54 62.23
CA TYR D 222 28.35 -47.75 61.03
C TYR D 222 27.56 -46.49 61.41
N VAL D 223 27.67 -45.45 60.59
CA VAL D 223 27.01 -44.18 60.85
C VAL D 223 26.00 -43.90 59.76
N GLY D 224 25.02 -43.06 60.09
CA GLY D 224 24.01 -42.64 59.13
C GLY D 224 22.59 -43.04 59.50
N GLY D 225 22.39 -43.95 60.45
CA GLY D 225 21.04 -44.35 60.78
C GLY D 225 20.35 -45.11 59.65
N LEU D 226 19.04 -44.90 59.51
CA LEU D 226 18.28 -45.65 58.50
C LEU D 226 18.73 -45.36 57.08
N SER D 227 19.24 -44.14 56.81
CA SER D 227 19.84 -43.85 55.51
C SER D 227 20.87 -44.90 55.10
N THR D 228 21.58 -45.43 56.08
CA THR D 228 22.61 -46.44 55.85
C THR D 228 22.08 -47.85 56.02
N SER D 229 21.35 -48.10 57.10
CA SER D 229 21.01 -49.47 57.46
C SER D 229 19.80 -50.01 56.70
N GLU D 230 18.90 -49.16 56.20
CA GLU D 230 17.72 -49.74 55.58
C GLU D 230 17.35 -49.13 54.23
N ILE D 231 17.54 -47.83 54.02
CA ILE D 231 17.13 -47.29 52.70
C ILE D 231 17.96 -47.96 51.62
N PRO D 232 17.35 -48.57 50.59
CA PRO D 232 18.13 -49.36 49.63
C PRO D 232 19.16 -48.53 48.86
N GLN D 233 20.27 -49.19 48.55
CA GLN D 233 21.32 -48.62 47.71
C GLN D 233 20.80 -48.12 46.38
N PHE D 234 19.75 -48.74 45.84
CA PHE D 234 19.24 -48.32 44.53
C PHE D 234 18.30 -47.12 44.63
N ARG D 235 18.08 -46.61 45.83
CA ARG D 235 17.48 -45.29 46.02
C ARG D 235 18.46 -44.28 46.61
N LEU D 236 19.33 -44.72 47.51
CA LEU D 236 20.27 -43.84 48.21
C LEU D 236 21.64 -44.50 48.29
N PRO D 237 22.57 -44.11 47.42
CA PRO D 237 23.90 -44.73 47.45
C PRO D 237 24.62 -44.39 48.75
N TYR D 238 25.34 -45.39 49.29
CA TYR D 238 26.00 -45.18 50.57
C TYR D 238 26.99 -44.02 50.52
N ASP D 239 27.62 -43.77 49.38
CA ASP D 239 28.61 -42.69 49.31
C ASP D 239 28.00 -41.32 49.57
N VAL D 240 26.69 -41.16 49.37
CA VAL D 240 26.04 -39.89 49.69
C VAL D 240 26.09 -39.66 51.21
N VAL D 241 25.77 -40.71 51.97
CA VAL D 241 25.78 -40.59 53.42
C VAL D 241 27.18 -40.22 53.92
N ASN D 242 28.20 -40.90 53.39
CA ASN D 242 29.56 -40.64 53.83
C ASN D 242 29.98 -39.21 53.51
N PHE D 243 29.51 -38.68 52.38
CA PHE D 243 29.85 -37.30 52.01
C PHE D 243 29.25 -36.30 53.00
N GLU D 244 28.00 -36.49 53.41
CA GLU D 244 27.39 -35.53 54.32
C GLU D 244 28.00 -35.64 55.71
N ILE D 245 28.33 -36.85 56.15
CA ILE D 245 29.01 -37.02 57.42
C ILE D 245 30.40 -36.38 57.39
N GLU D 246 31.11 -36.48 56.26
CA GLU D 246 32.41 -35.80 56.14
C GLU D 246 32.28 -34.29 56.27
N LEU D 247 31.25 -33.70 55.66
CA LEU D 247 31.04 -32.26 55.80
C LEU D 247 30.86 -31.87 57.26
N MET D 248 30.12 -32.68 58.02
CA MET D 248 29.91 -32.38 59.44
C MET D 248 31.21 -32.48 60.23
N LYS D 249 32.00 -33.53 59.97
CA LYS D 249 33.26 -33.69 60.67
C LYS D 249 34.22 -32.54 60.37
N ASP D 250 34.10 -31.92 59.19
CA ASP D 250 34.86 -30.70 58.91
C ASP D 250 34.66 -29.63 59.97
N LEU D 251 33.50 -29.61 60.62
CA LEU D 251 33.19 -28.65 61.67
C LEU D 251 33.69 -29.09 63.05
N GLY D 252 34.31 -30.25 63.16
CA GLY D 252 34.85 -30.68 64.43
C GLY D 252 33.97 -31.61 65.24
N VAL D 253 32.78 -31.96 64.76
CA VAL D 253 31.96 -32.92 65.48
C VAL D 253 32.69 -34.25 65.54
N LYS D 254 32.68 -34.88 66.72
CA LYS D 254 33.28 -36.20 66.91
C LYS D 254 32.19 -37.26 66.92
N ILE D 255 32.51 -38.44 66.38
CA ILE D 255 31.61 -39.59 66.42
C ILE D 255 32.35 -40.74 67.08
N ILE D 256 31.72 -41.34 68.08
CA ILE D 256 32.23 -42.56 68.72
C ILE D 256 31.22 -43.67 68.51
N CYS D 257 31.62 -44.69 67.74
CA CYS D 257 30.78 -45.85 67.48
C CYS D 257 30.95 -46.90 68.56
N GLY D 258 30.06 -47.89 68.54
CA GLY D 258 30.06 -48.92 69.56
C GLY D 258 29.74 -48.41 70.95
N LYS D 259 28.97 -47.33 71.05
CA LYS D 259 28.56 -46.76 72.33
C LYS D 259 27.05 -46.60 72.33
N SER D 260 26.38 -47.21 73.30
CA SER D 260 24.93 -47.26 73.35
C SER D 260 24.38 -46.47 74.53
N LEU D 261 23.27 -45.77 74.29
CA LEU D 261 22.38 -45.36 75.38
C LEU D 261 21.61 -46.59 75.86
N SER D 262 21.91 -47.04 77.07
CA SER D 262 21.33 -48.24 77.66
C SER D 262 21.71 -48.30 79.13
N GLU D 263 20.86 -48.95 79.93
CA GLU D 263 21.00 -48.86 81.39
C GLU D 263 22.41 -49.22 81.89
N ASN D 264 23.05 -50.20 81.26
CA ASN D 264 24.38 -50.64 81.69
C ASN D 264 25.53 -49.95 80.96
N GLU D 265 25.22 -49.03 80.05
CA GLU D 265 26.23 -48.26 79.33
C GLU D 265 25.98 -46.77 79.56
N ILE D 266 25.65 -46.02 78.51
CA ILE D 266 25.41 -44.58 78.62
C ILE D 266 23.99 -44.34 79.11
N THR D 267 23.85 -43.58 80.20
CA THR D 267 22.55 -43.10 80.67
C THR D 267 22.60 -41.59 80.85
N LEU D 268 21.43 -40.98 81.01
CA LEU D 268 21.41 -39.57 81.36
C LEU D 268 22.21 -39.32 82.63
N ASN D 269 22.13 -40.24 83.61
CA ASN D 269 22.85 -40.05 84.86
C ASN D 269 24.35 -40.08 84.64
N THR D 270 24.86 -41.00 83.80
CA THR D 270 26.30 -41.07 83.61
C THR D 270 26.81 -39.87 82.82
N LEU D 271 26.03 -39.41 81.83
CA LEU D 271 26.41 -38.21 81.08
C LEU D 271 26.53 -37.00 82.02
N LYS D 272 25.54 -36.83 82.90
CA LYS D 272 25.57 -35.74 83.87
C LYS D 272 26.77 -35.85 84.79
N GLU D 273 27.07 -37.06 85.26
CA GLU D 273 28.20 -37.25 86.16
C GLU D 273 29.54 -37.10 85.43
N GLU D 274 29.55 -37.24 84.10
CA GLU D 274 30.79 -37.03 83.36
C GLU D 274 30.96 -35.59 82.90
N GLY D 275 30.07 -34.68 83.28
CA GLY D 275 30.22 -33.27 82.97
C GLY D 275 29.57 -32.78 81.69
N TYR D 276 28.67 -33.56 81.09
CA TYR D 276 27.97 -33.11 79.88
C TYR D 276 26.90 -32.11 80.26
N LYS D 277 26.84 -30.98 79.55
CA LYS D 277 25.88 -29.93 79.85
C LYS D 277 24.55 -30.07 79.13
N ALA D 278 24.52 -30.79 78.01
CA ALA D 278 23.28 -30.96 77.28
C ALA D 278 23.37 -32.26 76.49
N ALA D 279 22.21 -32.80 76.18
CA ALA D 279 22.12 -34.04 75.43
C ALA D 279 20.95 -33.96 74.48
N PHE D 280 21.14 -34.52 73.28
CA PHE D 280 20.09 -34.65 72.29
C PHE D 280 19.89 -36.14 72.02
N ILE D 281 18.65 -36.60 72.13
CA ILE D 281 18.33 -38.01 71.92
C ILE D 281 17.87 -38.16 70.49
N GLY D 282 18.64 -38.90 69.70
CA GLY D 282 18.26 -39.12 68.31
C GLY D 282 18.42 -40.56 67.89
N ILE D 283 17.98 -41.49 68.75
CA ILE D 283 18.21 -42.91 68.52
C ILE D 283 17.15 -43.56 67.65
N GLY D 284 16.14 -42.81 67.21
CA GLY D 284 15.13 -43.39 66.35
C GLY D 284 14.29 -44.45 67.07
N LEU D 285 13.71 -45.35 66.26
CA LEU D 285 12.85 -46.44 66.72
C LEU D 285 13.54 -47.77 66.45
N PRO D 286 14.33 -48.29 67.38
CA PRO D 286 15.31 -49.32 67.03
C PRO D 286 14.75 -50.74 66.91
N GLU D 287 13.51 -51.00 67.31
CA GLU D 287 13.00 -52.37 67.33
C GLU D 287 11.82 -52.53 66.37
N PRO D 288 11.64 -53.71 65.78
CA PRO D 288 10.51 -53.90 64.89
C PRO D 288 9.22 -54.07 65.68
N LYS D 289 8.11 -53.61 65.10
CA LYS D 289 6.82 -53.97 65.66
C LYS D 289 6.56 -55.43 65.32
N THR D 290 6.37 -56.26 66.34
CA THR D 290 6.27 -57.69 66.14
C THR D 290 4.83 -58.15 66.33
N ASP D 291 4.56 -59.38 65.90
CA ASP D 291 3.22 -59.94 65.99
C ASP D 291 3.30 -61.36 66.50
N ASP D 292 2.34 -61.73 67.35
CA ASP D 292 2.41 -63.04 68.00
C ASP D 292 2.37 -64.18 66.99
N ILE D 293 1.73 -63.99 65.82
CA ILE D 293 1.63 -65.11 64.90
C ILE D 293 2.96 -65.47 64.28
N PHE D 294 3.98 -64.64 64.42
CA PHE D 294 5.32 -64.93 63.95
C PHE D 294 6.28 -65.37 65.06
N GLN D 295 5.77 -65.56 66.28
CA GLN D 295 6.59 -65.99 67.40
C GLN D 295 7.42 -67.22 67.05
N GLY D 296 8.72 -67.14 67.36
CA GLY D 296 9.60 -68.28 67.20
C GLY D 296 10.08 -68.58 65.80
N LEU D 297 9.61 -67.89 64.77
CA LEU D 297 10.04 -68.20 63.42
C LEU D 297 11.43 -67.63 63.14
N THR D 298 12.28 -68.43 62.51
CA THR D 298 13.65 -68.01 62.23
C THR D 298 13.80 -67.57 60.78
N GLN D 299 14.93 -66.90 60.51
CA GLN D 299 15.27 -66.52 59.14
C GLN D 299 15.46 -67.76 58.27
N ASP D 300 16.04 -68.81 58.84
CA ASP D 300 16.22 -70.07 58.11
C ASP D 300 14.87 -70.66 57.69
N GLN D 301 13.85 -70.54 58.54
CA GLN D 301 12.52 -71.00 58.17
C GLN D 301 11.86 -70.14 57.11
N GLY D 302 12.30 -68.89 56.97
CA GLY D 302 11.80 -68.00 55.93
C GLY D 302 11.23 -66.70 56.45
N PHE D 303 11.30 -66.43 57.75
CA PHE D 303 10.67 -65.24 58.31
C PHE D 303 11.67 -64.13 58.61
N TYR D 304 11.29 -62.90 58.23
CA TYR D 304 12.04 -61.70 58.58
C TYR D 304 11.08 -60.61 59.05
N THR D 305 11.51 -59.78 60.00
CA THR D 305 10.93 -58.45 60.05
C THR D 305 11.75 -57.56 59.14
N SER D 306 11.21 -56.38 58.82
CA SER D 306 11.98 -55.45 58.00
C SER D 306 13.27 -55.05 58.71
N LYS D 307 13.26 -55.03 60.05
CA LYS D 307 14.49 -54.74 60.79
C LYS D 307 15.51 -55.87 60.68
N ASP D 308 15.08 -57.10 60.37
CA ASP D 308 16.02 -58.18 60.08
C ASP D 308 16.48 -58.09 58.62
N PHE D 309 15.55 -57.83 57.71
CA PHE D 309 15.81 -58.05 56.30
C PHE D 309 16.61 -56.91 55.70
N LEU D 310 16.13 -55.67 55.83
CA LEU D 310 16.77 -54.58 55.08
C LEU D 310 18.21 -54.34 55.50
N PRO D 311 18.59 -54.44 56.78
CA PRO D 311 20.02 -54.28 57.12
C PRO D 311 20.90 -55.36 56.55
N LEU D 312 20.40 -56.60 56.43
CA LEU D 312 21.18 -57.63 55.74
C LEU D 312 21.46 -57.24 54.31
N VAL D 313 20.45 -56.74 53.60
CA VAL D 313 20.65 -56.35 52.21
C VAL D 313 21.58 -55.16 52.13
N ALA D 314 21.40 -54.16 53.01
CA ALA D 314 22.24 -52.97 53.00
C ALA D 314 23.70 -53.31 53.29
N LYS D 315 23.95 -54.20 54.25
CA LYS D 315 25.32 -54.56 54.57
C LYS D 315 26.01 -55.25 53.41
N SER D 316 25.25 -55.98 52.60
CA SER D 316 25.85 -56.70 51.49
C SER D 316 26.12 -55.81 50.29
N SER D 317 25.23 -54.85 50.02
CA SER D 317 25.26 -54.03 48.81
C SER D 317 25.94 -52.67 48.99
N LYS D 318 26.21 -52.24 50.22
CA LYS D 318 26.75 -50.90 50.50
C LYS D 318 28.22 -51.03 50.88
N ALA D 319 29.10 -50.78 49.92
CA ALA D 319 30.52 -50.94 50.14
C ALA D 319 31.03 -49.97 51.20
N GLY D 320 31.79 -50.47 52.15
CA GLY D 320 32.31 -49.65 53.21
C GLY D 320 31.36 -49.42 54.36
N MET D 321 30.14 -49.96 54.32
CA MET D 321 29.25 -49.79 55.45
C MET D 321 29.73 -50.64 56.61
N CYS D 322 29.94 -51.93 56.36
CA CYS D 322 30.33 -52.90 57.39
C CYS D 322 31.56 -53.60 56.83
N ALA D 323 32.73 -53.22 57.34
CA ALA D 323 33.97 -53.85 56.91
C ALA D 323 33.93 -55.34 57.24
N CYS D 324 33.63 -56.16 56.24
CA CYS D 324 33.54 -57.61 56.39
C CYS D 324 33.22 -58.25 55.05
N HIS D 325 32.35 -57.61 54.27
CA HIS D 325 31.77 -58.16 53.03
C HIS D 325 30.81 -59.30 53.38
N SER D 326 29.51 -59.07 53.17
CA SER D 326 28.42 -59.98 53.53
C SER D 326 27.71 -60.48 52.28
N PRO D 327 27.14 -61.68 52.32
CA PRO D 327 26.35 -62.17 51.19
C PRO D 327 24.93 -61.63 51.21
N LEU D 328 24.33 -61.56 50.02
CA LEU D 328 22.90 -61.24 49.93
C LEU D 328 22.10 -62.41 50.50
N PRO D 329 21.09 -62.13 51.32
CA PRO D 329 20.23 -63.22 51.80
C PRO D 329 19.68 -64.03 50.63
N SER D 330 19.66 -65.35 50.80
CA SER D 330 19.19 -66.22 49.72
C SER D 330 17.67 -66.23 49.77
N ILE D 331 17.05 -65.44 48.89
CA ILE D 331 15.61 -65.25 48.92
C ILE D 331 15.06 -65.77 47.60
N ARG D 332 14.94 -67.08 47.47
CA ARG D 332 14.33 -67.61 46.26
C ARG D 332 12.94 -68.15 46.55
N GLY D 333 12.08 -68.09 45.55
CA GLY D 333 10.71 -68.53 45.66
C GLY D 333 9.75 -67.37 45.77
N ALA D 334 8.60 -67.66 46.37
CA ALA D 334 7.53 -66.68 46.49
C ALA D 334 7.69 -65.94 47.80
N VAL D 335 7.70 -64.61 47.74
CA VAL D 335 7.91 -63.76 48.90
C VAL D 335 6.62 -63.02 49.21
N ILE D 336 6.19 -63.08 50.46
CA ILE D 336 5.06 -62.31 50.94
C ILE D 336 5.61 -61.19 51.82
N VAL D 337 5.30 -59.94 51.45
CA VAL D 337 5.60 -58.79 52.29
C VAL D 337 4.29 -58.30 52.89
N LEU D 338 4.27 -58.17 54.22
CA LEU D 338 3.05 -57.82 54.94
C LEU D 338 3.11 -56.37 55.39
N GLY D 339 2.07 -55.61 55.05
CA GLY D 339 2.03 -54.19 55.30
C GLY D 339 1.99 -53.38 54.01
N ALA D 340 1.65 -52.10 54.18
CA ALA D 340 1.53 -51.21 53.03
C ALA D 340 2.12 -49.84 53.34
N GLY D 341 2.98 -49.76 54.35
CA GLY D 341 3.72 -48.55 54.59
C GLY D 341 4.89 -48.48 53.65
N ASP D 342 5.68 -47.45 53.84
CA ASP D 342 6.76 -47.24 52.90
C ASP D 342 7.87 -48.28 53.05
N THR D 343 8.06 -48.84 54.24
CA THR D 343 9.04 -49.91 54.41
C THR D 343 8.66 -51.14 53.60
N ALA D 344 7.35 -51.46 53.55
CA ALA D 344 6.89 -52.65 52.84
C ALA D 344 7.33 -52.60 51.37
N PHE D 345 7.26 -51.42 50.76
CA PHE D 345 7.63 -51.32 49.36
C PHE D 345 9.14 -51.44 49.17
N ASP D 346 9.94 -51.02 50.15
CA ASP D 346 11.38 -51.24 50.06
C ASP D 346 11.73 -52.71 50.26
N CYS D 347 11.00 -53.41 51.13
CA CYS D 347 11.23 -54.85 51.27
C CYS D 347 10.93 -55.57 49.96
N ALA D 348 9.84 -55.18 49.29
CA ALA D 348 9.45 -55.88 48.07
C ALA D 348 10.48 -55.69 46.96
N THR D 349 10.90 -54.44 46.71
CA THR D 349 11.91 -54.22 45.68
C THR D 349 13.25 -54.85 46.07
N SER D 350 13.61 -54.78 47.35
CA SER D 350 14.85 -55.42 47.78
C SER D 350 14.79 -56.94 47.64
N ALA D 351 13.61 -57.54 47.86
CA ALA D 351 13.51 -58.99 47.73
C ALA D 351 13.80 -59.45 46.30
N LEU D 352 13.43 -58.65 45.31
CA LEU D 352 13.78 -58.98 43.94
C LEU D 352 15.29 -59.00 43.73
N ARG D 353 16.03 -58.11 44.40
CA ARG D 353 17.48 -58.10 44.22
C ARG D 353 18.14 -59.31 44.85
N CYS D 354 17.49 -59.93 45.83
CA CYS D 354 18.00 -61.13 46.49
C CYS D 354 17.59 -62.40 45.77
N GLY D 355 16.88 -62.29 44.65
CA GLY D 355 16.56 -63.42 43.83
C GLY D 355 15.15 -63.98 43.95
N ALA D 356 14.22 -63.23 44.55
CA ALA D 356 12.83 -63.68 44.64
C ALA D 356 12.27 -63.99 43.25
N ARG D 357 11.38 -64.97 43.18
CA ARG D 357 10.74 -65.29 41.92
C ARG D 357 9.49 -64.46 41.69
N ARG D 358 8.82 -64.08 42.77
CA ARG D 358 7.50 -63.45 42.80
C ARG D 358 7.36 -62.77 44.15
N VAL D 359 6.80 -61.56 44.17
CA VAL D 359 6.61 -60.84 45.44
C VAL D 359 5.16 -60.38 45.52
N PHE D 360 4.53 -60.67 46.66
CA PHE D 360 3.16 -60.25 46.95
C PHE D 360 3.20 -59.27 48.11
N LEU D 361 2.72 -58.05 47.90
CA LEU D 361 2.42 -57.15 49.02
C LEU D 361 0.99 -57.43 49.48
N VAL D 362 0.82 -57.79 50.75
CA VAL D 362 -0.48 -58.15 51.30
C VAL D 362 -0.78 -57.19 52.43
N PHE D 363 -1.92 -56.49 52.35
CA PHE D 363 -2.26 -55.53 53.38
C PHE D 363 -3.71 -55.69 53.81
N ARG D 364 -3.99 -55.24 55.03
CA ARG D 364 -5.23 -55.54 55.71
C ARG D 364 -6.32 -54.51 55.46
N LYS D 365 -6.01 -53.44 54.72
CA LYS D 365 -7.05 -52.54 54.27
C LYS D 365 -7.05 -52.54 52.75
N GLY D 366 -7.59 -51.48 52.14
CA GLY D 366 -7.73 -51.41 50.70
C GLY D 366 -6.65 -50.59 50.02
N PHE D 367 -6.80 -50.47 48.71
CA PHE D 367 -5.92 -49.63 47.92
C PHE D 367 -5.97 -48.18 48.30
N VAL D 368 -7.18 -47.65 48.45
CA VAL D 368 -7.35 -46.27 48.82
C VAL D 368 -6.70 -45.97 50.16
N ASN D 369 -6.40 -47.00 50.96
CA ASN D 369 -5.83 -46.83 52.29
C ASN D 369 -4.32 -47.03 52.33
N ILE D 370 -3.68 -47.37 51.22
CA ILE D 370 -2.22 -47.39 51.21
C ILE D 370 -1.73 -46.00 51.57
N ARG D 371 -0.79 -45.92 52.51
CA ARG D 371 -0.31 -44.63 52.96
C ARG D 371 1.09 -44.31 52.46
N ALA D 372 1.76 -45.27 51.83
CA ALA D 372 2.97 -44.99 51.08
C ALA D 372 2.73 -43.91 50.03
N VAL D 373 3.75 -43.10 49.76
CA VAL D 373 3.60 -42.08 48.72
C VAL D 373 3.57 -42.75 47.35
N PRO D 374 2.90 -42.13 46.37
CA PRO D 374 2.78 -42.78 45.06
C PRO D 374 4.10 -43.14 44.40
N GLU D 375 5.14 -42.32 44.54
CA GLU D 375 6.40 -42.64 43.88
C GLU D 375 7.05 -43.90 44.48
N GLU D 376 6.89 -44.11 45.79
CA GLU D 376 7.31 -45.36 46.42
C GLU D 376 6.53 -46.55 45.85
N VAL D 377 5.19 -46.43 45.81
CA VAL D 377 4.34 -47.49 45.28
C VAL D 377 4.71 -47.82 43.84
N GLU D 378 5.03 -46.81 43.04
CA GLU D 378 5.20 -47.03 41.62
C GLU D 378 6.43 -47.89 41.32
N LEU D 379 7.46 -47.83 42.18
CA LEU D 379 8.65 -48.65 41.92
C LEU D 379 8.32 -50.13 42.05
N ALA D 380 7.61 -50.51 43.11
CA ALA D 380 7.14 -51.89 43.25
C ALA D 380 6.20 -52.26 42.10
N LYS D 381 5.29 -51.36 41.74
CA LYS D 381 4.37 -51.62 40.63
C LYS D 381 5.11 -51.92 39.33
N GLU D 382 6.05 -51.05 38.95
CA GLU D 382 6.73 -51.24 37.67
C GLU D 382 7.65 -52.47 37.69
N GLU D 383 8.01 -52.96 38.86
CA GLU D 383 8.77 -54.19 38.95
C GLU D 383 7.86 -55.41 39.12
N LYS D 384 6.56 -55.26 38.86
CA LYS D 384 5.62 -56.38 38.73
C LYS D 384 5.37 -57.08 40.06
N CYS D 385 5.43 -56.34 41.16
CA CYS D 385 4.98 -56.88 42.43
C CYS D 385 3.47 -57.06 42.42
N GLU D 386 2.98 -58.15 42.99
CA GLU D 386 1.54 -58.36 43.15
C GLU D 386 1.03 -57.64 44.40
N PHE D 387 -0.24 -57.24 44.38
CA PHE D 387 -0.86 -56.51 45.49
C PHE D 387 -2.13 -57.22 45.93
N LEU D 388 -2.22 -57.56 47.21
CA LEU D 388 -3.39 -58.25 47.75
C LEU D 388 -3.98 -57.42 48.88
N PRO D 389 -5.12 -56.76 48.67
CA PRO D 389 -5.73 -55.95 49.73
C PRO D 389 -6.72 -56.72 50.60
N PHE D 390 -7.12 -56.07 51.69
CA PHE D 390 -8.22 -56.54 52.56
C PHE D 390 -7.93 -57.91 53.18
N LEU D 391 -6.67 -58.15 53.54
CA LEU D 391 -6.29 -59.44 54.09
C LEU D 391 -5.45 -59.25 55.35
N SER D 392 -5.88 -59.88 56.44
CA SER D 392 -5.18 -59.85 57.73
C SER D 392 -4.57 -61.21 58.01
N PRO D 393 -3.28 -61.29 58.36
CA PRO D 393 -2.66 -62.59 58.59
C PRO D 393 -3.16 -63.26 59.85
N ARG D 394 -3.28 -64.59 59.77
CA ARG D 394 -3.78 -65.43 60.86
C ARG D 394 -2.78 -66.49 61.29
N LYS D 395 -2.22 -67.25 60.35
CA LYS D 395 -1.18 -68.23 60.63
C LYS D 395 -0.16 -68.39 59.53
N VAL D 396 1.05 -68.71 59.99
CA VAL D 396 2.12 -69.15 59.11
C VAL D 396 2.16 -70.67 59.18
N ILE D 397 2.06 -71.32 58.02
CA ILE D 397 2.18 -72.77 57.91
C ILE D 397 3.65 -73.13 57.75
N VAL D 398 4.13 -74.06 58.59
CA VAL D 398 5.51 -74.55 58.56
C VAL D 398 5.49 -76.06 58.37
N LYS D 399 6.23 -76.56 57.38
CA LYS D 399 6.43 -78.00 57.23
C LYS D 399 7.89 -78.27 56.92
N GLY D 400 8.37 -79.43 57.34
CA GLY D 400 9.76 -79.77 57.07
C GLY D 400 10.71 -78.64 57.40
N GLY D 401 10.38 -77.88 58.45
CA GLY D 401 11.20 -76.80 58.94
C GLY D 401 11.18 -75.52 58.12
N ARG D 402 10.31 -75.40 57.12
CA ARG D 402 10.30 -74.20 56.29
C ARG D 402 8.89 -73.66 56.19
N ILE D 403 8.76 -72.35 55.99
CA ILE D 403 7.47 -71.78 55.68
C ILE D 403 7.00 -72.28 54.32
N VAL D 404 5.74 -72.70 54.25
CA VAL D 404 5.11 -73.04 52.97
C VAL D 404 3.89 -72.19 52.65
N ALA D 405 3.24 -71.54 53.62
CA ALA D 405 2.04 -70.79 53.31
C ALA D 405 1.75 -69.81 54.44
N VAL D 406 0.98 -68.78 54.12
CA VAL D 406 0.38 -67.93 55.16
C VAL D 406 -1.12 -67.92 54.97
N GLN D 407 -1.83 -67.99 56.09
CA GLN D 407 -3.29 -68.07 56.12
C GLN D 407 -3.82 -66.72 56.58
N PHE D 408 -4.78 -66.17 55.84
CA PHE D 408 -5.31 -64.84 56.09
C PHE D 408 -6.81 -64.91 56.31
N VAL D 409 -7.35 -63.85 56.92
CA VAL D 409 -8.79 -63.66 56.90
C VAL D 409 -9.10 -62.36 56.19
N ARG D 410 -10.26 -62.32 55.57
CA ARG D 410 -10.70 -61.13 54.87
C ARG D 410 -11.10 -60.04 55.86
N THR D 411 -10.80 -58.80 55.50
CA THR D 411 -11.22 -57.65 56.27
C THR D 411 -12.22 -56.81 55.48
N GLU D 412 -13.00 -56.04 56.21
CA GLU D 412 -13.94 -55.13 55.56
C GLU D 412 -14.34 -54.06 56.56
N GLN D 413 -14.66 -52.89 56.02
CA GLN D 413 -15.29 -51.82 56.77
C GLN D 413 -16.79 -52.04 56.75
N ASP D 414 -17.42 -52.06 57.93
CA ASP D 414 -18.87 -52.08 57.96
C ASP D 414 -19.39 -50.72 57.49
N GLU D 415 -20.23 -50.06 58.27
CA GLU D 415 -20.63 -48.71 57.86
C GLU D 415 -20.53 -47.72 59.01
N THR D 416 -19.96 -48.10 60.14
CA THR D 416 -19.39 -47.15 61.08
C THR D 416 -17.91 -46.91 60.83
N GLY D 417 -17.36 -47.46 59.73
CA GLY D 417 -15.96 -47.32 59.43
C GLY D 417 -15.04 -48.21 60.24
N LYS D 418 -15.53 -48.89 61.27
CA LYS D 418 -14.78 -49.92 61.95
C LYS D 418 -14.27 -50.96 60.96
N TRP D 419 -13.10 -51.51 61.26
CA TRP D 419 -12.55 -52.59 60.45
C TRP D 419 -12.80 -53.92 61.13
N ASN D 420 -13.40 -54.84 60.39
CA ASN D 420 -13.76 -56.17 60.86
C ASN D 420 -12.93 -57.23 60.15
N GLU D 421 -12.80 -58.39 60.78
CA GLU D 421 -12.32 -59.59 60.14
C GLU D 421 -13.50 -60.53 59.95
N ASP D 422 -13.53 -61.22 58.81
CA ASP D 422 -14.59 -62.17 58.50
C ASP D 422 -13.99 -63.58 58.53
N GLU D 423 -14.33 -64.33 59.60
CA GLU D 423 -13.66 -65.61 59.88
C GLU D 423 -14.02 -66.69 58.87
N ASP D 424 -15.17 -66.60 58.22
CA ASP D 424 -15.53 -67.58 57.21
C ASP D 424 -14.89 -67.31 55.86
N GLN D 425 -14.13 -66.23 55.71
CA GLN D 425 -13.56 -65.81 54.42
C GLN D 425 -12.05 -65.78 54.55
N ILE D 426 -11.42 -66.87 54.14
CA ILE D 426 -10.01 -67.14 54.39
C ILE D 426 -9.27 -67.20 53.07
N VAL D 427 -7.96 -66.99 53.13
CA VAL D 427 -7.07 -67.18 51.99
C VAL D 427 -5.86 -67.99 52.45
N HIS D 428 -5.54 -69.04 51.71
CA HIS D 428 -4.34 -69.86 51.93
C HIS D 428 -3.38 -69.50 50.81
N LEU D 429 -2.41 -68.65 51.12
CA LEU D 429 -1.48 -68.12 50.13
C LEU D 429 -0.13 -68.80 50.28
N LYS D 430 0.31 -69.48 49.21
CA LYS D 430 1.59 -70.17 49.24
C LYS D 430 2.75 -69.18 49.31
N ALA D 431 3.79 -69.52 50.08
CA ALA D 431 4.91 -68.62 50.24
C ALA D 431 6.12 -69.39 50.76
N ASP D 432 7.31 -68.96 50.36
CA ASP D 432 8.54 -69.49 50.92
C ASP D 432 9.23 -68.54 51.88
N VAL D 433 8.96 -67.24 51.77
CA VAL D 433 9.56 -66.21 52.60
C VAL D 433 8.46 -65.25 53.02
N VAL D 434 8.52 -64.77 54.25
CA VAL D 434 7.58 -63.80 54.79
C VAL D 434 8.38 -62.67 55.44
N ILE D 435 8.07 -61.42 55.09
CA ILE D 435 8.76 -60.25 55.64
C ILE D 435 7.67 -59.34 56.19
N SER D 436 7.65 -59.17 57.52
CA SER D 436 6.68 -58.25 58.10
C SER D 436 7.25 -56.83 58.08
N ALA D 437 6.46 -55.89 57.56
CA ALA D 437 6.86 -54.49 57.56
C ALA D 437 5.82 -53.68 58.34
N PHE D 438 5.67 -54.00 59.62
CA PHE D 438 4.61 -53.45 60.45
C PHE D 438 5.02 -52.15 61.14
N GLY D 439 6.23 -51.66 60.89
CA GLY D 439 6.72 -50.46 61.54
C GLY D 439 7.75 -50.78 62.62
N SER D 440 8.09 -49.74 63.38
CA SER D 440 9.16 -49.83 64.35
C SER D 440 8.72 -49.13 65.63
N VAL D 441 9.40 -49.46 66.72
CA VAL D 441 9.03 -49.03 68.08
C VAL D 441 10.30 -48.92 68.89
N LEU D 442 10.18 -48.27 70.05
CA LEU D 442 11.19 -48.32 71.10
C LEU D 442 10.60 -49.14 72.24
N ARG D 443 11.13 -50.35 72.42
CA ARG D 443 10.60 -51.31 73.38
C ARG D 443 11.63 -51.80 74.40
N ASP D 444 12.92 -51.70 74.09
CA ASP D 444 14.00 -52.15 74.96
C ASP D 444 13.89 -51.50 76.33
N PRO D 445 13.56 -52.26 77.38
CA PRO D 445 13.45 -51.64 78.71
C PRO D 445 14.73 -51.01 79.18
N LYS D 446 15.88 -51.58 78.80
CA LYS D 446 17.15 -51.04 79.28
C LYS D 446 17.49 -49.71 78.62
N VAL D 447 17.02 -49.47 77.39
CA VAL D 447 17.22 -48.17 76.75
C VAL D 447 16.31 -47.13 77.39
N LYS D 448 15.05 -47.50 77.61
CA LYS D 448 14.12 -46.55 78.19
C LYS D 448 14.53 -46.17 79.60
N GLU D 449 15.04 -47.14 80.38
CA GLU D 449 15.47 -46.82 81.73
C GLU D 449 16.65 -45.87 81.71
N ALA D 450 17.54 -45.98 80.72
CA ALA D 450 18.65 -45.04 80.56
C ALA D 450 18.18 -43.62 80.33
N LEU D 451 16.90 -43.43 80.01
CA LEU D 451 16.31 -42.12 79.77
C LEU D 451 15.62 -41.55 81.01
N SER D 452 15.67 -42.27 82.11
CA SER D 452 15.17 -41.76 83.37
C SER D 452 15.86 -40.45 83.70
N PRO D 453 15.13 -39.42 84.13
CA PRO D 453 13.71 -39.53 84.43
C PRO D 453 12.76 -38.77 83.49
N ILE D 454 13.06 -38.68 82.19
CA ILE D 454 12.23 -37.85 81.32
C ILE D 454 10.85 -38.47 81.20
N LYS D 455 9.85 -37.62 81.00
CA LYS D 455 8.48 -38.11 80.87
C LYS D 455 8.23 -38.71 79.49
N PHE D 456 7.53 -39.85 79.48
CA PHE D 456 7.07 -40.48 78.26
C PHE D 456 5.55 -40.27 78.10
N ASN D 457 5.07 -40.31 76.87
CA ASN D 457 3.65 -40.07 76.63
C ASN D 457 2.92 -41.38 76.35
N ARG D 458 1.63 -41.22 76.02
CA ARG D 458 0.75 -42.29 75.58
C ARG D 458 1.42 -43.32 74.68
N TRP D 459 2.17 -42.87 73.68
CA TRP D 459 2.71 -43.74 72.64
C TRP D 459 4.05 -44.34 73.02
N ASP D 460 4.42 -44.31 74.30
CA ASP D 460 5.73 -44.80 74.77
C ASP D 460 6.89 -44.02 74.20
N LEU D 461 6.69 -42.73 73.92
CA LEU D 461 7.78 -41.97 73.35
C LEU D 461 8.11 -40.80 74.27
N PRO D 462 9.36 -40.34 74.28
CA PRO D 462 9.71 -39.15 75.06
C PRO D 462 8.89 -37.94 74.62
N GLU D 463 8.30 -37.25 75.58
CA GLU D 463 7.56 -36.03 75.30
C GLU D 463 8.50 -34.85 75.12
N VAL D 464 8.26 -34.04 74.09
CA VAL D 464 9.00 -32.80 73.91
C VAL D 464 8.03 -31.66 73.69
N ASP D 465 8.47 -30.48 74.07
CA ASP D 465 7.82 -29.27 73.61
C ASP D 465 8.02 -29.18 72.09
N PRO D 466 6.95 -29.12 71.29
CA PRO D 466 7.13 -29.20 69.82
C PRO D 466 7.82 -27.99 69.21
N GLU D 467 7.90 -26.87 69.93
CA GLU D 467 8.61 -25.70 69.43
C GLU D 467 10.09 -25.75 69.78
N THR D 468 10.44 -26.28 70.94
CA THR D 468 11.82 -26.27 71.39
C THR D 468 12.52 -27.60 71.32
N MET D 469 11.78 -28.72 71.21
CA MET D 469 12.36 -30.06 71.26
C MET D 469 12.93 -30.43 72.62
N GLN D 470 12.56 -29.70 73.68
CA GLN D 470 13.06 -29.97 75.02
C GLN D 470 12.21 -31.03 75.70
N THR D 471 12.86 -31.97 76.40
CA THR D 471 12.12 -32.95 77.18
C THR D 471 11.72 -32.35 78.52
N SER D 472 11.17 -33.18 79.40
CA SER D 472 10.85 -32.70 80.75
C SER D 472 12.10 -32.39 81.57
N GLU D 473 13.26 -32.94 81.20
CA GLU D 473 14.51 -32.50 81.80
C GLU D 473 15.13 -31.40 80.93
N PRO D 474 15.38 -30.21 81.46
CA PRO D 474 15.71 -29.08 80.58
C PRO D 474 17.02 -29.21 79.84
N TRP D 475 17.96 -30.03 80.31
CA TRP D 475 19.20 -30.20 79.58
C TRP D 475 19.14 -31.30 78.54
N VAL D 476 17.98 -31.97 78.40
CA VAL D 476 17.84 -33.09 77.47
C VAL D 476 16.83 -32.70 76.40
N PHE D 477 17.18 -32.92 75.13
CA PHE D 477 16.33 -32.65 73.98
C PHE D 477 16.20 -33.92 73.16
N ALA D 478 15.20 -33.97 72.28
CA ALA D 478 15.03 -35.15 71.43
C ALA D 478 14.38 -34.73 70.12
N GLY D 479 14.51 -35.58 69.10
CA GLY D 479 13.91 -35.29 67.82
C GLY D 479 14.14 -36.42 66.85
N GLY D 480 13.47 -36.34 65.71
CA GLY D 480 13.53 -37.42 64.75
C GLY D 480 12.49 -38.48 65.05
N ASP D 481 12.76 -39.70 64.59
CA ASP D 481 11.76 -40.77 64.71
C ASP D 481 11.38 -41.06 66.16
N ILE D 482 12.32 -40.90 67.11
CA ILE D 482 12.04 -41.21 68.51
C ILE D 482 10.94 -40.32 69.10
N VAL D 483 10.72 -39.14 68.52
CA VAL D 483 9.67 -38.26 69.03
C VAL D 483 8.33 -38.57 68.38
N GLY D 484 8.33 -39.22 67.21
CA GLY D 484 7.11 -39.70 66.62
C GLY D 484 6.36 -38.74 65.75
N MET D 485 6.85 -37.51 65.56
CA MET D 485 6.20 -36.62 64.59
C MET D 485 6.77 -36.80 63.18
N ALA D 486 8.10 -36.84 63.08
CA ALA D 486 8.76 -36.98 61.79
C ALA D 486 8.38 -38.28 61.11
N ASN D 487 8.06 -38.20 59.81
CA ASN D 487 7.83 -39.37 58.97
C ASN D 487 8.87 -39.50 57.87
N THR D 488 9.89 -38.64 57.86
CA THR D 488 10.79 -38.47 56.73
C THR D 488 12.16 -38.06 57.24
N THR D 489 13.16 -38.31 56.39
CA THR D 489 14.50 -37.79 56.65
C THR D 489 14.50 -36.28 56.87
N VAL D 490 13.78 -35.55 56.01
CA VAL D 490 13.85 -34.09 56.06
C VAL D 490 13.24 -33.55 57.36
N GLU D 491 12.15 -34.18 57.84
CA GLU D 491 11.58 -33.78 59.12
C GLU D 491 12.51 -34.11 60.28
N SER D 492 13.21 -35.24 60.21
CA SER D 492 14.17 -35.57 61.27
C SER D 492 15.34 -34.60 61.26
N VAL D 493 15.79 -34.22 60.07
CA VAL D 493 16.77 -33.14 59.95
C VAL D 493 16.23 -31.86 60.57
N ASN D 494 14.98 -31.53 60.26
CA ASN D 494 14.44 -30.27 60.79
C ASN D 494 14.31 -30.32 62.32
N ASP D 495 13.96 -31.48 62.87
CA ASP D 495 13.93 -31.64 64.33
C ASP D 495 15.27 -31.30 64.96
N GLY D 496 16.37 -31.78 64.39
CA GLY D 496 17.67 -31.50 64.98
C GLY D 496 18.05 -30.04 64.84
N LYS D 497 17.65 -29.43 63.71
CA LYS D 497 17.85 -28.01 63.46
C LYS D 497 17.10 -27.16 64.47
N GLN D 498 15.81 -27.48 64.66
CA GLN D 498 14.99 -26.78 65.65
C GLN D 498 15.59 -26.89 67.05
N ALA D 499 15.98 -28.11 67.44
CA ALA D 499 16.56 -28.32 68.76
C ALA D 499 17.86 -27.53 68.95
N SER D 500 18.67 -27.41 67.88
CA SER D 500 19.98 -26.82 68.04
C SER D 500 19.89 -25.39 68.58
N TRP D 501 18.90 -24.62 68.09
CA TRP D 501 18.76 -23.26 68.60
C TRP D 501 18.45 -23.25 70.08
N TYR D 502 17.60 -24.17 70.53
CA TYR D 502 17.16 -24.11 71.93
C TYR D 502 18.15 -24.80 72.86
N ILE D 503 18.90 -25.79 72.37
CA ILE D 503 20.07 -26.25 73.11
C ILE D 503 21.03 -25.10 73.31
N HIS D 504 21.27 -24.33 72.24
CA HIS D 504 22.16 -23.18 72.33
C HIS D 504 21.67 -22.21 73.40
N LYS D 505 20.39 -21.85 73.35
CA LYS D 505 19.76 -20.99 74.35
C LYS D 505 19.95 -21.53 75.76
N TYR D 506 19.66 -22.82 75.95
CA TYR D 506 19.78 -23.42 77.27
C TYR D 506 21.21 -23.35 77.78
N ILE D 507 22.18 -23.74 76.94
CA ILE D 507 23.57 -23.79 77.40
C ILE D 507 24.05 -22.39 77.76
N GLN D 508 23.77 -21.42 76.89
CA GLN D 508 24.20 -20.04 77.16
C GLN D 508 23.64 -19.56 78.48
N ALA D 509 22.33 -19.78 78.70
CA ALA D 509 21.71 -19.37 79.97
C ALA D 509 22.42 -20.02 81.16
N GLN D 510 22.82 -21.28 81.02
CA GLN D 510 23.50 -21.94 82.13
C GLN D 510 24.80 -21.24 82.47
N TYR D 511 25.45 -20.63 81.47
CA TYR D 511 26.68 -19.88 81.71
C TYR D 511 26.42 -18.41 81.97
N GLY D 512 25.15 -18.01 82.13
CA GLY D 512 24.83 -16.62 82.44
C GLY D 512 24.78 -15.70 81.25
N ALA D 513 24.54 -16.23 80.05
CA ALA D 513 24.51 -15.43 78.83
C ALA D 513 23.14 -15.55 78.17
N SER D 514 22.69 -14.46 77.59
CA SER D 514 21.45 -14.43 76.82
C SER D 514 21.76 -14.57 75.33
N VAL D 515 20.71 -14.88 74.55
CA VAL D 515 20.80 -15.00 73.10
C VAL D 515 19.67 -14.17 72.49
N SER D 516 19.74 -13.99 71.17
CA SER D 516 18.78 -13.13 70.50
C SER D 516 17.36 -13.64 70.72
N ALA D 517 16.41 -12.70 70.81
CA ALA D 517 15.01 -13.09 70.85
C ALA D 517 14.56 -13.67 69.51
N LYS D 518 15.25 -13.35 68.42
CA LYS D 518 14.99 -13.98 67.13
C LYS D 518 16.01 -15.08 66.84
N PRO D 519 15.57 -16.33 66.67
CA PRO D 519 16.49 -17.41 66.30
C PRO D 519 17.27 -17.10 65.03
N GLU D 520 18.56 -17.43 65.05
CA GLU D 520 19.49 -17.01 63.99
C GLU D 520 20.52 -18.13 63.80
N LEU D 521 20.18 -19.11 62.97
CA LEU D 521 21.21 -20.15 62.78
C LEU D 521 22.12 -19.77 61.61
N PRO D 522 23.42 -20.04 61.68
CA PRO D 522 24.30 -19.62 60.58
C PRO D 522 24.04 -20.39 59.30
N LEU D 523 24.53 -19.83 58.20
CA LEU D 523 24.44 -20.50 56.92
C LEU D 523 25.59 -21.50 56.80
N PHE D 524 25.67 -22.15 55.63
CA PHE D 524 26.70 -23.14 55.31
C PHE D 524 27.80 -22.43 54.54
N TYR D 525 29.07 -22.67 54.91
CA TYR D 525 30.19 -21.99 54.28
C TYR D 525 31.28 -22.97 53.86
N THR D 526 32.00 -22.57 52.80
CA THR D 526 33.16 -23.27 52.24
C THR D 526 34.26 -22.24 51.95
N PRO D 527 35.48 -22.66 51.56
CA PRO D 527 36.49 -21.67 51.18
C PRO D 527 36.10 -20.79 50.00
N VAL D 528 35.22 -21.28 49.11
CA VAL D 528 34.73 -20.44 48.01
C VAL D 528 34.24 -19.09 48.53
N ASP D 529 33.60 -19.08 49.70
CA ASP D 529 32.93 -17.88 50.17
C ASP D 529 33.91 -16.80 50.58
N LEU D 530 35.19 -17.13 50.74
CA LEU D 530 36.20 -16.15 51.11
C LEU D 530 36.86 -15.50 49.90
N VAL D 531 36.51 -15.94 48.69
CA VAL D 531 37.13 -15.43 47.47
C VAL D 531 36.78 -13.97 47.29
N ASP D 532 37.79 -13.14 47.00
CA ASP D 532 37.64 -11.70 46.86
C ASP D 532 37.20 -11.40 45.43
N ILE D 533 36.03 -10.75 45.26
CA ILE D 533 35.58 -10.39 43.91
C ILE D 533 35.45 -8.88 43.76
N SER D 534 36.21 -8.12 44.54
CA SER D 534 36.25 -6.68 44.35
C SER D 534 37.06 -6.33 43.10
N VAL D 535 36.84 -5.13 42.59
CA VAL D 535 37.58 -4.67 41.42
C VAL D 535 37.69 -3.16 41.50
N GLU D 536 38.83 -2.62 41.07
CA GLU D 536 39.07 -1.18 40.99
C GLU D 536 38.97 -0.75 39.51
N MET D 537 38.19 0.31 39.24
CA MET D 537 38.25 0.83 37.88
C MET D 537 37.99 2.32 37.88
N ALA D 538 38.77 3.04 37.06
CA ALA D 538 38.69 4.50 36.95
C ALA D 538 38.83 5.20 38.30
N GLY D 539 39.68 4.64 39.18
CA GLY D 539 39.88 5.16 40.52
C GLY D 539 38.76 4.84 41.51
N LEU D 540 37.77 4.05 41.12
CA LEU D 540 36.67 3.68 41.99
C LEU D 540 36.83 2.25 42.47
N LYS D 541 36.53 2.00 43.74
CA LYS D 541 36.55 0.65 44.30
C LYS D 541 35.14 0.08 44.30
N PHE D 542 34.95 -1.04 43.59
CA PHE D 542 33.69 -1.78 43.55
C PHE D 542 33.80 -3.01 44.45
N ILE D 543 32.85 -3.18 45.37
CA ILE D 543 32.95 -4.31 46.28
C ILE D 543 32.68 -5.62 45.55
N ASN D 544 31.86 -5.56 44.50
CA ASN D 544 31.75 -6.64 43.53
C ASN D 544 31.43 -5.99 42.19
N PRO D 545 31.60 -6.71 41.08
CA PRO D 545 31.46 -6.07 39.76
C PRO D 545 30.04 -5.95 39.23
N PHE D 546 29.01 -6.36 39.96
CA PHE D 546 27.65 -6.36 39.43
C PHE D 546 26.91 -5.09 39.85
N GLY D 547 26.27 -4.43 38.88
CA GLY D 547 25.52 -3.23 39.17
C GLY D 547 24.24 -3.18 38.37
N LEU D 548 23.31 -2.34 38.84
CA LEU D 548 22.07 -2.12 38.10
C LEU D 548 22.27 -1.10 36.99
N ALA D 549 21.88 -1.47 35.77
CA ALA D 549 21.91 -0.53 34.66
C ALA D 549 20.91 0.61 34.91
N SER D 550 21.11 1.70 34.17
CA SER D 550 20.14 2.79 34.15
C SER D 550 18.93 2.30 33.37
N ALA D 551 17.84 1.96 34.08
CA ALA D 551 16.72 1.28 33.42
C ALA D 551 15.55 1.14 34.40
N ALA D 552 14.57 0.32 34.02
CA ALA D 552 13.39 0.16 34.87
C ALA D 552 13.69 -0.29 36.30
N PRO D 553 14.63 -1.21 36.56
CA PRO D 553 14.95 -1.53 37.96
C PRO D 553 15.53 -0.37 38.77
N THR D 554 15.89 0.75 38.14
CA THR D 554 16.30 1.96 38.87
C THR D 554 15.31 3.12 38.67
N THR D 555 14.04 2.76 38.44
CA THR D 555 12.97 3.75 38.30
C THR D 555 12.92 4.73 39.49
N SER D 556 13.14 4.22 40.70
CA SER D 556 13.08 5.03 41.92
C SER D 556 14.32 4.77 42.78
N SER D 557 14.74 5.78 43.55
CA SER D 557 15.91 5.57 44.40
C SER D 557 15.64 4.60 45.55
N SER D 558 14.37 4.41 45.96
CA SER D 558 14.06 3.44 47.02
C SER D 558 14.37 2.03 46.54
N MET D 559 14.36 1.84 45.24
CA MET D 559 14.64 0.59 44.59
C MET D 559 16.15 0.32 44.68
N ILE D 560 16.94 1.35 44.40
CA ILE D 560 18.40 1.24 44.52
C ILE D 560 18.80 0.93 45.96
N ARG D 561 18.15 1.58 46.92
CA ARG D 561 18.40 1.27 48.33
C ARG D 561 18.22 -0.23 48.60
N ARG D 562 17.11 -0.79 48.16
CA ARG D 562 16.90 -2.23 48.40
C ARG D 562 17.88 -3.09 47.62
N ALA D 563 18.29 -2.63 46.43
CA ALA D 563 19.32 -3.35 45.69
C ALA D 563 20.63 -3.37 46.45
N PHE D 564 21.01 -2.23 47.05
CA PHE D 564 22.24 -2.23 47.83
C PHE D 564 22.11 -3.09 49.08
N GLU D 565 20.93 -3.10 49.70
CA GLU D 565 20.70 -3.96 50.86
C GLU D 565 20.75 -5.44 50.49
N ALA D 566 20.42 -5.78 49.24
CA ALA D 566 20.52 -7.16 48.75
C ALA D 566 21.94 -7.56 48.38
N GLY D 567 22.81 -6.61 48.07
CA GLY D 567 24.20 -6.94 47.86
C GLY D 567 24.81 -6.42 46.56
N TRP D 568 24.03 -5.68 45.75
CA TRP D 568 24.55 -5.20 44.48
C TRP D 568 25.72 -4.25 44.73
N GLY D 569 26.77 -4.41 43.93
CA GLY D 569 27.96 -3.58 44.09
C GLY D 569 27.76 -2.12 43.70
N PHE D 570 26.93 -1.85 42.69
CA PHE D 570 26.71 -0.47 42.27
C PHE D 570 25.38 -0.34 41.55
N ALA D 571 25.01 0.89 41.26
CA ALA D 571 23.76 1.14 40.56
C ALA D 571 23.87 2.46 39.81
N LEU D 572 23.23 2.51 38.66
CA LEU D 572 22.99 3.74 37.93
C LEU D 572 21.63 4.30 38.36
N THR D 573 21.50 5.62 38.36
CA THR D 573 20.14 6.16 38.37
C THR D 573 19.50 5.95 36.99
N LYS D 574 18.18 5.91 36.94
CA LYS D 574 17.53 6.17 35.66
C LYS D 574 18.06 7.49 35.13
N THR D 575 18.12 7.61 33.80
CA THR D 575 18.65 8.82 33.19
C THR D 575 17.74 10.00 33.52
N PHE D 576 18.30 11.07 34.05
CA PHE D 576 17.49 12.23 34.36
C PHE D 576 18.03 13.47 33.66
N SER D 577 17.19 14.48 33.56
CA SER D 577 17.49 15.69 32.80
C SER D 577 17.07 16.93 33.58
N LEU D 578 17.40 18.08 33.02
CA LEU D 578 16.98 19.36 33.55
C LEU D 578 15.47 19.55 33.42
N ASP D 579 14.95 20.47 34.25
CA ASP D 579 13.51 20.71 34.34
C ASP D 579 12.89 21.01 32.96
N LYS D 580 13.60 21.77 32.13
CA LYS D 580 13.03 22.14 30.84
C LYS D 580 12.85 20.95 29.90
N ASP D 581 13.52 19.84 30.18
CA ASP D 581 13.46 18.66 29.32
C ASP D 581 12.49 17.60 29.85
N ILE D 582 11.59 17.99 30.75
CA ILE D 582 10.62 17.07 31.32
C ILE D 582 9.86 16.33 30.21
N VAL D 583 9.60 15.05 30.44
CA VAL D 583 8.91 14.19 29.47
C VAL D 583 7.74 13.50 30.17
N THR D 584 6.90 12.88 29.34
CA THR D 584 5.79 12.07 29.82
C THR D 584 5.81 10.76 29.05
N ASN D 585 6.07 9.65 29.75
CA ASN D 585 6.04 8.33 29.15
C ASN D 585 4.65 8.00 28.60
N VAL D 586 4.63 7.13 27.59
CA VAL D 586 3.40 6.56 27.09
C VAL D 586 3.23 5.18 27.72
N SER D 587 2.06 4.59 27.54
CA SER D 587 1.83 3.21 27.90
C SER D 587 0.93 2.57 26.87
N PRO D 588 1.12 1.27 26.57
CA PRO D 588 2.16 0.34 27.03
C PRO D 588 3.54 0.79 26.53
N ARG D 589 4.63 0.36 27.18
CA ARG D 589 5.95 0.78 26.69
C ARG D 589 7.05 -0.26 26.87
N ILE D 590 6.79 -1.38 27.54
CA ILE D 590 7.78 -2.45 27.67
C ILE D 590 7.08 -3.77 27.38
N VAL D 591 7.63 -4.56 26.47
CA VAL D 591 6.98 -5.78 26.03
C VAL D 591 7.98 -6.93 26.01
N ARG D 592 7.45 -8.15 26.04
CA ARG D 592 8.34 -9.31 26.04
C ARG D 592 8.94 -9.54 24.65
N GLY D 593 10.09 -10.21 24.64
CA GLY D 593 10.71 -10.56 23.39
C GLY D 593 10.01 -11.73 22.72
N THR D 594 10.00 -11.70 21.41
CA THR D 594 9.58 -12.81 20.58
C THR D 594 10.77 -13.57 20.03
N THR D 595 11.97 -13.27 20.54
CA THR D 595 13.22 -13.76 19.98
C THR D 595 13.46 -15.24 20.23
N SER D 596 12.65 -15.89 21.07
CA SER D 596 12.81 -17.33 21.27
C SER D 596 11.46 -18.04 21.28
N GLY D 597 10.51 -17.52 20.52
CA GLY D 597 9.27 -18.23 20.28
C GLY D 597 8.24 -17.94 21.34
N PRO D 598 7.07 -18.60 21.24
CA PRO D 598 6.00 -18.40 22.24
C PRO D 598 6.25 -19.14 23.55
N MET D 599 7.32 -18.75 24.24
CA MET D 599 7.65 -19.26 25.57
C MET D 599 7.45 -18.13 26.58
N TYR D 600 6.48 -18.31 27.49
CA TYR D 600 6.06 -17.29 28.42
C TYR D 600 6.60 -17.56 29.83
N GLY D 601 6.70 -16.49 30.63
CA GLY D 601 7.12 -16.61 32.00
C GLY D 601 8.61 -16.35 32.19
N PRO D 602 9.29 -17.20 32.97
CA PRO D 602 10.69 -16.91 33.32
C PRO D 602 11.60 -16.94 32.11
N GLY D 603 12.72 -16.23 32.21
CA GLY D 603 13.75 -16.37 31.19
C GLY D 603 13.40 -15.82 29.84
N GLN D 604 12.68 -14.70 29.78
CA GLN D 604 12.45 -14.06 28.50
C GLN D 604 13.78 -13.67 27.89
N SER D 605 13.98 -14.03 26.62
CA SER D 605 15.28 -13.84 25.97
C SER D 605 15.51 -12.41 25.51
N SER D 606 14.49 -11.57 25.56
CA SER D 606 14.69 -10.15 25.30
C SER D 606 13.47 -9.40 25.79
N PHE D 607 13.63 -8.08 25.95
CA PHE D 607 12.52 -7.15 26.06
C PHE D 607 12.68 -6.07 24.99
N LEU D 608 11.57 -5.39 24.67
CA LEU D 608 11.66 -4.16 23.89
C LEU D 608 10.96 -3.06 24.66
N ASN D 609 11.57 -1.87 24.68
CA ASN D 609 10.95 -0.75 25.38
C ASN D 609 10.93 0.49 24.49
N ILE D 610 9.90 1.31 24.71
CA ILE D 610 9.87 2.66 24.14
C ILE D 610 9.77 3.67 25.28
N GLU D 611 10.55 3.45 26.33
CA GLU D 611 10.59 4.34 27.48
C GLU D 611 11.56 5.48 27.23
N LEU D 612 11.25 6.65 27.82
CA LEU D 612 12.05 7.87 27.77
C LEU D 612 12.97 7.96 29.00
N ILE D 613 13.52 9.14 29.23
CA ILE D 613 14.25 9.43 30.48
C ILE D 613 13.32 9.32 31.68
N SER D 614 13.92 9.40 32.88
CA SER D 614 13.14 9.42 34.11
C SER D 614 12.11 10.52 34.09
N GLU D 615 10.90 10.20 34.53
CA GLU D 615 9.89 11.21 34.78
C GLU D 615 10.10 11.95 36.09
N LYS D 616 11.03 11.52 36.93
CA LYS D 616 11.32 12.18 38.19
C LYS D 616 12.35 13.30 37.99
N THR D 617 12.28 14.33 38.83
CA THR D 617 13.05 15.56 38.60
C THR D 617 14.52 15.37 38.95
N ALA D 618 15.36 16.27 38.40
CA ALA D 618 16.76 16.29 38.81
C ALA D 618 16.89 16.48 40.31
N ALA D 619 16.02 17.32 40.88
CA ALA D 619 16.08 17.57 42.33
C ALA D 619 15.81 16.30 43.12
N TYR D 620 14.81 15.52 42.72
CA TYR D 620 14.60 14.21 43.32
C TYR D 620 15.85 13.35 43.24
N TRP D 621 16.46 13.27 42.05
CA TRP D 621 17.58 12.35 41.86
C TRP D 621 18.83 12.82 42.61
N CYS D 622 19.11 14.12 42.58
CA CYS D 622 20.27 14.62 43.30
C CYS D 622 20.11 14.42 44.82
N GLN D 623 18.95 14.78 45.38
CA GLN D 623 18.74 14.53 46.80
C GLN D 623 18.87 13.03 47.11
N SER D 624 18.31 12.18 46.24
CA SER D 624 18.39 10.74 46.44
C SER D 624 19.84 10.23 46.43
N VAL D 625 20.64 10.70 45.47
CA VAL D 625 22.05 10.29 45.43
C VAL D 625 22.76 10.67 46.74
N THR D 626 22.52 11.90 47.22
CA THR D 626 23.10 12.27 48.53
C THR D 626 22.67 11.29 49.62
N GLU D 627 21.40 10.93 49.65
CA GLU D 627 20.92 10.00 50.68
C GLU D 627 21.57 8.64 50.52
N LEU D 628 21.62 8.13 49.28
CA LEU D 628 22.18 6.80 49.05
C LEU D 628 23.65 6.76 49.40
N LYS D 629 24.42 7.78 49.03
CA LYS D 629 25.85 7.74 49.33
C LYS D 629 26.11 7.96 50.80
N ALA D 630 25.22 8.68 51.49
CA ALA D 630 25.35 8.81 52.94
C ALA D 630 25.19 7.47 53.62
N ASP D 631 24.24 6.66 53.15
CA ASP D 631 23.89 5.42 53.84
C ASP D 631 24.69 4.22 53.37
N PHE D 632 25.19 4.24 52.13
CA PHE D 632 25.92 3.12 51.55
C PHE D 632 27.23 3.64 50.97
N PRO D 633 28.16 4.09 51.82
CA PRO D 633 29.39 4.69 51.29
C PRO D 633 30.23 3.74 50.44
N ASP D 634 30.16 2.42 50.68
CA ASP D 634 30.94 1.48 49.87
C ASP D 634 30.23 1.04 48.59
N ASN D 635 28.98 1.42 48.38
CA ASN D 635 28.29 1.07 47.13
C ASN D 635 28.40 2.24 46.16
N ILE D 636 28.86 1.94 44.95
CA ILE D 636 29.10 2.99 43.96
C ILE D 636 27.78 3.43 43.35
N VAL D 637 27.57 4.74 43.28
CA VAL D 637 26.36 5.33 42.69
C VAL D 637 26.79 6.19 41.51
N ILE D 638 26.25 5.89 40.34
CA ILE D 638 26.57 6.60 39.10
C ILE D 638 25.30 7.29 38.63
N ALA D 639 25.36 8.61 38.47
CA ALA D 639 24.21 9.37 37.97
C ALA D 639 24.21 9.36 36.44
N SER D 640 23.14 8.83 35.85
CA SER D 640 22.97 8.90 34.39
C SER D 640 22.21 10.17 34.05
N ILE D 641 22.75 10.96 33.10
CA ILE D 641 22.21 12.27 32.79
C ILE D 641 22.12 12.44 31.28
N MET D 642 21.19 13.30 30.85
CA MET D 642 21.12 13.58 29.43
C MET D 642 20.69 15.04 29.24
N CYS D 643 21.26 15.70 28.23
CA CYS D 643 20.85 17.02 27.77
C CYS D 643 20.78 17.02 26.26
N SER D 644 20.14 18.05 25.70
CA SER D 644 20.26 18.26 24.26
C SER D 644 21.66 18.79 23.93
N TYR D 645 21.94 18.98 22.64
CA TYR D 645 23.28 19.35 22.19
C TYR D 645 23.52 20.82 22.53
N ASN D 646 23.92 21.06 23.77
CA ASN D 646 24.00 22.43 24.28
C ASN D 646 25.03 22.44 25.41
N LYS D 647 26.07 23.27 25.27
CA LYS D 647 27.19 23.21 26.20
C LYS D 647 26.76 23.61 27.61
N ASN D 648 25.97 24.68 27.73
CA ASN D 648 25.63 25.19 29.05
C ASN D 648 24.77 24.18 29.82
N ASP D 649 23.87 23.48 29.12
CA ASP D 649 23.03 22.47 29.75
C ASP D 649 23.86 21.30 30.29
N TRP D 650 24.71 20.71 29.45
CA TRP D 650 25.54 19.60 29.92
C TRP D 650 26.41 20.00 31.11
N MET D 651 26.98 21.20 31.08
CA MET D 651 27.78 21.64 32.22
C MET D 651 26.91 21.85 33.46
N GLU D 652 25.73 22.44 33.29
CA GLU D 652 24.85 22.66 34.44
C GLU D 652 24.43 21.33 35.08
N LEU D 653 23.98 20.37 34.26
CA LEU D 653 23.41 19.14 34.82
C LEU D 653 24.50 18.25 35.42
N SER D 654 25.66 18.19 34.79
CA SER D 654 26.73 17.35 35.33
C SER D 654 27.26 17.91 36.65
N ARG D 655 27.33 19.24 36.78
CA ARG D 655 27.76 19.82 38.05
C ARG D 655 26.74 19.58 39.14
N LYS D 656 25.45 19.60 38.78
CA LYS D 656 24.43 19.35 39.79
C LYS D 656 24.51 17.92 40.31
N ALA D 657 24.73 16.95 39.42
CA ALA D 657 24.84 15.56 39.86
C ALA D 657 26.12 15.32 40.63
N GLU D 658 27.22 15.95 40.21
CA GLU D 658 28.47 15.88 40.96
C GLU D 658 28.30 16.42 42.37
N ALA D 659 27.59 17.54 42.51
CA ALA D 659 27.47 18.17 43.82
C ALA D 659 26.68 17.30 44.79
N SER D 660 25.77 16.47 44.26
CA SER D 660 24.98 15.57 45.08
C SER D 660 25.81 14.45 45.71
N GLY D 661 27.01 14.20 45.22
CA GLY D 661 27.88 13.16 45.74
C GLY D 661 28.01 11.93 44.87
N ALA D 662 27.52 11.95 43.64
CA ALA D 662 27.71 10.83 42.72
C ALA D 662 29.19 10.47 42.63
N ASP D 663 29.48 9.15 42.67
CA ASP D 663 30.84 8.69 42.49
C ASP D 663 31.34 8.96 41.08
N ALA D 664 30.44 8.87 40.11
CA ALA D 664 30.75 9.10 38.70
C ALA D 664 29.46 9.46 37.99
N LEU D 665 29.61 9.95 36.76
CA LEU D 665 28.47 10.18 35.88
C LEU D 665 28.50 9.21 34.71
N GLU D 666 27.32 8.94 34.16
CA GLU D 666 27.18 8.20 32.91
C GLU D 666 26.42 9.12 31.96
N LEU D 667 27.01 9.42 30.80
CA LEU D 667 26.36 10.29 29.83
C LEU D 667 25.55 9.44 28.88
N ASN D 668 24.23 9.65 28.86
CA ASN D 668 23.35 8.91 27.96
C ASN D 668 23.40 9.57 26.59
N LEU D 669 24.20 9.01 25.70
CA LEU D 669 24.32 9.45 24.31
C LEU D 669 23.61 8.52 23.37
N SER D 670 22.81 7.61 23.91
CA SER D 670 22.36 6.43 23.18
C SER D 670 20.87 6.23 23.37
N CYS D 671 20.19 7.33 23.66
CA CYS D 671 18.73 7.38 23.77
C CYS D 671 18.20 8.28 22.63
N ALA D 683 20.79 10.76 16.27
CA ALA D 683 21.18 10.79 17.67
C ALA D 683 22.61 11.30 17.83
N CYS D 684 22.85 12.04 18.92
CA CYS D 684 24.18 12.54 19.23
C CYS D 684 25.21 11.41 19.26
N GLY D 685 24.83 10.24 19.80
CA GLY D 685 25.77 9.15 20.00
C GLY D 685 26.17 8.40 18.77
N GLN D 686 25.56 8.68 17.61
CA GLN D 686 26.01 8.12 16.35
C GLN D 686 27.17 8.87 15.71
N ASP D 687 27.38 10.13 16.08
CA ASP D 687 28.31 11.01 15.39
C ASP D 687 29.50 11.25 16.29
N PRO D 688 30.70 10.79 15.90
CA PRO D 688 31.87 10.98 16.78
C PRO D 688 32.15 12.43 17.14
N GLU D 689 31.89 13.39 16.24
CA GLU D 689 32.18 14.78 16.57
C GLU D 689 31.28 15.29 17.69
N LEU D 690 30.00 14.93 17.65
CA LEU D 690 29.09 15.33 18.71
C LEU D 690 29.45 14.67 20.04
N VAL D 691 29.78 13.37 20.00
CA VAL D 691 30.20 12.65 21.21
C VAL D 691 31.43 13.31 21.83
N ARG D 692 32.47 13.56 21.02
CA ARG D 692 33.67 14.20 21.52
C ARG D 692 33.35 15.54 22.19
N ASN D 693 32.48 16.34 21.58
CA ASN D 693 32.16 17.66 22.13
C ASN D 693 31.39 17.55 23.45
N ILE D 694 30.40 16.66 23.52
CA ILE D 694 29.64 16.51 24.78
C ILE D 694 30.58 16.09 25.89
N CYS D 695 31.46 15.13 25.62
CA CYS D 695 32.40 14.70 26.63
C CYS D 695 33.33 15.84 27.06
N ARG D 696 33.79 16.67 26.10
CA ARG D 696 34.64 17.80 26.48
C ARG D 696 33.90 18.76 27.40
N TRP D 697 32.66 19.09 27.07
CA TRP D 697 31.89 19.99 27.92
C TRP D 697 31.78 19.45 29.34
N VAL D 698 31.43 18.16 29.49
CA VAL D 698 31.32 17.59 30.83
C VAL D 698 32.68 17.55 31.51
N ARG D 699 33.73 17.20 30.76
CA ARG D 699 35.06 17.09 31.36
C ARG D 699 35.54 18.43 31.92
N GLN D 700 35.16 19.53 31.29
CA GLN D 700 35.49 20.83 31.87
C GLN D 700 34.58 21.21 33.03
N ALA D 701 33.47 20.52 33.23
CA ALA D 701 32.51 20.96 34.25
C ALA D 701 32.71 20.29 35.59
N VAL D 702 33.18 19.04 35.61
CA VAL D 702 33.26 18.25 36.83
C VAL D 702 34.63 17.58 36.92
N GLN D 703 34.95 17.15 38.15
CA GLN D 703 36.21 16.49 38.45
C GLN D 703 36.07 15.00 38.73
N ILE D 704 34.85 14.50 38.91
CA ILE D 704 34.64 13.07 39.15
C ILE D 704 34.72 12.33 37.82
N PRO D 705 34.93 11.00 37.83
CA PRO D 705 34.96 10.25 36.57
C PRO D 705 33.61 10.31 35.88
N PHE D 706 33.63 10.12 34.57
CA PHE D 706 32.36 9.98 33.87
C PHE D 706 32.56 9.05 32.68
N PHE D 707 31.48 8.39 32.30
CA PHE D 707 31.50 7.37 31.27
C PHE D 707 30.47 7.73 30.22
N ALA D 708 30.83 7.53 28.95
CA ALA D 708 29.90 7.75 27.85
C ALA D 708 29.20 6.43 27.55
N LYS D 709 27.88 6.42 27.59
CA LYS D 709 27.15 5.21 27.25
C LYS D 709 26.93 5.16 25.73
N LEU D 710 27.51 4.16 25.09
CA LEU D 710 27.52 4.09 23.64
C LEU D 710 26.33 3.29 23.11
N THR D 711 25.83 3.72 21.94
CA THR D 711 24.80 2.94 21.27
C THR D 711 25.43 1.85 20.41
N PRO D 712 24.84 0.66 20.33
CA PRO D 712 25.32 -0.35 19.36
C PRO D 712 24.86 -0.09 17.95
N ASN D 713 23.93 0.86 17.73
CA ASN D 713 23.34 1.12 16.42
C ASN D 713 24.22 2.09 15.61
N VAL D 714 25.46 1.66 15.39
CA VAL D 714 26.44 2.43 14.63
C VAL D 714 27.27 1.48 13.78
N THR D 715 27.77 2.01 12.67
CA THR D 715 28.60 1.21 11.78
C THR D 715 29.86 0.71 12.50
N ASP D 716 30.49 1.58 13.28
CA ASP D 716 31.77 1.27 13.94
C ASP D 716 31.76 1.85 15.36
N ILE D 717 31.53 1.00 16.36
CA ILE D 717 31.42 1.55 17.71
C ILE D 717 32.77 2.03 18.23
N VAL D 718 33.87 1.55 17.67
CA VAL D 718 35.19 2.02 18.10
C VAL D 718 35.34 3.52 17.83
N SER D 719 34.80 3.99 16.70
CA SER D 719 34.95 5.41 16.40
C SER D 719 34.25 6.30 17.42
N ILE D 720 33.14 5.85 18.00
CA ILE D 720 32.52 6.70 19.01
C ILE D 720 33.14 6.49 20.39
N ALA D 721 33.65 5.28 20.69
CA ALA D 721 34.41 5.08 21.93
C ALA D 721 35.66 5.96 21.92
N ARG D 722 36.39 5.96 20.81
CA ARG D 722 37.59 6.79 20.70
C ARG D 722 37.26 8.27 20.84
N ALA D 723 36.13 8.70 20.27
CA ALA D 723 35.71 10.09 20.41
C ALA D 723 35.43 10.45 21.87
N ALA D 724 34.73 9.58 22.60
CA ALA D 724 34.47 9.84 24.01
C ALA D 724 35.79 9.97 24.77
N LYS D 725 36.71 9.05 24.52
CA LYS D 725 38.02 9.10 25.16
C LYS D 725 38.74 10.41 24.84
N GLU D 726 38.76 10.80 23.55
CA GLU D 726 39.37 12.07 23.14
C GLU D 726 38.70 13.26 23.80
N GLY D 727 37.42 13.16 24.09
CA GLY D 727 36.73 14.22 24.81
C GLY D 727 36.95 14.23 26.31
N GLY D 728 37.59 13.20 26.86
CA GLY D 728 37.95 13.19 28.26
C GLY D 728 37.19 12.21 29.12
N ALA D 729 36.34 11.37 28.53
CA ALA D 729 35.68 10.32 29.29
C ALA D 729 36.70 9.38 29.91
N ASP D 730 36.39 8.93 31.12
CA ASP D 730 37.22 7.99 31.87
C ASP D 730 36.94 6.54 31.49
N GLY D 731 36.01 6.31 30.57
CA GLY D 731 35.60 4.99 30.17
C GLY D 731 34.31 5.07 29.38
N VAL D 732 33.83 3.91 28.92
CA VAL D 732 32.60 3.86 28.16
C VAL D 732 31.76 2.71 28.69
N THR D 733 30.44 2.91 28.64
CA THR D 733 29.49 1.85 28.90
C THR D 733 29.06 1.27 27.56
N ALA D 734 29.27 -0.04 27.38
CA ALA D 734 28.97 -0.71 26.13
C ALA D 734 28.15 -1.95 26.44
N THR D 735 26.87 -1.99 26.03
CA THR D 735 26.22 -0.99 25.17
C THR D 735 24.77 -0.76 25.60
N ASN D 736 24.15 0.29 25.03
CA ASN D 736 22.72 0.51 25.19
C ASN D 736 21.97 -0.52 24.34
N THR D 737 20.66 -0.33 24.19
CA THR D 737 19.82 -1.29 23.50
C THR D 737 19.96 -1.20 21.99
N VAL D 738 19.62 -2.29 21.31
CA VAL D 738 19.65 -2.38 19.84
C VAL D 738 18.28 -1.95 19.30
N SER D 739 18.29 -1.09 18.30
CA SER D 739 17.03 -0.60 17.76
C SER D 739 16.30 -1.73 17.04
N GLY D 740 15.00 -1.85 17.28
CA GLY D 740 14.29 -2.99 16.75
C GLY D 740 12.79 -2.79 16.77
N LEU D 741 12.11 -3.76 16.18
CA LEU D 741 10.66 -3.85 16.19
C LEU D 741 10.34 -5.28 16.57
N MET D 742 9.63 -5.47 17.68
CA MET D 742 9.50 -6.82 18.18
C MET D 742 8.33 -7.56 17.55
N GLY D 743 7.53 -6.92 16.73
CA GLY D 743 6.69 -7.66 15.84
C GLY D 743 5.25 -7.20 15.88
N LEU D 744 4.43 -7.92 15.13
CA LEU D 744 3.09 -7.50 14.80
C LEU D 744 2.12 -8.63 15.08
N LYS D 745 0.90 -8.26 15.46
CA LYS D 745 -0.19 -9.20 15.46
C LYS D 745 -0.48 -9.61 14.02
N ALA D 746 -1.28 -10.66 13.87
CA ALA D 746 -1.68 -11.15 12.54
C ALA D 746 -2.54 -10.15 11.78
N ASP D 747 -3.22 -9.23 12.47
CA ASP D 747 -3.96 -8.18 11.78
C ASP D 747 -3.08 -6.97 11.42
N GLY D 748 -1.79 -7.02 11.71
CA GLY D 748 -0.89 -5.94 11.34
C GLY D 748 -0.58 -4.94 12.43
N THR D 749 -1.32 -4.96 13.56
CA THR D 749 -1.10 -3.94 14.57
C THR D 749 0.12 -4.30 15.43
N PRO D 750 0.87 -3.30 15.88
CA PRO D 750 2.13 -3.57 16.57
C PRO D 750 1.90 -3.90 18.04
N TRP D 751 2.97 -4.32 18.68
CA TRP D 751 3.04 -4.46 20.12
C TRP D 751 4.41 -3.97 20.57
N PRO D 752 4.48 -2.90 21.38
CA PRO D 752 3.36 -2.16 21.99
C PRO D 752 2.51 -1.37 21.00
N ALA D 753 1.22 -1.26 21.32
CA ALA D 753 0.26 -0.45 20.59
C ALA D 753 -0.24 0.62 21.53
N VAL D 754 -0.02 1.89 21.16
CA VAL D 754 -0.29 3.04 22.03
C VAL D 754 -1.50 3.79 21.49
N GLY D 755 -2.44 4.10 22.39
CA GLY D 755 -3.58 4.95 22.06
C GLY D 755 -4.59 4.23 21.18
N ALA D 756 -5.66 4.97 20.83
CA ALA D 756 -6.72 4.40 20.02
C ALA D 756 -6.21 4.06 18.62
N GLY D 757 -5.24 4.81 18.11
CA GLY D 757 -4.63 4.54 16.84
C GLY D 757 -3.69 3.36 16.80
N LYS D 758 -3.44 2.70 17.93
CA LYS D 758 -2.64 1.47 17.96
C LYS D 758 -1.25 1.70 17.38
N ARG D 759 -0.65 2.83 17.74
CA ARG D 759 0.59 3.26 17.10
C ARG D 759 1.79 2.78 17.90
N THR D 760 2.93 2.67 17.20
CA THR D 760 4.20 2.41 17.89
C THR D 760 5.32 3.19 17.20
N THR D 761 6.53 3.07 17.76
CA THR D 761 7.75 3.56 17.16
C THR D 761 8.85 2.53 17.39
N TYR D 762 9.99 2.73 16.77
CA TYR D 762 11.11 1.81 16.98
C TYR D 762 11.55 1.84 18.44
N GLY D 763 11.83 0.66 18.99
CA GLY D 763 12.17 0.52 20.39
C GLY D 763 13.58 -0.03 20.56
N GLY D 764 13.99 -0.12 21.83
CA GLY D 764 15.26 -0.72 22.20
C GLY D 764 15.09 -2.16 22.63
N VAL D 765 15.85 -3.06 22.00
CA VAL D 765 15.88 -4.47 22.36
C VAL D 765 16.97 -4.69 23.40
N SER D 766 16.60 -5.34 24.51
CA SER D 766 17.50 -5.66 25.61
C SER D 766 17.50 -7.16 25.86
N GLY D 767 18.44 -7.65 26.67
CA GLY D 767 18.41 -9.04 27.11
C GLY D 767 19.38 -9.95 26.37
N THR D 768 19.22 -11.26 26.63
CA THR D 768 20.21 -12.21 26.15
C THR D 768 20.27 -12.26 24.63
N ALA D 769 19.18 -11.90 23.93
CA ALA D 769 19.23 -11.86 22.47
C ALA D 769 20.28 -10.89 21.94
N ILE D 770 20.64 -9.85 22.70
CA ILE D 770 21.64 -8.89 22.20
C ILE D 770 23.03 -9.14 22.77
N ARG D 771 23.20 -10.13 23.64
CA ARG D 771 24.52 -10.43 24.17
C ARG D 771 25.61 -10.59 23.10
N PRO D 772 25.40 -11.27 21.96
CA PRO D 772 26.48 -11.34 20.97
C PRO D 772 26.91 -10.00 20.42
N ILE D 773 25.97 -9.06 20.28
CA ILE D 773 26.27 -7.72 19.80
C ILE D 773 27.08 -6.96 20.84
N ALA D 774 26.68 -7.05 22.11
CA ALA D 774 27.41 -6.37 23.17
C ALA D 774 28.78 -7.00 23.40
N LEU D 775 28.89 -8.33 23.30
CA LEU D 775 30.20 -8.95 23.49
C LEU D 775 31.16 -8.53 22.40
N ARG D 776 30.67 -8.47 21.16
CA ARG D 776 31.45 -7.94 20.06
C ARG D 776 31.89 -6.50 20.33
N ALA D 777 30.97 -5.66 20.80
CA ALA D 777 31.32 -4.27 21.08
C ALA D 777 32.40 -4.17 22.16
N VAL D 778 32.23 -4.92 23.26
CA VAL D 778 33.20 -4.85 24.36
C VAL D 778 34.59 -5.29 23.90
N THR D 779 34.67 -6.45 23.22
CA THR D 779 35.98 -6.94 22.77
C THR D 779 36.61 -6.00 21.75
N THR D 780 35.81 -5.44 20.83
CA THR D 780 36.43 -4.59 19.82
C THR D 780 36.93 -3.27 20.42
N ILE D 781 36.20 -2.74 21.40
CA ILE D 781 36.70 -1.54 22.09
C ILE D 781 37.94 -1.88 22.89
N ALA D 782 37.95 -3.02 23.59
CA ALA D 782 39.12 -3.38 24.39
C ALA D 782 40.34 -3.65 23.52
N ARG D 783 40.15 -4.18 22.32
CA ARG D 783 41.30 -4.39 21.44
C ARG D 783 41.80 -3.09 20.84
N ALA D 784 40.89 -2.13 20.59
CA ALA D 784 41.27 -0.86 20.00
C ALA D 784 41.87 0.10 21.01
N LEU D 785 41.36 0.06 22.25
CA LEU D 785 41.74 1.03 23.28
C LEU D 785 42.17 0.26 24.53
N PRO D 786 43.35 -0.37 24.48
CA PRO D 786 43.75 -1.26 25.57
C PRO D 786 43.85 -0.51 26.90
N GLY D 787 43.27 -1.10 27.95
CA GLY D 787 43.27 -0.50 29.25
C GLY D 787 42.18 0.51 29.50
N PHE D 788 41.48 0.98 28.47
CA PHE D 788 40.42 1.95 28.64
C PHE D 788 39.22 1.32 29.36
N PRO D 789 38.80 1.84 30.51
CA PRO D 789 37.73 1.20 31.28
C PRO D 789 36.45 0.99 30.46
N ILE D 790 35.90 -0.22 30.55
CA ILE D 790 34.62 -0.57 29.93
C ILE D 790 33.67 -1.08 30.99
N LEU D 791 32.47 -0.50 31.02
CA LEU D 791 31.33 -1.04 31.78
C LEU D 791 30.45 -1.78 30.79
N ALA D 792 30.27 -3.08 30.99
CA ALA D 792 29.52 -3.91 30.05
C ALA D 792 28.03 -3.92 30.37
N THR D 793 27.19 -3.85 29.33
CA THR D 793 25.77 -4.14 29.50
C THR D 793 25.28 -4.82 28.23
N GLY D 794 24.35 -5.75 28.40
CA GLY D 794 23.77 -6.42 27.24
C GLY D 794 23.68 -7.91 27.45
N GLY D 795 22.65 -8.37 28.15
CA GLY D 795 22.40 -9.79 28.31
C GLY D 795 23.12 -10.48 29.45
N ILE D 796 23.63 -9.74 30.43
CA ILE D 796 24.29 -10.36 31.56
C ILE D 796 23.23 -10.86 32.52
N ASP D 797 23.22 -12.17 32.78
CA ASP D 797 22.17 -12.78 33.57
C ASP D 797 22.68 -13.91 34.46
N SER D 798 23.99 -13.95 34.73
CA SER D 798 24.60 -15.03 35.49
C SER D 798 26.05 -14.68 35.74
N ALA D 799 26.65 -15.37 36.71
CA ALA D 799 28.08 -15.17 36.92
C ALA D 799 28.89 -15.62 35.69
N GLU D 800 28.51 -16.71 35.05
CA GLU D 800 29.31 -17.16 33.92
C GLU D 800 29.21 -16.18 32.75
N SER D 801 28.02 -15.61 32.48
CA SER D 801 27.95 -14.64 31.40
C SER D 801 28.69 -13.37 31.77
N GLY D 802 28.60 -12.94 33.03
CA GLY D 802 29.43 -11.83 33.48
C GLY D 802 30.90 -12.07 33.26
N LEU D 803 31.37 -13.29 33.58
CA LEU D 803 32.79 -13.60 33.38
C LEU D 803 33.16 -13.56 31.89
N GLN D 804 32.24 -13.89 30.99
CA GLN D 804 32.52 -13.72 29.57
C GLN D 804 32.84 -12.28 29.22
N PHE D 805 32.12 -11.33 29.82
CA PHE D 805 32.38 -9.91 29.57
C PHE D 805 33.67 -9.45 30.25
N LEU D 806 33.97 -9.97 31.44
CA LEU D 806 35.25 -9.65 32.06
C LEU D 806 36.40 -10.15 31.20
N HIS D 807 36.29 -11.40 30.74
CA HIS D 807 37.30 -11.97 29.85
C HIS D 807 37.44 -11.15 28.58
N SER D 808 36.37 -10.46 28.19
CA SER D 808 36.33 -9.68 26.97
C SER D 808 36.90 -8.29 27.13
N GLY D 809 37.23 -7.88 28.36
CA GLY D 809 37.81 -6.56 28.60
C GLY D 809 37.00 -5.64 29.50
N ALA D 810 35.78 -6.00 29.91
CA ALA D 810 35.07 -5.12 30.81
C ALA D 810 35.59 -5.28 32.22
N SER D 811 35.41 -4.24 33.03
CA SER D 811 35.77 -4.30 34.44
C SER D 811 34.56 -4.47 35.35
N VAL D 812 33.40 -3.93 34.98
CA VAL D 812 32.18 -4.10 35.75
C VAL D 812 31.03 -4.41 34.80
N LEU D 813 29.92 -4.83 35.39
CA LEU D 813 28.89 -5.57 34.66
C LEU D 813 27.54 -4.99 35.06
N GLN D 814 26.85 -4.31 34.13
CA GLN D 814 25.55 -3.74 34.41
C GLN D 814 24.44 -4.69 33.99
N VAL D 815 23.34 -4.71 34.75
CA VAL D 815 22.26 -5.66 34.55
C VAL D 815 20.93 -4.91 34.54
N CYS D 816 20.09 -5.19 33.53
CA CYS D 816 18.69 -4.74 33.57
C CYS D 816 17.74 -5.92 33.37
N SER D 817 17.75 -6.53 32.18
CA SER D 817 16.72 -7.49 31.83
C SER D 817 16.66 -8.68 32.79
N ALA D 818 17.79 -9.15 33.32
CA ALA D 818 17.76 -10.31 34.20
C ALA D 818 17.01 -10.03 35.48
N VAL D 819 16.99 -8.76 35.92
CA VAL D 819 16.20 -8.34 37.07
C VAL D 819 14.73 -8.21 36.69
N GLN D 820 14.43 -7.61 35.53
CA GLN D 820 13.05 -7.60 35.04
C GLN D 820 12.48 -9.01 34.97
N ASN D 821 13.30 -9.99 34.60
CA ASN D 821 12.89 -11.39 34.58
C ASN D 821 12.77 -12.01 35.97
N GLN D 822 13.24 -11.34 37.00
CA GLN D 822 13.28 -11.93 38.33
C GLN D 822 13.11 -10.85 39.39
N ASP D 823 14.19 -10.50 40.09
CA ASP D 823 14.10 -9.59 41.24
C ASP D 823 15.54 -9.33 41.70
N PHE D 824 15.70 -8.41 42.66
CA PHE D 824 17.06 -8.02 43.04
C PHE D 824 17.88 -9.15 43.65
N THR D 825 17.24 -10.19 44.20
CA THR D 825 18.04 -11.20 44.90
C THR D 825 18.95 -12.02 43.97
N VAL D 826 18.85 -11.87 42.64
CA VAL D 826 19.81 -12.57 41.79
C VAL D 826 21.25 -12.19 42.09
N ILE D 827 21.47 -11.03 42.74
CA ILE D 827 22.83 -10.62 43.09
C ILE D 827 23.54 -11.69 43.91
N GLN D 828 22.83 -12.36 44.82
CA GLN D 828 23.49 -13.40 45.62
C GLN D 828 23.93 -14.57 44.76
N ASP D 829 23.14 -14.92 43.73
CA ASP D 829 23.57 -15.96 42.80
C ASP D 829 24.82 -15.52 42.05
N TYR D 830 24.82 -14.27 41.56
CA TYR D 830 25.95 -13.80 40.78
C TYR D 830 27.24 -13.79 41.59
N CYS D 831 27.15 -13.36 42.86
CA CYS D 831 28.37 -13.24 43.67
C CYS D 831 28.92 -14.61 44.03
N THR D 832 28.07 -15.53 44.51
CA THR D 832 28.56 -16.86 44.83
C THR D 832 29.05 -17.60 43.60
N GLY D 833 28.40 -17.38 42.45
CA GLY D 833 28.81 -18.06 41.24
C GLY D 833 30.16 -17.58 40.74
N LEU D 834 30.43 -16.28 40.86
CA LEU D 834 31.71 -15.75 40.42
C LEU D 834 32.83 -16.19 41.35
N LYS D 835 32.57 -16.15 42.66
CA LYS D 835 33.53 -16.70 43.61
C LYS D 835 33.87 -18.13 43.24
N ALA D 836 32.87 -18.94 42.91
CA ALA D 836 33.13 -20.35 42.61
C ALA D 836 33.91 -20.50 41.31
N LEU D 837 33.55 -19.72 40.28
CA LEU D 837 34.31 -19.80 39.03
C LEU D 837 35.77 -19.46 39.25
N LEU D 838 36.05 -18.42 40.05
CA LEU D 838 37.44 -18.07 40.32
C LEU D 838 38.12 -19.13 41.18
N TYR D 839 37.43 -19.62 42.21
CA TYR D 839 38.02 -20.65 43.05
C TYR D 839 38.37 -21.91 42.26
N LEU D 840 37.48 -22.34 41.38
CA LEU D 840 37.72 -23.59 40.65
C LEU D 840 38.93 -23.50 39.74
N LYS D 841 39.33 -22.29 39.34
CA LYS D 841 40.50 -22.15 38.48
C LYS D 841 41.79 -22.52 39.22
N SER D 842 41.76 -22.58 40.54
CA SER D 842 42.93 -22.93 41.33
C SER D 842 43.04 -24.43 41.63
N ILE D 843 42.02 -25.21 41.29
CA ILE D 843 41.96 -26.63 41.61
C ILE D 843 42.45 -27.42 40.39
N GLU D 844 43.65 -28.01 40.52
CA GLU D 844 44.24 -28.74 39.40
C GLU D 844 43.42 -29.96 39.00
N GLU D 845 42.81 -30.62 39.99
CA GLU D 845 42.03 -31.83 39.75
C GLU D 845 40.76 -31.58 38.93
N LEU D 846 40.28 -30.33 38.85
CA LEU D 846 39.04 -30.02 38.14
C LEU D 846 39.30 -29.27 36.84
N GLN D 847 40.51 -29.38 36.31
CA GLN D 847 40.94 -28.52 35.23
C GLN D 847 40.23 -28.88 33.91
N GLY D 848 39.70 -30.10 33.81
CA GLY D 848 38.88 -30.53 32.67
C GLY D 848 37.40 -30.16 32.74
N TRP D 849 36.94 -29.53 33.83
CA TRP D 849 35.59 -28.98 33.85
C TRP D 849 35.52 -27.71 33.00
N ASP D 850 34.30 -27.38 32.57
CA ASP D 850 34.04 -26.08 31.97
C ASP D 850 33.34 -25.23 33.03
N GLY D 851 34.11 -24.40 33.75
CA GLY D 851 33.54 -23.65 34.85
C GLY D 851 33.03 -24.62 35.88
N GLN D 852 31.75 -24.51 36.22
CA GLN D 852 31.15 -25.38 37.22
C GLN D 852 30.55 -26.65 36.64
N SER D 853 30.67 -26.88 35.32
CA SER D 853 30.13 -28.08 34.68
C SER D 853 31.20 -29.17 34.60
N PRO D 854 31.01 -30.31 35.23
CA PRO D 854 31.94 -31.43 35.01
C PRO D 854 31.92 -31.86 33.55
N GLY D 855 33.03 -32.43 33.10
CA GLY D 855 33.06 -33.11 31.82
C GLY D 855 31.90 -34.09 31.71
N THR D 856 31.17 -34.05 30.59
CA THR D 856 30.02 -34.92 30.41
C THR D 856 30.48 -36.37 30.26
N GLU D 857 29.92 -37.25 31.09
CA GLU D 857 30.09 -38.69 30.92
C GLU D 857 28.98 -39.24 30.05
N SER D 858 29.22 -40.43 29.51
CA SER D 858 28.16 -41.11 28.77
C SER D 858 27.00 -41.42 29.71
N HIS D 859 25.81 -40.94 29.36
CA HIS D 859 24.62 -41.12 30.17
C HIS D 859 23.43 -41.38 29.26
N GLN D 860 22.43 -42.05 29.83
CA GLN D 860 21.07 -42.04 29.30
C GLN D 860 20.14 -41.63 30.43
N LYS D 861 19.32 -40.59 30.18
CA LYS D 861 18.42 -40.05 31.20
C LYS D 861 19.19 -39.61 32.45
N GLY D 862 20.38 -39.05 32.24
CA GLY D 862 21.21 -38.60 33.35
C GLY D 862 21.77 -39.70 34.24
N LYS D 863 21.61 -40.98 33.86
CA LYS D 863 22.26 -42.08 34.56
C LYS D 863 23.41 -42.62 33.74
N PRO D 864 24.58 -42.83 34.35
CA PRO D 864 25.74 -43.30 33.59
C PRO D 864 25.47 -44.62 32.88
N VAL D 865 25.89 -44.68 31.61
CA VAL D 865 25.83 -45.94 30.87
C VAL D 865 26.78 -46.94 31.50
N PRO D 866 26.36 -48.18 31.75
CA PRO D 866 27.30 -49.18 32.29
C PRO D 866 28.44 -49.44 31.31
N ARG D 867 29.66 -49.52 31.83
CA ARG D 867 30.83 -49.81 30.99
C ARG D 867 31.07 -51.32 31.00
N ILE D 868 30.34 -52.00 30.11
CA ILE D 868 30.37 -53.45 29.96
C ILE D 868 30.77 -53.74 28.52
N ALA D 869 31.84 -54.52 28.35
CA ALA D 869 32.38 -54.80 27.01
C ALA D 869 31.28 -55.18 26.02
N GLU D 870 30.39 -56.09 26.43
CA GLU D 870 29.36 -56.63 25.56
C GLU D 870 28.29 -55.59 25.19
N LEU D 871 28.29 -54.42 25.83
CA LEU D 871 27.37 -53.37 25.41
C LEU D 871 27.98 -52.38 24.43
N MET D 872 29.29 -52.12 24.51
CA MET D 872 29.92 -51.09 23.69
C MET D 872 30.05 -51.50 22.23
N GLY D 873 29.76 -50.56 21.34
CA GLY D 873 29.93 -50.75 19.92
C GLY D 873 29.02 -51.78 19.30
N LYS D 874 28.16 -52.43 20.07
CA LYS D 874 27.29 -53.46 19.52
C LYS D 874 25.98 -52.93 18.99
N LYS D 875 25.91 -51.63 18.68
CA LYS D 875 24.77 -51.04 17.97
C LYS D 875 23.45 -51.42 18.61
N LEU D 876 23.37 -51.24 19.93
CA LEU D 876 22.14 -51.56 20.64
C LEU D 876 21.55 -50.26 21.15
N PRO D 877 20.64 -49.65 20.40
CA PRO D 877 19.92 -48.48 20.93
C PRO D 877 18.96 -48.88 22.02
N ASN D 878 18.41 -47.88 22.70
CA ASN D 878 17.64 -48.13 23.92
C ASN D 878 16.15 -48.28 23.66
N PHE D 879 15.78 -49.08 22.66
CA PHE D 879 14.37 -49.29 22.37
C PHE D 879 14.19 -50.66 21.75
N GLY D 880 12.95 -51.13 21.74
CA GLY D 880 12.58 -52.37 21.08
C GLY D 880 13.38 -53.58 21.52
N PRO D 881 13.64 -54.49 20.58
CA PRO D 881 14.41 -55.69 20.93
C PRO D 881 15.87 -55.40 21.28
N TYR D 882 16.43 -54.27 20.83
CA TYR D 882 17.77 -53.92 21.26
C TYR D 882 17.80 -53.65 22.76
N LEU D 883 16.79 -52.95 23.27
CA LEU D 883 16.72 -52.68 24.70
C LEU D 883 16.61 -53.99 25.48
N GLU D 884 15.80 -54.93 24.98
CA GLU D 884 15.68 -56.25 25.61
C GLU D 884 17.05 -56.93 25.68
N GLN D 885 17.83 -56.84 24.60
CA GLN D 885 19.16 -57.42 24.61
C GLN D 885 20.07 -56.72 25.61
N ARG D 886 19.98 -55.39 25.70
CA ARG D 886 20.78 -54.65 26.67
C ARG D 886 20.47 -55.09 28.10
N LYS D 887 19.18 -55.29 28.39
CA LYS D 887 18.78 -55.70 29.74
C LYS D 887 19.28 -57.10 30.07
N LYS D 888 19.24 -58.02 29.09
CA LYS D 888 19.82 -59.34 29.32
C LYS D 888 21.31 -59.25 29.60
N ILE D 889 22.02 -58.39 28.86
CA ILE D 889 23.46 -58.26 29.02
C ILE D 889 23.80 -57.68 30.38
N ILE D 890 23.06 -56.65 30.81
CA ILE D 890 23.32 -56.04 32.10
C ILE D 890 23.05 -57.03 33.23
N ALA D 891 21.97 -57.81 33.10
CA ALA D 891 21.60 -58.75 34.17
C ALA D 891 22.65 -59.83 34.35
N GLU D 892 23.18 -60.37 33.24
CA GLU D 892 24.23 -61.38 33.31
C GLU D 892 25.49 -60.81 33.97
N GLU D 893 25.76 -59.53 33.72
CA GLU D 893 26.94 -58.89 34.30
C GLU D 893 26.76 -58.63 35.79
N LYS D 894 25.53 -58.37 36.24
CA LYS D 894 25.28 -58.27 37.68
C LYS D 894 25.47 -59.61 38.38
N MET D 895 25.04 -60.71 37.73
CA MET D 895 25.26 -62.04 38.29
C MET D 895 26.75 -62.38 38.34
N ARG D 896 27.49 -62.02 37.29
CA ARG D 896 28.95 -62.18 37.27
C ARG D 896 29.62 -61.41 38.40
N LEU D 897 29.06 -60.27 38.79
CA LEU D 897 29.63 -59.42 39.82
C LEU D 897 29.35 -59.95 41.23
N LYS D 898 28.30 -60.77 41.38
CA LYS D 898 27.94 -61.41 42.65
C LYS D 898 29.04 -62.35 43.15
N GLU D 899 30.09 -62.57 42.35
CA GLU D 899 31.17 -63.48 42.67
C GLU D 899 32.49 -62.78 42.97
N GLN D 900 32.54 -61.45 42.97
CA GLN D 900 33.80 -60.73 43.01
C GLN D 900 33.80 -59.69 44.12
N ASN D 901 35.00 -59.33 44.56
CA ASN D 901 35.18 -58.26 45.52
C ASN D 901 34.79 -56.91 44.92
N ALA D 902 34.25 -56.05 45.77
CA ALA D 902 34.11 -54.63 45.48
C ALA D 902 35.06 -53.87 46.38
N ALA D 903 35.77 -52.90 45.81
CA ALA D 903 36.75 -52.13 46.57
C ALA D 903 36.07 -51.35 47.68
N PHE D 904 36.88 -50.72 48.52
CA PHE D 904 36.31 -49.77 49.46
C PHE D 904 36.59 -48.35 48.97
N PRO D 905 35.68 -47.40 49.17
CA PRO D 905 36.07 -45.99 49.02
C PRO D 905 37.14 -45.66 50.04
N PRO D 906 37.84 -44.54 49.90
CA PRO D 906 38.69 -44.09 51.01
C PRO D 906 37.88 -44.08 52.30
N LEU D 907 38.52 -44.48 53.41
CA LEU D 907 37.85 -44.43 54.71
C LEU D 907 37.14 -43.10 54.85
N GLU D 908 37.75 -42.05 54.32
CA GLU D 908 37.05 -40.83 53.92
C GLU D 908 37.95 -40.00 53.00
N ARG D 909 37.33 -39.48 51.94
CA ARG D 909 37.98 -38.68 50.91
C ARG D 909 38.76 -37.50 51.48
N LYS D 910 39.78 -37.03 50.72
CA LYS D 910 40.46 -35.78 51.09
C LYS D 910 40.06 -34.67 50.14
N PRO D 911 39.78 -33.46 50.65
CA PRO D 911 39.37 -32.37 49.75
C PRO D 911 40.51 -31.98 48.82
N PHE D 912 40.14 -31.48 47.64
CA PHE D 912 41.11 -30.84 46.78
C PHE D 912 41.55 -29.53 47.40
N ILE D 913 42.83 -29.21 47.26
CA ILE D 913 43.41 -27.99 47.83
C ILE D 913 43.86 -27.13 46.66
N PRO D 914 43.65 -25.81 46.67
CA PRO D 914 44.24 -24.96 45.61
C PRO D 914 45.74 -25.19 45.45
N LYS D 915 46.18 -25.33 44.20
CA LYS D 915 47.59 -25.45 43.83
C LYS D 915 48.14 -24.23 43.13
N LYS D 916 47.37 -23.15 43.07
CA LYS D 916 47.90 -21.87 42.64
C LYS D 916 47.00 -20.79 43.20
N PRO D 917 47.42 -19.52 43.16
CA PRO D 917 46.58 -18.47 43.73
C PRO D 917 45.23 -18.45 43.03
N ILE D 918 44.19 -18.13 43.81
CA ILE D 918 42.87 -17.80 43.26
C ILE D 918 43.01 -16.51 42.46
N PRO D 919 42.59 -16.46 41.20
CA PRO D 919 42.68 -15.20 40.46
C PRO D 919 41.75 -14.14 41.04
N ALA D 920 42.25 -12.90 41.07
CA ALA D 920 41.41 -11.73 41.30
C ALA D 920 40.73 -11.31 39.99
N ILE D 921 39.75 -10.41 40.09
CA ILE D 921 39.10 -9.94 38.87
C ILE D 921 40.12 -9.30 37.93
N LYS D 922 41.04 -8.50 38.47
CA LYS D 922 42.03 -7.86 37.61
C LYS D 922 42.86 -8.88 36.84
N ASP D 923 43.00 -10.10 37.38
CA ASP D 923 43.78 -11.14 36.71
C ASP D 923 43.03 -11.80 35.55
N VAL D 924 41.70 -11.69 35.48
CA VAL D 924 40.97 -12.32 34.38
C VAL D 924 40.56 -11.34 33.29
N ILE D 925 40.58 -10.03 33.55
CA ILE D 925 40.06 -9.06 32.59
C ILE D 925 40.88 -9.10 31.31
N GLY D 926 40.19 -9.25 30.17
CA GLY D 926 40.84 -9.21 28.88
C GLY D 926 41.50 -10.48 28.43
N LYS D 927 41.39 -11.57 29.19
CA LYS D 927 42.16 -12.76 28.83
C LYS D 927 41.62 -13.45 27.57
N ALA D 928 40.38 -13.20 27.16
CA ALA D 928 39.90 -13.77 25.91
C ALA D 928 40.51 -13.12 24.68
N LEU D 929 41.02 -11.89 24.80
CA LEU D 929 41.39 -11.13 23.60
C LEU D 929 42.49 -11.81 22.80
N GLN D 930 43.36 -12.56 23.46
CA GLN D 930 44.45 -13.24 22.78
C GLN D 930 43.97 -14.23 21.71
N TYR D 931 42.73 -14.72 21.80
CA TYR D 931 42.20 -15.66 20.82
C TYR D 931 41.45 -15.00 19.68
N LEU D 932 41.25 -13.69 19.75
CA LEU D 932 40.48 -12.90 18.79
C LEU D 932 41.39 -12.28 17.76
N GLY D 933 41.01 -12.39 16.49
CA GLY D 933 41.75 -11.76 15.42
C GLY D 933 40.97 -11.77 14.13
N THR D 934 41.69 -11.59 13.03
CA THR D 934 41.10 -11.62 11.70
C THR D 934 40.83 -13.06 11.25
N PHE D 935 40.09 -13.18 10.13
CA PHE D 935 39.86 -14.49 9.55
C PHE D 935 41.15 -15.10 9.00
N GLY D 936 42.06 -14.26 8.49
CA GLY D 936 43.33 -14.76 7.98
C GLY D 936 44.24 -15.34 9.03
N GLU D 937 44.01 -15.05 10.31
CA GLU D 937 44.79 -15.63 11.39
C GLU D 937 44.23 -16.98 11.85
N LEU D 938 43.19 -17.48 11.20
CA LEU D 938 42.64 -18.79 11.52
C LEU D 938 43.29 -19.84 10.63
N SER D 939 43.68 -20.95 11.24
CA SER D 939 44.20 -22.09 10.47
C SER D 939 43.11 -22.71 9.59
N ASN D 940 43.38 -22.88 8.31
CA ASN D 940 42.51 -23.69 7.46
C ASN D 940 43.11 -25.06 7.18
N ILE D 941 44.24 -25.41 7.77
CA ILE D 941 44.75 -26.76 7.61
C ILE D 941 44.43 -27.65 8.80
N GLU D 942 44.23 -27.09 10.00
CA GLU D 942 43.76 -27.85 11.16
C GLU D 942 42.23 -27.95 11.09
N GLN D 943 41.75 -28.91 10.32
CA GLN D 943 40.31 -29.11 10.14
C GLN D 943 39.78 -30.13 11.14
N VAL D 944 38.46 -30.08 11.37
CA VAL D 944 37.84 -31.01 12.30
C VAL D 944 36.74 -31.79 11.60
N VAL D 945 36.34 -32.90 12.22
CA VAL D 945 35.16 -33.65 11.82
C VAL D 945 34.35 -33.96 13.08
N ALA D 946 33.06 -34.23 12.86
CA ALA D 946 32.13 -34.59 13.93
C ALA D 946 32.23 -36.08 14.23
N VAL D 947 32.01 -36.42 15.49
CA VAL D 947 32.00 -37.82 15.94
C VAL D 947 30.93 -37.99 17.01
N ILE D 948 30.10 -39.01 16.86
CA ILE D 948 28.90 -39.19 17.66
C ILE D 948 29.11 -40.32 18.66
N ASP D 949 28.81 -40.05 19.92
CA ASP D 949 28.88 -41.09 20.95
C ASP D 949 27.53 -41.82 20.94
N GLU D 950 27.50 -43.02 20.33
CA GLU D 950 26.25 -43.76 20.21
C GLU D 950 25.58 -44.04 21.54
N GLU D 951 26.35 -44.09 22.63
CA GLU D 951 25.73 -44.45 23.89
C GLU D 951 24.92 -43.32 24.48
N MET D 952 25.18 -42.08 24.06
CA MET D 952 24.44 -40.91 24.49
C MET D 952 23.31 -40.51 23.54
N CYS D 953 23.27 -41.09 22.33
CA CYS D 953 22.33 -40.67 21.30
C CYS D 953 20.90 -41.08 21.66
N ILE D 954 19.93 -40.21 21.38
CA ILE D 954 18.52 -40.56 21.58
C ILE D 954 17.76 -40.66 20.25
N ASN D 955 18.49 -40.85 19.15
CA ASN D 955 17.96 -41.46 17.93
C ASN D 955 16.99 -40.59 17.15
N CYS D 956 17.05 -39.27 17.34
CA CYS D 956 16.10 -38.34 16.73
C CYS D 956 16.42 -38.03 15.27
N GLY D 957 17.65 -38.26 14.83
CA GLY D 957 18.02 -37.93 13.46
C GLY D 957 18.21 -36.45 13.15
N LYS D 958 18.27 -35.56 14.15
CA LYS D 958 18.39 -34.13 13.82
C LYS D 958 19.74 -33.81 13.19
N CYS D 959 20.81 -34.46 13.65
CA CYS D 959 22.11 -34.32 12.99
C CYS D 959 22.01 -34.65 11.51
N TYR D 960 21.30 -35.74 11.20
CA TYR D 960 21.11 -36.24 9.83
C TYR D 960 20.31 -35.27 8.98
N MET D 961 19.22 -34.76 9.53
CA MET D 961 18.33 -33.87 8.81
C MET D 961 19.04 -32.55 8.52
N THR D 962 19.86 -32.09 9.48
CA THR D 962 20.60 -30.84 9.30
C THR D 962 21.77 -31.02 8.33
N CYS D 963 22.47 -32.16 8.37
CA CYS D 963 23.51 -32.35 7.36
C CYS D 963 22.89 -32.55 5.98
N ASN D 964 21.68 -33.11 5.92
CA ASN D 964 21.06 -33.34 4.61
C ASN D 964 20.60 -32.04 3.97
N ASP D 965 19.92 -31.19 4.72
CA ASP D 965 19.30 -30.03 4.11
C ASP D 965 20.00 -28.72 4.44
N SER D 966 21.08 -28.76 5.24
CA SER D 966 21.90 -27.58 5.52
C SER D 966 23.38 -27.91 5.50
N GLY D 967 23.79 -29.04 4.91
CA GLY D 967 25.16 -29.51 5.04
C GLY D 967 25.69 -30.29 3.85
N TYR D 968 26.31 -31.43 4.13
CA TYR D 968 27.12 -32.15 3.15
C TYR D 968 26.68 -33.59 2.97
N GLN D 969 25.50 -33.95 3.46
CA GLN D 969 24.95 -35.27 3.26
C GLN D 969 25.93 -36.34 3.76
N ALA D 970 26.58 -36.06 4.90
CA ALA D 970 27.70 -36.87 5.36
C ALA D 970 27.35 -37.86 6.46
N ILE D 971 26.09 -37.93 6.90
CA ILE D 971 25.70 -38.80 8.01
C ILE D 971 24.83 -39.94 7.49
N GLN D 972 25.20 -41.17 7.86
CA GLN D 972 24.34 -42.33 7.67
C GLN D 972 23.41 -42.45 8.87
N PHE D 973 22.13 -42.69 8.61
CA PHE D 973 21.12 -42.86 9.66
C PHE D 973 20.50 -44.23 9.46
N ASP D 974 20.81 -45.16 10.36
CA ASP D 974 20.44 -46.56 10.14
C ASP D 974 18.94 -46.75 10.24
N PRO D 975 18.31 -47.42 9.27
CA PRO D 975 16.84 -47.52 9.26
C PRO D 975 16.25 -48.42 10.34
N GLU D 976 17.06 -49.25 11.00
CA GLU D 976 16.56 -50.16 12.02
C GLU D 976 16.92 -49.72 13.42
N THR D 977 18.16 -49.27 13.62
CA THR D 977 18.59 -48.82 14.94
C THR D 977 18.36 -47.33 15.17
N HIS D 978 18.14 -46.55 14.10
CA HIS D 978 18.08 -45.09 14.18
C HIS D 978 19.35 -44.53 14.82
N LEU D 979 20.49 -45.16 14.54
CA LEU D 979 21.76 -44.64 15.01
C LEU D 979 22.48 -43.93 13.87
N PRO D 980 23.02 -42.74 14.13
CA PRO D 980 23.78 -42.02 13.11
C PRO D 980 25.25 -42.36 13.17
N THR D 981 25.89 -42.24 12.00
CA THR D 981 27.34 -42.37 11.88
C THR D 981 27.84 -41.27 10.96
N VAL D 982 28.78 -40.46 11.44
CA VAL D 982 29.41 -39.45 10.58
C VAL D 982 30.41 -40.16 9.67
N THR D 983 30.31 -39.92 8.36
CA THR D 983 31.23 -40.52 7.39
C THR D 983 32.40 -39.58 7.08
N ASP D 984 33.28 -40.03 6.20
CA ASP D 984 34.51 -39.30 5.90
C ASP D 984 34.29 -38.06 5.04
N THR D 985 33.11 -37.88 4.46
CA THR D 985 32.84 -36.67 3.69
C THR D 985 32.47 -35.46 4.57
N CYS D 986 32.41 -35.64 5.90
CA CYS D 986 32.28 -34.51 6.83
C CYS D 986 33.29 -33.41 6.55
N THR D 987 32.85 -32.16 6.62
CA THR D 987 33.72 -31.00 6.53
C THR D 987 33.95 -30.30 7.86
N GLY D 988 33.31 -30.78 8.94
CA GLY D 988 33.45 -30.15 10.24
C GLY D 988 32.72 -28.84 10.37
N CYS D 989 31.70 -28.59 9.56
CA CYS D 989 30.98 -27.32 9.64
C CYS D 989 30.44 -27.07 11.05
N THR D 990 30.06 -28.15 11.77
CA THR D 990 29.67 -28.19 13.17
C THR D 990 28.17 -27.92 13.34
N LEU D 991 27.40 -27.92 12.25
CA LEU D 991 25.95 -27.71 12.40
C LEU D 991 25.29 -28.86 13.15
N CYS D 992 25.74 -30.10 12.94
CA CYS D 992 25.06 -31.22 13.60
C CYS D 992 25.19 -31.13 15.11
N LEU D 993 26.40 -30.82 15.59
CA LEU D 993 26.60 -30.64 17.01
C LEU D 993 25.72 -29.52 17.54
N SER D 994 25.52 -28.48 16.74
CA SER D 994 24.79 -27.31 17.18
C SER D 994 23.29 -27.56 17.31
N VAL D 995 22.76 -28.60 16.65
CA VAL D 995 21.34 -28.94 16.73
C VAL D 995 21.06 -30.16 17.60
N CYS D 996 22.08 -30.89 18.04
CA CYS D 996 21.83 -32.13 18.79
C CYS D 996 21.23 -31.81 20.16
N PRO D 997 20.16 -32.49 20.59
CA PRO D 997 19.54 -32.18 21.89
C PRO D 997 20.36 -32.64 23.09
N ILE D 998 21.35 -33.53 22.91
CA ILE D 998 22.12 -34.10 24.02
C ILE D 998 23.46 -33.38 24.09
N ILE D 999 23.71 -32.68 25.20
CA ILE D 999 24.97 -31.96 25.39
C ILE D 999 26.12 -32.94 25.25
N ASP D 1000 27.05 -32.62 24.34
CA ASP D 1000 28.32 -33.34 24.16
C ASP D 1000 28.14 -34.76 23.63
N CYS D 1001 26.97 -35.10 23.11
CA CYS D 1001 26.84 -36.35 22.37
C CYS D 1001 27.71 -36.32 21.11
N ILE D 1002 27.72 -35.19 20.42
CA ILE D 1002 28.54 -34.99 19.24
C ILE D 1002 29.72 -34.12 19.67
N ARG D 1003 30.92 -34.50 19.25
CA ARG D 1003 32.12 -33.73 19.52
C ARG D 1003 32.87 -33.52 18.21
N MET D 1004 33.52 -32.36 18.09
CA MET D 1004 34.41 -32.10 16.96
C MET D 1004 35.82 -32.55 17.35
N VAL D 1005 36.43 -33.39 16.50
CA VAL D 1005 37.78 -33.89 16.72
C VAL D 1005 38.64 -33.58 15.51
N SER D 1006 39.96 -33.57 15.74
CA SER D 1006 40.91 -33.28 14.69
C SER D 1006 40.76 -34.29 13.56
N ARG D 1007 40.65 -33.77 12.33
CA ARG D 1007 40.60 -34.66 11.18
C ARG D 1007 41.93 -35.37 11.00
N THR D 1008 41.88 -36.68 10.73
CA THR D 1008 43.06 -37.50 10.48
C THR D 1008 43.23 -37.93 9.03
N THR D 1009 42.14 -38.03 8.27
CA THR D 1009 42.24 -38.41 6.86
C THR D 1009 42.46 -37.18 5.99
N PRO D 1010 43.00 -37.35 4.78
CA PRO D 1010 43.23 -36.19 3.90
C PRO D 1010 41.96 -35.38 3.68
N TYR D 1011 42.12 -34.06 3.66
CA TYR D 1011 41.02 -33.12 3.47
C TYR D 1011 41.12 -32.48 2.09
N GLU D 1012 40.00 -32.45 1.37
CA GLU D 1012 39.89 -31.79 0.08
C GLU D 1012 38.60 -30.97 0.12
N PRO D 1013 38.66 -29.64 0.04
CA PRO D 1013 37.42 -28.86 -0.06
C PRO D 1013 36.62 -29.34 -1.25
N LYS D 1014 35.29 -29.31 -1.13
CA LYS D 1014 34.42 -29.74 -2.23
C LYS D 1014 34.20 -28.53 -3.14
N ARG D 1015 34.78 -28.58 -4.34
CA ARG D 1015 34.71 -27.50 -5.31
C ARG D 1015 33.61 -27.71 -6.36
N GLY D 1016 32.90 -28.83 -6.28
CA GLY D 1016 31.82 -29.13 -7.19
C GLY D 1016 32.21 -29.28 -8.65
N LEU D 1017 33.20 -28.48 -9.07
CA LEU D 1017 33.40 -27.97 -10.44
C LEU D 1017 32.80 -28.84 -11.55
FE1 SF4 E . -3.76 -41.92 17.90
FE2 SF4 E . -1.15 -41.27 18.32
FE3 SF4 E . -2.74 -39.57 16.93
FE4 SF4 E . -2.00 -41.95 15.83
S1 SF4 E . -0.63 -40.19 16.37
S2 SF4 E . -4.07 -41.06 15.80
S3 SF4 E . -2.00 -43.31 17.68
S4 SF4 E . -2.92 -40.15 19.12
FE1 SF4 F . 8.63 -37.99 20.06
FE2 SF4 F . 10.25 -37.44 17.89
FE3 SF4 F . 8.25 -35.70 18.59
FE4 SF4 F . 7.67 -38.19 17.55
S1 SF4 F . 8.71 -36.49 16.49
S2 SF4 F . 6.65 -37.12 19.31
S3 SF4 F . 9.36 -39.44 18.43
S4 SF4 F . 10.09 -36.28 19.86
FE1 SF4 G . -0.86 -14.71 38.26
FE2 SF4 G . 1.84 -15.21 38.09
FE3 SF4 G . 0.91 -12.64 38.26
FE4 SF4 G . 0.46 -14.08 35.94
S1 SF4 G . 2.51 -13.45 36.79
S2 SF4 G . -1.04 -12.77 37.08
S3 SF4 G . 0.15 -16.15 36.81
S4 SF4 G . 0.74 -14.27 39.86
FE1 SF4 H . 1.28 -1.53 36.23
FE2 SF4 H . 3.31 -2.55 37.73
FE3 SF4 H . 3.76 -1.79 35.12
FE4 SF4 H . 2.22 -3.98 35.68
S1 SF4 H . 4.42 -3.73 36.10
S2 SF4 H . 1.76 -2.30 34.17
S3 SF4 H . 1.21 -3.36 37.66
S4 SF4 H . 3.16 -0.43 36.86
PA FAD I . -18.56 -49.72 16.54
O1A FAD I . -17.92 -48.51 17.16
O2A FAD I . -19.07 -50.75 17.53
O5B FAD I . -19.74 -49.29 15.47
C5B FAD I . -20.60 -50.37 15.05
C4B FAD I . -21.85 -49.74 14.42
O4B FAD I . -22.54 -50.66 13.78
C3B FAD I . -22.78 -49.16 15.53
O3B FAD I . -23.23 -47.96 15.08
C2B FAD I . -23.89 -50.22 15.63
O2B FAD I . -25.17 -49.64 16.12
C1B FAD I . -24.04 -50.61 14.36
N9A FAD I . -24.59 -51.95 14.20
C8A FAD I . -24.48 -52.99 15.06
N7A FAD I . -25.11 -54.03 14.52
C5A FAD I . -25.63 -53.64 13.33
C6A FAD I . -26.38 -54.33 12.38
N6A FAD I . -26.87 -55.71 12.37
N1A FAD I . -26.78 -53.72 11.27
C2A FAD I . -26.46 -52.40 11.05
N3A FAD I . -25.70 -51.73 11.99
C4A FAD I . -25.30 -52.37 13.13
N1 FAD I . -10.80 -47.24 21.72
C2 FAD I . -9.77 -46.20 21.82
O2 FAD I . -8.97 -46.11 20.97
N3 FAD I . -9.76 -45.26 23.00
C4 FAD I . -10.78 -45.37 24.02
O4 FAD I . -10.79 -44.64 24.97
C4X FAD I . -11.84 -46.47 23.89
N5 FAD I . -12.87 -46.59 24.90
C5X FAD I . -13.93 -47.65 24.77
C6 FAD I . -14.89 -47.76 25.80
C7 FAD I . -15.87 -48.79 25.68
C7M FAD I . -16.77 -48.62 26.94
C8 FAD I . -15.86 -49.68 24.56
C8M FAD I . -17.00 -50.75 24.55
C9 FAD I . -14.88 -49.55 23.56
C9A FAD I . -13.90 -48.55 23.68
N10 FAD I . -12.85 -48.41 22.64
C10 FAD I . -11.83 -47.37 22.76
C1' FAD I . -12.80 -49.33 21.44
C2' FAD I . -13.44 -48.55 20.29
O2' FAD I . -14.63 -48.00 20.76
C3' FAD I . -13.73 -49.57 19.16
O3' FAD I . -12.50 -50.14 18.83
C4' FAD I . -14.31 -48.89 17.93
O4' FAD I . -15.48 -48.17 18.22
C5' FAD I . -14.75 -49.96 16.93
O5' FAD I . -15.27 -49.25 15.83
P FAD I . -16.22 -50.06 14.78
O1P FAD I . -16.61 -49.14 13.63
O2P FAD I . -15.55 -51.33 14.34
O3P FAD I . -17.50 -50.59 15.65
C10 Y3G J . 30.19 -14.76 2.04
C01 Y3G J . 27.57 -13.79 4.44
C03 Y3G J . 27.08 -14.76 6.49
C05 Y3G J . 28.85 -15.64 5.23
C06 Y3G J . 28.62 -14.71 4.24
C09 Y3G J . 29.51 -14.72 3.02
N02 Y3G J . 26.83 -13.84 5.55
N04 Y3G J . 28.09 -15.64 6.33
O07 Y3G J . 26.43 -14.80 7.50
O08 Y3G J . 27.30 -12.98 3.63
PA NAP K . -11.91 -57.05 27.35
O1A NAP K . -12.00 -58.41 26.78
O2A NAP K . -10.84 -56.10 26.91
O5B NAP K . -11.84 -57.18 28.99
C5B NAP K . -12.62 -58.26 29.38
C4B NAP K . -12.48 -58.34 30.92
O4B NAP K . -13.51 -59.14 31.50
C3B NAP K . -11.11 -58.94 31.26
O3B NAP K . -10.64 -58.35 32.43
C2B NAP K . -11.49 -60.41 31.54
O2B NAP K . -10.76 -60.99 32.49
C1B NAP K . -12.87 -60.17 32.21
N9A NAP K . -13.73 -61.36 32.16
C8A NAP K . -14.28 -62.01 31.03
N7A NAP K . -15.04 -63.06 31.36
C5A NAP K . -14.99 -63.10 32.75
C6A NAP K . -15.57 -63.97 33.69
N6A NAP K . -16.36 -65.01 33.25
N1A NAP K . -15.36 -63.81 35.04
C2A NAP K . -14.56 -62.75 35.38
N3A NAP K . -13.95 -61.86 34.62
C4A NAP K . -14.17 -62.05 33.27
O3 NAP K . -13.38 -56.49 26.88
PN NAP K . -13.63 -54.93 27.13
O1N NAP K . -12.93 -54.39 28.30
O2N NAP K . -15.09 -54.61 26.90
O5D NAP K . -12.87 -54.00 25.84
C5D NAP K . -13.09 -54.62 24.64
C4D NAP K . -12.15 -53.97 23.58
O4D NAP K . -12.29 -52.54 23.61
C3D NAP K . -10.68 -54.29 23.98
O3D NAP K . -9.95 -54.51 22.82
C2D NAP K . -10.22 -53.00 24.69
O2D NAP K . -8.87 -52.72 24.58
C1D NAP K . -11.02 -51.92 23.91
N1N NAP K . -11.25 -50.78 24.81
C2N NAP K . -10.31 -49.73 24.94
C3N NAP K . -10.56 -48.66 25.77
C7N NAP K . -9.52 -47.61 25.93
O7N NAP K . -8.52 -47.46 25.20
N7N NAP K . -9.69 -46.76 27.04
C4N NAP K . -11.84 -48.56 26.58
C5N NAP K . -12.70 -49.81 26.47
C6N NAP K . -12.41 -50.80 25.63
P2B NAP K . -9.33 -61.89 31.97
O1X NAP K . -9.92 -62.66 30.81
O2X NAP K . -8.97 -62.68 33.22
O3X NAP K . -8.47 -60.70 31.63
C9A FNR L . 24.77 -17.32 5.79
N10 FNR L . 24.40 -16.05 5.15
CAA FNR L . 24.92 -15.81 3.86
N1 FNR L . 24.40 -14.65 3.13
C2 FNR L . 24.89 -14.39 1.81
O2 FNR L . 24.41 -13.29 1.14
N3 FNR L . 25.85 -15.23 1.22
C4 FNR L . 26.33 -16.33 1.92
O4 FNR L . 27.28 -17.20 1.36
C4A FNR L . 25.82 -16.60 3.31
N5 FNR L . 26.33 -17.72 4.02
C5A FNR L . 25.69 -18.07 5.26
C6 FNR L . 26.08 -19.37 5.89
C7 FNR L . 25.47 -19.77 7.07
C7M FNR L . 25.88 -21.09 7.72
C8 FNR L . 24.47 -18.94 7.66
C8M FNR L . 23.78 -19.34 8.95
C9 FNR L . 24.12 -17.72 7.06
C1' FNR L . 23.26 -15.25 5.60
C2' FNR L . 21.92 -15.83 5.16
O2' FNR L . 21.66 -15.72 3.79
C3' FNR L . 20.76 -15.07 5.78
O3' FNR L . 20.91 -13.69 5.52
C4' FNR L . 20.52 -15.51 7.25
O4' FNR L . 21.58 -16.01 8.00
C5' FNR L . 19.64 -14.56 8.03
O5' FNR L . 18.44 -15.24 7.79
P FNR L . 17.97 -16.43 8.83
O1P FNR L . 18.92 -17.51 9.07
O2P FNR L . 16.72 -17.09 8.40
O3P FNR L . 17.73 -15.87 10.15
FE1 SF4 M . -23.34 25.34 -40.52
FE2 SF4 M . -21.04 24.72 -41.93
FE3 SF4 M . -22.91 26.42 -42.99
FE4 SF4 M . -23.48 23.78 -42.79
S1 SF4 M . -21.84 24.70 -44.07
S2 SF4 M . -24.85 25.52 -42.25
S3 SF4 M . -22.42 23.28 -40.82
S4 SF4 M . -21.66 26.76 -41.11
FE1 SF4 N . -30.15 17.75 -41.22
FE2 SF4 N . -31.11 15.28 -40.57
FE3 SF4 N . -30.04 15.66 -43.02
FE4 SF4 N . -32.43 16.86 -42.41
S1 SF4 N . -32.00 14.62 -42.56
S2 SF4 N . -30.64 17.77 -43.48
S3 SF4 N . -32.14 17.31 -40.19
S4 SF4 N . -28.94 15.87 -41.00
FE1 SF4 O . -7.84 35.45 -18.48
FE2 SF4 O . -5.61 35.09 -16.93
FE3 SF4 O . -6.56 37.62 -17.30
FE4 SF4 O . -5.42 36.37 -19.39
S1 SF4 O . -4.42 36.95 -17.39
S2 SF4 O . -7.40 37.45 -19.46
S3 SF4 O . -5.97 34.20 -18.99
S4 SF4 O . -7.61 35.93 -16.26
FE1 SF4 P . -11.48 46.55 -19.74
FE2 SF4 P . -9.60 47.60 -18.10
FE3 SF4 P . -9.95 48.65 -20.59
FE4 SF4 P . -8.88 46.17 -20.33
S1 SF4 P . -7.95 48.19 -19.61
S2 SF4 P . -10.49 46.73 -21.78
S3 SF4 P . -9.99 45.38 -18.50
S4 SF4 P . -11.42 48.66 -18.84
PA FAD Q . -12.52 65.08 -22.80
O1A FAD Q . -12.89 63.74 -23.39
O2A FAD Q . -11.67 65.97 -23.72
O5B FAD Q . -13.87 65.89 -22.38
C5B FAD Q . -13.65 67.20 -21.85
C4B FAD Q . -15.01 67.90 -21.81
O4B FAD Q . -14.85 69.12 -21.35
C3B FAD Q . -15.54 68.03 -23.27
O3B FAD Q . -16.86 67.69 -23.30
C2B FAD Q . -15.34 69.52 -23.56
O2B FAD Q . -16.35 69.95 -24.55
C1B FAD Q . -15.60 70.08 -22.39
N9A FAD Q . -14.94 71.38 -22.23
C8A FAD Q . -13.81 71.77 -22.84
N7A FAD Q . -13.54 73.01 -22.42
C5A FAD Q . -14.49 73.37 -21.53
C6A FAD Q . -14.68 74.55 -20.80
N6A FAD Q . -13.92 75.79 -20.74
N1A FAD Q . -15.72 74.66 -19.98
C2A FAD Q . -16.60 73.63 -19.84
N3A FAD Q . -16.43 72.49 -20.56
C4A FAD Q . -15.36 72.37 -21.41
N1 FAD Q . -8.49 56.73 -25.60
C2 FAD Q . -8.70 55.27 -25.53
O2 FAD Q . -8.59 54.75 -24.49
N3 FAD Q . -9.04 54.51 -26.78
C4 FAD Q . -9.19 55.19 -28.04
O4 FAD Q . -9.46 54.62 -29.05
C4X FAD Q . -8.97 56.72 -28.08
N5 FAD Q . -9.13 57.44 -29.34
C5X FAD Q . -8.93 58.93 -29.36
C6 FAD Q . -9.05 59.61 -30.59
C7 FAD Q . -8.82 61.03 -30.58
C7M FAD Q . -9.02 61.54 -32.04
C8 FAD Q . -8.49 61.71 -29.39
C8M FAD Q . -8.30 63.26 -29.58
C9 FAD Q . -8.36 61.02 -28.17
C9A FAD Q . -8.58 59.61 -28.17
N10 FAD Q . -8.42 58.87 -26.90
C10 FAD Q . -8.64 57.42 -26.88
C1' FAD Q . -8.08 59.55 -25.58
C2' FAD Q . -9.44 59.74 -24.87
O2' FAD Q . -10.36 60.18 -25.81
C3' FAD Q . -9.22 60.81 -23.77
O3' FAD Q . -8.20 60.32 -22.94
C4' FAD Q . -10.44 61.03 -22.93
O4' FAD Q . -11.57 61.40 -23.69
C5' FAD Q . -10.11 62.18 -21.94
O5' FAD Q . -11.22 62.26 -21.07
P FAD Q . -11.56 63.69 -20.36
O1P FAD Q . -12.88 63.63 -19.68
O2P FAD Q . -10.42 64.08 -19.48
O3P FAD Q . -11.55 64.91 -21.48
PA NAP R . 0.28 62.84 -29.76
O1A NAP R . 1.03 63.84 -28.95
O2A NAP R . -0.03 61.49 -29.20
O5B NAP R . 1.02 62.61 -31.22
C5B NAP R . 1.38 63.86 -31.73
C4B NAP R . 2.06 63.57 -33.11
O4B NAP R . 2.28 64.75 -33.82
C3B NAP R . 3.41 62.86 -32.88
O3B NAP R . 3.62 61.93 -33.89
C2B NAP R . 4.42 64.02 -33.09
O2B NAP R . 5.54 63.63 -33.64
C1B NAP R . 3.66 64.79 -34.16
N9A NAP R . 4.08 66.20 -34.22
C8A NAP R . 3.95 67.19 -33.25
N7A NAP R . 4.43 68.38 -33.67
C5A NAP R . 4.88 68.14 -34.97
C6A NAP R . 5.49 68.96 -35.93
N6A NAP R . 5.73 70.30 -35.67
N1A NAP R . 5.84 68.48 -37.15
C2A NAP R . 5.58 67.15 -37.35
N3A NAP R . 5.00 66.24 -36.54
C4A NAP R . 4.66 66.78 -35.32
O3 NAP R . -1.13 63.68 -29.94
PN NAP R . -2.41 62.82 -30.40
O1N NAP R . -2.12 61.73 -31.35
O2N NAP R . -3.57 63.76 -30.65
O5D NAP R . -3.03 61.90 -29.07
C5D NAP R . -3.20 62.70 -27.96
C4D NAP R . -3.46 61.78 -26.74
O4D NAP R . -4.63 60.96 -27.00
C3D NAP R . -2.27 60.78 -26.56
O3D NAP R . -2.07 60.54 -25.21
C2D NAP R . -2.76 59.52 -27.31
O2D NAP R . -2.23 58.28 -26.86
C1D NAP R . -4.26 59.58 -26.95
N1N NAP R . -5.00 58.79 -27.94
C2N NAP R . -5.17 57.45 -27.71
C3N NAP R . -5.82 56.63 -28.56
C7N NAP R . -5.89 55.24 -28.13
O7N NAP R . -5.68 54.88 -26.97
N7N NAP R . -6.18 54.29 -29.10
C4N NAP R . -6.42 57.13 -29.83
C5N NAP R . -6.15 58.61 -30.04
C6N NAP R . -5.50 59.37 -29.14
P2B NAP R . 6.81 63.21 -32.50
O1X NAP R . 6.31 61.86 -32.13
O2X NAP R . 6.75 64.31 -31.42
O3X NAP R . 7.96 63.27 -33.47
C9A FNR S . -16.83 13.46 -4.23
N10 FNR S . -18.21 13.06 -3.96
CAA FNR S . -18.52 12.70 -2.61
N1 FNR S . -19.93 12.52 -2.29
C2 FNR S . -20.27 12.19 -0.92
O2 FNR S . -21.60 12.02 -0.64
N3 FNR S . -19.29 12.03 0.08
C4 FNR S . -17.94 12.22 -0.24
O4 FNR S . -16.95 12.09 0.70
C4A FNR S . -17.57 12.56 -1.68
N5 FNR S . -16.20 12.74 -2.01
C5A FNR S . -15.89 13.28 -3.32
C6 FNR S . -14.48 13.67 -3.60
C7 FNR S . -14.15 14.18 -4.85
C7M FNR S . -12.70 14.58 -5.11
C8 FNR S . -15.15 14.37 -5.85
C8M FNR S . -14.77 14.95 -7.20
C9 FNR S . -16.48 14.02 -5.57
C1' FNR S . -19.35 13.36 -4.83
C2' FNR S . -19.77 14.84 -4.77
O2' FNR S . -20.43 15.10 -3.59
C3' FNR S . -20.82 15.18 -5.82
O3' FNR S . -21.92 14.30 -5.78
C4' FNR S . -20.19 15.40 -7.20
O4' FNR S . -18.95 14.84 -7.51
C5' FNR S . -21.23 15.29 -8.31
O5' FNR S . -21.45 16.67 -8.37
P FNR S . -20.45 17.59 -9.30
O1P FNR S . -19.00 17.48 -9.07
O2P FNR S . -20.75 19.02 -9.17
O3P FNR S . -20.60 17.31 -10.74
C10 Y3G T . -16.91 9.04 0.44
C01 Y3G T . -18.47 9.26 -2.65
C03 Y3G T . -17.32 9.89 -4.57
C05 Y3G T . -16.10 9.12 -2.76
C06 Y3G T . -17.27 8.95 -2.03
C09 Y3G T . -17.26 8.36 -0.63
N02 Y3G T . -18.45 9.73 -3.91
N04 Y3G T . -16.15 9.59 -4.00
O07 Y3G T . -17.34 10.31 -5.71
O08 Y3G T . -19.50 9.12 -2.06
FE1 SF4 U . -3.40 18.00 -4.18
FE2 SF4 U . -0.77 18.44 -3.51
FE3 SF4 U . -2.54 20.48 -3.42
FE4 SF4 U . -1.71 19.49 -5.81
S1 SF4 U . -0.44 20.57 -4.19
S2 SF4 U . -3.84 19.99 -5.25
S3 SF4 U . -1.56 17.29 -5.33
S4 SF4 U . -2.59 18.56 -2.14
FE1 SF4 V . 0.08 26.22 -11.66
FE2 SF4 V . 1.87 27.12 -13.48
FE3 SF4 V . -0.80 27.60 -13.86
FE4 SF4 V . 0.22 25.06 -14.12
S1 SF4 V . 0.69 26.86 -15.44
S2 SF4 V . -1.68 25.66 -13.02
S3 SF4 V . 1.84 25.06 -12.52
S4 SF4 V . 0.50 28.37 -12.16
FE1 SF4 W . -11.69 24.09 -42.87
FE2 SF4 W . -9.64 23.48 -41.17
FE3 SF4 W . -9.77 25.98 -42.25
FE4 SF4 W . -9.14 23.91 -43.85
S1 SF4 W . -7.94 24.67 -42.03
S2 SF4 W . -10.65 25.51 -44.33
S3 SF4 W . -10.40 22.22 -42.97
S4 SF4 W . -11.28 25.04 -40.81
FE1 SF4 X . 1.01 22.98 -46.05
FE2 SF4 X . 2.19 24.94 -47.58
FE3 SF4 X . -0.34 25.21 -46.58
FE4 SF4 X . 0.12 23.44 -48.58
S1 SF4 X . 0.39 25.68 -48.75
S2 SF4 X . -1.14 23.11 -46.68
S3 SF4 X . 2.20 22.68 -48.02
S4 SF4 X . 1.58 25.09 -45.37
PA FAD Y . 16.72 26.33 -55.81
O1A FAD Y . 16.24 26.24 -54.38
O2A FAD Y . 17.27 27.71 -56.18
O5B FAD Y . 17.83 25.14 -56.03
C5B FAD Y . 18.52 25.17 -57.30
C4B FAD Y . 19.67 24.16 -57.21
O4B FAD Y . 20.25 24.12 -58.39
C3B FAD Y . 20.72 24.66 -56.17
O3B FAD Y . 21.06 23.64 -55.34
C2B FAD Y . 21.88 25.12 -57.08
O2B FAD Y . 23.14 24.91 -56.37
C1B FAD Y . 21.81 24.31 -58.13
N9A FAD Y . 22.38 24.85 -59.37
C8A FAD Y . 22.40 26.12 -59.79
N7A FAD Y . 23.00 26.14 -60.99
C5A FAD Y . 23.35 24.87 -61.29
C6A FAD Y . 23.99 24.34 -62.40
N6A FAD Y . 24.50 24.97 -63.62
N1A FAD Y . 24.21 23.02 -62.47
C2A FAD Y . 23.82 22.19 -61.46
N3A FAD Y . 23.19 22.72 -60.37
C4A FAD Y . 22.95 24.08 -60.31
N1 FAD Y . 9.65 30.26 -50.42
C2 FAD Y . 8.59 29.94 -49.45
O2 FAD Y . 7.72 29.24 -49.79
N3 FAD Y . 8.69 30.49 -48.06
C4 FAD Y . 9.80 31.35 -47.67
O4 FAD Y . 9.91 31.79 -46.59
C4X FAD Y . 10.88 31.66 -48.71
N5 FAD Y . 12.00 32.51 -48.34
C5X FAD Y . 13.06 32.80 -49.38
C6 FAD Y . 14.14 33.63 -49.06
C7 FAD Y . 15.11 33.89 -50.05
C7M FAD Y . 16.18 34.81 -49.39
C8 FAD Y . 14.97 33.34 -51.36
C8M FAD Y . 16.09 33.69 -52.39
C9 FAD Y . 13.88 32.54 -51.67
C9A FAD Y . 12.92 32.27 -50.68
N10 FAD Y . 11.77 31.41 -51.04
C10 FAD Y . 10.77 31.12 -50.03
C1' FAD Y . 11.56 30.80 -52.42
C2' FAD Y . 12.09 29.36 -52.38
O2' FAD Y . 13.32 29.35 -51.72
C3' FAD Y . 12.31 28.96 -53.86
O3' FAD Y . 11.11 29.14 -54.56
C4' FAD Y . 12.70 27.51 -53.99
O4' FAD Y . 13.84 27.23 -53.25
C5' FAD Y . 13.02 27.25 -55.48
O5' FAD Y . 13.22 25.87 -55.61
P FAD Y . 14.10 25.33 -56.87
O1P FAD Y . 13.45 25.70 -58.17
O2P FAD Y . 14.34 23.85 -56.70
O3P FAD Y . 15.55 26.12 -56.94
C10 Y3G Z . -33.50 0.62 -31.22
C01 Y3G Z . -30.78 1.97 -29.28
C03 Y3G Z . -30.11 4.16 -28.94
C05 Y3G Z . -31.94 3.76 -30.29
C06 Y3G Z . -31.81 2.41 -30.08
C09 Y3G Z . -32.77 1.40 -30.73
N02 Y3G Z . -29.96 2.85 -28.72
N04 Y3G Z . -31.09 4.60 -29.72
O07 Y3G Z . -29.36 4.94 -28.44
O08 Y3G Z . -30.64 0.80 -29.10
PA NAP AA . 11.71 39.88 -55.70
O1A NAP AA . 11.75 40.05 -57.18
O2A NAP AA . 10.61 39.10 -55.04
O5B NAP AA . 11.77 41.35 -55.03
C5B NAP AA . 12.71 42.08 -55.72
C4B NAP AA . 12.73 43.45 -55.01
O4B NAP AA . 13.80 44.22 -55.49
C3B NAP AA . 11.40 44.19 -55.28
O3B NAP AA . 11.02 44.92 -54.13
C2B NAP AA . 11.81 45.17 -56.38
O2B NAP AA . 11.19 46.33 -56.31
C1B NAP AA . 13.27 45.45 -55.88
N9A NAP AA . 14.14 46.00 -56.90
C8A NAP AA . 14.59 45.40 -58.08
N7A NAP AA . 15.41 46.20 -58.79
C5A NAP AA . 15.48 47.38 -58.04
C6A NAP AA . 16.16 48.60 -58.24
N6A NAP AA . 16.96 48.81 -59.35
N1A NAP AA . 16.08 49.61 -57.34
C2A NAP AA . 15.29 49.35 -56.25
N3A NAP AA . 14.58 48.25 -55.93
C4A NAP AA . 14.69 47.27 -56.85
O3 NAP AA . 13.16 39.08 -55.51
PN NAP AA . 13.37 38.36 -54.11
O1N NAP AA . 14.77 37.86 -54.13
O2N NAP AA . 12.75 38.94 -52.87
O5D NAP AA . 12.64 36.84 -54.22
C5D NAP AA . 12.87 36.48 -55.54
C4D NAP AA . 12.05 35.26 -55.84
O4D NAP AA . 12.00 34.49 -54.64
C3D NAP AA . 10.61 35.74 -56.17
O3D NAP AA . 10.11 35.03 -57.29
C2D NAP AA . 9.81 35.41 -54.93
O2D NAP AA . 8.65 34.76 -55.27
C1D NAP AA . 10.68 34.39 -54.19
N1N NAP AA . 10.62 34.68 -52.78
C2N NAP AA . 9.47 34.34 -52.10
C3N NAP AA . 9.49 34.25 -50.75
C7N NAP AA . 8.22 33.86 -50.11
O7N NAP AA . 7.23 33.43 -50.72
N7N NAP AA . 8.14 33.98 -48.72
C4N NAP AA . 10.70 34.50 -49.98
C5N NAP AA . 11.76 35.20 -50.79
C6N NAP AA . 11.70 35.26 -52.11
P2B NAP AA . 9.71 46.48 -57.29
O1X NAP AA . 9.67 47.97 -57.18
O2X NAP AA . 8.71 45.66 -56.47
O3X NAP AA . 10.19 45.90 -58.59
C9A FNR BA . -27.77 4.65 -31.64
N10 FNR BA . -27.52 3.38 -30.96
CAA FNR BA . -28.23 2.24 -31.44
N1 FNR BA . -27.82 0.94 -30.92
C2 FNR BA . -28.48 -0.22 -31.40
O2 FNR BA . -28.09 -1.44 -30.90
N3 FNR BA . -29.50 -0.14 -32.37
C4 FNR BA . -29.87 1.09 -32.86
O4 FNR BA . -30.87 1.19 -33.83
C4A FNR BA . -29.17 2.34 -32.36
N5 FNR BA . -29.55 3.61 -32.85
C5A FNR BA . -28.74 4.75 -32.52
C6 FNR BA . -29.04 6.02 -33.23
C7 FNR BA . -28.26 7.15 -32.94
C7M FNR BA . -28.58 8.46 -33.66
C8 FNR BA . -27.21 7.08 -32.00
C8M FNR BA . -26.37 8.31 -31.69
C9 FNR BA . -26.94 5.86 -31.33
C1' FNR BA . -26.35 3.15 -30.11
C2' FNR BA . -25.07 2.97 -30.94
O2' FNR BA . -25.09 1.79 -31.70
C3' FNR BA . -23.84 2.88 -30.05
O3' FNR BA . -23.99 1.94 -29.01
C4' FNR BA . -23.37 4.29 -29.64
O4' FNR BA . -24.33 5.30 -29.55
C5' FNR BA . -22.42 4.31 -28.45
O5' FNR BA . -21.25 4.40 -29.21
P FNR BA . -20.69 5.87 -29.67
O1P FNR BA . -21.60 6.78 -30.36
O2P FNR BA . -19.55 5.71 -30.57
O3P FNR BA . -20.20 6.61 -28.50
FE1 SF4 CA . 22.14 -36.09 18.65
FE2 SF4 CA . 19.72 -36.93 17.65
FE3 SF4 CA . 21.68 -38.77 18.25
FE4 SF4 CA . 21.99 -37.08 16.11
S1 SF4 CA . 20.41 -38.68 16.33
S2 SF4 CA . 23.56 -37.62 17.70
S3 SF4 CA . 20.97 -35.20 16.88
S4 SF4 CA . 20.60 -37.40 19.71
FE1 SF4 DA . 28.02 -32.46 11.06
FE2 SF4 DA . 28.78 -30.53 9.24
FE3 SF4 DA . 27.53 -32.81 8.40
FE4 SF4 DA . 30.10 -32.91 9.36
S1 SF4 DA . 29.39 -31.82 7.48
S2 SF4 DA . 28.38 -34.36 9.80
S3 SF4 DA . 30.01 -31.34 11.02
S4 SF4 DA . 26.66 -31.18 9.78
FE1 SF4 EA . 9.43 -23.37 41.09
FE2 SF4 EA . 7.28 -21.89 41.94
FE3 SF4 EA . 8.51 -23.60 43.69
FE4 SF4 EA . 7.07 -24.64 41.65
S1 SF4 EA . 6.27 -23.38 43.38
S2 SF4 EA . 9.16 -25.29 42.26
S3 SF4 EA . 7.44 -23.09 40.01
S4 SF4 EA . 9.43 -21.77 42.75
FE1 SF4 FA . 14.30 -30.46 49.04
FE2 SF4 FA . 12.66 -29.70 51.09
FE3 SF4 FA . 13.00 -32.35 50.56
FE4 SF4 FA . 11.65 -30.77 48.81
S1 SF4 FA . 11.06 -31.26 50.98
S2 SF4 FA . 13.21 -32.30 48.28
S3 SF4 FA . 12.81 -28.81 48.96
S4 SF4 FA . 14.59 -30.88 51.31
PA FAD GA . 17.51 -43.15 62.61
O1A FAD GA . 17.77 -42.89 61.14
O2A FAD GA . 16.75 -44.43 62.89
O5B FAD GA . 18.98 -43.25 63.33
C5B FAD GA . 18.99 -43.46 64.76
C4B FAD GA . 20.44 -43.76 65.10
O4B FAD GA . 20.52 -44.00 66.39
C3B FAD GA . 20.88 -45.05 64.37
O3B FAD GA . 22.13 -44.91 63.84
C2B FAD GA . 20.87 -46.09 65.49
O2B FAD GA . 21.84 -47.15 65.19
C1B FAD GA . 21.28 -45.40 66.53
N9A FAD GA . 20.81 -46.00 67.80
C8A FAD GA . 19.73 -46.77 67.97
N7A FAD GA . 19.64 -47.07 69.26
C5A FAD GA . 20.69 -46.50 69.90
C6A FAD GA . 21.07 -46.51 71.25
N6A FAD GA . 20.47 -47.15 72.41
N1A FAD GA . 22.15 -45.85 71.63
C2A FAD GA . 22.89 -45.17 70.71
N3A FAD GA . 22.52 -45.13 69.40
C4A FAD GA . 21.40 -45.82 69.01
N1 FAD GA . 12.28 -40.91 54.82
C2 FAD GA . 12.28 -40.07 53.61
O2 FAD GA . 12.19 -38.91 53.70
N3 FAD GA . 12.41 -40.70 52.27
C4 FAD GA . 12.55 -42.12 52.10
O4 FAD GA . 12.64 -42.65 51.03
C4X FAD GA . 12.54 -42.99 53.36
N5 FAD GA . 12.69 -44.44 53.23
C5X FAD GA . 12.71 -45.28 54.49
C6 FAD GA . 12.80 -46.68 54.38
C7 FAD GA . 12.79 -47.46 55.58
C7M FAD GA . 12.94 -48.94 55.10
C8 FAD GA . 12.65 -46.84 56.84
C8M FAD GA . 12.67 -47.83 58.05
C9 FAD GA . 12.53 -45.46 56.94
C9A FAD GA . 12.56 -44.67 55.75
N10 FAD GA . 12.40 -43.20 55.86
C10 FAD GA . 12.41 -42.37 54.65
C1' FAD GA . 12.27 -42.48 57.17
C2' FAD GA . 13.70 -42.02 57.51
O2' FAD GA . 14.62 -43.04 57.25
C3' FAD GA . 13.66 -41.73 59.02
O3' FAD GA . 12.59 -40.87 59.25
C4' FAD GA . 14.94 -41.08 59.46
O4' FAD GA . 16.06 -41.89 59.18
C5' FAD GA . 14.86 -40.88 61.00
O5' FAD GA . 16.05 -40.23 61.36
P FAD GA . 16.54 -40.34 62.91
O1P FAD GA . 17.89 -39.71 63.09
O2P FAD GA . 15.49 -39.88 63.86
O3P FAD GA . 16.61 -41.96 63.24
PA NAP HA . 4.20 -47.75 58.83
O1A NAP HA . 3.57 -47.66 60.17
O2A NAP HA . 4.40 -46.52 58.00
O5B NAP HA . 3.39 -48.88 57.94
C5B NAP HA . 3.08 -49.93 58.81
C4B NAP HA . 2.30 -50.93 57.97
O4B NAP HA . 2.15 -52.15 58.65
C3B NAP HA . 0.89 -50.35 57.63
O3B NAP HA . 0.55 -50.72 56.30
C2B NAP HA . 0.00 -51.14 58.60
O2B NAP HA . -1.23 -51.37 58.13
C1B NAP HA . 0.78 -52.49 58.58
N9A NAP HA . 0.50 -53.33 59.74
C8A NAP HA . 0.84 -53.10 61.10
N7A NAP HA . 0.45 -54.09 61.93
C5A NAP HA . -0.20 -55.01 61.07
C6A NAP HA . -0.83 -56.24 61.32
N6A NAP HA . -0.89 -56.73 62.62
N1A NAP HA . -1.39 -56.97 60.31
C2A NAP HA . -1.28 -56.41 59.06
N3A NAP HA . -0.71 -55.26 58.65
C4A NAP HA . -0.17 -54.55 59.71
O3 NAP HA . 5.68 -48.35 59.25
PN NAP HA . 6.80 -48.28 58.12
O1N NAP HA . 6.25 -48.41 56.75
O2N NAP HA . 8.01 -49.08 58.56
O5D NAP HA . 7.52 -46.70 58.01
C5D NAP HA . 7.50 -46.13 59.24
C4D NAP HA . 7.83 -44.65 59.03
O4D NAP HA . 8.86 -44.51 58.03
C3D NAP HA . 6.57 -43.93 58.48
O3D NAP HA . 6.47 -42.70 59.11
C2D NAP HA . 6.87 -43.78 56.99
O2D NAP HA . 6.30 -42.64 56.36
C1D NAP HA . 8.41 -43.59 57.03
N1N NAP HA . 8.92 -44.00 55.72
C2N NAP HA . 8.85 -43.11 54.66
C3N NAP HA . 9.33 -43.42 53.43
C7N NAP HA . 9.14 -42.41 52.40
O7N NAP HA . 8.90 -41.20 52.63
N7N NAP HA . 9.21 -42.83 51.07
C4N NAP HA . 9.99 -44.73 53.16
C5N NAP HA . 9.89 -45.68 54.34
C6N NAP HA . 9.41 -45.31 55.53
P2B NAP HA . -2.44 -50.15 58.64
O1X NAP HA . -2.03 -49.06 57.69
O2X NAP HA . -2.17 -49.92 60.12
O3X NAP HA . -3.65 -50.95 58.27
C9A FNR IA . 16.58 0.81 29.46
N10 FNR IA . 17.91 1.29 29.08
CAA FNR IA . 18.28 2.61 29.48
N1 FNR IA . 19.68 3.04 29.32
C2 FNR IA . 20.04 4.34 29.77
O2 FNR IA . 21.35 4.76 29.63
N3 FNR IA . 19.10 5.21 30.37
C4 FNR IA . 17.78 4.78 30.51
O4 FNR IA . 16.82 5.60 31.10
C4A FNR IA . 17.38 3.41 30.04
N5 FNR IA . 16.03 3.00 30.20
C5A FNR IA . 15.70 1.62 29.96
C6 FNR IA . 14.34 1.14 30.32
C7 FNR IA . 14.01 -0.20 30.10
C7M FNR IA . 12.61 -0.66 30.48
C8 FNR IA . 14.96 -1.10 29.54
C8M FNR IA . 14.62 -2.57 29.30
C9 FNR IA . 16.23 -0.63 29.21
C1' FNR IA . 18.98 0.35 28.72
C2' FNR IA . 19.59 -0.37 29.92
O2' FNR IA . 20.27 0.49 30.77
C3' FNR IA . 20.66 -1.36 29.46
O3' FNR IA . 21.54 -0.76 28.55
C4' FNR IA . 20.00 -2.68 29.01
O4' FNR IA . 18.67 -2.64 28.58
C5' FNR IA . 20.87 -3.60 28.16
O5' FNR IA . 21.24 -4.45 29.22
P FNR IA . 20.28 -5.72 29.63
O1P FNR IA . 18.86 -5.45 29.77
O2P FNR IA . 20.73 -6.37 30.87
O3P FNR IA . 20.42 -6.70 28.56
C10 Y3G JA . 16.36 7.22 28.29
C01 Y3G JA . 17.73 4.48 26.68
C03 Y3G JA . 16.55 2.53 26.30
C05 Y3G JA . 15.33 4.41 26.75
C06 Y3G JA . 16.51 5.14 26.88
C09 Y3G JA . 16.49 6.64 27.12
N02 Y3G JA . 17.69 3.20 26.40
N04 Y3G JA . 15.37 3.11 26.47
O07 Y3G JA . 16.60 1.38 26.01
O08 Y3G JA . 18.79 5.05 26.77
#